data_4O1P
#
_entry.id   4O1P
#
_cell.length_a   59.197
_cell.length_b   267.392
_cell.length_c   110.210
_cell.angle_alpha   90.00
_cell.angle_beta   90.04
_cell.angle_gamma   90.00
#
_symmetry.space_group_name_H-M   'P 1 21 1'
#
loop_
_entity.id
_entity.type
_entity.pdbx_description
1 polymer 'Ribonuclease L'
2 non-polymer 'PHOSPHOAMINOPHOSPHONIC ACID-ADENYLATE ESTER'
3 non-polymer 'MAGNESIUM ION'
4 non-polymer '[[(2R,3R,4R,5R)-5-(6-aminopurin-9-yl)-4-[[(2R,3R,4R,5R)-5-(6-aminopurin-9-yl)-4-[[(2R,3S,4R,5R)-5-(6-aminopurin-9-yl)-3,4-dihydroxy-oxolan-2-yl]methoxy-hydroxy-phosphoryl]oxy-3-hydroxy-oxolan-2-yl]methoxy-hydroxy-phosphoryl]oxy-3-hydroxy-oxolan-2-yl]methoxy-hydroxy-phosphoryl] phosphono hydrogen phosphate'
5 water water
#
_entity_poly.entity_id   1
_entity_poly.type   'polypeptide(L)'
_entity_poly.pdbx_seq_one_letter_code
;GAMDPASLEEMLTQAVQEADIEQVRQLLERGADANFQEEEWGWSPLHSAVQMDSEDLVALLLKHGADPCLRKRNGATPFI
IAGITGNVRLLQLLLPNVEDVNECDVNGFTAFMEAAVYGRVEALRFLYENGADVNMHRKTKQDQERIRKGGATALMDAAE
KGHVGVVTILLHAMKAEVDARDNMGRNALVYALLNPDDGKAKAITRLLLDHGADVNVRGEGSKTPLILAVERKNLDLVQM
LLEQEQIEVNDTDREGKTALLLAVELRLEEIAKLLCHRGASTNCGDLVAIARRNYDSDLVKFLRLHKAGEDFRPPAENWK
PQSSRWGEALKHLHRIWRPMIGKLKIFIDEEYKIADTAEGGIYLGLYEDQEVAVKRFSEGSTRGQQEVSCLQSSRANDNV
VTFYGSESDGSCLHVCLALCEYTLQEHLANHRGDAVPNEEDESARNILSSLFKAIGELHRSGYSHQDLQPQNILIDSKNG
TFLADFDKSIKWAEDPQKIKRDLEALGLLVLYVVKKGDISFETLKNQSFEEVIQGSPDEETRDLIHHLFHPGDNVEDRLS
SLLAHPFFWSWESRYRTLRDVGNESDIKTRNQNSRILQLLQPGTSELSTSFAQWTTKIDSFVMEEMNAYYKKISKKKKAK
HTNEGNLYQDTLGDLLKFIRNLGEHINEQKNKKMKSIIGEPSQYFQEKFPDLVMYVYTKLQNTEYMKHFPKTHNPNK
;
_entity_poly.pdbx_strand_id   A,B,C,D
#
# COMPACT_ATOMS: atom_id res chain seq x y z
N SER A 7 33.67 21.83 17.89
CA SER A 7 32.58 21.98 16.88
C SER A 7 33.08 22.53 15.52
N LEU A 8 34.36 22.34 15.22
CA LEU A 8 34.94 22.78 13.94
C LEU A 8 35.05 21.59 12.99
N GLU A 9 35.66 20.51 13.48
CA GLU A 9 35.82 19.26 12.73
C GLU A 9 34.52 18.44 12.74
N GLU A 10 33.65 18.70 13.72
CA GLU A 10 32.34 18.06 13.80
C GLU A 10 31.38 18.61 12.74
N MET A 11 31.52 19.90 12.42
CA MET A 11 30.78 20.51 11.31
C MET A 11 31.27 19.98 9.97
N LEU A 12 32.58 19.79 9.85
CA LEU A 12 33.19 19.24 8.64
C LEU A 12 32.67 17.83 8.35
N THR A 13 32.60 17.00 9.40
CA THR A 13 32.18 15.61 9.26
C THR A 13 30.76 15.51 8.71
N GLN A 14 29.83 16.29 9.27
CA GLN A 14 28.44 16.31 8.80
C GLN A 14 28.31 16.90 7.40
N ALA A 15 29.17 17.87 7.08
CA ALA A 15 29.19 18.48 5.76
C ALA A 15 29.60 17.47 4.70
N VAL A 16 30.59 16.64 5.03
CA VAL A 16 31.02 15.57 4.12
C VAL A 16 29.93 14.53 3.92
N GLN A 17 29.24 14.15 5.01
CA GLN A 17 28.15 13.17 4.93
C GLN A 17 27.01 13.65 4.03
N GLU A 18 26.59 14.89 4.23
CA GLU A 18 25.50 15.48 3.45
C GLU A 18 25.90 15.84 2.01
N ALA A 19 27.17 15.61 1.67
CA ALA A 19 27.71 15.84 0.32
C ALA A 19 27.76 17.32 -0.05
N ASP A 20 27.87 18.18 0.97
CA ASP A 20 27.85 19.63 0.81
C ASP A 20 29.28 20.11 0.52
N ILE A 21 29.59 20.30 -0.76
CA ILE A 21 30.97 20.50 -1.22
C ILE A 21 31.49 21.90 -0.89
N GLU A 22 30.65 22.93 -1.08
CA GLU A 22 31.06 24.32 -0.80
C GLU A 22 31.29 24.58 0.69
N GLN A 23 30.44 24.01 1.55
CA GLN A 23 30.65 24.13 3.01
C GLN A 23 31.92 23.39 3.46
N VAL A 24 32.26 22.31 2.75
CA VAL A 24 33.50 21.58 3.01
C VAL A 24 34.71 22.45 2.63
N ARG A 25 34.63 23.14 1.50
CA ARG A 25 35.70 24.05 1.08
C ARG A 25 35.91 25.16 2.10
N GLN A 26 34.82 25.78 2.52
CA GLN A 26 34.88 26.89 3.49
C GLN A 26 35.48 26.45 4.82
N LEU A 27 35.02 25.31 5.32
CA LEU A 27 35.50 24.78 6.60
C LEU A 27 36.97 24.35 6.53
N LEU A 28 37.39 23.83 5.38
CA LEU A 28 38.80 23.47 5.18
C LEU A 28 39.71 24.71 5.15
N GLU A 29 39.20 25.80 4.60
CA GLU A 29 39.94 27.06 4.51
C GLU A 29 39.80 27.91 5.77
N ARG A 30 38.74 27.68 6.55
CA ARG A 30 38.63 28.25 7.89
C ARG A 30 39.61 27.58 8.86
N GLY A 31 40.20 26.46 8.43
CA GLY A 31 41.32 25.83 9.13
C GLY A 31 40.99 24.56 9.90
N ALA A 32 40.02 23.79 9.41
CA ALA A 32 39.61 22.55 10.07
C ALA A 32 40.45 21.36 9.59
N ASP A 33 40.86 20.52 10.54
CA ASP A 33 41.76 19.40 10.26
C ASP A 33 41.09 18.37 9.34
N ALA A 34 41.72 18.12 8.19
CA ALA A 34 41.22 17.14 7.22
C ALA A 34 41.52 15.70 7.66
N ASN A 35 42.42 15.56 8.63
CA ASN A 35 42.79 14.26 9.19
C ASN A 35 42.12 13.92 10.53
N PHE A 36 41.04 14.62 10.86
CA PHE A 36 40.29 14.29 12.06
C PHE A 36 39.72 12.88 11.97
N GLN A 37 40.00 12.05 12.98
CA GLN A 37 39.43 10.71 13.06
C GLN A 37 38.52 10.64 14.29
N GLU A 38 37.23 10.41 14.06
CA GLU A 38 36.28 10.25 15.17
C GLU A 38 36.74 9.11 16.07
N GLU A 39 36.52 9.28 17.37
CA GLU A 39 37.18 8.46 18.39
C GLU A 39 36.74 6.99 18.37
N GLU A 40 35.45 6.77 18.13
CA GLU A 40 34.84 5.46 18.28
C GLU A 40 35.40 4.42 17.30
N TRP A 41 35.38 4.72 16.00
CA TRP A 41 35.80 3.78 14.95
C TRP A 41 36.93 4.27 14.04
N GLY A 42 37.44 5.47 14.33
CA GLY A 42 38.59 6.02 13.60
C GLY A 42 38.33 6.44 12.16
N TRP A 43 37.07 6.71 11.82
CA TRP A 43 36.72 7.20 10.48
C TRP A 43 37.17 8.64 10.27
N SER A 44 37.84 8.89 9.15
CA SER A 44 38.20 10.24 8.73
C SER A 44 37.29 10.70 7.59
N PRO A 45 37.24 12.02 7.33
CA PRO A 45 36.50 12.56 6.19
C PRO A 45 36.87 11.92 4.86
N LEU A 46 38.14 11.59 4.67
CA LEU A 46 38.59 10.94 3.45
C LEU A 46 38.02 9.53 3.35
N HIS A 47 38.13 8.76 4.44
CA HIS A 47 37.51 7.42 4.48
C HIS A 47 36.04 7.52 4.11
N SER A 48 35.35 8.47 4.74
CA SER A 48 33.93 8.70 4.50
C SER A 48 33.64 9.10 3.07
N ALA A 49 34.53 9.89 2.47
CA ALA A 49 34.37 10.33 1.10
C ALA A 49 34.49 9.15 0.12
N VAL A 50 35.48 8.29 0.35
CA VAL A 50 35.67 7.12 -0.51
C VAL A 50 34.48 6.17 -0.37
N GLN A 51 34.04 5.98 0.88
CA GLN A 51 32.91 5.10 1.19
C GLN A 51 31.62 5.53 0.49
N MET A 52 31.32 6.83 0.52
CA MET A 52 30.10 7.35 -0.11
C MET A 52 30.23 7.49 -1.64
N ASP A 53 31.40 7.14 -2.18
CA ASP A 53 31.64 7.16 -3.62
C ASP A 53 31.47 8.55 -4.19
N SER A 54 32.22 9.51 -3.65
CA SER A 54 32.17 10.90 -4.08
C SER A 54 33.57 11.38 -4.43
N GLU A 55 33.86 11.45 -5.73
CA GLU A 55 35.19 11.84 -6.20
C GLU A 55 35.52 13.30 -5.92
N ASP A 56 34.52 14.17 -5.98
CA ASP A 56 34.71 15.60 -5.76
C ASP A 56 35.22 15.90 -4.35
N LEU A 57 34.67 15.21 -3.35
CA LEU A 57 35.16 15.32 -1.98
C LEU A 57 36.53 14.68 -1.79
N VAL A 58 36.79 13.58 -2.49
CA VAL A 58 38.09 12.91 -2.43
C VAL A 58 39.22 13.82 -2.96
N ALA A 59 38.97 14.49 -4.09
CA ALA A 59 39.96 15.40 -4.68
C ALA A 59 40.15 16.63 -3.81
N LEU A 60 39.04 17.20 -3.35
CA LEU A 60 39.06 18.39 -2.51
C LEU A 60 39.78 18.15 -1.18
N LEU A 61 39.54 17.00 -0.57
CA LEU A 61 40.19 16.66 0.71
C LEU A 61 41.68 16.41 0.54
N LEU A 62 42.08 15.70 -0.52
CA LEU A 62 43.49 15.48 -0.81
C LEU A 62 44.24 16.78 -1.13
N LYS A 63 43.54 17.73 -1.76
CA LYS A 63 44.09 19.05 -2.04
C LYS A 63 44.51 19.76 -0.75
N HIS A 64 43.71 19.64 0.30
CA HIS A 64 43.99 20.26 1.60
C HIS A 64 44.76 19.34 2.55
N GLY A 65 45.56 18.43 1.99
CA GLY A 65 46.52 17.66 2.77
C GLY A 65 45.97 16.50 3.57
N ALA A 66 44.83 15.94 3.15
CA ALA A 66 44.31 14.73 3.76
C ALA A 66 45.28 13.59 3.51
N ASP A 67 45.52 12.79 4.54
CA ASP A 67 46.50 11.73 4.51
C ASP A 67 45.85 10.42 4.03
N PRO A 68 46.25 9.91 2.84
CA PRO A 68 45.71 8.64 2.33
C PRO A 68 46.31 7.38 2.96
N CYS A 69 47.25 7.54 3.89
CA CYS A 69 47.81 6.42 4.64
C CYS A 69 47.12 6.25 6.00
N LEU A 70 46.12 7.08 6.26
CA LEU A 70 45.49 7.13 7.57
C LEU A 70 44.64 5.88 7.80
N ARG A 71 44.86 5.21 8.94
CA ARG A 71 44.20 3.94 9.26
C ARG A 71 43.12 4.14 10.30
N LYS A 72 41.97 3.50 10.10
CA LYS A 72 40.87 3.55 11.08
C LYS A 72 40.98 2.35 12.04
N ARG A 73 40.03 2.18 12.96
CA ARG A 73 40.21 1.23 14.06
C ARG A 73 40.60 -0.17 13.58
N ASN A 74 39.98 -0.66 12.52
CA ASN A 74 40.36 -1.96 11.97
C ASN A 74 41.59 -1.92 11.04
N GLY A 75 42.28 -0.78 10.98
CA GLY A 75 43.52 -0.68 10.21
C GLY A 75 43.36 -0.46 8.72
N ALA A 76 42.14 -0.26 8.24
CA ALA A 76 41.89 -0.06 6.83
C ALA A 76 42.17 1.39 6.44
N THR A 77 42.78 1.57 5.28
CA THR A 77 43.08 2.90 4.72
C THR A 77 42.02 3.26 3.69
N PRO A 78 41.97 4.54 3.26
CA PRO A 78 41.04 4.94 2.19
C PRO A 78 41.19 4.14 0.89
N PHE A 79 42.39 3.66 0.60
CA PHE A 79 42.65 2.83 -0.57
C PHE A 79 41.98 1.47 -0.46
N ILE A 80 41.97 0.88 0.74
CA ILE A 80 41.30 -0.41 0.97
C ILE A 80 39.79 -0.23 0.75
N ILE A 81 39.24 0.84 1.31
CA ILE A 81 37.82 1.14 1.19
C ILE A 81 37.43 1.35 -0.27
N ALA A 82 38.35 1.89 -1.06
CA ALA A 82 38.09 2.11 -2.49
C ALA A 82 37.89 0.80 -3.26
N GLY A 83 38.54 -0.27 -2.79
CA GLY A 83 38.29 -1.62 -3.33
C GLY A 83 36.86 -2.06 -3.10
N ILE A 84 36.30 -1.68 -1.95
CA ILE A 84 34.92 -2.05 -1.60
C ILE A 84 33.95 -1.36 -2.54
N THR A 85 34.10 -0.04 -2.68
CA THR A 85 33.22 0.76 -3.55
C THR A 85 33.41 0.41 -5.03
N GLY A 86 34.61 -0.03 -5.40
CA GLY A 86 34.89 -0.56 -6.74
C GLY A 86 35.00 0.47 -7.86
N ASN A 87 35.17 1.74 -7.48
CA ASN A 87 35.32 2.83 -8.44
C ASN A 87 36.80 2.97 -8.84
N VAL A 88 37.10 2.61 -10.09
CA VAL A 88 38.48 2.56 -10.59
C VAL A 88 39.13 3.94 -10.58
N ARG A 89 38.34 4.99 -10.78
CA ARG A 89 38.88 6.36 -10.84
C ARG A 89 39.42 6.82 -9.47
N LEU A 90 38.73 6.45 -8.39
CA LEU A 90 39.20 6.73 -7.04
C LEU A 90 40.47 5.93 -6.72
N LEU A 91 40.57 4.72 -7.25
CA LEU A 91 41.79 3.91 -7.08
C LEU A 91 42.99 4.56 -7.78
N GLN A 92 42.79 4.99 -9.03
CA GLN A 92 43.83 5.70 -9.81
C GLN A 92 44.34 6.94 -9.09
N LEU A 93 43.40 7.74 -8.61
CA LEU A 93 43.67 8.98 -7.91
C LEU A 93 44.53 8.79 -6.65
N LEU A 94 44.25 7.74 -5.88
CA LEU A 94 44.95 7.47 -4.62
C LEU A 94 46.26 6.69 -4.76
N LEU A 95 46.42 5.98 -5.87
CA LEU A 95 47.55 5.04 -6.02
C LEU A 95 48.96 5.64 -5.90
N PRO A 96 49.20 6.85 -6.46
CA PRO A 96 50.56 7.42 -6.40
C PRO A 96 51.06 7.64 -4.97
N ASN A 97 50.16 8.04 -4.07
CA ASN A 97 50.48 8.27 -2.67
C ASN A 97 50.64 6.97 -1.85
N VAL A 98 50.17 5.86 -2.40
CA VAL A 98 50.19 4.57 -1.70
C VAL A 98 51.54 3.86 -1.88
N GLU A 99 52.21 3.59 -0.76
CA GLU A 99 53.50 2.90 -0.79
C GLU A 99 53.34 1.50 -1.35
N ASP A 100 52.56 0.66 -0.67
CA ASP A 100 52.32 -0.71 -1.11
C ASP A 100 50.85 -0.92 -1.50
N VAL A 101 50.64 -1.45 -2.70
CA VAL A 101 49.29 -1.71 -3.22
C VAL A 101 48.62 -2.87 -2.45
N ASN A 102 49.44 -3.72 -1.85
CA ASN A 102 48.97 -4.84 -1.02
C ASN A 102 48.95 -4.53 0.48
N GLU A 103 48.87 -3.26 0.84
CA GLU A 103 48.67 -2.87 2.24
C GLU A 103 47.37 -3.49 2.75
N CYS A 104 47.38 -3.96 4.00
CA CYS A 104 46.24 -4.70 4.53
C CYS A 104 45.77 -4.12 5.85
N ASP A 105 44.53 -4.43 6.23
CA ASP A 105 43.99 -4.03 7.52
C ASP A 105 44.35 -5.06 8.60
N VAL A 106 43.88 -4.90 9.83
CA VAL A 106 44.32 -5.77 10.93
C VAL A 106 43.88 -7.24 10.79
N ASN A 107 42.83 -7.48 10.00
CA ASN A 107 42.36 -8.84 9.73
C ASN A 107 42.86 -9.41 8.40
N GLY A 108 43.69 -8.65 7.69
CA GLY A 108 44.38 -9.14 6.49
C GLY A 108 43.82 -8.68 5.17
N PHE A 109 42.77 -7.85 5.20
CA PHE A 109 42.08 -7.45 3.98
C PHE A 109 42.85 -6.38 3.21
N THR A 110 43.06 -6.65 1.92
CA THR A 110 43.60 -5.67 0.98
C THR A 110 42.49 -5.10 0.09
N ALA A 111 42.83 -4.07 -0.70
CA ALA A 111 41.92 -3.53 -1.70
C ALA A 111 41.51 -4.61 -2.72
N PHE A 112 42.44 -5.47 -3.11
CA PHE A 112 42.16 -6.51 -4.09
C PHE A 112 41.13 -7.50 -3.56
N MET A 113 41.38 -8.00 -2.35
CA MET A 113 40.47 -8.91 -1.68
C MET A 113 39.08 -8.30 -1.54
N GLU A 114 39.02 -7.03 -1.14
CA GLU A 114 37.74 -6.37 -0.99
C GLU A 114 37.01 -6.28 -2.33
N ALA A 115 37.73 -6.00 -3.41
CA ALA A 115 37.13 -5.99 -4.73
C ALA A 115 36.54 -7.37 -5.08
N ALA A 116 37.21 -8.43 -4.65
CA ALA A 116 36.72 -9.80 -4.86
C ALA A 116 35.47 -10.10 -4.03
N VAL A 117 35.50 -9.70 -2.76
CA VAL A 117 34.38 -9.93 -1.84
C VAL A 117 33.11 -9.23 -2.33
N TYR A 118 33.26 -7.99 -2.78
CA TYR A 118 32.13 -7.16 -3.19
C TYR A 118 31.81 -7.25 -4.69
N GLY A 119 32.50 -8.13 -5.42
CA GLY A 119 32.15 -8.42 -6.82
C GLY A 119 32.43 -7.28 -7.79
N ARG A 120 33.51 -6.54 -7.52
CA ARG A 120 33.86 -5.32 -8.24
C ARG A 120 34.91 -5.65 -9.32
N VAL A 121 34.44 -5.98 -10.52
CA VAL A 121 35.26 -6.57 -11.58
C VAL A 121 36.29 -5.61 -12.18
N GLU A 122 35.85 -4.40 -12.50
CA GLU A 122 36.72 -3.36 -13.07
C GLU A 122 37.86 -3.04 -12.11
N ALA A 123 37.54 -2.85 -10.83
CA ALA A 123 38.52 -2.57 -9.80
C ALA A 123 39.50 -3.73 -9.62
N LEU A 124 38.99 -4.95 -9.72
CA LEU A 124 39.83 -6.15 -9.63
C LEU A 124 40.88 -6.15 -10.73
N ARG A 125 40.46 -5.83 -11.95
CA ARG A 125 41.38 -5.80 -13.11
C ARG A 125 42.45 -4.73 -12.96
N PHE A 126 42.02 -3.52 -12.55
CA PHE A 126 42.95 -2.42 -12.33
C PHE A 126 44.00 -2.75 -11.29
N LEU A 127 43.58 -3.39 -10.20
CA LEU A 127 44.49 -3.71 -9.10
C LEU A 127 45.45 -4.82 -9.50
N TYR A 128 44.98 -5.76 -10.31
CA TYR A 128 45.83 -6.83 -10.83
C TYR A 128 46.94 -6.26 -11.69
N GLU A 129 46.58 -5.37 -12.60
CA GLU A 129 47.53 -4.75 -13.54
C GLU A 129 48.55 -3.85 -12.84
N ASN A 130 48.21 -3.39 -11.64
CA ASN A 130 49.10 -2.55 -10.86
C ASN A 130 49.78 -3.32 -9.71
N GLY A 131 49.95 -4.63 -9.88
CA GLY A 131 50.83 -5.43 -9.04
C GLY A 131 50.26 -6.12 -7.79
N ALA A 132 48.96 -6.32 -7.74
CA ALA A 132 48.33 -6.99 -6.59
C ALA A 132 48.73 -8.47 -6.52
N ASP A 133 49.00 -8.95 -5.32
CA ASP A 133 49.30 -10.37 -5.12
C ASP A 133 47.97 -11.12 -5.08
N VAL A 134 47.71 -11.86 -6.15
CA VAL A 134 46.45 -12.56 -6.34
C VAL A 134 46.30 -13.70 -5.32
N ASN A 135 47.41 -14.35 -4.98
CA ASN A 135 47.40 -15.52 -4.10
C ASN A 135 47.82 -15.23 -2.66
N MET A 136 47.74 -13.97 -2.24
CA MET A 136 48.02 -13.60 -0.86
C MET A 136 47.00 -14.26 0.08
N HIS A 137 47.49 -14.86 1.16
CA HIS A 137 46.65 -15.32 2.24
C HIS A 137 46.51 -14.21 3.28
N ARG A 138 45.31 -14.04 3.83
CA ARG A 138 45.09 -13.03 4.87
C ARG A 138 45.92 -13.31 6.10
N LYS A 139 46.78 -12.37 6.46
CA LYS A 139 47.50 -12.40 7.73
C LYS A 139 46.62 -11.69 8.73
N THR A 140 46.48 -12.26 9.92
CA THR A 140 45.62 -11.67 10.94
C THR A 140 46.28 -11.66 12.32
N LYS A 141 45.52 -11.28 13.34
CA LYS A 141 46.05 -11.18 14.71
C LYS A 141 46.35 -12.55 15.29
N GLN A 142 47.27 -12.57 16.24
CA GLN A 142 47.69 -13.77 16.97
C GLN A 142 46.49 -14.58 17.53
N ASP A 143 45.57 -13.89 18.19
CA ASP A 143 44.37 -14.53 18.74
C ASP A 143 43.49 -15.20 17.69
N GLN A 144 43.49 -14.66 16.47
CA GLN A 144 42.73 -15.25 15.38
C GLN A 144 43.47 -16.44 14.80
N GLU A 145 44.77 -16.29 14.60
CA GLU A 145 45.59 -17.37 14.03
C GLU A 145 45.58 -18.62 14.90
N ARG A 146 45.61 -18.44 16.21
CA ARG A 146 45.69 -19.58 17.14
C ARG A 146 44.40 -20.42 17.21
N ILE A 147 43.29 -19.88 16.70
CA ILE A 147 42.07 -20.68 16.56
C ILE A 147 41.81 -21.03 15.09
N ARG A 148 42.86 -20.90 14.27
CA ARG A 148 42.85 -21.29 12.86
C ARG A 148 41.86 -20.52 11.99
N LYS A 149 41.65 -19.25 12.33
CA LYS A 149 40.97 -18.31 11.45
C LYS A 149 42.03 -17.56 10.62
N GLY A 150 41.59 -16.81 9.62
CA GLY A 150 42.50 -16.16 8.68
C GLY A 150 42.98 -17.08 7.59
N GLY A 151 43.79 -16.54 6.69
CA GLY A 151 44.43 -17.32 5.63
C GLY A 151 43.62 -17.47 4.34
N ALA A 152 42.43 -16.90 4.30
CA ALA A 152 41.61 -16.97 3.10
C ALA A 152 42.21 -16.13 1.96
N THR A 153 41.83 -16.47 0.73
CA THR A 153 42.29 -15.77 -0.48
C THR A 153 41.13 -15.06 -1.18
N ALA A 154 41.44 -14.29 -2.22
CA ALA A 154 40.42 -13.64 -3.03
C ALA A 154 39.50 -14.64 -3.72
N LEU A 155 40.06 -15.77 -4.12
CA LEU A 155 39.30 -16.83 -4.79
C LEU A 155 38.23 -17.41 -3.86
N MET A 156 38.64 -17.71 -2.63
CA MET A 156 37.73 -18.23 -1.61
C MET A 156 36.58 -17.24 -1.37
N ASP A 157 36.89 -15.96 -1.22
CA ASP A 157 35.88 -14.92 -1.00
C ASP A 157 34.86 -14.84 -2.14
N ALA A 158 35.38 -14.78 -3.36
CA ALA A 158 34.54 -14.72 -4.56
C ALA A 158 33.67 -15.97 -4.69
N ALA A 159 34.23 -17.12 -4.33
CA ALA A 159 33.50 -18.39 -4.33
C ALA A 159 32.37 -18.36 -3.30
N GLU A 160 32.69 -17.84 -2.11
CA GLU A 160 31.73 -17.78 -1.01
C GLU A 160 30.56 -16.85 -1.32
N LYS A 161 30.86 -15.70 -1.91
CA LYS A 161 29.84 -14.68 -2.18
C LYS A 161 29.10 -14.89 -3.51
N GLY A 162 29.46 -15.95 -4.24
CA GLY A 162 28.73 -16.30 -5.47
C GLY A 162 29.01 -15.41 -6.67
N HIS A 163 30.18 -14.77 -6.69
CA HIS A 163 30.60 -13.92 -7.81
C HIS A 163 31.28 -14.76 -8.89
N VAL A 164 30.49 -15.25 -9.83
CA VAL A 164 30.96 -16.18 -10.86
C VAL A 164 31.98 -15.50 -11.79
N GLY A 165 31.66 -14.29 -12.24
CA GLY A 165 32.57 -13.48 -13.06
C GLY A 165 33.97 -13.36 -12.46
N VAL A 166 34.02 -12.91 -11.21
CA VAL A 166 35.29 -12.77 -10.48
C VAL A 166 36.02 -14.10 -10.42
N VAL A 167 35.31 -15.19 -10.14
CA VAL A 167 35.95 -16.52 -10.03
C VAL A 167 36.55 -16.92 -11.37
N THR A 168 35.77 -16.74 -12.44
CA THR A 168 36.21 -17.04 -13.81
C THR A 168 37.49 -16.28 -14.14
N ILE A 169 37.46 -14.98 -13.87
CA ILE A 169 38.58 -14.11 -14.19
C ILE A 169 39.81 -14.44 -13.32
N LEU A 170 39.60 -14.73 -12.04
CA LEU A 170 40.73 -15.10 -11.16
C LEU A 170 41.45 -16.36 -11.64
N LEU A 171 40.68 -17.38 -12.02
CA LEU A 171 41.25 -18.64 -12.46
C LEU A 171 41.92 -18.57 -13.84
N HIS A 172 41.32 -17.82 -14.76
CA HIS A 172 41.75 -17.82 -16.17
C HIS A 172 42.71 -16.71 -16.55
N ALA A 173 42.45 -15.50 -16.07
CA ALA A 173 43.26 -14.34 -16.44
C ALA A 173 44.34 -14.00 -15.41
N MET A 174 44.12 -14.35 -14.15
CA MET A 174 44.97 -13.87 -13.05
C MET A 174 45.80 -14.96 -12.36
N LYS A 175 45.76 -16.19 -12.89
CA LYS A 175 46.56 -17.31 -12.37
C LYS A 175 46.33 -17.64 -10.88
N ALA A 176 45.08 -17.65 -10.44
CA ALA A 176 44.76 -17.96 -9.04
C ALA A 176 45.02 -19.42 -8.72
N GLU A 177 45.60 -19.68 -7.55
CA GLU A 177 45.85 -21.05 -7.08
C GLU A 177 44.54 -21.69 -6.68
N VAL A 178 44.11 -22.68 -7.45
CA VAL A 178 42.81 -23.32 -7.25
C VAL A 178 42.71 -24.06 -5.91
N ASP A 179 43.82 -24.64 -5.46
CA ASP A 179 43.78 -25.49 -4.27
C ASP A 179 44.51 -24.88 -3.06
N ALA A 180 44.62 -23.55 -3.02
CA ALA A 180 45.17 -22.87 -1.87
C ALA A 180 44.27 -23.08 -0.64
N ARG A 181 44.86 -22.97 0.55
CA ARG A 181 44.15 -23.30 1.77
C ARG A 181 44.25 -22.22 2.82
N ASP A 182 43.14 -21.99 3.53
CA ASP A 182 43.15 -21.09 4.66
C ASP A 182 43.75 -21.80 5.87
N ASN A 183 43.81 -21.09 7.01
CA ASN A 183 44.43 -21.64 8.21
C ASN A 183 43.70 -22.85 8.81
N MET A 184 42.43 -23.06 8.47
CA MET A 184 41.68 -24.26 8.92
C MET A 184 41.80 -25.45 7.95
N GLY A 185 42.41 -25.23 6.79
CA GLY A 185 42.61 -26.31 5.81
C GLY A 185 41.52 -26.40 4.74
N ARG A 186 40.63 -25.42 4.72
CA ARG A 186 39.60 -25.35 3.70
C ARG A 186 40.16 -24.77 2.41
N ASN A 187 39.54 -25.12 1.28
CA ASN A 187 39.85 -24.52 -0.01
C ASN A 187 38.62 -23.81 -0.60
N ALA A 188 38.77 -23.26 -1.79
CA ALA A 188 37.68 -22.52 -2.45
C ALA A 188 36.43 -23.38 -2.70
N LEU A 189 36.63 -24.69 -2.85
CA LEU A 189 35.54 -25.62 -3.06
C LEU A 189 34.60 -25.70 -1.84
N VAL A 190 35.16 -25.73 -0.65
CA VAL A 190 34.35 -25.73 0.58
C VAL A 190 33.54 -24.44 0.65
N TYR A 191 34.18 -23.30 0.42
CA TYR A 191 33.49 -22.00 0.46
C TYR A 191 32.35 -21.95 -0.54
N ALA A 192 32.59 -22.48 -1.74
CA ALA A 192 31.59 -22.52 -2.80
C ALA A 192 30.32 -23.27 -2.36
N LEU A 193 30.49 -24.33 -1.59
CA LEU A 193 29.37 -25.16 -1.15
C LEU A 193 28.61 -24.58 0.04
N LEU A 194 29.15 -23.51 0.64
CA LEU A 194 28.44 -22.77 1.69
C LEU A 194 27.56 -21.64 1.15
N ASN A 195 27.71 -21.33 -0.13
CA ASN A 195 26.88 -20.33 -0.82
C ASN A 195 25.47 -20.86 -1.04
N PRO A 196 24.46 -20.24 -0.41
CA PRO A 196 23.09 -20.78 -0.49
C PRO A 196 22.40 -20.70 -1.87
N ASP A 197 22.90 -19.83 -2.76
CA ASP A 197 22.35 -19.74 -4.13
C ASP A 197 22.80 -20.95 -4.94
N ASP A 198 21.84 -21.78 -5.34
CA ASP A 198 22.14 -23.06 -5.99
C ASP A 198 22.84 -22.92 -7.34
N GLY A 199 22.33 -22.01 -8.17
CA GLY A 199 22.89 -21.77 -9.50
C GLY A 199 24.34 -21.32 -9.47
N LYS A 200 24.62 -20.31 -8.66
CA LYS A 200 25.97 -19.79 -8.53
C LYS A 200 26.93 -20.81 -7.90
N ALA A 201 26.42 -21.54 -6.90
CA ALA A 201 27.18 -22.62 -6.29
C ALA A 201 27.55 -23.70 -7.30
N LYS A 202 26.61 -24.04 -8.18
CA LYS A 202 26.83 -25.08 -9.20
C LYS A 202 27.85 -24.65 -10.25
N ALA A 203 27.79 -23.39 -10.67
CA ALA A 203 28.68 -22.86 -11.69
C ALA A 203 30.10 -22.78 -11.16
N ILE A 204 30.25 -22.15 -9.99
CA ILE A 204 31.55 -21.93 -9.36
C ILE A 204 32.21 -23.27 -9.02
N THR A 205 31.43 -24.21 -8.50
CA THR A 205 31.92 -25.55 -8.22
C THR A 205 32.48 -26.22 -9.49
N ARG A 206 31.80 -26.08 -10.61
CA ARG A 206 32.29 -26.68 -11.86
C ARG A 206 33.63 -26.08 -12.26
N LEU A 207 33.70 -24.75 -12.26
CA LEU A 207 34.93 -24.04 -12.56
C LEU A 207 36.09 -24.53 -11.68
N LEU A 208 35.84 -24.62 -10.38
CA LEU A 208 36.86 -25.04 -9.40
C LEU A 208 37.30 -26.48 -9.64
N LEU A 209 36.33 -27.37 -9.84
CA LEU A 209 36.64 -28.77 -10.09
C LEU A 209 37.42 -28.93 -11.39
N ASP A 210 37.03 -28.19 -12.43
CA ASP A 210 37.70 -28.24 -13.73
C ASP A 210 39.17 -27.85 -13.61
N HIS A 211 39.48 -26.85 -12.79
CA HIS A 211 40.87 -26.41 -12.60
C HIS A 211 41.66 -27.24 -11.60
N GLY A 212 41.03 -28.28 -11.03
CA GLY A 212 41.73 -29.24 -10.19
C GLY A 212 41.68 -28.98 -8.68
N ALA A 213 40.56 -28.43 -8.20
CA ALA A 213 40.37 -28.25 -6.75
C ALA A 213 40.32 -29.63 -6.08
N ASP A 214 40.99 -29.76 -4.95
CA ASP A 214 41.02 -31.03 -4.23
C ASP A 214 39.64 -31.28 -3.64
N VAL A 215 39.14 -32.48 -3.89
CA VAL A 215 37.78 -32.84 -3.56
C VAL A 215 37.73 -33.49 -2.16
N ASN A 216 38.87 -34.02 -1.71
CA ASN A 216 39.00 -34.59 -0.36
C ASN A 216 39.59 -33.59 0.62
N VAL A 217 38.75 -32.65 1.02
CA VAL A 217 39.10 -31.66 2.02
C VAL A 217 38.02 -31.66 3.07
N ARG A 218 38.21 -30.87 4.11
CA ARG A 218 37.28 -30.82 5.22
C ARG A 218 36.90 -29.38 5.54
N GLY A 219 35.64 -29.18 5.92
CA GLY A 219 35.19 -27.90 6.47
C GLY A 219 34.77 -28.07 7.92
N GLU A 220 33.81 -27.26 8.36
CA GLU A 220 33.22 -27.34 9.70
C GLU A 220 32.71 -28.74 9.99
N GLY A 221 32.85 -29.18 11.24
CA GLY A 221 32.38 -30.50 11.66
C GLY A 221 33.05 -31.63 10.89
N SER A 222 34.23 -31.32 10.34
CA SER A 222 34.98 -32.24 9.48
C SER A 222 34.14 -32.78 8.32
N LYS A 223 33.23 -31.97 7.80
CA LYS A 223 32.40 -32.35 6.65
C LYS A 223 33.19 -32.23 5.36
N THR A 224 32.95 -33.16 4.44
CA THR A 224 33.55 -33.13 3.10
C THR A 224 32.66 -32.33 2.16
N PRO A 225 33.19 -31.93 0.99
CA PRO A 225 32.35 -31.31 -0.02
C PRO A 225 31.15 -32.19 -0.41
N LEU A 226 31.36 -33.50 -0.46
CA LEU A 226 30.30 -34.45 -0.77
C LEU A 226 29.19 -34.39 0.30
N ILE A 227 29.57 -34.39 1.56
CA ILE A 227 28.61 -34.33 2.66
C ILE A 227 27.85 -32.99 2.64
N LEU A 228 28.56 -31.90 2.39
CA LEU A 228 27.93 -30.59 2.27
C LEU A 228 26.87 -30.62 1.18
N ALA A 229 27.19 -31.26 0.06
CA ALA A 229 26.27 -31.36 -1.07
C ALA A 229 25.03 -32.19 -0.72
N VAL A 230 25.22 -33.26 0.03
CA VAL A 230 24.09 -34.06 0.48
C VAL A 230 23.21 -33.28 1.47
N GLU A 231 23.82 -32.63 2.46
CA GLU A 231 23.07 -31.88 3.48
C GLU A 231 22.25 -30.72 2.90
N ARG A 232 22.70 -30.22 1.76
CA ARG A 232 22.05 -29.13 1.06
C ARG A 232 21.02 -29.70 0.07
N LYS A 233 20.95 -31.03 -0.01
CA LYS A 233 19.94 -31.75 -0.80
C LYS A 233 20.00 -31.46 -2.30
N ASN A 234 21.21 -31.33 -2.84
CA ASN A 234 21.39 -30.96 -4.24
C ASN A 234 21.94 -32.11 -5.07
N LEU A 235 21.08 -32.76 -5.85
CA LEU A 235 21.48 -33.86 -6.71
C LEU A 235 22.60 -33.49 -7.70
N ASP A 236 22.49 -32.31 -8.31
CA ASP A 236 23.48 -31.86 -9.30
C ASP A 236 24.88 -31.68 -8.73
N LEU A 237 24.99 -31.10 -7.53
CA LEU A 237 26.30 -30.93 -6.88
C LEU A 237 26.89 -32.28 -6.54
N VAL A 238 26.05 -33.22 -6.12
CA VAL A 238 26.49 -34.59 -5.83
C VAL A 238 27.03 -35.27 -7.09
N GLN A 239 26.29 -35.19 -8.21
CA GLN A 239 26.74 -35.74 -9.49
C GLN A 239 28.11 -35.16 -9.86
N MET A 240 28.16 -33.83 -9.89
CA MET A 240 29.37 -33.07 -10.20
C MET A 240 30.58 -33.61 -9.40
N LEU A 241 30.38 -33.84 -8.11
CA LEU A 241 31.47 -34.26 -7.22
C LEU A 241 31.84 -35.73 -7.41
N LEU A 242 30.84 -36.57 -7.66
CA LEU A 242 31.08 -38.00 -7.85
C LEU A 242 31.72 -38.34 -9.20
N GLU A 243 31.76 -37.37 -10.11
CA GLU A 243 32.49 -37.54 -11.38
C GLU A 243 33.98 -37.66 -11.14
N GLN A 244 34.49 -36.97 -10.13
CA GLN A 244 35.89 -37.08 -9.74
C GLN A 244 36.12 -38.47 -9.19
N GLU A 245 37.01 -39.25 -9.81
CA GLU A 245 37.20 -40.66 -9.43
C GLU A 245 38.08 -40.84 -8.18
N GLN A 246 38.81 -39.79 -7.80
CA GLN A 246 39.63 -39.80 -6.59
C GLN A 246 38.83 -39.56 -5.30
N ILE A 247 37.55 -39.19 -5.43
CA ILE A 247 36.73 -38.88 -4.26
C ILE A 247 36.54 -40.09 -3.34
N GLU A 248 36.52 -39.83 -2.04
CA GLU A 248 36.33 -40.89 -1.03
C GLU A 248 34.88 -40.87 -0.54
N VAL A 249 34.07 -41.77 -1.08
CA VAL A 249 32.63 -41.78 -0.80
C VAL A 249 32.27 -42.24 0.61
N ASN A 250 33.16 -43.00 1.25
CA ASN A 250 32.87 -43.57 2.58
C ASN A 250 33.51 -42.80 3.74
N ASP A 251 33.97 -41.59 3.47
CA ASP A 251 34.51 -40.74 4.52
C ASP A 251 33.40 -40.29 5.48
N THR A 252 33.78 -40.06 6.74
CA THR A 252 32.86 -39.73 7.80
C THR A 252 33.12 -38.34 8.36
N ASP A 253 32.05 -37.65 8.79
CA ASP A 253 32.20 -36.36 9.46
C ASP A 253 32.59 -36.61 10.91
N ARG A 254 32.67 -35.54 11.71
CA ARG A 254 33.12 -35.68 13.10
C ARG A 254 32.23 -36.62 13.92
N GLU A 255 30.94 -36.67 13.59
CA GLU A 255 30.00 -37.53 14.30
C GLU A 255 29.96 -38.97 13.79
N GLY A 256 30.80 -39.29 12.81
CA GLY A 256 30.87 -40.64 12.26
C GLY A 256 29.86 -40.93 11.15
N LYS A 257 29.20 -39.88 10.66
CA LYS A 257 28.19 -40.04 9.61
C LYS A 257 28.81 -39.95 8.23
N THR A 258 28.34 -40.82 7.35
CA THR A 258 28.81 -40.90 5.98
C THR A 258 27.78 -40.20 5.10
N ALA A 259 28.15 -39.89 3.86
CA ALA A 259 27.26 -39.15 2.94
C ALA A 259 25.99 -39.94 2.66
N LEU A 260 26.14 -41.24 2.45
CA LEU A 260 25.01 -42.16 2.28
C LEU A 260 24.02 -42.11 3.46
N LEU A 261 24.56 -42.19 4.68
CA LEU A 261 23.73 -42.24 5.89
C LEU A 261 22.87 -40.99 5.99
N LEU A 262 23.50 -39.84 5.75
CA LEU A 262 22.79 -38.56 5.75
C LEU A 262 21.73 -38.51 4.66
N ALA A 263 22.05 -39.07 3.49
CA ALA A 263 21.11 -39.07 2.37
C ALA A 263 19.84 -39.84 2.72
N VAL A 264 19.99 -41.00 3.34
CA VAL A 264 18.84 -41.82 3.72
C VAL A 264 18.05 -41.07 4.80
N GLU A 265 18.75 -40.54 5.81
CA GLU A 265 18.10 -39.78 6.91
C GLU A 265 17.25 -38.62 6.42
N LEU A 266 17.73 -37.93 5.39
CA LEU A 266 17.07 -36.74 4.85
C LEU A 266 16.06 -37.06 3.72
N ARG A 267 15.72 -38.34 3.52
CA ARG A 267 14.78 -38.79 2.47
C ARG A 267 15.23 -38.46 1.04
N LEU A 268 16.53 -38.57 0.78
CA LEU A 268 17.07 -38.27 -0.54
C LEU A 268 17.28 -39.54 -1.36
N GLU A 269 16.19 -40.06 -1.92
CA GLU A 269 16.20 -41.35 -2.62
C GLU A 269 17.23 -41.41 -3.75
N GLU A 270 17.13 -40.48 -4.70
CA GLU A 270 18.00 -40.48 -5.88
C GLU A 270 19.48 -40.30 -5.52
N ILE A 271 19.76 -39.34 -4.65
CA ILE A 271 21.10 -39.10 -4.16
C ILE A 271 21.66 -40.35 -3.49
N ALA A 272 20.82 -41.04 -2.72
CA ALA A 272 21.24 -42.25 -2.03
C ALA A 272 21.56 -43.39 -3.00
N LYS A 273 20.70 -43.61 -3.99
CA LYS A 273 20.94 -44.64 -5.01
C LYS A 273 22.24 -44.37 -5.77
N LEU A 274 22.41 -43.12 -6.15
CA LEU A 274 23.60 -42.68 -6.86
C LEU A 274 24.89 -42.91 -6.07
N LEU A 275 24.83 -42.71 -4.76
CA LEU A 275 25.97 -42.97 -3.88
C LEU A 275 26.28 -44.46 -3.77
N CYS A 276 25.24 -45.28 -3.68
CA CYS A 276 25.40 -46.74 -3.67
C CYS A 276 26.06 -47.24 -4.95
N HIS A 277 25.57 -46.76 -6.09
CA HIS A 277 26.13 -47.15 -7.38
C HIS A 277 27.61 -46.76 -7.51
N ARG A 278 28.00 -45.64 -6.88
CA ARG A 278 29.38 -45.19 -6.93
C ARG A 278 30.24 -45.73 -5.78
N GLY A 279 29.75 -46.78 -5.12
CA GLY A 279 30.57 -47.56 -4.18
C GLY A 279 30.42 -47.29 -2.69
N ALA A 280 29.37 -46.58 -2.27
CA ALA A 280 29.15 -46.33 -0.84
C ALA A 280 28.67 -47.60 -0.15
N SER A 281 29.14 -47.83 1.07
CA SER A 281 28.85 -49.07 1.81
C SER A 281 27.59 -48.99 2.70
N THR A 282 26.84 -50.10 2.73
CA THR A 282 25.57 -50.22 3.50
C THR A 282 25.79 -50.39 5.02
N ASN A 283 27.05 -50.61 5.43
CA ASN A 283 27.38 -50.87 6.83
C ASN A 283 27.62 -49.62 7.66
N CYS A 284 27.35 -48.45 7.10
CA CYS A 284 27.52 -47.18 7.80
C CYS A 284 26.43 -46.96 8.87
N GLY A 285 25.29 -47.64 8.70
CA GLY A 285 24.21 -47.61 9.68
C GLY A 285 23.11 -48.59 9.29
N ASP A 286 22.02 -48.60 10.05
CA ASP A 286 20.84 -49.40 9.71
C ASP A 286 19.96 -48.62 8.74
N LEU A 287 20.36 -48.62 7.48
CA LEU A 287 19.73 -47.76 6.46
C LEU A 287 18.30 -48.19 6.13
N VAL A 288 18.04 -49.51 6.15
CA VAL A 288 16.70 -50.03 5.89
C VAL A 288 15.70 -49.50 6.91
N ALA A 289 16.03 -49.64 8.18
CA ALA A 289 15.15 -49.16 9.26
C ALA A 289 14.87 -47.67 9.16
N ILE A 290 15.90 -46.90 8.75
CA ILE A 290 15.78 -45.46 8.61
C ILE A 290 14.86 -45.12 7.43
N ALA A 291 15.08 -45.76 6.29
CA ALA A 291 14.23 -45.53 5.12
C ALA A 291 12.78 -45.91 5.38
N ARG A 292 12.59 -47.01 6.11
CA ARG A 292 11.25 -47.46 6.51
C ARG A 292 10.56 -46.42 7.38
N ARG A 293 11.27 -46.00 8.42
CA ARG A 293 10.83 -44.95 9.34
C ARG A 293 10.36 -43.68 8.61
N ASN A 294 11.08 -43.32 7.55
CA ASN A 294 10.72 -42.18 6.72
C ASN A 294 9.59 -42.46 5.73
N TYR A 295 9.10 -43.70 5.69
CA TYR A 295 8.10 -44.13 4.71
C TYR A 295 8.59 -43.94 3.27
N ASP A 296 9.87 -44.18 3.05
CA ASP A 296 10.46 -44.19 1.71
C ASP A 296 10.43 -45.62 1.20
N SER A 297 9.28 -46.03 0.67
CA SER A 297 9.06 -47.42 0.29
C SER A 297 10.02 -47.90 -0.81
N ASP A 298 10.15 -47.09 -1.86
CA ASP A 298 11.03 -47.45 -2.99
C ASP A 298 12.48 -47.55 -2.57
N LEU A 299 12.92 -46.70 -1.65
CA LEU A 299 14.30 -46.74 -1.19
C LEU A 299 14.54 -47.99 -0.33
N VAL A 300 13.52 -48.39 0.44
CA VAL A 300 13.60 -49.63 1.22
C VAL A 300 13.83 -50.84 0.30
N LYS A 301 13.06 -50.93 -0.78
CA LYS A 301 13.19 -52.03 -1.74
C LYS A 301 14.57 -52.06 -2.38
N PHE A 302 15.06 -50.89 -2.78
CA PHE A 302 16.38 -50.76 -3.37
C PHE A 302 17.48 -51.19 -2.40
N LEU A 303 17.34 -50.81 -1.12
CA LEU A 303 18.32 -51.17 -0.09
C LEU A 303 18.32 -52.66 0.22
N ARG A 304 17.13 -53.26 0.20
CA ARG A 304 17.00 -54.70 0.43
C ARG A 304 17.61 -55.52 -0.71
N LEU A 305 17.46 -55.03 -1.94
CA LEU A 305 18.07 -55.70 -3.10
C LEU A 305 19.60 -55.65 -3.02
N HIS A 306 20.12 -54.46 -2.76
CA HIS A 306 21.57 -54.23 -2.72
C HIS A 306 22.07 -54.37 -1.26
N ASN A 318 24.17 -48.73 28.32
CA ASN A 318 25.15 -48.32 29.32
C ASN A 318 24.87 -46.99 30.08
N TRP A 319 23.98 -46.14 29.54
CA TRP A 319 23.72 -44.81 30.10
C TRP A 319 22.91 -44.91 31.39
N LYS A 320 23.30 -44.10 32.38
CA LYS A 320 22.63 -44.10 33.69
C LYS A 320 22.00 -42.74 34.02
N PRO A 321 20.70 -42.73 34.31
CA PRO A 321 20.09 -41.51 34.82
C PRO A 321 20.45 -41.27 36.28
N GLN A 322 20.50 -40.00 36.67
CA GLN A 322 20.69 -39.65 38.09
C GLN A 322 19.39 -39.74 38.89
N SER A 323 18.26 -39.48 38.25
CA SER A 323 16.98 -39.48 38.97
C SER A 323 16.44 -40.86 39.28
N SER A 324 16.10 -41.08 40.54
CA SER A 324 15.46 -42.32 40.98
C SER A 324 14.01 -42.36 40.53
N ARG A 325 13.24 -41.32 40.84
CA ARG A 325 11.83 -41.27 40.48
C ARG A 325 11.56 -41.38 38.98
N TRP A 326 12.40 -40.73 38.17
CA TRP A 326 12.20 -40.62 36.72
C TRP A 326 13.13 -41.51 35.91
N GLY A 327 13.99 -42.27 36.57
CA GLY A 327 15.07 -43.02 35.89
C GLY A 327 14.62 -44.01 34.83
N GLU A 328 13.64 -44.83 35.17
CA GLU A 328 13.09 -45.82 34.23
C GLU A 328 12.65 -45.19 32.89
N ALA A 329 11.88 -44.12 32.96
CA ALA A 329 11.36 -43.45 31.77
C ALA A 329 12.49 -42.74 31.03
N LEU A 330 13.41 -42.16 31.78
CA LEU A 330 14.59 -41.52 31.17
C LEU A 330 15.41 -42.52 30.32
N LYS A 331 15.56 -43.74 30.83
CA LYS A 331 16.26 -44.80 30.12
C LYS A 331 15.59 -45.14 28.82
N HIS A 332 14.26 -45.19 28.85
CA HIS A 332 13.48 -45.49 27.66
C HIS A 332 13.62 -44.34 26.64
N LEU A 333 13.57 -43.09 27.11
CA LEU A 333 13.72 -41.95 26.20
C LEU A 333 15.09 -41.91 25.54
N HIS A 334 16.13 -42.32 26.28
CA HIS A 334 17.48 -42.39 25.75
C HIS A 334 17.63 -43.46 24.66
N ARG A 335 16.83 -44.50 24.79
CA ARG A 335 16.91 -45.69 23.96
C ARG A 335 16.26 -45.49 22.58
N ILE A 336 15.10 -44.82 22.55
CA ILE A 336 14.33 -44.65 21.31
C ILE A 336 14.92 -43.61 20.38
N TRP A 337 14.46 -43.59 19.13
CA TRP A 337 14.90 -42.57 18.18
C TRP A 337 13.94 -41.39 18.20
N ARG A 338 14.48 -40.18 18.24
CA ARG A 338 13.67 -38.97 18.14
C ARG A 338 14.40 -37.95 17.28
N PRO A 339 13.65 -37.12 16.52
CA PRO A 339 14.32 -35.99 15.91
C PRO A 339 14.66 -34.97 16.99
N MET A 340 15.69 -34.16 16.76
CA MET A 340 16.16 -33.19 17.73
C MET A 340 15.51 -31.84 17.47
N ILE A 341 15.29 -31.09 18.55
CA ILE A 341 14.88 -29.69 18.45
C ILE A 341 16.05 -28.93 19.02
N GLY A 342 16.96 -28.52 18.14
CA GLY A 342 18.23 -27.95 18.58
C GLY A 342 18.97 -28.94 19.45
N LYS A 343 19.17 -28.59 20.72
CA LYS A 343 19.86 -29.47 21.68
C LYS A 343 18.92 -30.39 22.47
N LEU A 344 17.62 -30.33 22.21
CA LEU A 344 16.63 -31.07 23.02
C LEU A 344 16.09 -32.31 22.33
N LYS A 345 16.17 -33.43 23.02
CA LYS A 345 15.48 -34.66 22.65
C LYS A 345 14.30 -34.80 23.55
N ILE A 346 13.13 -35.01 22.96
CA ILE A 346 11.88 -35.09 23.68
C ILE A 346 10.84 -35.86 22.87
N PHE A 347 9.93 -36.54 23.58
CA PHE A 347 8.79 -37.24 22.98
C PHE A 347 7.57 -36.97 23.84
N ILE A 348 6.55 -36.39 23.22
CA ILE A 348 5.30 -36.12 23.89
C ILE A 348 4.43 -37.37 23.99
N ASP A 349 4.56 -38.08 25.10
CA ASP A 349 3.80 -39.30 25.37
C ASP A 349 3.59 -39.34 26.86
N GLU A 350 2.51 -39.98 27.28
CA GLU A 350 2.14 -40.03 28.72
C GLU A 350 3.21 -40.67 29.59
N GLU A 351 4.04 -41.55 29.02
CA GLU A 351 5.12 -42.16 29.78
C GLU A 351 6.17 -41.12 30.24
N TYR A 352 6.33 -40.05 29.47
CA TYR A 352 7.35 -39.06 29.73
C TYR A 352 6.79 -37.80 30.37
N LYS A 353 5.51 -37.82 30.72
CA LYS A 353 4.86 -36.66 31.31
C LYS A 353 5.10 -36.56 32.81
N ILE A 354 5.59 -35.41 33.27
CA ILE A 354 5.79 -35.14 34.68
C ILE A 354 4.53 -34.54 35.33
N ALA A 355 3.87 -33.60 34.63
CA ALA A 355 2.72 -32.89 35.19
C ALA A 355 2.01 -32.03 34.16
N ASP A 356 0.77 -31.67 34.47
CA ASP A 356 0.01 -30.69 33.70
C ASP A 356 0.48 -29.28 34.02
N THR A 357 0.33 -28.37 33.06
CA THR A 357 0.49 -26.94 33.29
C THR A 357 -0.69 -26.18 32.67
N ALA A 358 -0.64 -24.89 32.80
CA ALA A 358 -1.55 -23.97 32.20
C ALA A 358 -1.52 -24.01 30.76
N GLU A 359 -0.37 -24.28 30.26
CA GLU A 359 -0.18 -24.33 28.87
C GLU A 359 0.43 -25.42 28.08
N GLY A 360 0.41 -26.66 28.33
CA GLY A 360 1.38 -27.60 27.64
C GLY A 360 2.22 -28.64 28.25
N GLY A 361 2.42 -28.47 29.52
CA GLY A 361 2.79 -29.52 30.45
C GLY A 361 4.28 -29.56 30.70
N ILE A 362 4.69 -30.39 31.67
CA ILE A 362 6.08 -30.63 31.97
C ILE A 362 6.42 -32.05 31.54
N TYR A 363 7.40 -32.20 30.65
CA TYR A 363 7.77 -33.50 30.12
C TYR A 363 9.24 -33.73 30.37
N LEU A 364 9.64 -35.00 30.49
CA LEU A 364 11.04 -35.35 30.56
C LEU A 364 11.71 -35.08 29.23
N GLY A 365 12.98 -34.72 29.29
CA GLY A 365 13.77 -34.43 28.10
C GLY A 365 15.24 -34.69 28.34
N LEU A 366 16.01 -34.72 27.26
CA LEU A 366 17.46 -34.77 27.32
C LEU A 366 18.00 -33.53 26.57
N TYR A 367 18.79 -32.71 27.26
CA TYR A 367 19.32 -31.47 26.69
C TYR A 367 20.82 -31.56 26.83
N GLU A 368 21.55 -31.50 25.70
CA GLU A 368 22.99 -31.76 25.68
C GLU A 368 23.28 -33.06 26.45
N ASP A 369 22.42 -34.06 26.22
CA ASP A 369 22.50 -35.39 26.89
C ASP A 369 22.33 -35.40 28.41
N GLN A 370 21.81 -34.30 28.95
CA GLN A 370 21.51 -34.20 30.37
C GLN A 370 20.02 -34.37 30.55
N GLU A 371 19.62 -35.11 31.58
CA GLU A 371 18.21 -35.24 31.91
C GLU A 371 17.66 -33.88 32.36
N VAL A 372 16.47 -33.52 31.87
CA VAL A 372 15.83 -32.25 32.21
C VAL A 372 14.32 -32.38 32.30
N ALA A 373 13.69 -31.39 32.94
CA ALA A 373 12.26 -31.25 32.89
C ALA A 373 12.01 -30.14 31.88
N VAL A 374 11.03 -30.33 31.02
CA VAL A 374 10.81 -29.43 29.89
C VAL A 374 9.42 -28.85 30.02
N LYS A 375 9.35 -27.55 30.23
CA LYS A 375 8.11 -26.81 30.36
C LYS A 375 7.77 -26.19 29.03
N ARG A 376 6.59 -26.51 28.50
CA ARG A 376 6.20 -26.17 27.14
C ARG A 376 5.20 -25.04 27.09
N PHE A 377 5.49 -24.04 26.26
CA PHE A 377 4.64 -22.90 26.07
C PHE A 377 4.39 -22.74 24.58
N SER A 378 3.32 -22.03 24.26
CA SER A 378 3.15 -21.45 22.93
C SER A 378 4.30 -20.47 22.68
N GLU A 379 4.84 -20.45 21.46
CA GLU A 379 5.99 -19.58 21.19
C GLU A 379 5.63 -18.10 21.32
N GLY A 380 4.35 -17.78 21.16
CA GLY A 380 3.85 -16.42 21.33
C GLY A 380 3.36 -16.11 22.74
N SER A 381 3.42 -17.07 23.65
CA SER A 381 2.94 -16.88 25.03
C SER A 381 3.69 -15.81 25.79
N THR A 382 2.93 -14.87 26.33
CA THR A 382 3.47 -13.82 27.20
C THR A 382 4.05 -14.40 28.47
N ARG A 383 3.39 -15.42 29.01
CA ARG A 383 3.87 -16.12 30.20
C ARG A 383 5.20 -16.81 29.94
N GLY A 384 5.33 -17.43 28.77
CA GLY A 384 6.57 -18.09 28.39
C GLY A 384 7.73 -17.11 28.27
N GLN A 385 7.42 -15.90 27.81
CA GLN A 385 8.44 -14.86 27.73
C GLN A 385 8.84 -14.38 29.12
N GLN A 386 7.89 -14.34 30.06
CA GLN A 386 8.18 -13.97 31.43
C GLN A 386 9.08 -15.03 32.07
N GLU A 387 8.75 -16.30 31.86
CA GLU A 387 9.50 -17.42 32.44
C GLU A 387 10.94 -17.38 31.93
N VAL A 388 11.11 -17.31 30.61
CA VAL A 388 12.45 -17.36 30.03
C VAL A 388 13.27 -16.12 30.38
N SER A 389 12.64 -14.96 30.34
CA SER A 389 13.31 -13.72 30.70
C SER A 389 13.91 -13.80 32.12
N CYS A 390 13.11 -14.26 33.07
CA CYS A 390 13.56 -14.34 34.47
C CYS A 390 14.66 -15.38 34.68
N LEU A 391 14.49 -16.55 34.09
CA LEU A 391 15.53 -17.59 34.15
C LEU A 391 16.85 -17.17 33.53
N GLN A 392 16.80 -16.43 32.42
CA GLN A 392 18.02 -15.91 31.77
C GLN A 392 18.84 -15.00 32.66
N SER A 393 18.18 -14.30 33.58
CA SER A 393 18.87 -13.41 34.53
C SER A 393 19.21 -14.05 35.88
N SER A 394 18.85 -15.30 36.07
CA SER A 394 18.97 -15.94 37.37
C SER A 394 19.98 -17.10 37.45
N ARG A 395 20.85 -17.23 36.44
CA ARG A 395 21.75 -18.38 36.38
C ARG A 395 22.75 -18.43 37.53
N ALA A 396 23.15 -17.25 38.07
CA ALA A 396 24.01 -17.19 39.26
C ALA A 396 23.27 -17.47 40.57
N ASN A 397 21.94 -17.55 40.53
CA ASN A 397 21.15 -17.76 41.74
C ASN A 397 21.07 -19.24 42.10
N ASP A 398 21.88 -19.66 43.07
CA ASP A 398 22.06 -21.09 43.41
C ASP A 398 20.78 -21.73 43.91
N ASN A 399 19.85 -20.93 44.42
CA ASN A 399 18.66 -21.48 45.05
C ASN A 399 17.44 -21.43 44.16
N VAL A 400 17.70 -21.16 42.88
CA VAL A 400 16.73 -21.23 41.80
C VAL A 400 17.03 -22.46 40.94
N VAL A 401 15.98 -23.13 40.48
CA VAL A 401 16.14 -24.33 39.68
C VAL A 401 17.06 -24.00 38.51
N THR A 402 18.06 -24.86 38.29
CA THR A 402 19.07 -24.61 37.30
C THR A 402 18.47 -24.62 35.90
N PHE A 403 18.74 -23.53 35.18
CA PHE A 403 18.24 -23.30 33.84
C PHE A 403 19.28 -23.81 32.83
N TYR A 404 18.86 -24.71 31.95
CA TYR A 404 19.75 -25.24 30.92
C TYR A 404 19.67 -24.36 29.67
N GLY A 405 18.45 -24.04 29.24
CA GLY A 405 18.25 -23.22 28.06
C GLY A 405 16.87 -23.39 27.51
N SER A 406 16.61 -22.77 26.36
CA SER A 406 15.32 -22.92 25.71
C SER A 406 15.48 -23.25 24.22
N GLU A 407 14.47 -23.89 23.66
CA GLU A 407 14.42 -24.24 22.24
C GLU A 407 13.02 -24.04 21.67
N SER A 408 12.91 -23.27 20.59
CA SER A 408 11.67 -23.19 19.80
C SER A 408 11.69 -24.16 18.62
N ASP A 409 10.58 -24.86 18.41
CA ASP A 409 10.28 -25.47 17.11
C ASP A 409 9.40 -24.42 16.41
N GLY A 410 8.63 -24.80 15.39
CA GLY A 410 7.78 -23.80 14.72
C GLY A 410 6.77 -23.09 15.64
N SER A 411 6.32 -23.79 16.68
CA SER A 411 5.12 -23.40 17.42
C SER A 411 5.31 -23.31 18.94
N CYS A 412 6.14 -24.20 19.49
CA CYS A 412 6.28 -24.40 20.93
C CYS A 412 7.64 -23.92 21.45
N LEU A 413 7.61 -23.17 22.55
CA LEU A 413 8.81 -22.76 23.26
C LEU A 413 9.05 -23.78 24.36
N HIS A 414 10.19 -24.47 24.30
CA HIS A 414 10.55 -25.49 25.30
C HIS A 414 11.54 -24.88 26.27
N VAL A 415 11.19 -24.84 27.55
CA VAL A 415 12.08 -24.30 28.57
C VAL A 415 12.62 -25.45 29.39
N CYS A 416 13.94 -25.66 29.34
CA CYS A 416 14.58 -26.83 29.92
C CYS A 416 15.24 -26.54 31.26
N LEU A 417 14.86 -27.32 32.27
CA LEU A 417 15.25 -27.08 33.66
C LEU A 417 15.89 -28.34 34.25
N ALA A 418 16.70 -28.16 35.28
CA ALA A 418 17.16 -29.30 36.08
C ALA A 418 15.98 -30.14 36.53
N LEU A 419 16.08 -31.45 36.37
CA LEU A 419 15.02 -32.39 36.78
C LEU A 419 15.09 -32.60 38.28
N CYS A 420 14.03 -32.23 38.98
CA CYS A 420 13.93 -32.46 40.42
C CYS A 420 13.02 -33.64 40.74
N GLU A 421 13.12 -34.15 41.98
CA GLU A 421 12.38 -35.35 42.34
C GLU A 421 10.97 -35.01 42.71
N TYR A 422 10.85 -34.13 43.71
CA TYR A 422 9.57 -33.87 44.32
C TYR A 422 9.34 -32.38 44.53
N THR A 423 8.07 -32.05 44.60
CA THR A 423 7.59 -30.77 45.06
C THR A 423 7.76 -30.70 46.59
N LEU A 424 7.82 -29.50 47.15
CA LEU A 424 7.90 -29.32 48.62
C LEU A 424 6.74 -29.99 49.34
N GLN A 425 5.54 -29.84 48.77
CA GLN A 425 4.35 -30.54 49.26
C GLN A 425 4.53 -32.07 49.31
N GLU A 426 4.99 -32.67 48.21
CA GLU A 426 5.22 -34.12 48.15
C GLU A 426 6.36 -34.54 49.06
N HIS A 427 7.40 -33.72 49.13
CA HIS A 427 8.57 -34.02 49.94
C HIS A 427 8.22 -34.09 51.41
N LEU A 428 7.47 -33.09 51.89
CA LEU A 428 7.03 -33.05 53.27
C LEU A 428 6.16 -34.24 53.63
N ALA A 429 5.31 -34.68 52.69
CA ALA A 429 4.45 -35.84 52.90
C ALA A 429 5.25 -37.15 52.93
N ASN A 430 6.20 -37.32 52.01
CA ASN A 430 7.10 -38.49 52.04
C ASN A 430 7.90 -38.64 53.34
N HIS A 431 8.30 -37.51 53.94
CA HIS A 431 9.15 -37.50 55.12
C HIS A 431 8.43 -37.14 56.44
N ARG A 432 7.10 -37.11 56.42
CA ARG A 432 6.31 -36.71 57.59
C ARG A 432 6.58 -37.55 58.84
N GLY A 433 6.99 -38.81 58.66
CA GLY A 433 7.25 -39.72 59.77
C GLY A 433 8.71 -39.90 60.15
N ASP A 434 9.57 -38.99 59.69
CA ASP A 434 11.01 -39.08 59.96
C ASP A 434 11.33 -38.71 61.39
N ALA A 435 10.63 -37.71 61.91
CA ALA A 435 10.94 -37.15 63.23
C ALA A 435 10.07 -37.73 64.35
N VAL A 436 10.69 -37.90 65.52
CA VAL A 436 9.99 -38.29 66.75
C VAL A 436 9.17 -37.09 67.25
N PRO A 437 8.22 -37.32 68.19
CA PRO A 437 7.24 -36.29 68.60
C PRO A 437 7.73 -34.83 68.63
N ASN A 438 8.66 -34.51 69.52
CA ASN A 438 9.09 -33.12 69.71
C ASN A 438 10.56 -32.91 69.31
N GLU A 439 10.99 -33.63 68.29
CA GLU A 439 12.33 -33.47 67.74
C GLU A 439 12.52 -32.08 67.12
N GLU A 440 13.75 -31.57 67.22
CA GLU A 440 14.11 -30.31 66.60
C GLU A 440 14.01 -30.47 65.08
N ASP A 441 13.37 -29.52 64.41
CA ASP A 441 13.18 -29.59 62.96
C ASP A 441 14.30 -28.83 62.24
N GLU A 442 15.43 -29.50 62.02
CA GLU A 442 16.56 -28.91 61.33
C GLU A 442 16.24 -28.68 59.86
N SER A 443 15.47 -29.59 59.28
CA SER A 443 15.22 -29.58 57.85
C SER A 443 14.32 -28.43 57.46
N ALA A 444 13.36 -28.08 58.31
CA ALA A 444 12.55 -26.86 58.11
C ALA A 444 13.44 -25.62 57.98
N ARG A 445 14.44 -25.54 58.83
CA ARG A 445 15.37 -24.41 58.84
C ARG A 445 16.14 -24.30 57.54
N ASN A 446 16.58 -25.44 57.00
CA ASN A 446 17.37 -25.49 55.77
C ASN A 446 16.52 -25.18 54.55
N ILE A 447 15.37 -25.81 54.45
CA ILE A 447 14.40 -25.48 53.41
C ILE A 447 14.15 -23.97 53.38
N LEU A 448 13.84 -23.38 54.53
CA LEU A 448 13.46 -21.96 54.56
C LEU A 448 14.62 -20.99 54.31
N SER A 449 15.82 -21.30 54.77
CA SER A 449 16.95 -20.40 54.53
C SER A 449 17.35 -20.41 53.06
N SER A 450 17.18 -21.54 52.38
CA SER A 450 17.37 -21.58 50.94
C SER A 450 16.37 -20.67 50.24
N LEU A 451 15.13 -20.71 50.68
CA LEU A 451 14.09 -19.89 50.06
C LEU A 451 14.34 -18.41 50.30
N PHE A 452 14.74 -18.04 51.51
CA PHE A 452 15.12 -16.66 51.80
C PHE A 452 16.22 -16.20 50.84
N LYS A 453 17.23 -17.04 50.65
CA LYS A 453 18.35 -16.70 49.76
C LYS A 453 17.89 -16.63 48.32
N ALA A 454 17.07 -17.58 47.90
CA ALA A 454 16.51 -17.58 46.53
C ALA A 454 15.77 -16.29 46.23
N ILE A 455 14.86 -15.92 47.13
CA ILE A 455 13.94 -14.81 46.89
C ILE A 455 14.70 -13.50 47.01
N GLY A 456 15.60 -13.43 48.00
CA GLY A 456 16.48 -12.29 48.17
C GLY A 456 17.32 -11.99 46.96
N GLU A 457 17.94 -13.00 46.36
CA GLU A 457 18.76 -12.75 45.17
C GLU A 457 17.90 -12.50 43.94
N LEU A 458 16.73 -13.11 43.89
CA LEU A 458 15.79 -12.85 42.81
C LEU A 458 15.42 -11.38 42.77
N HIS A 459 15.14 -10.81 43.95
CA HIS A 459 14.81 -9.39 44.04
C HIS A 459 15.99 -8.51 43.64
N ARG A 460 17.17 -8.88 44.09
CA ARG A 460 18.39 -8.16 43.74
C ARG A 460 18.60 -8.12 42.20
N SER A 461 18.23 -9.20 41.52
CA SER A 461 18.25 -9.26 40.06
C SER A 461 17.12 -8.46 39.39
N GLY A 462 16.22 -7.87 40.18
CA GLY A 462 15.18 -6.99 39.66
C GLY A 462 13.84 -7.66 39.39
N TYR A 463 13.66 -8.85 39.85
CA TYR A 463 12.53 -9.71 39.69
C TYR A 463 11.71 -10.05 40.90
N SER A 464 10.43 -10.15 40.71
CA SER A 464 9.52 -10.65 41.69
C SER A 464 8.85 -11.80 41.17
N HIS A 465 8.72 -12.78 41.98
CA HIS A 465 7.94 -13.94 41.79
C HIS A 465 6.45 -13.95 41.57
N GLN A 466 5.63 -13.47 42.45
CA GLN A 466 4.20 -13.40 42.35
C GLN A 466 3.37 -14.63 42.57
N ASP A 467 3.91 -15.79 42.69
CA ASP A 467 3.24 -16.97 42.89
C ASP A 467 4.01 -17.94 43.91
N LEU A 468 4.56 -17.45 44.95
CA LEU A 468 5.27 -18.34 45.86
C LEU A 468 4.32 -19.27 46.59
N GLN A 469 4.45 -20.56 46.31
CA GLN A 469 3.61 -21.57 46.96
C GLN A 469 4.32 -22.93 46.93
N PRO A 470 3.90 -23.88 47.78
CA PRO A 470 4.61 -25.15 47.94
C PRO A 470 4.85 -25.96 46.66
N GLN A 471 3.95 -25.86 45.68
CA GLN A 471 4.09 -26.62 44.42
C GLN A 471 5.04 -25.97 43.40
N ASN A 472 5.54 -24.79 43.72
CA ASN A 472 6.56 -24.09 42.94
C ASN A 472 7.93 -24.17 43.57
N ILE A 473 8.06 -25.03 44.57
CA ILE A 473 9.31 -25.25 45.26
C ILE A 473 9.69 -26.72 45.07
N LEU A 474 10.89 -26.97 44.55
CA LEU A 474 11.28 -28.29 44.12
C LEU A 474 12.45 -28.79 44.94
N ILE A 475 12.41 -30.07 45.28
CA ILE A 475 13.48 -30.74 46.01
C ILE A 475 14.18 -31.74 45.08
N ASP A 476 15.50 -31.71 45.04
CA ASP A 476 16.26 -32.58 44.13
C ASP A 476 16.76 -33.85 44.82
N SER A 477 17.47 -34.69 44.06
CA SER A 477 18.05 -35.95 44.57
C SER A 477 18.84 -35.75 45.86
N LYS A 478 19.57 -34.64 45.94
CA LYS A 478 20.42 -34.35 47.11
C LYS A 478 19.70 -33.63 48.27
N ASN A 479 18.36 -33.59 48.24
CA ASN A 479 17.57 -32.79 49.21
C ASN A 479 17.81 -31.26 49.16
N GLY A 480 18.39 -30.77 48.06
CA GLY A 480 18.48 -29.34 47.85
C GLY A 480 17.12 -28.79 47.49
N THR A 481 16.79 -27.60 47.99
CA THR A 481 15.51 -26.98 47.70
C THR A 481 15.69 -25.80 46.73
N PHE A 482 14.85 -25.77 45.69
CA PHE A 482 14.98 -24.79 44.62
C PHE A 482 13.65 -24.13 44.33
N LEU A 483 13.71 -22.84 43.98
CA LEU A 483 12.54 -22.07 43.56
C LEU A 483 12.32 -22.27 42.06
N ALA A 484 11.07 -22.42 41.60
CA ALA A 484 10.85 -22.94 40.21
C ALA A 484 9.90 -22.28 39.19
N ASP A 485 8.80 -21.67 39.57
CA ASP A 485 7.79 -21.40 38.51
C ASP A 485 7.63 -19.88 38.25
N PHE A 486 8.26 -19.38 37.17
CA PHE A 486 8.40 -17.94 36.90
C PHE A 486 7.52 -17.40 35.78
N ASP A 487 6.48 -18.14 35.39
CA ASP A 487 5.61 -17.69 34.31
C ASP A 487 4.84 -16.39 34.67
N LYS A 488 4.73 -16.07 35.96
CA LYS A 488 4.05 -14.86 36.41
C LYS A 488 4.99 -13.85 37.04
N SER A 489 6.30 -14.06 36.89
CA SER A 489 7.27 -13.14 37.44
C SER A 489 7.23 -11.80 36.72
N ILE A 490 7.60 -10.74 37.42
CA ILE A 490 7.61 -9.39 36.85
C ILE A 490 8.87 -8.69 37.29
N LYS A 491 9.28 -7.68 36.54
CA LYS A 491 10.34 -6.78 36.98
C LYS A 491 9.70 -5.82 37.97
N TRP A 492 10.18 -5.80 39.20
CA TRP A 492 9.50 -5.05 40.26
C TRP A 492 9.73 -3.53 40.23
N ALA A 493 10.74 -3.05 39.50
CA ALA A 493 10.96 -1.59 39.34
C ALA A 493 9.66 -0.90 38.89
N GLU A 494 8.96 -1.60 38.01
CA GLU A 494 7.67 -1.17 37.50
C GLU A 494 6.67 -0.85 38.64
N ASP A 495 6.55 -1.77 39.60
CA ASP A 495 5.61 -1.63 40.72
C ASP A 495 6.20 -2.18 42.01
N PRO A 496 7.03 -1.37 42.70
CA PRO A 496 7.80 -1.84 43.87
C PRO A 496 6.97 -2.42 45.00
N GLN A 497 5.73 -1.98 45.11
CA GLN A 497 4.83 -2.46 46.15
C GLN A 497 4.56 -3.98 46.06
N LYS A 498 4.70 -4.56 44.87
CA LYS A 498 4.48 -6.00 44.70
C LYS A 498 5.59 -6.90 45.28
N ILE A 499 6.77 -6.35 45.55
CA ILE A 499 7.77 -7.08 46.32
C ILE A 499 7.21 -7.58 47.66
N LYS A 500 6.29 -6.81 48.25
CA LYS A 500 5.68 -7.19 49.53
C LYS A 500 4.83 -8.44 49.45
N ARG A 501 4.22 -8.70 48.30
CA ARG A 501 3.44 -9.92 48.11
C ARG A 501 4.31 -11.18 48.22
N ASP A 502 5.56 -11.10 47.77
CA ASP A 502 6.50 -12.21 47.95
C ASP A 502 6.80 -12.48 49.41
N LEU A 503 7.09 -11.42 50.14
CA LEU A 503 7.42 -11.53 51.57
C LEU A 503 6.26 -12.07 52.38
N GLU A 504 5.04 -11.71 51.99
CA GLU A 504 3.83 -12.22 52.67
C GLU A 504 3.68 -13.71 52.48
N ALA A 505 3.79 -14.14 51.23
CA ALA A 505 3.71 -15.56 50.89
C ALA A 505 4.82 -16.37 51.56
N LEU A 506 5.98 -15.72 51.72
CA LEU A 506 7.09 -16.33 52.43
C LEU A 506 6.74 -16.55 53.90
N GLY A 507 6.03 -15.60 54.50
CA GLY A 507 5.52 -15.75 55.87
C GLY A 507 4.61 -16.96 55.96
N LEU A 508 3.71 -17.08 54.98
CA LEU A 508 2.84 -18.26 54.90
C LEU A 508 3.66 -19.55 54.76
N LEU A 509 4.70 -19.51 53.92
CA LEU A 509 5.54 -20.70 53.70
C LEU A 509 6.33 -21.10 54.93
N VAL A 510 6.68 -20.11 55.77
CA VAL A 510 7.35 -20.41 57.03
C VAL A 510 6.45 -21.29 57.89
N LEU A 511 5.18 -20.92 58.02
CA LEU A 511 4.26 -21.72 58.86
C LEU A 511 4.00 -23.06 58.22
N TYR A 512 3.76 -23.04 56.90
CA TYR A 512 3.54 -24.26 56.13
C TYR A 512 4.61 -25.31 56.40
N VAL A 513 5.87 -24.91 56.32
CA VAL A 513 6.99 -25.84 56.48
C VAL A 513 7.12 -26.27 57.92
N VAL A 514 6.97 -25.32 58.85
CA VAL A 514 7.06 -25.62 60.29
C VAL A 514 5.94 -26.57 60.75
N LYS A 515 4.73 -26.40 60.20
CA LYS A 515 3.63 -27.33 60.45
C LYS A 515 3.75 -28.63 59.62
N LYS A 516 4.86 -28.78 58.91
CA LYS A 516 5.20 -30.02 58.19
C LYS A 516 4.20 -30.43 57.11
N GLY A 517 3.47 -29.46 56.57
CA GLY A 517 2.51 -29.71 55.50
C GLY A 517 1.14 -30.13 56.00
N ASP A 518 0.95 -30.11 57.32
CA ASP A 518 -0.31 -30.56 57.93
C ASP A 518 -1.47 -29.60 57.64
N ILE A 519 -1.19 -28.30 57.64
CA ILE A 519 -2.16 -27.28 57.22
C ILE A 519 -1.91 -26.92 55.76
N SER A 520 -2.92 -27.08 54.93
CA SER A 520 -2.79 -26.82 53.50
C SER A 520 -2.53 -25.34 53.24
N PHE A 521 -1.89 -25.06 52.11
CA PHE A 521 -1.51 -23.71 51.76
C PHE A 521 -2.74 -22.85 51.43
N GLU A 522 -3.77 -23.46 50.84
CA GLU A 522 -5.03 -22.78 50.57
C GLU A 522 -5.71 -22.32 51.88
N THR A 523 -5.69 -23.15 52.91
CA THR A 523 -6.20 -22.75 54.22
C THR A 523 -5.45 -21.53 54.70
N LEU A 524 -4.12 -21.62 54.68
CA LEU A 524 -3.25 -20.52 55.13
C LEU A 524 -3.49 -19.26 54.34
N LYS A 525 -3.75 -19.40 53.04
CA LYS A 525 -4.04 -18.25 52.19
C LYS A 525 -5.36 -17.53 52.56
N ASN A 526 -6.31 -18.24 53.15
CA ASN A 526 -7.59 -17.66 53.51
C ASN A 526 -7.62 -17.06 54.93
N GLN A 527 -6.49 -17.05 55.62
CA GLN A 527 -6.40 -16.52 56.96
C GLN A 527 -5.85 -15.09 56.96
N SER A 528 -6.16 -14.34 58.01
CA SER A 528 -5.59 -13.02 58.18
C SER A 528 -4.21 -13.16 58.80
N PHE A 529 -3.43 -12.09 58.74
CA PHE A 529 -2.16 -12.02 59.45
C PHE A 529 -2.30 -12.53 60.90
N GLU A 530 -3.34 -12.08 61.59
CA GLU A 530 -3.51 -12.39 63.03
C GLU A 530 -3.66 -13.89 63.23
N GLU A 531 -4.48 -14.52 62.40
CA GLU A 531 -4.78 -15.95 62.54
C GLU A 531 -3.54 -16.81 62.23
N VAL A 532 -2.80 -16.43 61.20
CA VAL A 532 -1.51 -17.07 60.89
C VAL A 532 -0.56 -17.02 62.09
N ILE A 533 -0.40 -15.85 62.69
CA ILE A 533 0.44 -15.69 63.87
C ILE A 533 -0.04 -16.59 65.01
N GLN A 534 -1.35 -16.63 65.21
CA GLN A 534 -1.91 -17.40 66.32
C GLN A 534 -1.73 -18.89 66.10
N GLY A 535 -1.67 -19.30 64.83
CA GLY A 535 -1.48 -20.71 64.47
C GLY A 535 -0.05 -21.23 64.54
N SER A 536 0.89 -20.36 64.87
CA SER A 536 2.29 -20.73 65.00
C SER A 536 2.56 -21.48 66.31
N PRO A 537 3.43 -22.50 66.28
CA PRO A 537 3.66 -23.31 67.48
C PRO A 537 4.72 -22.77 68.46
N ASP A 538 5.41 -21.70 68.12
CA ASP A 538 6.44 -21.15 69.00
C ASP A 538 6.66 -19.67 68.75
N GLU A 539 7.40 -19.04 69.67
CA GLU A 539 7.59 -17.60 69.64
C GLU A 539 8.57 -17.13 68.55
N GLU A 540 9.58 -17.96 68.24
CA GLU A 540 10.56 -17.63 67.19
C GLU A 540 9.85 -17.48 65.85
N THR A 541 8.99 -18.44 65.55
CA THR A 541 8.20 -18.49 64.31
C THR A 541 7.27 -17.28 64.22
N ARG A 542 6.57 -16.97 65.31
CA ARG A 542 5.68 -15.81 65.35
C ARG A 542 6.39 -14.51 65.02
N ASP A 543 7.53 -14.29 65.66
CA ASP A 543 8.28 -13.06 65.45
C ASP A 543 8.78 -12.98 64.01
N LEU A 544 9.24 -14.10 63.47
CA LEU A 544 9.74 -14.12 62.10
C LEU A 544 8.64 -13.80 61.10
N ILE A 545 7.51 -14.47 61.25
CA ILE A 545 6.39 -14.25 60.35
C ILE A 545 5.94 -12.80 60.44
N HIS A 546 5.99 -12.24 61.65
CA HIS A 546 5.68 -10.82 61.81
C HIS A 546 6.55 -9.92 60.93
N HIS A 547 7.85 -10.16 60.92
CA HIS A 547 8.77 -9.33 60.15
C HIS A 547 8.65 -9.51 58.65
N LEU A 548 8.07 -10.62 58.21
CA LEU A 548 7.82 -10.83 56.79
C LEU A 548 6.50 -10.19 56.33
N PHE A 549 5.52 -10.13 57.22
CA PHE A 549 4.29 -9.39 56.94
C PHE A 549 4.45 -7.88 57.08
N HIS A 550 5.41 -7.44 57.89
CA HIS A 550 5.67 -5.99 58.05
C HIS A 550 7.14 -5.66 57.81
N PRO A 551 7.50 -5.53 56.52
CA PRO A 551 8.78 -5.01 56.06
C PRO A 551 8.59 -3.57 55.52
N GLU A 556 17.95 -4.26 49.00
CA GLU A 556 17.46 -4.23 50.39
C GLU A 556 17.41 -5.63 50.97
N ASP A 557 18.39 -5.95 51.83
CA ASP A 557 18.47 -7.29 52.40
C ASP A 557 17.73 -7.47 53.74
N ARG A 558 16.44 -7.17 53.78
CA ARG A 558 15.61 -7.61 54.89
C ARG A 558 15.75 -9.12 55.05
N LEU A 559 15.81 -9.81 53.91
CA LEU A 559 15.77 -11.28 53.93
C LEU A 559 17.13 -11.96 54.14
N SER A 560 18.26 -11.26 53.96
CA SER A 560 19.56 -11.75 54.43
C SER A 560 19.81 -11.46 55.92
N SER A 561 19.28 -10.34 56.42
CA SER A 561 19.39 -10.00 57.83
C SER A 561 18.56 -10.91 58.73
N LEU A 562 17.43 -11.38 58.22
CA LEU A 562 16.59 -12.28 58.98
C LEU A 562 17.17 -13.67 59.13
N LEU A 563 18.21 -14.02 58.37
CA LEU A 563 18.90 -15.30 58.57
C LEU A 563 19.61 -15.34 59.93
N ALA A 564 19.84 -14.17 60.53
CA ALA A 564 20.42 -14.04 61.89
C ALA A 564 19.38 -14.14 63.00
N HIS A 565 18.11 -14.22 62.62
CA HIS A 565 16.99 -14.30 63.56
C HIS A 565 17.03 -15.64 64.29
N PRO A 566 16.62 -15.67 65.57
CA PRO A 566 16.72 -16.93 66.32
C PRO A 566 15.90 -18.10 65.82
N PHE A 567 14.97 -17.88 64.90
CA PHE A 567 14.29 -18.99 64.26
C PHE A 567 15.31 -19.92 63.64
N PHE A 568 16.43 -19.35 63.14
CA PHE A 568 17.48 -20.15 62.48
C PHE A 568 18.60 -20.60 63.39
N TRP A 569 18.51 -20.27 64.69
CA TRP A 569 19.47 -20.78 65.66
C TRP A 569 19.06 -22.18 66.10
N SER A 570 20.02 -23.09 66.12
CA SER A 570 19.76 -24.43 66.61
C SER A 570 19.46 -24.40 68.12
N TRP A 571 18.79 -25.42 68.63
CA TRP A 571 18.52 -25.51 70.07
C TRP A 571 19.78 -25.50 70.93
N GLU A 572 20.86 -26.15 70.47
CA GLU A 572 22.15 -26.07 71.14
C GLU A 572 22.71 -24.64 71.17
N SER A 573 22.57 -23.91 70.06
CA SER A 573 23.02 -22.53 69.99
C SER A 573 22.21 -21.61 70.91
N ARG A 574 20.90 -21.84 71.01
CA ARG A 574 20.04 -21.03 71.88
C ARG A 574 20.42 -21.24 73.33
N TYR A 575 20.67 -22.50 73.66
CA TYR A 575 21.06 -22.91 75.02
C TYR A 575 22.43 -22.38 75.37
N ARG A 576 23.34 -22.44 74.39
CA ARG A 576 24.71 -21.91 74.50
C ARG A 576 24.72 -20.41 74.76
N THR A 577 23.83 -19.69 74.08
CA THR A 577 23.72 -18.24 74.24
C THR A 577 23.18 -17.89 75.65
N LEU A 578 22.16 -18.60 76.12
CA LEU A 578 21.61 -18.33 77.45
C LEU A 578 22.68 -18.55 78.52
N ARG A 579 23.42 -19.65 78.39
CA ARG A 579 24.51 -19.97 79.32
C ARG A 579 25.59 -18.90 79.29
N ASP A 580 25.95 -18.48 78.09
CA ASP A 580 27.00 -17.47 77.95
C ASP A 580 26.60 -16.13 78.58
N VAL A 581 25.31 -15.78 78.50
CA VAL A 581 24.82 -14.56 79.14
C VAL A 581 24.83 -14.75 80.67
N GLY A 582 24.35 -15.90 81.14
CA GLY A 582 24.40 -16.24 82.57
C GLY A 582 25.78 -16.40 83.19
N ASN A 583 26.83 -16.26 82.40
CA ASN A 583 28.20 -16.30 82.89
C ASN A 583 28.85 -14.92 83.02
N GLU A 584 28.16 -13.89 82.55
CA GLU A 584 28.61 -12.51 82.77
C GLU A 584 28.82 -12.27 84.27
N SER A 585 29.94 -11.65 84.62
CA SER A 585 30.30 -11.50 86.04
C SER A 585 29.24 -10.74 86.83
N ASP A 586 28.64 -9.72 86.19
CA ASP A 586 27.60 -8.90 86.82
C ASP A 586 26.29 -9.66 87.05
N ILE A 587 26.02 -10.67 86.25
CA ILE A 587 24.88 -11.58 86.52
C ILE A 587 25.17 -12.47 87.73
N LYS A 588 26.40 -12.96 87.86
CA LYS A 588 26.76 -13.90 88.95
C LYS A 588 26.89 -13.19 90.31
N THR A 589 27.42 -11.97 90.31
CA THR A 589 27.47 -11.13 91.52
C THR A 589 26.15 -10.42 91.81
N ARG A 590 25.16 -10.57 90.91
CA ARG A 590 23.85 -9.91 91.01
C ARG A 590 23.99 -8.39 91.20
N ASN A 591 24.94 -7.79 90.50
CA ASN A 591 25.17 -6.35 90.55
C ASN A 591 24.06 -5.63 89.78
N GLN A 592 23.05 -5.17 90.53
CA GLN A 592 21.83 -4.61 89.96
C GLN A 592 22.02 -3.32 89.13
N ASN A 593 23.12 -2.60 89.37
CA ASN A 593 23.41 -1.36 88.63
C ASN A 593 24.34 -1.55 87.44
N SER A 594 24.63 -2.81 87.10
CA SER A 594 25.45 -3.13 85.94
C SER A 594 24.69 -2.85 84.65
N ARG A 595 25.43 -2.58 83.58
CA ARG A 595 24.83 -2.32 82.28
C ARG A 595 23.99 -3.51 81.81
N ILE A 596 24.53 -4.71 81.98
CA ILE A 596 23.86 -5.93 81.53
C ILE A 596 22.52 -6.15 82.24
N LEU A 597 22.49 -6.01 83.56
CA LEU A 597 21.23 -6.18 84.30
C LEU A 597 20.24 -5.02 84.07
N GLN A 598 20.75 -3.85 83.72
CA GLN A 598 19.88 -2.72 83.32
C GLN A 598 19.19 -3.01 81.98
N LEU A 599 19.88 -3.69 81.08
CA LEU A 599 19.30 -4.13 79.81
C LEU A 599 18.22 -5.18 79.99
N LEU A 600 18.49 -6.19 80.83
CA LEU A 600 17.57 -7.32 81.03
C LEU A 600 16.40 -7.10 82.00
N GLN A 601 16.55 -6.26 83.03
CA GLN A 601 15.49 -6.13 84.06
C GLN A 601 15.34 -4.75 84.67
N PRO A 602 15.13 -3.72 83.85
CA PRO A 602 14.65 -2.46 84.45
C PRO A 602 13.28 -2.64 85.10
N GLY A 603 13.20 -2.28 86.39
CA GLY A 603 12.10 -2.69 87.28
C GLY A 603 10.71 -2.27 86.85
N THR A 604 9.70 -2.94 87.43
CA THR A 604 8.29 -2.70 87.09
C THR A 604 7.92 -1.21 87.10
N LEU A 607 5.35 -8.53 85.95
CA LEU A 607 5.70 -9.04 84.63
C LEU A 607 4.81 -10.21 84.20
N SER A 608 4.40 -10.22 82.92
CA SER A 608 3.53 -11.26 82.36
C SER A 608 4.29 -12.27 81.47
N THR A 609 5.61 -12.27 81.55
CA THR A 609 6.41 -13.28 80.84
C THR A 609 6.18 -14.62 81.52
N SER A 610 6.57 -15.70 80.85
CA SER A 610 6.39 -17.05 81.40
C SER A 610 7.40 -17.36 82.50
N PHE A 611 8.48 -16.59 82.57
CA PHE A 611 9.53 -16.78 83.58
C PHE A 611 9.44 -15.83 84.77
N ALA A 612 8.35 -15.08 84.85
CA ALA A 612 7.99 -14.43 86.12
C ALA A 612 7.66 -15.59 87.06
N GLN A 613 8.11 -15.48 88.30
CA GLN A 613 7.91 -16.57 89.27
C GLN A 613 8.49 -17.89 88.75
N TRP A 614 9.66 -17.84 88.11
CA TRP A 614 10.23 -19.02 87.44
C TRP A 614 10.67 -20.12 88.42
N THR A 615 11.10 -19.73 89.61
CA THR A 615 11.54 -20.71 90.63
C THR A 615 10.41 -21.65 91.11
N THR A 616 9.15 -21.30 90.85
CA THR A 616 8.02 -22.16 91.19
C THR A 616 7.65 -23.14 90.07
N LYS A 617 8.00 -22.80 88.83
CA LYS A 617 7.62 -23.64 87.68
C LYS A 617 8.62 -24.76 87.43
N ILE A 618 9.85 -24.56 87.86
CA ILE A 618 10.85 -25.63 87.87
C ILE A 618 10.43 -26.75 88.84
N ASP A 619 10.86 -27.97 88.55
CA ASP A 619 10.63 -29.13 89.43
C ASP A 619 11.09 -28.87 90.87
N SER A 620 10.36 -29.45 91.83
CA SER A 620 10.61 -29.24 93.24
C SER A 620 11.98 -29.78 93.64
N PHE A 621 12.27 -31.00 93.20
CA PHE A 621 13.57 -31.63 93.46
C PHE A 621 14.66 -30.67 92.98
N VAL A 622 14.76 -30.47 91.68
CA VAL A 622 15.88 -29.72 91.07
C VAL A 622 16.20 -28.42 91.79
N MET A 623 15.16 -27.65 92.12
CA MET A 623 15.34 -26.33 92.72
C MET A 623 16.10 -26.37 94.06
N GLU A 624 15.81 -27.36 94.88
CA GLU A 624 16.44 -27.49 96.21
C GLU A 624 17.95 -27.74 96.13
N GLU A 625 18.37 -28.55 95.14
CA GLU A 625 19.76 -28.98 95.02
C GLU A 625 20.60 -27.83 94.52
N MET A 626 20.06 -27.09 93.56
CA MET A 626 20.78 -25.97 92.99
C MET A 626 20.90 -24.87 94.06
N ASN A 627 19.88 -24.75 94.92
CA ASN A 627 19.95 -23.81 96.04
C ASN A 627 21.12 -24.12 97.00
N ALA A 628 21.42 -25.40 97.19
CA ALA A 628 22.68 -25.80 97.84
C ALA A 628 23.85 -25.67 96.86
N TYR A 648 18.39 -18.40 94.97
CA TYR A 648 17.90 -18.04 93.64
C TYR A 648 16.59 -17.26 93.71
N GLN A 649 16.57 -16.08 93.11
CA GLN A 649 15.39 -15.22 93.09
C GLN A 649 14.61 -15.35 91.79
N ASP A 650 13.46 -14.68 91.73
CA ASP A 650 12.59 -14.68 90.54
C ASP A 650 12.93 -13.57 89.52
N THR A 651 14.21 -13.21 89.42
CA THR A 651 14.65 -12.30 88.38
C THR A 651 15.10 -13.07 87.13
N LEU A 652 15.15 -12.36 86.00
CA LEU A 652 15.62 -12.94 84.74
C LEU A 652 17.12 -13.21 84.82
N GLY A 653 17.87 -12.26 85.41
CA GLY A 653 19.30 -12.44 85.66
C GLY A 653 19.62 -13.73 86.41
N ASP A 654 18.82 -14.02 87.44
CA ASP A 654 19.01 -15.26 88.21
C ASP A 654 18.60 -16.51 87.44
N LEU A 655 17.64 -16.38 86.52
CA LEU A 655 17.28 -17.48 85.64
C LEU A 655 18.45 -17.85 84.72
N LEU A 656 19.09 -16.84 84.16
CA LEU A 656 20.26 -17.04 83.31
C LEU A 656 21.40 -17.66 84.10
N LYS A 657 21.68 -17.07 85.27
CA LYS A 657 22.65 -17.63 86.22
C LYS A 657 22.35 -19.11 86.50
N PHE A 658 21.09 -19.42 86.74
CA PHE A 658 20.65 -20.78 86.94
C PHE A 658 20.96 -21.68 85.73
N ILE A 659 20.63 -21.21 84.54
CA ILE A 659 20.86 -21.99 83.32
C ILE A 659 22.36 -22.27 83.10
N ARG A 660 23.21 -21.27 83.35
CA ARG A 660 24.66 -21.46 83.26
C ARG A 660 25.18 -22.50 84.25
N ASN A 661 24.81 -22.38 85.52
CA ASN A 661 25.23 -23.34 86.55
C ASN A 661 24.78 -24.77 86.27
N LEU A 662 23.51 -24.94 85.95
CA LEU A 662 22.98 -26.25 85.60
C LEU A 662 23.73 -26.79 84.38
N GLY A 663 23.94 -25.93 83.39
CA GLY A 663 24.66 -26.30 82.18
C GLY A 663 26.02 -26.89 82.45
N GLU A 664 26.78 -26.26 83.35
CA GLU A 664 28.15 -26.69 83.64
C GLU A 664 28.25 -27.95 84.50
N HIS A 665 27.25 -28.18 85.35
CA HIS A 665 27.32 -29.24 86.36
C HIS A 665 26.30 -30.39 86.18
N ILE A 666 25.47 -30.31 85.14
CA ILE A 666 24.38 -31.30 84.94
C ILE A 666 24.86 -32.75 84.72
N ASN A 667 25.98 -32.93 84.03
CA ASN A 667 26.44 -34.27 83.65
C ASN A 667 27.31 -34.96 84.71
N GLU A 668 27.58 -34.25 85.81
CA GLU A 668 28.36 -34.82 86.92
C GLU A 668 27.60 -35.95 87.61
N GLN A 669 28.35 -36.91 88.15
CA GLN A 669 27.81 -38.16 88.70
C GLN A 669 26.82 -37.95 89.86
N LYS A 670 27.14 -37.00 90.74
CA LYS A 670 26.25 -36.65 91.86
C LYS A 670 24.83 -36.22 91.42
N ASN A 671 24.70 -35.71 90.20
CA ASN A 671 23.44 -35.14 89.70
C ASN A 671 22.62 -36.07 88.78
N LYS A 672 22.84 -37.39 88.89
CA LYS A 672 22.12 -38.36 88.04
C LYS A 672 20.59 -38.20 88.00
N LYS A 673 19.97 -37.88 89.14
CA LYS A 673 18.51 -37.73 89.21
C LYS A 673 18.07 -36.44 88.52
N MET A 674 18.77 -35.35 88.80
CA MET A 674 18.55 -34.06 88.14
C MET A 674 18.52 -34.25 86.63
N LYS A 675 19.59 -34.84 86.11
CA LYS A 675 19.74 -35.11 84.68
C LYS A 675 18.54 -35.86 84.08
N SER A 676 18.06 -36.87 84.81
CA SER A 676 16.97 -37.72 84.34
C SER A 676 15.63 -36.99 84.31
N ILE A 677 15.43 -36.07 85.25
CA ILE A 677 14.17 -35.30 85.32
C ILE A 677 14.10 -34.25 84.19
N ILE A 678 15.15 -33.43 84.11
CA ILE A 678 15.25 -32.38 83.11
C ILE A 678 15.24 -32.91 81.68
N GLY A 679 15.89 -34.05 81.45
CA GLY A 679 16.09 -34.58 80.10
C GLY A 679 17.14 -33.72 79.41
N GLU A 680 16.92 -33.45 78.12
CA GLU A 680 17.83 -32.58 77.37
C GLU A 680 17.57 -31.11 77.79
N PRO A 681 18.58 -30.44 78.38
CA PRO A 681 18.34 -29.14 79.03
C PRO A 681 17.91 -28.01 78.08
N SER A 682 18.37 -28.00 76.84
CA SER A 682 17.95 -26.95 75.91
C SER A 682 16.45 -27.03 75.66
N GLN A 683 15.98 -28.25 75.39
CA GLN A 683 14.56 -28.49 75.19
C GLN A 683 13.75 -28.23 76.45
N TYR A 684 14.37 -28.43 77.62
CA TYR A 684 13.69 -28.25 78.90
C TYR A 684 13.34 -26.79 79.13
N PHE A 685 14.35 -25.93 79.13
CA PHE A 685 14.12 -24.52 79.39
C PHE A 685 13.25 -23.84 78.34
N GLN A 686 13.35 -24.28 77.09
CA GLN A 686 12.55 -23.71 76.00
C GLN A 686 11.08 -24.07 76.11
N GLU A 687 10.79 -25.31 76.49
CA GLU A 687 9.40 -25.77 76.63
C GLU A 687 8.77 -25.18 77.90
N LYS A 688 9.58 -25.00 78.93
CA LYS A 688 9.16 -24.42 80.19
C LYS A 688 8.98 -22.91 80.07
N PHE A 689 9.88 -22.25 79.34
CA PHE A 689 9.85 -20.79 79.19
C PHE A 689 9.92 -20.36 77.71
N PRO A 690 8.81 -20.53 76.96
CA PRO A 690 8.77 -20.38 75.50
C PRO A 690 9.18 -19.01 74.96
N ASP A 691 9.10 -17.99 75.80
CA ASP A 691 9.39 -16.62 75.36
C ASP A 691 10.80 -16.18 75.77
N LEU A 692 11.54 -17.07 76.41
CA LEU A 692 12.83 -16.68 77.01
C LEU A 692 13.88 -16.31 75.96
N VAL A 693 14.06 -17.17 74.96
CA VAL A 693 15.04 -16.88 73.90
C VAL A 693 14.76 -15.56 73.19
N MET A 694 13.53 -15.38 72.72
CA MET A 694 13.13 -14.12 72.04
C MET A 694 13.29 -12.91 72.95
N TYR A 695 12.97 -13.06 74.23
CA TYR A 695 13.07 -11.96 75.18
C TYR A 695 14.51 -11.49 75.33
N VAL A 696 15.44 -12.44 75.48
CA VAL A 696 16.87 -12.11 75.60
C VAL A 696 17.40 -11.52 74.29
N TYR A 697 17.00 -12.11 73.16
CA TYR A 697 17.43 -11.63 71.85
C TYR A 697 17.04 -10.18 71.70
N THR A 698 15.78 -9.87 72.00
CA THR A 698 15.25 -8.53 71.87
C THR A 698 15.94 -7.50 72.77
N LYS A 699 16.28 -7.88 74.01
CA LYS A 699 16.95 -6.94 74.93
C LYS A 699 18.39 -6.67 74.56
N LEU A 700 19.07 -7.66 74.02
CA LEU A 700 20.50 -7.56 73.74
C LEU A 700 20.80 -7.28 72.28
N GLN A 701 19.75 -7.22 71.47
CA GLN A 701 19.84 -7.19 69.99
C GLN A 701 20.91 -6.28 69.37
N ASN A 702 20.98 -5.02 69.76
CA ASN A 702 21.99 -4.13 69.18
C ASN A 702 22.89 -3.49 70.23
N THR A 703 23.32 -4.32 71.17
CA THR A 703 24.25 -3.92 72.22
C THR A 703 25.55 -4.67 72.02
N GLU A 704 26.53 -4.45 72.89
CA GLU A 704 27.80 -5.18 72.79
C GLU A 704 27.63 -6.66 73.13
N TYR A 705 26.53 -6.99 73.81
CA TYR A 705 26.22 -8.36 74.21
C TYR A 705 25.66 -9.23 73.07
N MET A 706 25.61 -8.68 71.86
CA MET A 706 25.46 -9.45 70.61
C MET A 706 26.50 -10.58 70.50
N LYS A 707 27.67 -10.36 71.10
CA LYS A 707 28.77 -11.31 71.02
C LYS A 707 28.40 -12.70 71.55
N HIS A 708 27.37 -12.75 72.40
CA HIS A 708 26.88 -14.02 72.94
C HIS A 708 25.92 -14.76 71.99
N PHE A 709 25.47 -14.09 70.93
CA PHE A 709 24.65 -14.74 69.90
C PHE A 709 25.55 -15.67 69.08
N PRO A 710 24.96 -16.74 68.52
CA PRO A 710 25.76 -17.69 67.75
C PRO A 710 26.28 -17.12 66.44
N LYS A 711 27.31 -17.74 65.88
CA LYS A 711 27.77 -17.35 64.56
C LYS A 711 26.67 -17.66 63.54
N THR A 712 26.47 -16.72 62.62
CA THR A 712 25.33 -16.73 61.73
C THR A 712 25.80 -16.48 60.29
N HIS A 713 24.94 -16.77 59.31
CA HIS A 713 25.24 -16.55 57.89
C HIS A 713 25.45 -15.06 57.56
N ASN A 714 26.33 -14.78 56.60
CA ASN A 714 26.56 -13.40 56.10
C ASN A 714 27.27 -13.35 54.76
N SER B 7 8.21 -67.01 19.62
CA SER B 7 8.93 -67.08 18.30
C SER B 7 8.03 -67.54 17.15
N LEU B 8 6.71 -67.35 17.28
CA LEU B 8 5.75 -67.72 16.22
C LEU B 8 5.37 -66.47 15.43
N GLU B 9 4.96 -65.44 16.15
CA GLU B 9 4.58 -64.15 15.56
C GLU B 9 5.82 -63.32 15.21
N GLU B 10 6.94 -63.63 15.85
CA GLU B 10 8.22 -62.98 15.56
C GLU B 10 8.79 -63.46 14.22
N MET B 11 8.55 -64.72 13.89
CA MET B 11 8.91 -65.26 12.57
C MET B 11 8.03 -64.65 11.48
N LEU B 12 6.75 -64.47 11.79
CA LEU B 12 5.80 -63.84 10.87
C LEU B 12 6.22 -62.42 10.52
N THR B 13 6.62 -61.65 11.54
CA THR B 13 6.98 -60.26 11.36
C THR B 13 8.16 -60.11 10.39
N GLN B 14 9.21 -60.91 10.60
CA GLN B 14 10.39 -60.89 9.71
C GLN B 14 10.06 -61.38 8.31
N ALA B 15 9.14 -62.34 8.22
CA ALA B 15 8.71 -62.87 6.93
C ALA B 15 7.99 -61.81 6.10
N VAL B 16 7.16 -61.01 6.77
CA VAL B 16 6.47 -59.89 6.11
C VAL B 16 7.46 -58.81 5.66
N GLN B 17 8.46 -58.50 6.49
CA GLN B 17 9.49 -57.50 6.13
C GLN B 17 10.28 -57.91 4.90
N GLU B 18 10.73 -59.17 4.89
CA GLU B 18 11.53 -59.70 3.77
C GLU B 18 10.70 -59.97 2.51
N ALA B 19 9.38 -59.74 2.59
CA ALA B 19 8.45 -59.91 1.47
C ALA B 19 8.28 -61.37 1.05
N ASP B 20 8.49 -62.28 1.99
CA ASP B 20 8.43 -63.73 1.75
C ASP B 20 6.99 -64.19 1.89
N ILE B 21 6.29 -64.32 0.77
CA ILE B 21 4.84 -64.52 0.76
C ILE B 21 4.43 -65.94 1.15
N GLU B 22 5.16 -66.94 0.65
CA GLU B 22 4.84 -68.35 0.96
C GLU B 22 5.08 -68.70 2.43
N GLN B 23 6.16 -68.17 3.02
CA GLN B 23 6.41 -68.38 4.45
C GLN B 23 5.35 -67.68 5.31
N VAL B 24 4.81 -66.57 4.81
CA VAL B 24 3.72 -65.87 5.48
C VAL B 24 2.45 -66.71 5.46
N ARG B 25 2.17 -67.34 4.31
CA ARG B 25 1.01 -68.23 4.19
C ARG B 25 1.12 -69.41 5.16
N GLN B 26 2.29 -70.05 5.19
CA GLN B 26 2.52 -71.21 6.06
C GLN B 26 2.36 -70.86 7.54
N LEU B 27 2.97 -69.75 7.94
CA LEU B 27 2.92 -69.30 9.32
C LEU B 27 1.51 -68.89 9.74
N LEU B 28 0.75 -68.30 8.81
CA LEU B 28 -0.65 -67.95 9.09
C LEU B 28 -1.53 -69.18 9.26
N GLU B 29 -1.23 -70.24 8.52
CA GLU B 29 -1.98 -71.49 8.59
C GLU B 29 -1.46 -72.42 9.68
N ARG B 30 -0.21 -72.23 10.11
CA ARG B 30 0.31 -72.87 11.32
C ARG B 30 -0.33 -72.27 12.57
N GLY B 31 -1.01 -71.13 12.44
CA GLY B 31 -1.85 -70.55 13.49
C GLY B 31 -1.30 -69.31 14.18
N ALA B 32 -0.51 -68.51 13.46
CA ALA B 32 0.11 -67.30 14.03
C ALA B 32 -0.82 -66.11 13.92
N ASP B 33 -0.91 -65.31 14.99
CA ASP B 33 -1.84 -64.19 15.07
C ASP B 33 -1.48 -63.10 14.06
N ALA B 34 -2.43 -62.79 13.18
CA ALA B 34 -2.24 -61.75 12.16
C ALA B 34 -2.37 -60.35 12.77
N ASN B 35 -2.92 -60.27 13.98
CA ASN B 35 -3.09 -59.00 14.70
C ASN B 35 -2.04 -58.72 15.77
N PHE B 36 -0.90 -59.43 15.70
CA PHE B 36 0.19 -59.18 16.63
C PHE B 36 0.72 -57.75 16.44
N GLN B 37 0.78 -56.99 17.52
CA GLN B 37 1.37 -55.66 17.50
C GLN B 37 2.62 -55.66 18.39
N GLU B 38 3.78 -55.40 17.79
CA GLU B 38 5.02 -55.28 18.56
C GLU B 38 4.87 -54.20 19.61
N GLU B 39 5.48 -54.42 20.77
CA GLU B 39 5.16 -53.67 21.99
C GLU B 39 5.55 -52.19 21.91
N GLU B 40 6.71 -51.93 21.30
CA GLU B 40 7.33 -50.61 21.33
C GLU B 40 6.50 -49.53 20.63
N TRP B 41 6.12 -49.78 19.38
CA TRP B 41 5.42 -48.78 18.55
C TRP B 41 4.07 -49.26 18.01
N GLY B 42 3.68 -50.48 18.36
CA GLY B 42 2.35 -50.99 18.02
C GLY B 42 2.14 -51.34 16.56
N TRP B 43 3.22 -51.58 15.82
CA TRP B 43 3.12 -51.96 14.41
C TRP B 43 2.62 -53.39 14.28
N SER B 44 1.62 -53.59 13.43
CA SER B 44 1.15 -54.91 13.06
C SER B 44 1.64 -55.30 11.66
N PRO B 45 1.60 -56.61 11.33
CA PRO B 45 1.95 -57.08 9.98
C PRO B 45 1.19 -56.36 8.86
N LEU B 46 -0.08 -56.04 9.11
CA LEU B 46 -0.89 -55.32 8.13
C LEU B 46 -0.37 -53.89 7.93
N HIS B 47 -0.12 -53.18 9.04
CA HIS B 47 0.49 -51.85 8.97
C HIS B 47 1.77 -51.91 8.16
N SER B 48 2.61 -52.88 8.49
CA SER B 48 3.89 -53.08 7.80
C SER B 48 3.70 -53.38 6.32
N ALA B 49 2.66 -54.14 6.00
CA ALA B 49 2.38 -54.53 4.61
C ALA B 49 1.96 -53.31 3.79
N VAL B 50 1.10 -52.49 4.36
CA VAL B 50 0.67 -51.26 3.68
C VAL B 50 1.85 -50.30 3.51
N GLN B 51 2.66 -50.17 4.56
CA GLN B 51 3.85 -49.31 4.54
C GLN B 51 4.85 -49.69 3.46
N MET B 52 5.14 -50.97 3.32
CA MET B 52 6.10 -51.44 2.30
C MET B 52 5.50 -51.49 0.90
N ASP B 53 4.22 -51.13 0.77
CA ASP B 53 3.54 -51.07 -0.52
C ASP B 53 3.52 -52.44 -1.21
N SER B 54 2.96 -53.43 -0.52
CA SER B 54 2.86 -54.78 -1.03
C SER B 54 1.42 -55.26 -0.94
N GLU B 55 0.74 -55.25 -2.08
CA GLU B 55 -0.68 -55.64 -2.13
C GLU B 55 -0.91 -57.13 -1.85
N ASP B 56 0.02 -57.99 -2.29
CA ASP B 56 -0.11 -59.43 -2.09
C ASP B 56 -0.15 -59.80 -0.60
N LEU B 57 0.68 -59.15 0.20
CA LEU B 57 0.66 -59.35 1.66
C LEU B 57 -0.58 -58.74 2.30
N VAL B 58 -1.05 -57.61 1.77
CA VAL B 58 -2.26 -56.97 2.29
C VAL B 58 -3.50 -57.85 2.09
N ALA B 59 -3.62 -58.44 0.90
CA ALA B 59 -4.76 -59.33 0.59
C ALA B 59 -4.69 -60.61 1.40
N LEU B 60 -3.48 -61.18 1.47
CA LEU B 60 -3.25 -62.42 2.19
C LEU B 60 -3.53 -62.28 3.69
N LEU B 61 -3.09 -61.15 4.27
CA LEU B 61 -3.30 -60.90 5.70
C LEU B 61 -4.77 -60.66 6.03
N LEU B 62 -5.46 -59.90 5.18
CA LEU B 62 -6.91 -59.68 5.37
C LEU B 62 -7.72 -60.96 5.22
N LYS B 63 -7.27 -61.86 4.35
CA LYS B 63 -7.90 -63.16 4.18
C LYS B 63 -7.90 -63.95 5.49
N HIS B 64 -6.80 -63.88 6.24
CA HIS B 64 -6.68 -64.58 7.53
C HIS B 64 -7.10 -63.72 8.73
N GLY B 65 -8.03 -62.80 8.50
CA GLY B 65 -8.69 -62.06 9.58
C GLY B 65 -7.90 -60.94 10.24
N ALA B 66 -6.95 -60.37 9.51
CA ALA B 66 -6.24 -59.18 10.01
C ALA B 66 -7.24 -58.05 10.14
N ASP B 67 -7.13 -57.31 11.24
CA ASP B 67 -8.06 -56.25 11.58
C ASP B 67 -7.57 -54.90 11.00
N PRO B 68 -8.32 -54.34 10.02
CA PRO B 68 -7.96 -53.04 9.44
C PRO B 68 -8.33 -51.82 10.30
N CYS B 69 -8.93 -52.05 11.46
CA CYS B 69 -9.23 -50.98 12.43
C CYS B 69 -8.16 -50.88 13.51
N LEU B 70 -7.11 -51.70 13.39
CA LEU B 70 -6.10 -51.82 14.44
C LEU B 70 -5.22 -50.57 14.47
N ARG B 71 -5.08 -49.97 15.65
CA ARG B 71 -4.33 -48.71 15.80
C ARG B 71 -2.98 -48.95 16.45
N LYS B 72 -1.95 -48.30 15.93
CA LYS B 72 -0.61 -48.40 16.51
C LYS B 72 -0.41 -47.24 17.51
N ARG B 73 0.78 -47.11 18.09
CA ARG B 73 0.95 -46.20 19.25
C ARG B 73 0.46 -44.79 19.00
N ASN B 74 0.73 -44.22 17.82
CA ASN B 74 0.20 -42.89 17.49
C ASN B 74 -1.27 -42.90 16.99
N GLY B 75 -1.94 -44.04 17.07
CA GLY B 75 -3.37 -44.12 16.74
C GLY B 75 -3.68 -44.25 15.27
N ALA B 76 -2.67 -44.40 14.43
CA ALA B 76 -2.88 -44.54 12.99
C ALA B 76 -3.29 -45.98 12.64
N THR B 77 -4.23 -46.11 11.73
CA THR B 77 -4.69 -47.41 11.22
C THR B 77 -4.01 -47.70 9.88
N PRO B 78 -4.12 -48.95 9.39
CA PRO B 78 -3.56 -49.28 8.06
C PRO B 78 -4.09 -48.42 6.92
N PHE B 79 -5.34 -47.97 7.04
CA PHE B 79 -5.95 -47.08 6.07
C PHE B 79 -5.26 -45.70 6.03
N ILE B 80 -4.87 -45.18 7.20
CA ILE B 80 -4.15 -43.90 7.28
C ILE B 80 -2.80 -44.05 6.59
N ILE B 81 -2.12 -45.14 6.90
CA ILE B 81 -0.79 -45.40 6.32
C ILE B 81 -0.89 -45.54 4.80
N ALA B 82 -2.02 -46.04 4.30
CA ALA B 82 -2.21 -46.19 2.86
C ALA B 82 -2.23 -44.83 2.14
N GLY B 83 -2.72 -43.80 2.83
CA GLY B 83 -2.63 -42.42 2.32
C GLY B 83 -1.20 -41.96 2.12
N ILE B 84 -0.32 -42.38 3.03
CA ILE B 84 1.11 -42.04 2.94
C ILE B 84 1.73 -42.67 1.70
N THR B 85 1.54 -43.98 1.54
CA THR B 85 2.09 -44.72 0.40
C THR B 85 1.47 -44.29 -0.93
N GLY B 86 0.21 -43.86 -0.89
CA GLY B 86 -0.47 -43.27 -2.05
C GLY B 86 -0.95 -44.24 -3.11
N ASN B 87 -1.00 -45.53 -2.78
CA ASN B 87 -1.46 -46.56 -3.70
C ASN B 87 -2.96 -46.70 -3.63
N VAL B 88 -3.64 -46.30 -4.70
CA VAL B 88 -5.11 -46.25 -4.74
C VAL B 88 -5.73 -47.64 -4.60
N ARG B 89 -5.04 -48.66 -5.10
CA ARG B 89 -5.58 -50.02 -5.07
C ARG B 89 -5.68 -50.56 -3.63
N LEU B 90 -4.68 -50.22 -2.80
CA LEU B 90 -4.71 -50.58 -1.38
C LEU B 90 -5.82 -49.84 -0.65
N LEU B 91 -6.06 -48.60 -1.04
CA LEU B 91 -7.15 -47.82 -0.45
C LEU B 91 -8.51 -48.44 -0.77
N GLN B 92 -8.71 -48.81 -2.04
CA GLN B 92 -9.95 -49.48 -2.50
C GLN B 92 -10.23 -50.77 -1.72
N LEU B 93 -9.17 -51.56 -1.59
CA LEU B 93 -9.23 -52.84 -0.92
C LEU B 93 -9.63 -52.74 0.57
N LEU B 94 -9.12 -51.72 1.26
CA LEU B 94 -9.39 -51.52 2.69
C LEU B 94 -10.68 -50.75 3.00
N LEU B 95 -11.19 -49.98 2.05
CA LEU B 95 -12.31 -49.06 2.30
C LEU B 95 -13.61 -49.69 2.83
N PRO B 96 -14.02 -50.86 2.28
CA PRO B 96 -15.29 -51.47 2.75
C PRO B 96 -15.33 -51.76 4.25
N ASN B 97 -14.19 -52.19 4.79
CA ASN B 97 -14.06 -52.50 6.23
C ASN B 97 -13.96 -51.24 7.11
N VAL B 98 -13.67 -50.09 6.51
CA VAL B 98 -13.47 -48.85 7.25
C VAL B 98 -14.80 -48.16 7.55
N GLU B 99 -15.10 -47.96 8.83
CA GLU B 99 -16.33 -47.29 9.23
C GLU B 99 -16.34 -45.84 8.71
N ASP B 100 -15.37 -45.03 9.16
CA ASP B 100 -15.27 -43.63 8.75
C ASP B 100 -14.00 -43.39 7.93
N VAL B 101 -14.17 -42.80 6.75
CA VAL B 101 -13.04 -42.50 5.87
C VAL B 101 -12.17 -41.37 6.43
N ASN B 102 -12.75 -40.56 7.32
CA ASN B 102 -12.05 -39.50 8.02
C ASN B 102 -11.55 -39.86 9.41
N GLU B 103 -11.38 -41.16 9.67
CA GLU B 103 -10.75 -41.59 10.92
C GLU B 103 -9.36 -40.96 11.02
N CYS B 104 -8.97 -40.55 12.23
CA CYS B 104 -7.72 -39.84 12.43
C CYS B 104 -6.86 -40.48 13.50
N ASP B 105 -5.56 -40.17 13.47
CA ASP B 105 -4.63 -40.64 14.51
C ASP B 105 -4.63 -39.65 15.69
N VAL B 106 -3.78 -39.87 16.69
CA VAL B 106 -3.88 -39.07 17.93
C VAL B 106 -3.49 -37.60 17.74
N ASN B 107 -2.74 -37.31 16.69
CA ASN B 107 -2.38 -35.91 16.34
C ASN B 107 -3.27 -35.28 15.27
N GLY B 108 -4.29 -36.02 14.82
CA GLY B 108 -5.31 -35.48 13.92
C GLY B 108 -5.18 -35.87 12.47
N PHE B 109 -4.18 -36.69 12.14
CA PHE B 109 -3.93 -37.03 10.74
C PHE B 109 -4.92 -38.06 10.20
N THR B 110 -5.52 -37.74 9.05
CA THR B 110 -6.33 -38.67 8.27
C THR B 110 -5.55 -39.18 7.04
N ALA B 111 -6.13 -40.16 6.36
CA ALA B 111 -5.58 -40.65 5.09
C ALA B 111 -5.50 -39.54 4.04
N PHE B 112 -6.51 -38.68 4.01
CA PHE B 112 -6.53 -37.57 3.05
C PHE B 112 -5.37 -36.59 3.28
N MET B 113 -5.24 -36.15 4.54
CA MET B 113 -4.16 -35.26 4.93
C MET B 113 -2.80 -35.87 4.59
N GLU B 114 -2.62 -37.15 4.88
CA GLU B 114 -1.36 -37.81 4.59
C GLU B 114 -1.08 -37.82 3.11
N ALA B 115 -2.11 -38.06 2.30
CA ALA B 115 -1.95 -37.98 0.85
C ALA B 115 -1.49 -36.59 0.40
N ALA B 116 -1.99 -35.55 1.06
CA ALA B 116 -1.59 -34.18 0.78
C ALA B 116 -0.13 -33.89 1.20
N VAL B 117 0.24 -34.33 2.39
CA VAL B 117 1.59 -34.15 2.93
C VAL B 117 2.64 -34.81 2.06
N TYR B 118 2.35 -36.03 1.62
CA TYR B 118 3.28 -36.83 0.81
C TYR B 118 3.12 -36.66 -0.71
N GLY B 119 2.23 -35.76 -1.15
CA GLY B 119 2.12 -35.39 -2.57
C GLY B 119 1.53 -36.49 -3.46
N ARG B 120 0.60 -37.24 -2.90
CA ARG B 120 0.03 -38.43 -3.54
C ARG B 120 -1.30 -38.07 -4.21
N VAL B 121 -1.22 -37.69 -5.49
CA VAL B 121 -2.33 -37.06 -6.21
C VAL B 121 -3.50 -38.01 -6.52
N GLU B 122 -3.17 -39.20 -7.01
CA GLU B 122 -4.19 -40.20 -7.33
C GLU B 122 -4.98 -40.58 -6.09
N ALA B 123 -4.26 -40.83 -4.99
CA ALA B 123 -4.88 -41.17 -3.71
C ALA B 123 -5.75 -40.05 -3.19
N LEU B 124 -5.29 -38.82 -3.36
CA LEU B 124 -6.05 -37.65 -2.96
C LEU B 124 -7.40 -37.61 -3.68
N ARG B 125 -7.39 -37.86 -4.99
CA ARG B 125 -8.61 -37.84 -5.79
C ARG B 125 -9.58 -38.93 -5.37
N PHE B 126 -9.06 -40.14 -5.18
CA PHE B 126 -9.88 -41.27 -4.74
C PHE B 126 -10.54 -41.01 -3.38
N LEU B 127 -9.80 -40.42 -2.45
CA LEU B 127 -10.32 -40.16 -1.12
C LEU B 127 -11.35 -39.06 -1.14
N TYR B 128 -11.15 -38.07 -2.01
CA TYR B 128 -12.13 -36.98 -2.18
C TYR B 128 -13.47 -37.52 -2.68
N GLU B 129 -13.40 -38.36 -3.70
CA GLU B 129 -14.60 -38.95 -4.32
C GLU B 129 -15.35 -39.89 -3.41
N ASN B 130 -14.65 -40.41 -2.39
CA ASN B 130 -15.26 -41.29 -1.40
C ASN B 130 -15.54 -40.60 -0.06
N GLY B 131 -15.74 -39.28 -0.11
CA GLY B 131 -16.32 -38.55 1.03
C GLY B 131 -15.38 -37.94 2.06
N ALA B 132 -14.11 -37.72 1.72
CA ALA B 132 -13.16 -37.07 2.63
C ALA B 132 -13.51 -35.61 2.90
N ASP B 133 -13.39 -35.18 4.16
CA ASP B 133 -13.60 -33.79 4.51
C ASP B 133 -12.33 -33.03 4.14
N VAL B 134 -12.42 -32.24 3.07
CA VAL B 134 -11.29 -31.51 2.55
C VAL B 134 -10.82 -30.41 3.52
N ASN B 135 -11.76 -29.78 4.21
CA ASN B 135 -11.47 -28.66 5.12
C ASN B 135 -11.43 -29.02 6.60
N MET B 136 -11.22 -30.29 6.91
CA MET B 136 -11.06 -30.72 8.29
C MET B 136 -9.80 -30.08 8.88
N HIS B 137 -9.94 -29.54 10.08
CA HIS B 137 -8.79 -29.13 10.87
C HIS B 137 -8.33 -30.31 11.75
N ARG B 138 -7.01 -30.50 11.89
CA ARG B 138 -6.47 -31.54 12.76
C ARG B 138 -6.88 -31.31 14.22
N LYS B 139 -7.60 -32.28 14.77
CA LYS B 139 -7.88 -32.33 16.20
C LYS B 139 -6.73 -33.07 16.84
N THR B 140 -6.22 -32.56 17.95
CA THR B 140 -5.10 -33.19 18.63
C THR B 140 -5.32 -33.25 20.14
N LYS B 141 -4.28 -33.67 20.87
CA LYS B 141 -4.36 -33.85 22.31
C LYS B 141 -4.46 -32.51 23.02
N GLN B 142 -5.05 -32.55 24.21
CA GLN B 142 -5.23 -31.37 25.06
C GLN B 142 -3.93 -30.58 25.28
N ASP B 143 -2.84 -31.29 25.60
CA ASP B 143 -1.53 -30.66 25.79
C ASP B 143 -1.02 -29.93 24.54
N GLN B 144 -1.39 -30.42 23.36
CA GLN B 144 -0.98 -29.78 22.12
C GLN B 144 -1.87 -28.58 21.84
N GLU B 145 -3.18 -28.73 22.03
CA GLU B 145 -4.10 -27.62 21.80
C GLU B 145 -3.82 -26.41 22.68
N ARG B 146 -3.46 -26.66 23.93
CA ARG B 146 -3.24 -25.56 24.89
C ARG B 146 -1.98 -24.73 24.63
N ILE B 147 -1.08 -25.22 23.78
CA ILE B 147 0.04 -24.42 23.29
C ILE B 147 -0.15 -24.02 21.82
N ARG B 148 -1.41 -24.11 21.35
CA ARG B 148 -1.82 -23.63 20.04
C ARG B 148 -1.14 -24.37 18.87
N LYS B 149 -0.84 -25.65 19.09
CA LYS B 149 -0.49 -26.53 17.99
C LYS B 149 -1.75 -27.25 17.52
N GLY B 150 -1.64 -27.96 16.39
CA GLY B 150 -2.82 -28.56 15.75
C GLY B 150 -3.61 -27.57 14.90
N GLY B 151 -4.67 -28.08 14.27
CA GLY B 151 -5.60 -27.27 13.49
C GLY B 151 -5.25 -27.06 12.03
N ALA B 152 -4.13 -27.62 11.59
CA ALA B 152 -3.72 -27.48 10.19
C ALA B 152 -4.64 -28.25 9.27
N THR B 153 -4.66 -27.86 8.00
CA THR B 153 -5.48 -28.52 6.96
C THR B 153 -4.60 -29.20 5.91
N ALA B 154 -5.23 -29.91 4.97
CA ALA B 154 -4.52 -30.49 3.84
C ALA B 154 -3.85 -29.44 2.95
N LEU B 155 -4.51 -28.30 2.79
CA LEU B 155 -4.01 -27.20 1.97
C LEU B 155 -2.69 -26.66 2.54
N MET B 156 -2.68 -26.42 3.86
CA MET B 156 -1.50 -25.93 4.57
C MET B 156 -0.33 -26.90 4.38
N ASP B 157 -0.58 -28.20 4.56
CA ASP B 157 0.46 -29.21 4.40
C ASP B 157 1.04 -29.21 3.01
N ALA B 158 0.17 -29.23 2.00
CA ALA B 158 0.59 -29.24 0.60
C ALA B 158 1.37 -27.99 0.24
N ALA B 159 0.95 -26.86 0.81
CA ALA B 159 1.65 -25.59 0.62
C ALA B 159 3.04 -25.64 1.25
N GLU B 160 3.12 -26.19 2.44
CA GLU B 160 4.38 -26.30 3.17
C GLU B 160 5.40 -27.20 2.47
N LYS B 161 4.92 -28.33 1.94
CA LYS B 161 5.81 -29.31 1.33
C LYS B 161 6.08 -29.03 -0.14
N GLY B 162 5.51 -27.96 -0.70
CA GLY B 162 5.80 -27.54 -2.07
C GLY B 162 5.15 -28.39 -3.15
N HIS B 163 4.03 -29.04 -2.82
CA HIS B 163 3.28 -29.85 -3.78
C HIS B 163 2.29 -28.97 -4.55
N VAL B 164 2.75 -28.43 -5.67
CA VAL B 164 1.98 -27.46 -6.46
C VAL B 164 0.71 -28.12 -7.02
N GLY B 165 0.87 -29.31 -7.62
CA GLY B 165 -0.25 -30.09 -8.14
C GLY B 165 -1.37 -30.25 -7.15
N VAL B 166 -1.03 -30.75 -5.96
CA VAL B 166 -2.00 -30.94 -4.87
C VAL B 166 -2.69 -29.61 -4.52
N VAL B 167 -1.92 -28.53 -4.42
CA VAL B 167 -2.48 -27.23 -4.06
C VAL B 167 -3.49 -26.79 -5.13
N THR B 168 -3.09 -26.91 -6.39
CA THR B 168 -3.93 -26.56 -7.55
C THR B 168 -5.24 -27.31 -7.51
N ILE B 169 -5.13 -28.62 -7.32
CA ILE B 169 -6.29 -29.50 -7.28
C ILE B 169 -7.19 -29.23 -6.06
N LEU B 170 -6.59 -28.98 -4.90
CA LEU B 170 -7.37 -28.67 -3.71
C LEU B 170 -8.22 -27.41 -3.89
N LEU B 171 -7.61 -26.36 -4.44
CA LEU B 171 -8.28 -25.08 -4.61
C LEU B 171 -9.35 -25.11 -5.69
N HIS B 172 -9.08 -25.82 -6.78
CA HIS B 172 -9.92 -25.75 -7.99
C HIS B 172 -10.96 -26.86 -8.12
N ALA B 173 -10.57 -28.09 -7.80
CA ALA B 173 -11.44 -29.24 -7.95
C ALA B 173 -12.14 -29.64 -6.64
N MET B 174 -11.54 -29.35 -5.50
CA MET B 174 -12.00 -29.87 -4.21
C MET B 174 -12.56 -28.83 -3.25
N LYS B 175 -12.68 -27.58 -3.70
CA LYS B 175 -13.28 -26.49 -2.90
C LYS B 175 -12.59 -26.22 -1.55
N ALA B 176 -11.26 -26.21 -1.52
CA ALA B 176 -10.52 -25.96 -0.28
C ALA B 176 -10.65 -24.51 0.18
N GLU B 177 -10.84 -24.31 1.48
CA GLU B 177 -10.94 -22.98 2.07
C GLU B 177 -9.57 -22.31 2.07
N VAL B 178 -9.42 -21.28 1.25
CA VAL B 178 -8.10 -20.64 1.06
C VAL B 178 -7.58 -19.97 2.33
N ASP B 179 -8.49 -19.42 3.13
CA ASP B 179 -8.07 -18.65 4.30
C ASP B 179 -8.38 -19.31 5.64
N ALA B 180 -8.48 -20.63 5.64
CA ALA B 180 -8.64 -21.38 6.89
C ALA B 180 -7.40 -21.20 7.76
N ARG B 181 -7.59 -21.35 9.07
CA ARG B 181 -6.52 -21.10 10.02
C ARG B 181 -6.30 -22.25 10.98
N ASP B 182 -5.03 -22.50 11.31
CA ASP B 182 -4.68 -23.46 12.35
C ASP B 182 -4.86 -22.80 13.72
N ASN B 183 -4.56 -23.56 14.77
CA ASN B 183 -4.77 -23.07 16.14
C ASN B 183 -3.89 -21.88 16.53
N MET B 184 -2.80 -21.63 15.81
CA MET B 184 -1.93 -20.48 16.07
C MET B 184 -2.33 -19.24 15.25
N GLY B 185 -3.29 -19.39 14.34
CA GLY B 185 -3.78 -18.28 13.53
C GLY B 185 -3.09 -18.14 12.17
N ARG B 186 -2.25 -19.12 11.82
CA ARG B 186 -1.57 -19.13 10.51
C ARG B 186 -2.51 -19.64 9.44
N ASN B 187 -2.28 -19.23 8.19
CA ASN B 187 -2.99 -19.77 7.04
C ASN B 187 -2.02 -20.43 6.05
N ALA B 188 -2.53 -20.91 4.94
CA ALA B 188 -1.72 -21.60 3.94
C ALA B 188 -0.61 -20.72 3.36
N LEU B 189 -0.83 -19.41 3.36
CA LEU B 189 0.14 -18.46 2.84
C LEU B 189 1.41 -18.43 3.68
N VAL B 190 1.26 -18.46 5.00
CA VAL B 190 2.42 -18.52 5.90
C VAL B 190 3.22 -19.79 5.64
N TYR B 191 2.53 -20.93 5.58
CA TYR B 191 3.19 -22.22 5.33
C TYR B 191 3.93 -22.21 4.00
N ALA B 192 3.32 -21.64 2.97
CA ALA B 192 3.94 -21.52 1.64
C ALA B 192 5.28 -20.76 1.68
N LEU B 193 5.37 -19.74 2.51
CA LEU B 193 6.59 -18.93 2.59
C LEU B 193 7.69 -19.56 3.46
N LEU B 194 7.38 -20.66 4.15
CA LEU B 194 8.38 -21.45 4.88
C LEU B 194 9.05 -22.52 4.01
N ASN B 195 8.48 -22.78 2.83
CA ASN B 195 9.04 -23.73 1.88
C ASN B 195 10.31 -23.18 1.23
N PRO B 196 11.46 -23.84 1.44
CA PRO B 196 12.72 -23.25 0.96
C PRO B 196 12.93 -23.25 -0.57
N ASP B 197 12.17 -24.08 -1.30
CA ASP B 197 12.26 -24.09 -2.76
C ASP B 197 11.57 -22.85 -3.33
N ASP B 198 12.36 -22.00 -3.98
CA ASP B 198 11.87 -20.68 -4.43
C ASP B 198 10.78 -20.78 -5.48
N GLY B 199 10.98 -21.64 -6.48
CA GLY B 199 10.02 -21.81 -7.56
C GLY B 199 8.66 -22.29 -7.08
N LYS B 200 8.66 -23.35 -6.27
CA LYS B 200 7.41 -23.89 -5.74
C LYS B 200 6.72 -22.89 -4.79
N ALA B 201 7.52 -22.22 -3.96
CA ALA B 201 7.00 -21.18 -3.08
C ALA B 201 6.34 -20.04 -3.86
N LYS B 202 6.94 -19.66 -4.98
CA LYS B 202 6.41 -18.58 -5.83
C LYS B 202 5.10 -18.97 -6.52
N ALA B 203 5.03 -20.21 -7.00
CA ALA B 203 3.85 -20.71 -7.69
C ALA B 203 2.68 -20.84 -6.73
N ILE B 204 2.92 -21.51 -5.60
CA ILE B 204 1.88 -21.77 -4.61
C ILE B 204 1.37 -20.47 -4.01
N THR B 205 2.28 -19.55 -3.73
CA THR B 205 1.91 -18.22 -3.24
C THR B 205 0.99 -17.47 -4.21
N ARG B 206 1.28 -17.55 -5.50
CA ARG B 206 0.41 -16.91 -6.49
C ARG B 206 -1.00 -17.53 -6.48
N LEU B 207 -1.06 -18.86 -6.53
CA LEU B 207 -2.34 -19.58 -6.44
C LEU B 207 -3.15 -19.15 -5.22
N LEU B 208 -2.49 -19.13 -4.06
CA LEU B 208 -3.15 -18.75 -2.80
C LEU B 208 -3.64 -17.30 -2.83
N LEU B 209 -2.78 -16.38 -3.28
CA LEU B 209 -3.14 -14.96 -3.34
C LEU B 209 -4.29 -14.74 -4.32
N ASP B 210 -4.25 -15.44 -5.45
CA ASP B 210 -5.32 -15.35 -6.44
C ASP B 210 -6.68 -15.78 -5.88
N HIS B 211 -6.70 -16.83 -5.06
CA HIS B 211 -7.95 -17.30 -4.47
C HIS B 211 -8.38 -16.52 -3.23
N GLY B 212 -7.61 -15.51 -2.83
CA GLY B 212 -8.01 -14.60 -1.76
C GLY B 212 -7.47 -14.94 -0.38
N ALA B 213 -6.26 -15.49 -0.30
CA ALA B 213 -5.61 -15.70 0.99
C ALA B 213 -5.36 -14.36 1.68
N ASP B 214 -5.63 -14.28 2.98
CA ASP B 214 -5.40 -13.05 3.74
C ASP B 214 -3.90 -12.81 3.89
N VAL B 215 -3.49 -11.61 3.56
CA VAL B 215 -2.09 -11.25 3.46
C VAL B 215 -1.60 -10.69 4.79
N ASN B 216 -2.53 -10.21 5.63
CA ASN B 216 -2.22 -9.72 6.97
C ASN B 216 -2.47 -10.77 8.03
N VAL B 217 -1.55 -11.71 8.09
CA VAL B 217 -1.58 -12.76 9.09
C VAL B 217 -0.21 -12.80 9.74
N ARG B 218 -0.06 -13.64 10.75
CA ARG B 218 1.18 -13.75 11.48
C ARG B 218 1.62 -15.20 11.57
N GLY B 219 2.93 -15.41 11.50
CA GLY B 219 3.53 -16.70 11.82
C GLY B 219 4.40 -16.62 13.07
N GLU B 220 5.44 -17.47 13.11
CA GLU B 220 6.43 -17.46 14.18
C GLU B 220 7.04 -16.08 14.37
N GLY B 221 7.34 -15.74 15.62
CA GLY B 221 7.93 -14.43 15.95
C GLY B 221 7.06 -13.26 15.53
N SER B 222 5.76 -13.54 15.35
CA SER B 222 4.79 -12.58 14.86
C SER B 222 5.22 -11.94 13.52
N LYS B 223 5.89 -12.72 12.67
CA LYS B 223 6.29 -12.27 11.34
C LYS B 223 5.12 -12.32 10.38
N THR B 224 5.06 -11.34 9.49
CA THR B 224 4.06 -11.31 8.43
C THR B 224 4.59 -12.03 7.20
N PRO B 225 3.72 -12.37 6.23
CA PRO B 225 4.18 -12.91 4.97
C PRO B 225 5.18 -12.00 4.25
N LEU B 226 4.97 -10.69 4.36
CA LEU B 226 5.91 -9.71 3.78
C LEU B 226 7.30 -9.80 4.42
N ILE B 227 7.35 -9.88 5.75
CA ILE B 227 8.60 -10.01 6.46
C ILE B 227 9.30 -11.32 6.12
N LEU B 228 8.53 -12.41 6.03
CA LEU B 228 9.10 -13.70 5.64
C LEU B 228 9.74 -13.62 4.28
N ALA B 229 9.09 -12.91 3.37
CA ALA B 229 9.59 -12.73 2.01
C ALA B 229 10.88 -11.92 1.98
N VAL B 230 10.97 -10.89 2.82
CA VAL B 230 12.20 -10.11 2.91
C VAL B 230 13.34 -10.91 3.52
N GLU B 231 13.07 -11.64 4.61
CA GLU B 231 14.11 -12.45 5.29
C GLU B 231 14.68 -13.56 4.41
N ARG B 232 13.88 -13.98 3.45
CA ARG B 232 14.26 -15.02 2.50
C ARG B 232 14.92 -14.39 1.27
N LYS B 233 14.96 -13.04 1.25
CA LYS B 233 15.67 -12.26 0.22
C LYS B 233 15.13 -12.47 -1.20
N ASN B 234 13.82 -12.59 -1.32
CA ASN B 234 13.18 -12.89 -2.60
C ASN B 234 12.38 -11.71 -3.15
N LEU B 235 12.95 -11.01 -4.12
CA LEU B 235 12.31 -9.85 -4.73
C LEU B 235 10.94 -10.18 -5.32
N ASP B 236 10.83 -11.32 -6.01
CA ASP B 236 9.58 -11.74 -6.64
C ASP B 236 8.44 -11.96 -5.65
N LEU B 237 8.72 -12.60 -4.53
CA LEU B 237 7.70 -12.82 -3.51
C LEU B 237 7.25 -11.50 -2.91
N VAL B 238 8.20 -10.58 -2.72
CA VAL B 238 7.88 -9.22 -2.23
C VAL B 238 6.95 -8.49 -3.20
N GLN B 239 7.30 -8.51 -4.49
CA GLN B 239 6.46 -7.88 -5.53
C GLN B 239 5.04 -8.45 -5.48
N MET B 240 4.96 -9.78 -5.59
CA MET B 240 3.72 -10.54 -5.51
C MET B 240 2.85 -10.07 -4.35
N LEU B 241 3.46 -9.90 -3.17
CA LEU B 241 2.72 -9.54 -1.96
C LEU B 241 2.32 -8.08 -1.92
N LEU B 242 3.19 -7.21 -2.43
CA LEU B 242 2.91 -5.77 -2.44
C LEU B 242 1.88 -5.35 -3.49
N GLU B 243 1.54 -6.26 -4.41
CA GLU B 243 0.44 -6.03 -5.35
C GLU B 243 -0.90 -5.95 -4.63
N GLN B 244 -1.04 -6.70 -3.55
CA GLN B 244 -2.25 -6.63 -2.73
C GLN B 244 -2.28 -5.29 -2.04
N GLU B 245 -3.32 -4.49 -2.29
CA GLU B 245 -3.36 -3.10 -1.79
C GLU B 245 -3.78 -3.00 -0.31
N GLN B 246 -4.36 -4.08 0.20
CA GLN B 246 -4.76 -4.15 1.62
C GLN B 246 -3.58 -4.44 2.56
N ILE B 247 -2.41 -4.79 2.01
CA ILE B 247 -1.26 -5.17 2.83
C ILE B 247 -0.77 -4.02 3.71
N GLU B 248 -0.35 -4.36 4.93
CA GLU B 248 0.17 -3.37 5.88
C GLU B 248 1.70 -3.39 5.89
N VAL B 249 2.30 -2.45 5.18
CA VAL B 249 3.76 -2.44 4.98
C VAL B 249 4.56 -2.06 6.22
N ASN B 250 3.93 -1.37 7.15
CA ASN B 250 4.64 -0.87 8.34
C ASN B 250 4.39 -1.69 9.59
N ASP B 251 3.85 -2.90 9.42
CA ASP B 251 3.69 -3.81 10.55
C ASP B 251 5.05 -4.31 11.07
N THR B 252 5.11 -4.60 12.37
CA THR B 252 6.34 -4.99 13.04
C THR B 252 6.25 -6.42 13.57
N ASP B 253 7.39 -7.12 13.57
CA ASP B 253 7.45 -8.45 14.17
C ASP B 253 7.58 -8.30 15.69
N ARG B 254 7.76 -9.43 16.40
CA ARG B 254 7.80 -9.38 17.87
C ARG B 254 8.93 -8.51 18.41
N GLU B 255 10.04 -8.42 17.68
CA GLU B 255 11.19 -7.60 18.08
C GLU B 255 11.07 -6.13 17.64
N GLY B 256 9.95 -5.74 17.03
CA GLY B 256 9.72 -4.36 16.64
C GLY B 256 10.31 -4.00 15.29
N LYS B 257 10.76 -5.00 14.54
CA LYS B 257 11.35 -4.77 13.23
C LYS B 257 10.31 -4.78 12.12
N THR B 258 10.47 -3.84 11.19
CA THR B 258 9.58 -3.68 10.06
C THR B 258 10.25 -4.32 8.86
N ALA B 259 9.50 -4.54 7.80
CA ALA B 259 10.04 -5.20 6.61
C ALA B 259 11.17 -4.39 5.98
N LEU B 260 10.96 -3.07 5.91
CA LEU B 260 11.98 -2.14 5.41
C LEU B 260 13.28 -2.23 6.20
N LEU B 261 13.18 -2.24 7.53
CA LEU B 261 14.36 -2.27 8.40
C LEU B 261 15.19 -3.50 8.12
N LEU B 262 14.51 -4.64 8.01
CA LEU B 262 15.16 -5.91 7.72
C LEU B 262 15.81 -5.88 6.36
N ALA B 263 15.13 -5.25 5.40
CA ALA B 263 15.66 -5.17 4.04
C ALA B 263 16.97 -4.41 3.99
N VAL B 264 17.05 -3.30 4.72
CA VAL B 264 18.26 -2.49 4.76
C VAL B 264 19.37 -3.28 5.46
N GLU B 265 19.03 -3.87 6.61
CA GLU B 265 19.98 -4.71 7.38
C GLU B 265 20.61 -5.83 6.57
N LEU B 266 19.82 -6.46 5.71
CA LEU B 266 20.26 -7.59 4.89
C LEU B 266 20.84 -7.20 3.53
N ARG B 267 21.09 -5.90 3.30
CA ARG B 267 21.66 -5.38 2.04
C ARG B 267 20.77 -5.62 0.83
N LEU B 268 19.47 -5.50 1.02
CA LEU B 268 18.52 -5.74 -0.08
C LEU B 268 18.06 -4.42 -0.70
N GLU B 269 18.91 -3.86 -1.55
CA GLU B 269 18.70 -2.52 -2.12
C GLU B 269 17.36 -2.38 -2.84
N GLU B 270 17.13 -3.25 -3.84
CA GLU B 270 15.93 -3.17 -4.65
C GLU B 270 14.67 -3.41 -3.84
N ILE B 271 14.68 -4.44 -3.01
CA ILE B 271 13.55 -4.74 -2.13
C ILE B 271 13.25 -3.53 -1.24
N ALA B 272 14.28 -2.88 -0.74
CA ALA B 272 14.13 -1.72 0.13
C ALA B 272 13.53 -0.52 -0.60
N LYS B 273 14.02 -0.22 -1.80
CA LYS B 273 13.47 0.86 -2.61
C LYS B 273 11.99 0.61 -2.91
N LEU B 274 11.70 -0.63 -3.31
CA LEU B 274 10.35 -1.04 -3.64
C LEU B 274 9.38 -0.87 -2.46
N LEU B 275 9.87 -1.14 -1.26
CA LEU B 275 9.07 -0.95 -0.03
C LEU B 275 8.82 0.53 0.28
N CYS B 276 9.85 1.36 0.08
CA CYS B 276 9.71 2.82 0.22
C CYS B 276 8.67 3.38 -0.75
N HIS B 277 8.76 2.97 -2.01
CA HIS B 277 7.80 3.42 -3.02
C HIS B 277 6.37 3.01 -2.69
N ARG B 278 6.19 1.85 -2.05
CA ARG B 278 4.86 1.37 -1.66
C ARG B 278 4.44 1.83 -0.27
N GLY B 279 5.13 2.85 0.27
CA GLY B 279 4.67 3.55 1.46
C GLY B 279 5.27 3.19 2.80
N ALA B 280 6.39 2.47 2.82
CA ALA B 280 7.08 2.15 4.08
C ALA B 280 7.75 3.39 4.67
N SER B 281 7.72 3.53 5.99
CA SER B 281 8.23 4.72 6.67
C SER B 281 9.71 4.61 7.09
N THR B 282 10.45 5.72 6.96
CA THR B 282 11.89 5.82 7.29
C THR B 282 12.17 5.89 8.81
N ASN B 283 11.13 6.06 9.61
CA ASN B 283 11.27 6.24 11.07
C ASN B 283 11.30 4.92 11.85
N CYS B 284 11.36 3.79 11.15
CA CYS B 284 11.42 2.48 11.79
C CYS B 284 12.80 2.21 12.44
N GLY B 285 13.82 2.91 11.94
CA GLY B 285 15.17 2.84 12.52
C GLY B 285 16.09 3.86 11.87
N ASP B 286 17.37 3.82 12.22
CA ASP B 286 18.38 4.65 11.58
C ASP B 286 18.90 3.94 10.32
N LEU B 287 18.11 4.03 9.26
CA LEU B 287 18.38 3.26 8.04
C LEU B 287 19.64 3.73 7.31
N VAL B 288 19.90 5.03 7.33
CA VAL B 288 21.08 5.60 6.67
C VAL B 288 22.35 5.01 7.26
N ALA B 289 22.45 5.06 8.58
CA ALA B 289 23.62 4.54 9.28
C ALA B 289 23.83 3.05 8.97
N ILE B 290 22.73 2.31 8.87
CA ILE B 290 22.78 0.88 8.58
C ILE B 290 23.27 0.62 7.17
N ALA B 291 22.69 1.35 6.21
CA ALA B 291 23.11 1.20 4.80
C ALA B 291 24.57 1.58 4.60
N ARG B 292 25.00 2.62 5.31
CA ARG B 292 26.39 3.07 5.30
C ARG B 292 27.32 1.99 5.82
N ARG B 293 26.99 1.49 7.01
CA ARG B 293 27.68 0.38 7.66
C ARG B 293 27.87 -0.83 6.74
N ASN B 294 26.86 -1.12 5.93
CA ASN B 294 26.91 -2.20 4.96
C ASN B 294 27.66 -1.87 3.68
N TYR B 295 28.12 -0.62 3.56
CA TYR B 295 28.76 -0.11 2.36
C TYR B 295 27.85 -0.23 1.14
N ASP B 296 26.55 0.03 1.36
CA ASP B 296 25.56 0.12 0.28
C ASP B 296 25.44 1.57 -0.11
N SER B 297 26.35 2.02 -0.95
CA SER B 297 26.47 3.44 -1.28
C SER B 297 25.19 3.97 -1.95
N ASP B 298 24.72 3.24 -2.96
CA ASP B 298 23.55 3.68 -3.71
C ASP B 298 22.30 3.75 -2.85
N LEU B 299 22.17 2.82 -1.89
CA LEU B 299 21.01 2.82 -1.01
C LEU B 299 21.08 4.00 -0.04
N VAL B 300 22.29 4.36 0.38
CA VAL B 300 22.48 5.54 1.23
C VAL B 300 21.99 6.81 0.52
N LYS B 301 22.37 6.98 -0.74
CA LYS B 301 21.94 8.15 -1.52
C LYS B 301 20.43 8.19 -1.65
N PHE B 302 19.84 7.05 -1.97
CA PHE B 302 18.39 6.95 -2.10
C PHE B 302 17.67 7.30 -0.81
N LEU B 303 18.20 6.83 0.32
CA LEU B 303 17.60 7.11 1.62
C LEU B 303 17.73 8.58 2.02
N ARG B 304 18.85 9.20 1.66
CA ARG B 304 19.05 10.62 1.94
C ARG B 304 18.12 11.51 1.11
N LEU B 305 17.87 11.11 -0.13
CA LEU B 305 16.92 11.83 -0.98
C LEU B 305 15.51 11.77 -0.40
N HIS B 306 15.07 10.56 -0.08
CA HIS B 306 13.69 10.31 0.37
C HIS B 306 13.49 10.50 1.88
N LYS B 307 14.41 11.19 2.56
CA LYS B 307 14.28 11.62 3.96
C LYS B 307 15.56 11.39 4.74
N ASN B 318 20.47 2.97 29.32
CA ASN B 318 19.91 2.63 30.64
C ASN B 318 20.56 1.41 31.31
N TRP B 319 21.28 0.60 30.54
CA TRP B 319 21.71 -0.73 30.98
C TRP B 319 22.87 -0.67 31.98
N LYS B 320 22.79 -1.49 33.02
CA LYS B 320 23.81 -1.52 34.07
C LYS B 320 24.52 -2.88 34.18
N PRO B 321 25.86 -2.88 34.09
CA PRO B 321 26.60 -4.12 34.31
C PRO B 321 26.70 -4.41 35.80
N GLN B 322 26.79 -5.68 36.17
CA GLN B 322 27.04 -6.06 37.56
C GLN B 322 28.53 -5.96 37.92
N SER B 323 29.42 -6.19 36.95
CA SER B 323 30.86 -6.19 37.23
C SER B 323 31.45 -4.80 37.41
N SER B 324 32.18 -4.62 38.50
CA SER B 324 32.92 -3.39 38.73
C SER B 324 34.15 -3.31 37.84
N ARG B 325 34.99 -4.34 37.86
CA ARG B 325 36.23 -4.35 37.06
C ARG B 325 36.00 -4.21 35.57
N TRP B 326 34.94 -4.86 35.06
CA TRP B 326 34.68 -4.94 33.63
C TRP B 326 33.53 -4.06 33.17
N GLY B 327 32.92 -3.31 34.10
CA GLY B 327 31.70 -2.55 33.82
C GLY B 327 31.79 -1.54 32.69
N GLU B 328 32.85 -0.72 32.72
CA GLU B 328 33.07 0.31 31.70
C GLU B 328 33.08 -0.28 30.27
N ALA B 329 33.84 -1.35 30.07
CA ALA B 329 33.95 -1.99 28.76
C ALA B 329 32.65 -2.69 28.38
N LEU B 330 32.00 -3.31 29.35
CA LEU B 330 30.70 -3.95 29.13
C LEU B 330 29.66 -2.95 28.63
N LYS B 331 29.68 -1.75 29.20
CA LYS B 331 28.77 -0.66 28.77
C LYS B 331 29.02 -0.28 27.33
N HIS B 332 30.30 -0.19 26.96
CA HIS B 332 30.67 0.13 25.60
C HIS B 332 30.23 -0.99 24.65
N LEU B 333 30.42 -2.25 25.05
CA LEU B 333 30.01 -3.38 24.18
C LEU B 333 28.51 -3.43 23.98
N HIS B 334 27.76 -3.06 25.00
CA HIS B 334 26.30 -2.98 24.91
C HIS B 334 25.83 -1.89 23.95
N ARG B 335 26.62 -0.83 23.87
CA ARG B 335 26.28 0.39 23.14
C ARG B 335 26.48 0.23 21.63
N ILE B 336 27.58 -0.41 21.23
CA ILE B 336 27.94 -0.54 19.82
C ILE B 336 27.08 -1.57 19.10
N TRP B 337 27.13 -1.54 17.78
CA TRP B 337 26.45 -2.55 17.01
C TRP B 337 27.37 -3.71 16.68
N ARG B 338 26.86 -4.93 16.83
CA ARG B 338 27.59 -6.13 16.42
C ARG B 338 26.63 -7.13 15.78
N PRO B 339 27.08 -7.90 14.78
CA PRO B 339 26.27 -9.02 14.39
C PRO B 339 26.28 -10.07 15.51
N MET B 340 25.23 -10.87 15.58
CA MET B 340 25.10 -11.89 16.62
C MET B 340 25.66 -13.22 16.13
N ILE B 341 26.20 -14.01 17.06
CA ILE B 341 26.54 -15.40 16.79
C ILE B 341 25.60 -16.21 17.67
N GLY B 342 24.46 -16.60 17.10
CA GLY B 342 23.39 -17.19 17.89
C GLY B 342 22.97 -16.21 18.99
N LYS B 343 23.16 -16.61 20.25
CA LYS B 343 22.79 -15.77 21.40
C LYS B 343 23.91 -14.86 21.90
N LEU B 344 25.08 -14.92 21.26
CA LEU B 344 26.25 -14.19 21.73
C LEU B 344 26.55 -12.92 20.94
N LYS B 345 26.70 -11.82 21.67
CA LYS B 345 27.24 -10.57 21.13
C LYS B 345 28.65 -10.42 21.63
N ILE B 346 29.59 -10.21 20.70
CA ILE B 346 31.01 -10.16 21.00
C ILE B 346 31.78 -9.38 19.93
N PHE B 347 32.84 -8.71 20.35
CA PHE B 347 33.73 -7.98 19.46
C PHE B 347 35.18 -8.24 19.87
N ILE B 348 35.95 -8.78 18.94
CA ILE B 348 37.35 -9.07 19.19
C ILE B 348 38.20 -7.81 19.03
N ASP B 349 38.43 -7.14 20.15
CA ASP B 349 39.23 -5.93 20.22
C ASP B 349 39.89 -5.91 21.59
N GLU B 350 41.05 -5.26 21.69
CA GLU B 350 41.81 -5.23 22.93
C GLU B 350 41.06 -4.62 24.10
N GLU B 351 40.10 -3.74 23.83
CA GLU B 351 39.28 -3.16 24.89
C GLU B 351 38.43 -4.21 25.61
N TYR B 352 38.07 -5.27 24.91
CA TYR B 352 37.17 -6.28 25.46
C TYR B 352 37.90 -7.56 25.85
N LYS B 353 39.23 -7.54 25.78
CA LYS B 353 40.02 -8.71 26.11
C LYS B 353 40.25 -8.85 27.62
N ILE B 354 39.94 -10.02 28.15
CA ILE B 354 40.19 -10.34 29.55
C ILE B 354 41.58 -10.94 29.77
N ALA B 355 41.99 -11.84 28.89
CA ALA B 355 43.26 -12.56 29.05
C ALA B 355 43.62 -13.40 27.83
N ASP B 356 44.90 -13.75 27.73
CA ASP B 356 45.39 -14.70 26.73
C ASP B 356 45.06 -16.12 27.13
N THR B 357 44.92 -16.95 26.18
CA THR B 357 44.76 -18.33 26.29
C THR B 357 45.67 -18.97 25.28
N ALA B 358 45.78 -20.26 25.34
CA ALA B 358 46.46 -21.06 24.35
C ALA B 358 45.89 -20.99 23.03
N GLU B 359 44.62 -20.73 22.93
CA GLU B 359 43.93 -20.72 21.72
C GLU B 359 43.26 -19.44 21.42
N GLY B 360 43.89 -18.37 21.65
CA GLY B 360 43.24 -17.06 21.54
C GLY B 360 41.95 -16.52 22.19
N GLY B 361 41.82 -16.82 23.42
CA GLY B 361 41.74 -15.79 24.45
C GLY B 361 40.40 -15.77 25.14
N ILE B 362 40.31 -14.99 26.20
CA ILE B 362 39.08 -14.77 26.93
C ILE B 362 38.63 -13.35 26.65
N TYR B 363 37.43 -13.19 26.11
CA TYR B 363 36.89 -11.88 25.77
C TYR B 363 35.57 -11.66 26.48
N LEU B 364 35.23 -10.41 26.76
CA LEU B 364 33.91 -10.06 27.30
C LEU B 364 32.86 -10.31 26.23
N GLY B 365 31.67 -10.70 26.68
CA GLY B 365 30.56 -10.95 25.77
C GLY B 365 29.22 -10.74 26.47
N LEU B 366 28.16 -10.70 25.67
CA LEU B 366 26.80 -10.65 26.18
C LEU B 366 26.06 -11.85 25.60
N TYR B 367 25.54 -12.70 26.47
CA TYR B 367 24.85 -13.92 26.06
C TYR B 367 23.45 -13.85 26.65
N GLU B 368 22.42 -13.88 25.80
CA GLU B 368 21.04 -13.65 26.23
C GLU B 368 20.99 -12.37 27.08
N ASP B 369 21.73 -11.35 26.62
CA ASP B 369 21.87 -10.04 27.32
C ASP B 369 22.49 -10.08 28.72
N GLN B 370 23.16 -11.19 29.05
CA GLN B 370 23.89 -11.33 30.31
C GLN B 370 25.37 -11.15 30.04
N GLU B 371 26.06 -10.43 30.91
CA GLU B 371 27.51 -10.27 30.79
C GLU B 371 28.18 -11.64 31.01
N VAL B 372 29.14 -11.98 30.17
CA VAL B 372 29.86 -13.27 30.25
C VAL B 372 31.34 -13.12 29.88
N ALA B 373 32.13 -14.10 30.28
CA ALA B 373 33.49 -14.25 29.75
C ALA B 373 33.41 -15.34 28.69
N VAL B 374 34.07 -15.10 27.57
CA VAL B 374 33.94 -15.96 26.42
C VAL B 374 35.30 -16.52 26.10
N LYS B 375 35.43 -17.84 26.26
CA LYS B 375 36.64 -18.55 25.96
C LYS B 375 36.55 -19.16 24.56
N ARG B 376 37.52 -18.82 23.71
CA ARG B 376 37.45 -19.13 22.30
C ARG B 376 38.39 -20.27 21.92
N PHE B 377 37.85 -21.25 21.20
CA PHE B 377 38.60 -22.37 20.72
C PHE B 377 38.39 -22.50 19.22
N SER B 378 39.31 -23.19 18.56
CA SER B 378 39.08 -23.73 17.23
C SER B 378 37.91 -24.72 17.32
N GLU B 379 37.01 -24.71 16.34
CA GLU B 379 35.83 -25.58 16.42
C GLU B 379 36.21 -27.04 16.41
N GLY B 380 37.38 -27.36 15.85
CA GLY B 380 37.89 -28.72 15.84
C GLY B 380 38.81 -29.06 17.01
N SER B 381 39.03 -28.10 17.91
CA SER B 381 39.91 -28.31 19.06
C SER B 381 39.42 -29.42 19.99
N THR B 382 40.31 -30.36 20.26
CA THR B 382 40.05 -31.44 21.21
C THR B 382 39.88 -30.88 22.63
N ARG B 383 40.64 -29.91 22.97
CA ARG B 383 40.47 -29.36 24.27
C ARG B 383 39.14 -28.58 24.42
N GLY B 384 38.76 -27.90 23.37
CA GLY B 384 37.46 -27.22 23.39
C GLY B 384 36.32 -28.21 23.60
N GLN B 385 36.47 -29.40 23.06
CA GLN B 385 35.49 -30.46 23.28
C GLN B 385 35.54 -30.96 24.72
N GLN B 386 36.74 -31.01 25.31
CA GLN B 386 36.88 -31.42 26.71
C GLN B 386 36.23 -30.38 27.63
N GLU B 387 36.48 -29.11 27.35
CA GLU B 387 35.94 -28.02 28.15
C GLU B 387 34.41 -28.05 28.12
N VAL B 388 33.85 -28.11 26.92
CA VAL B 388 32.38 -28.04 26.78
C VAL B 388 31.71 -29.31 27.33
N SER B 389 32.31 -30.47 27.07
CA SER B 389 31.80 -31.73 27.61
C SER B 389 31.67 -31.67 29.14
N CYS B 390 32.71 -31.20 29.81
CA CYS B 390 32.71 -31.16 31.28
C CYS B 390 31.72 -30.12 31.84
N LEU B 391 31.70 -28.94 31.25
CA LEU B 391 30.74 -27.91 31.63
C LEU B 391 29.29 -28.34 31.45
N GLN B 392 28.99 -29.06 30.38
CA GLN B 392 27.64 -29.57 30.14
C GLN B 392 27.14 -30.53 31.22
N SER B 393 28.06 -31.22 31.89
CA SER B 393 27.70 -32.13 33.01
C SER B 393 27.79 -31.52 34.40
N SER B 394 28.18 -30.25 34.49
CA SER B 394 28.48 -29.64 35.78
C SER B 394 27.55 -28.51 36.19
N ARG B 395 26.40 -28.37 35.52
CA ARG B 395 25.52 -27.22 35.75
C ARG B 395 24.93 -27.16 37.15
N ALA B 396 24.73 -28.32 37.77
CA ALA B 396 24.28 -28.38 39.17
C ALA B 396 25.41 -28.14 40.19
N ASN B 397 26.66 -28.08 39.75
CA ASN B 397 27.80 -27.90 40.66
C ASN B 397 27.97 -26.40 41.00
N ASP B 398 27.50 -25.98 42.16
CA ASP B 398 27.46 -24.56 42.55
C ASP B 398 28.82 -23.89 42.64
N ASN B 399 29.86 -24.69 42.85
CA ASN B 399 31.18 -24.13 43.06
C ASN B 399 32.06 -24.20 41.84
N VAL B 400 31.41 -24.47 40.70
CA VAL B 400 32.00 -24.40 39.37
C VAL B 400 31.47 -23.14 38.67
N VAL B 401 32.32 -22.47 37.91
CA VAL B 401 31.92 -21.27 37.22
C VAL B 401 30.69 -21.60 36.39
N THR B 402 29.67 -20.77 36.51
CA THR B 402 28.39 -21.02 35.91
C THR B 402 28.53 -20.98 34.39
N PHE B 403 28.05 -22.04 33.76
CA PHE B 403 28.08 -22.23 32.33
C PHE B 403 26.78 -21.69 31.75
N TYR B 404 26.90 -20.78 30.80
CA TYR B 404 25.75 -20.26 30.09
C TYR B 404 25.44 -21.12 28.87
N GLY B 405 26.44 -21.40 28.06
CA GLY B 405 26.25 -22.20 26.84
C GLY B 405 27.40 -21.97 25.88
N SER B 406 27.30 -22.57 24.69
CA SER B 406 28.32 -22.40 23.66
C SER B 406 27.71 -22.02 22.29
N GLU B 407 28.50 -21.37 21.46
CA GLU B 407 28.11 -20.99 20.10
C GLU B 407 29.27 -21.18 19.14
N SER B 408 29.04 -21.92 18.06
CA SER B 408 29.98 -21.97 16.93
C SER B 408 29.60 -20.97 15.83
N ASP B 409 30.60 -20.26 15.31
CA ASP B 409 30.49 -19.62 14.00
C ASP B 409 31.10 -20.66 13.03
N GLY B 410 31.53 -20.26 11.84
CA GLY B 410 32.13 -21.22 10.91
C GLY B 410 33.37 -21.94 11.44
N SER B 411 34.13 -21.26 12.30
CA SER B 411 35.49 -21.65 12.65
C SER B 411 35.78 -21.77 14.14
N CYS B 412 35.16 -20.90 14.94
CA CYS B 412 35.46 -20.75 16.36
C CYS B 412 34.33 -21.25 17.26
N LEU B 413 34.69 -22.02 18.29
CA LEU B 413 33.76 -22.46 19.32
C LEU B 413 33.88 -21.45 20.46
N HIS B 414 32.78 -20.78 20.78
CA HIS B 414 32.75 -19.79 21.86
C HIS B 414 32.09 -20.42 23.08
N VAL B 415 32.82 -20.50 24.19
CA VAL B 415 32.28 -21.08 25.43
C VAL B 415 32.03 -19.94 26.38
N CYS B 416 30.77 -19.74 26.73
CA CYS B 416 30.36 -18.59 27.53
C CYS B 416 30.15 -18.93 29.01
N LEU B 417 30.85 -18.19 29.87
CA LEU B 417 30.89 -18.44 31.29
C LEU B 417 30.47 -17.21 32.10
N ALA B 418 30.01 -17.41 33.33
CA ALA B 418 29.81 -16.30 34.27
C ALA B 418 31.07 -15.45 34.38
N LEU B 419 30.92 -14.14 34.29
CA LEU B 419 32.06 -13.21 34.34
C LEU B 419 32.46 -13.00 35.80
N CYS B 420 33.70 -13.35 36.11
CA CYS B 420 34.23 -13.14 37.43
C CYS B 420 35.18 -11.94 37.48
N GLU B 421 35.48 -11.45 38.68
CA GLU B 421 36.32 -10.26 38.83
C GLU B 421 37.79 -10.60 38.71
N TYR B 422 38.23 -11.50 39.58
CA TYR B 422 39.65 -11.78 39.74
C TYR B 422 39.93 -13.26 39.86
N THR B 423 41.15 -13.59 39.49
CA THR B 423 41.76 -14.88 39.74
C THR B 423 42.08 -14.97 41.25
N LEU B 424 42.20 -16.19 41.78
CA LEU B 424 42.57 -16.36 43.19
C LEU B 424 43.90 -15.68 43.49
N GLN B 425 44.86 -15.84 42.59
CA GLN B 425 46.16 -15.16 42.69
C GLN B 425 46.02 -13.63 42.80
N GLU B 426 45.24 -13.02 41.91
CA GLU B 426 44.99 -11.56 41.94
C GLU B 426 44.21 -11.14 43.17
N HIS B 427 43.25 -11.96 43.57
CA HIS B 427 42.39 -11.66 44.71
C HIS B 427 43.19 -11.61 46.00
N LEU B 428 44.04 -12.62 46.19
CA LEU B 428 44.90 -12.68 47.36
C LEU B 428 45.85 -11.49 47.41
N ALA B 429 46.34 -11.04 46.25
CA ALA B 429 47.24 -9.91 46.17
C ALA B 429 46.52 -8.59 46.49
N ASN B 430 45.33 -8.40 45.93
CA ASN B 430 44.52 -7.22 46.25
C ASN B 430 44.20 -7.07 47.73
N HIS B 431 44.04 -8.19 48.44
CA HIS B 431 43.62 -8.16 49.85
C HIS B 431 44.72 -8.52 50.86
N ARG B 432 45.97 -8.60 50.39
CA ARG B 432 47.09 -9.05 51.21
C ARG B 432 47.32 -8.19 52.44
N GLY B 433 46.94 -6.91 52.38
CA GLY B 433 47.09 -5.98 53.51
C GLY B 433 45.86 -5.76 54.38
N ASP B 434 44.85 -6.62 54.25
CA ASP B 434 43.60 -6.49 55.01
C ASP B 434 43.79 -6.90 56.49
N ALA B 435 44.56 -7.97 56.73
CA ALA B 435 44.65 -8.58 58.05
C ALA B 435 45.86 -8.12 58.85
N VAL B 436 45.66 -7.99 60.15
CA VAL B 436 46.73 -7.69 61.10
C VAL B 436 47.63 -8.94 61.26
N PRO B 437 48.95 -8.90 61.37
CA PRO B 437 49.53 -10.20 61.18
C PRO B 437 48.97 -11.46 61.92
N ASN B 438 48.73 -11.59 63.22
CA ASN B 438 48.32 -12.97 63.54
C ASN B 438 46.80 -13.12 63.62
N GLU B 439 46.08 -12.38 62.79
CA GLU B 439 44.64 -12.46 62.70
C GLU B 439 44.22 -13.83 62.17
N GLU B 440 43.09 -14.32 62.66
CA GLU B 440 42.51 -15.56 62.19
C GLU B 440 42.13 -15.36 60.71
N ASP B 441 42.49 -16.32 59.86
CA ASP B 441 42.17 -16.24 58.43
C ASP B 441 40.85 -16.99 58.11
N GLU B 442 39.74 -16.30 58.26
CA GLU B 442 38.42 -16.87 57.96
C GLU B 442 38.23 -17.06 56.46
N SER B 443 38.78 -16.15 55.69
CA SER B 443 38.57 -16.16 54.25
C SER B 443 39.28 -17.34 53.59
N ALA B 444 40.46 -17.71 54.08
CA ALA B 444 41.16 -18.93 53.61
C ALA B 444 40.27 -20.17 53.75
N ARG B 445 39.57 -20.24 54.87
CA ARG B 445 38.67 -21.35 55.15
C ARG B 445 37.51 -21.44 54.15
N ASN B 446 36.95 -20.29 53.82
CA ASN B 446 35.80 -20.22 52.90
C ASN B 446 36.21 -20.50 51.45
N ILE B 447 37.29 -19.87 51.01
CA ILE B 447 37.90 -20.23 49.73
C ILE B 447 38.08 -21.75 49.61
N LEU B 448 38.73 -22.36 50.58
CA LEU B 448 39.11 -23.78 50.45
C LEU B 448 37.93 -24.74 50.55
N SER B 449 36.94 -24.43 51.37
CA SER B 449 35.77 -25.33 51.48
C SER B 449 34.92 -25.29 50.22
N SER B 450 34.87 -24.15 49.56
CA SER B 450 34.26 -24.11 48.24
C SER B 450 35.00 -25.01 47.24
N LEU B 451 36.33 -24.98 47.26
CA LEU B 451 37.12 -25.80 46.35
C LEU B 451 36.95 -27.29 46.63
N PHE B 452 36.94 -27.66 47.90
CA PHE B 452 36.65 -29.04 48.28
C PHE B 452 35.30 -29.50 47.72
N LYS B 453 34.28 -28.66 47.86
CA LYS B 453 32.95 -28.98 47.37
C LYS B 453 32.93 -29.05 45.84
N ALA B 454 33.59 -28.09 45.20
CA ALA B 454 33.70 -28.08 43.75
C ALA B 454 34.31 -29.38 43.21
N ILE B 455 35.45 -29.75 43.76
CA ILE B 455 36.26 -30.84 43.23
C ILE B 455 35.60 -32.16 43.57
N GLY B 456 35.06 -32.23 44.78
CA GLY B 456 34.25 -33.38 45.20
C GLY B 456 33.06 -33.68 44.31
N GLU B 457 32.29 -32.67 43.95
CA GLU B 457 31.13 -32.90 43.08
C GLU B 457 31.56 -33.14 41.63
N LEU B 458 32.68 -32.53 41.23
CA LEU B 458 33.24 -32.77 39.90
C LEU B 458 33.60 -34.24 39.74
N HIS B 459 34.23 -34.82 40.75
CA HIS B 459 34.58 -36.25 40.73
C HIS B 459 33.33 -37.14 40.73
N ARG B 460 32.34 -36.78 41.54
CA ARG B 460 31.07 -37.49 41.57
C ARG B 460 30.42 -37.53 40.17
N SER B 461 30.57 -36.45 39.41
CA SER B 461 30.07 -36.36 38.03
C SER B 461 30.93 -37.14 37.02
N GLY B 462 32.03 -37.73 37.50
CA GLY B 462 32.85 -38.62 36.65
C GLY B 462 34.02 -37.94 35.97
N TYR B 463 34.30 -36.69 36.36
CA TYR B 463 35.34 -35.89 35.74
C TYR B 463 36.46 -35.59 36.71
N SER B 464 37.63 -35.57 36.29
CA SER B 464 38.76 -35.05 36.94
C SER B 464 39.32 -33.85 36.19
N HIS B 465 39.68 -32.82 36.89
CA HIS B 465 40.35 -31.65 36.47
C HIS B 465 41.66 -31.60 35.75
N GLN B 466 42.61 -32.26 36.30
CA GLN B 466 43.94 -32.23 35.79
C GLN B 466 44.84 -30.99 35.83
N ASP B 467 44.47 -29.85 36.26
CA ASP B 467 45.15 -28.62 36.17
C ASP B 467 44.80 -27.69 37.33
N LEU B 468 44.59 -28.17 38.50
CA LEU B 468 44.19 -27.29 39.59
C LEU B 468 45.32 -26.38 40.00
N GLN B 469 45.13 -25.09 39.79
CA GLN B 469 46.11 -24.11 40.16
C GLN B 469 45.43 -22.74 40.37
N PRO B 470 46.12 -21.80 41.04
CA PRO B 470 45.49 -20.53 41.45
C PRO B 470 44.88 -19.71 40.32
N GLN B 471 45.41 -19.80 39.10
CA GLN B 471 44.89 -19.02 37.95
C GLN B 471 43.67 -19.66 37.26
N ASN B 472 43.29 -20.84 37.74
CA ASN B 472 42.07 -21.51 37.29
C ASN B 472 40.96 -21.44 38.33
N ILE B 473 41.16 -20.58 39.34
CA ILE B 473 40.18 -20.38 40.38
C ILE B 473 39.76 -18.92 40.36
N LEU B 474 38.46 -18.68 40.25
CA LEU B 474 37.95 -17.35 40.00
C LEU B 474 37.10 -16.86 41.17
N ILE B 475 37.25 -15.58 41.48
CA ILE B 475 36.46 -14.93 42.53
C ILE B 475 35.52 -13.93 41.90
N ASP B 476 34.24 -13.96 42.28
CA ASP B 476 33.23 -13.09 41.67
C ASP B 476 32.97 -11.83 42.52
N SER B 477 32.05 -10.98 42.06
CA SER B 477 31.67 -9.74 42.75
C SER B 477 31.34 -9.96 44.22
N LYS B 478 30.67 -11.07 44.52
CA LYS B 478 30.24 -11.39 45.88
C LYS B 478 31.31 -12.10 46.73
N ASN B 479 32.55 -12.13 46.27
CA ASN B 479 33.63 -12.93 46.91
C ASN B 479 33.38 -14.46 46.92
N GLY B 480 32.49 -14.94 46.06
CA GLY B 480 32.31 -16.37 45.85
C GLY B 480 33.50 -16.90 45.04
N THR B 481 33.96 -18.10 45.39
CA THR B 481 35.09 -18.72 44.68
C THR B 481 34.62 -19.88 43.81
N PHE B 482 35.09 -19.90 42.56
CA PHE B 482 34.60 -20.86 41.55
C PHE B 482 35.75 -21.53 40.85
N LEU B 483 35.57 -22.80 40.51
CA LEU B 483 36.55 -23.56 39.74
C LEU B 483 36.29 -23.36 38.25
N ALA B 484 37.33 -23.21 37.41
CA ALA B 484 37.11 -22.67 36.05
C ALA B 484 37.68 -23.31 34.80
N ASP B 485 38.84 -23.92 34.80
CA ASP B 485 39.48 -24.17 33.47
C ASP B 485 39.55 -25.66 33.14
N PHE B 486 38.61 -26.12 32.29
CA PHE B 486 38.37 -27.56 32.05
C PHE B 486 38.86 -28.09 30.71
N ASP B 487 39.73 -27.34 30.03
CA ASP B 487 40.24 -27.77 28.71
C ASP B 487 41.10 -29.04 28.78
N LYS B 488 41.58 -29.38 29.97
CA LYS B 488 42.38 -30.60 30.18
C LYS B 488 41.67 -31.62 31.05
N SER B 489 40.38 -31.42 31.32
CA SER B 489 39.64 -32.36 32.15
C SER B 489 39.46 -33.68 31.42
N ILE B 490 39.33 -34.76 32.18
CA ILE B 490 39.13 -36.08 31.62
C ILE B 490 38.06 -36.80 32.42
N LYS B 491 37.42 -37.79 31.82
CA LYS B 491 36.58 -38.71 32.57
C LYS B 491 37.53 -39.67 33.28
N TRP B 492 37.46 -39.71 34.60
CA TRP B 492 38.42 -40.49 35.38
C TRP B 492 38.22 -42.01 35.39
N ALA B 493 37.05 -42.51 34.99
CA ALA B 493 36.82 -43.96 34.89
C ALA B 493 37.92 -44.60 34.03
N GLU B 494 38.32 -43.88 32.99
CA GLU B 494 39.38 -44.27 32.10
C GLU B 494 40.68 -44.60 32.86
N ASP B 495 41.07 -43.71 33.77
CA ASP B 495 42.30 -43.88 34.55
C ASP B 495 42.11 -43.34 35.98
N PRO B 496 41.54 -44.17 36.88
CA PRO B 496 41.16 -43.74 38.24
C PRO B 496 42.31 -43.17 39.06
N GLN B 497 43.53 -43.60 38.77
CA GLN B 497 44.71 -43.14 39.50
C GLN B 497 44.93 -41.63 39.36
N LYS B 498 44.43 -41.03 38.28
CA LYS B 498 44.57 -39.59 38.07
C LYS B 498 43.70 -38.71 38.98
N ILE B 499 42.66 -39.27 39.61
CA ILE B 499 41.94 -38.55 40.66
C ILE B 499 42.89 -38.09 41.76
N LYS B 500 43.94 -38.86 42.04
CA LYS B 500 44.92 -38.51 43.06
C LYS B 500 45.72 -37.25 42.73
N ARG B 501 45.94 -36.98 41.45
CA ARG B 501 46.63 -35.75 41.05
C ARG B 501 45.84 -34.50 41.44
N ASP B 502 44.51 -34.57 41.39
CA ASP B 502 43.66 -33.46 41.86
C ASP B 502 43.83 -33.22 43.35
N LEU B 503 43.79 -34.29 44.13
CA LEU B 503 43.91 -34.20 45.56
C LEU B 503 45.26 -33.66 46.00
N GLU B 504 46.32 -34.02 45.26
CA GLU B 504 47.67 -33.54 45.54
C GLU B 504 47.75 -32.04 45.32
N ALA B 505 47.27 -31.60 44.16
CA ALA B 505 47.25 -30.17 43.82
C ALA B 505 46.39 -29.38 44.82
N LEU B 506 45.34 -30.02 45.33
CA LEU B 506 44.49 -29.41 46.34
C LEU B 506 45.29 -29.20 47.63
N GLY B 507 46.14 -30.17 47.97
CA GLY B 507 47.05 -30.05 49.11
C GLY B 507 47.94 -28.83 48.92
N LEU B 508 48.50 -28.70 47.72
CA LEU B 508 49.31 -27.52 47.41
C LEU B 508 48.49 -26.23 47.55
N LEU B 509 47.25 -26.25 47.07
CA LEU B 509 46.39 -25.05 47.13
C LEU B 509 46.03 -24.67 48.57
N VAL B 510 45.95 -25.65 49.45
CA VAL B 510 45.71 -25.39 50.84
C VAL B 510 46.84 -24.53 51.39
N LEU B 511 48.09 -24.91 51.13
CA LEU B 511 49.22 -24.13 51.63
C LEU B 511 49.27 -22.78 50.95
N TYR B 512 49.09 -22.77 49.63
CA TYR B 512 49.08 -21.54 48.87
C TYR B 512 48.14 -20.49 49.46
N VAL B 513 46.90 -20.88 49.76
CA VAL B 513 45.91 -19.95 50.28
C VAL B 513 46.23 -19.53 51.72
N VAL B 514 46.66 -20.48 52.53
CA VAL B 514 47.05 -20.22 53.92
C VAL B 514 48.27 -19.28 54.02
N LYS B 515 49.22 -19.43 53.11
CA LYS B 515 50.36 -18.52 53.02
C LYS B 515 49.99 -17.23 52.27
N LYS B 516 48.71 -17.07 51.96
CA LYS B 516 48.16 -15.81 51.40
C LYS B 516 48.75 -15.39 50.08
N GLY B 517 49.28 -16.36 49.32
CA GLY B 517 49.86 -16.08 48.01
C GLY B 517 51.32 -15.64 48.06
N ASP B 518 51.93 -15.69 49.24
CA ASP B 518 53.32 -15.27 49.42
C ASP B 518 54.30 -16.23 48.77
N ILE B 519 54.05 -17.54 48.88
CA ILE B 519 54.83 -18.54 48.17
C ILE B 519 54.14 -18.90 46.86
N SER B 520 54.83 -18.72 45.74
CA SER B 520 54.26 -18.95 44.41
C SER B 520 53.93 -20.42 44.25
N PHE B 521 52.98 -20.68 43.39
CA PHE B 521 52.52 -22.03 43.15
C PHE B 521 53.57 -22.89 42.45
N GLU B 522 54.37 -22.27 41.58
CA GLU B 522 55.49 -22.95 40.92
C GLU B 522 56.53 -23.43 41.94
N THR B 523 56.83 -22.60 42.94
CA THR B 523 57.73 -23.00 44.02
C THR B 523 57.17 -24.22 44.73
N LEU B 524 55.90 -24.15 45.12
CA LEU B 524 55.22 -25.26 45.78
C LEU B 524 55.19 -26.51 44.94
N LYS B 525 55.03 -26.36 43.63
CA LYS B 525 55.03 -27.50 42.73
C LYS B 525 56.39 -28.21 42.67
N ASN B 526 57.48 -27.50 42.94
CA ASN B 526 58.83 -28.08 42.89
C ASN B 526 59.30 -28.68 44.20
N GLN B 527 58.43 -28.71 45.20
CA GLN B 527 58.77 -29.28 46.51
C GLN B 527 58.25 -30.71 46.65
N SER B 528 58.89 -31.47 47.53
CA SER B 528 58.42 -32.81 47.86
C SER B 528 57.33 -32.69 48.90
N PHE B 529 56.60 -33.79 49.09
CA PHE B 529 55.62 -33.84 50.14
C PHE B 529 56.17 -33.31 51.44
N GLU B 530 57.36 -33.79 51.79
CA GLU B 530 57.95 -33.52 53.10
C GLU B 530 58.17 -32.02 53.27
N GLU B 531 58.68 -31.37 52.23
CA GLU B 531 58.97 -29.94 52.28
C GLU B 531 57.71 -29.09 52.40
N VAL B 532 56.68 -29.47 51.65
CA VAL B 532 55.37 -28.83 51.74
C VAL B 532 54.85 -28.87 53.18
N ILE B 533 54.88 -30.06 53.78
CA ILE B 533 54.42 -30.25 55.15
C ILE B 533 55.24 -29.40 56.11
N GLN B 534 56.55 -29.36 55.91
CA GLN B 534 57.44 -28.58 56.77
C GLN B 534 57.21 -27.07 56.62
N GLY B 535 56.77 -26.64 55.44
CA GLY B 535 56.49 -25.22 55.17
C GLY B 535 55.15 -24.71 55.71
N SER B 536 54.35 -25.59 56.29
CA SER B 536 53.03 -25.20 56.82
C SER B 536 53.19 -24.48 58.16
N PRO B 537 52.38 -23.45 58.40
CA PRO B 537 52.53 -22.67 59.63
C PRO B 537 51.83 -23.24 60.88
N ASP B 538 51.02 -24.29 60.74
CA ASP B 538 50.32 -24.86 61.89
C ASP B 538 50.00 -26.32 61.68
N GLU B 539 49.58 -26.99 62.74
CA GLU B 539 49.36 -28.43 62.70
C GLU B 539 48.08 -28.86 61.97
N GLU B 540 47.05 -28.02 62.02
CA GLU B 540 45.78 -28.32 61.33
C GLU B 540 46.03 -28.43 59.84
N THR B 541 46.77 -27.47 59.32
CA THR B 541 47.16 -27.42 57.94
C THR B 541 48.02 -28.62 57.54
N ARG B 542 49.01 -28.96 58.36
CA ARG B 542 49.85 -30.13 58.11
C ARG B 542 49.05 -31.41 57.99
N ASP B 543 48.17 -31.65 58.95
CA ASP B 543 47.40 -32.87 58.95
C ASP B 543 46.46 -32.93 57.73
N LEU B 544 45.84 -31.80 57.39
CA LEU B 544 44.93 -31.77 56.26
C LEU B 544 45.67 -32.06 54.97
N ILE B 545 46.82 -31.41 54.78
CA ILE B 545 47.61 -31.62 53.57
C ILE B 545 48.03 -33.10 53.53
N HIS B 546 48.34 -33.67 54.67
CA HIS B 546 48.70 -35.08 54.74
C HIS B 546 47.60 -35.97 54.18
N HIS B 547 46.36 -35.71 54.57
CA HIS B 547 45.23 -36.53 54.13
C HIS B 547 44.88 -36.33 52.64
N LEU B 548 45.31 -35.21 52.07
CA LEU B 548 45.11 -34.99 50.65
C LEU B 548 46.22 -35.67 49.81
N PHE B 549 47.43 -35.72 50.34
CA PHE B 549 48.52 -36.46 49.67
C PHE B 549 48.41 -37.97 49.87
N HIS B 550 47.75 -38.40 50.95
CA HIS B 550 47.53 -39.82 51.19
C HIS B 550 46.04 -40.07 51.42
N PRO B 551 45.27 -40.12 50.34
CA PRO B 551 43.83 -40.31 50.51
C PRO B 551 43.27 -41.71 50.97
N GLY B 552 43.98 -42.84 50.83
CA GLY B 552 45.25 -42.93 50.12
C GLY B 552 45.88 -44.29 50.02
N GLU B 556 35.51 -41.66 47.72
CA GLU B 556 34.87 -40.70 46.82
C GLU B 556 34.14 -39.56 47.56
N ASP B 557 33.98 -39.69 48.87
CA ASP B 557 33.50 -38.62 49.74
C ASP B 557 34.59 -38.25 50.76
N ARG B 558 35.84 -38.54 50.39
CA ARG B 558 37.01 -38.14 51.18
C ARG B 558 36.97 -36.62 51.38
N LEU B 559 36.59 -35.91 50.33
CA LEU B 559 36.62 -34.46 50.37
C LEU B 559 35.50 -33.87 51.22
N SER B 560 34.30 -34.45 51.15
CA SER B 560 33.20 -33.94 51.96
C SER B 560 33.39 -34.27 53.45
N SER B 561 34.04 -35.39 53.74
CA SER B 561 34.36 -35.75 55.13
C SER B 561 35.43 -34.85 55.74
N LEU B 562 36.37 -34.40 54.91
CA LEU B 562 37.43 -33.52 55.38
C LEU B 562 36.93 -32.12 55.71
N LEU B 563 35.70 -31.77 55.32
CA LEU B 563 35.12 -30.49 55.76
C LEU B 563 34.88 -30.46 57.27
N ALA B 564 34.82 -31.62 57.90
CA ALA B 564 34.68 -31.76 59.36
C ALA B 564 36.03 -31.65 60.07
N HIS B 565 37.11 -31.57 59.30
CA HIS B 565 38.48 -31.52 59.84
C HIS B 565 38.68 -30.19 60.55
N PRO B 566 39.47 -30.19 61.63
CA PRO B 566 39.63 -28.96 62.42
C PRO B 566 40.28 -27.78 61.72
N PHE B 567 40.86 -27.99 60.54
CA PHE B 567 41.34 -26.88 59.75
C PHE B 567 40.18 -25.93 59.51
N PHE B 568 38.97 -26.46 59.37
CA PHE B 568 37.78 -25.66 59.11
C PHE B 568 37.02 -25.22 60.34
N TRP B 569 37.51 -25.56 61.53
CA TRP B 569 36.92 -25.06 62.77
C TRP B 569 37.48 -23.69 63.09
N SER B 570 36.60 -22.74 63.42
CA SER B 570 37.03 -21.42 63.88
C SER B 570 37.79 -21.52 65.20
N TRP B 571 38.59 -20.50 65.52
CA TRP B 571 39.34 -20.49 66.79
C TRP B 571 38.42 -20.54 68.01
N GLU B 572 37.29 -19.84 67.95
CA GLU B 572 36.28 -19.95 69.00
C GLU B 572 35.74 -21.37 69.13
N SER B 573 35.51 -22.04 68.01
CA SER B 573 35.02 -23.43 68.03
C SER B 573 36.06 -24.40 68.61
N ARG B 574 37.32 -24.18 68.29
CA ARG B 574 38.39 -25.03 68.81
C ARG B 574 38.51 -24.90 70.32
N TYR B 575 38.42 -23.65 70.77
CA TYR B 575 38.52 -23.29 72.18
C TYR B 575 37.32 -23.84 72.92
N ARG B 576 36.15 -23.74 72.29
CA ARG B 576 34.88 -24.26 72.82
C ARG B 576 34.92 -25.77 73.02
N THR B 577 35.52 -26.47 72.07
CA THR B 577 35.64 -27.93 72.13
C THR B 577 36.58 -28.33 73.26
N LEU B 578 37.72 -27.65 73.39
CA LEU B 578 38.67 -27.99 74.46
C LEU B 578 38.02 -27.81 75.83
N ARG B 579 37.32 -26.69 75.99
CA ARG B 579 36.61 -26.40 77.24
C ARG B 579 35.55 -27.46 77.52
N ASP B 580 34.81 -27.83 76.49
CA ASP B 580 33.74 -28.83 76.66
C ASP B 580 34.29 -30.19 77.07
N VAL B 581 35.47 -30.54 76.56
CA VAL B 581 36.12 -31.80 76.96
C VAL B 581 36.62 -31.67 78.42
N GLY B 582 37.26 -30.56 78.74
CA GLY B 582 37.71 -30.26 80.10
C GLY B 582 36.61 -30.12 81.17
N ASN B 583 35.35 -30.22 80.75
CA ASN B 583 34.21 -30.19 81.67
C ASN B 583 33.60 -31.57 81.93
N GLU B 584 34.08 -32.59 81.24
CA GLU B 584 33.70 -33.98 81.53
C GLU B 584 34.00 -34.30 83.00
N SER B 585 33.05 -34.93 83.69
CA SER B 585 33.17 -35.14 85.14
C SER B 585 34.43 -35.94 85.50
N ASP B 586 34.74 -36.92 84.67
CA ASP B 586 35.92 -37.78 84.87
C ASP B 586 37.25 -37.04 84.70
N ILE B 587 37.26 -35.99 83.89
CA ILE B 587 38.43 -35.10 83.81
C ILE B 587 38.60 -34.28 85.10
N LYS B 588 37.49 -33.77 85.63
CA LYS B 588 37.53 -32.90 86.81
C LYS B 588 37.85 -33.66 88.11
N THR B 589 37.32 -34.87 88.23
CA THR B 589 37.66 -35.77 89.35
C THR B 589 39.00 -36.51 89.16
N ARG B 590 39.62 -36.32 87.99
CA ARG B 590 40.88 -37.00 87.63
C ARG B 590 40.78 -38.52 87.79
N ASN B 591 39.63 -39.08 87.42
CA ASN B 591 39.39 -40.53 87.49
C ASN B 591 40.16 -41.23 86.36
N GLN B 592 41.34 -41.74 86.71
CA GLN B 592 42.29 -42.30 85.75
C GLN B 592 41.80 -43.54 84.97
N ASN B 593 40.83 -44.26 85.53
CA ASN B 593 40.27 -45.46 84.89
C ASN B 593 39.00 -45.20 84.08
N SER B 594 38.65 -43.93 83.92
CA SER B 594 37.50 -43.52 83.10
C SER B 594 37.78 -43.76 81.62
N ARG B 595 36.72 -43.98 80.85
CA ARG B 595 36.85 -44.19 79.42
C ARG B 595 37.51 -42.98 78.74
N ILE B 596 37.10 -41.78 79.13
CA ILE B 596 37.60 -40.54 78.54
C ILE B 596 39.12 -40.38 78.76
N LEU B 597 39.59 -40.57 80.00
CA LEU B 597 41.00 -40.43 80.28
C LEU B 597 41.80 -41.59 79.68
N GLN B 598 41.16 -42.74 79.44
CA GLN B 598 41.79 -43.84 78.68
C GLN B 598 42.19 -43.25 77.34
N LEU B 599 41.13 -42.84 76.68
CA LEU B 599 41.29 -42.33 75.32
C LEU B 599 42.40 -41.27 75.19
N LEU B 600 42.44 -40.31 76.09
CA LEU B 600 43.40 -39.21 76.02
C LEU B 600 44.82 -39.56 76.46
N GLN B 601 44.93 -40.58 77.27
CA GLN B 601 46.21 -40.98 77.84
C GLN B 601 46.54 -42.23 77.15
N PRO B 602 47.31 -42.06 76.08
CA PRO B 602 47.97 -43.23 75.50
C PRO B 602 49.42 -42.99 75.09
N SER B 608 54.98 -37.48 71.31
CA SER B 608 55.99 -36.49 71.69
C SER B 608 55.51 -35.04 71.54
N THR B 609 54.82 -34.52 72.56
CA THR B 609 54.01 -33.30 72.42
C THR B 609 54.50 -31.98 73.05
N SER B 610 53.93 -30.86 72.59
CA SER B 610 54.31 -29.54 73.10
C SER B 610 53.74 -29.27 74.50
N PHE B 611 52.73 -30.03 74.89
CA PHE B 611 52.07 -29.86 76.20
C PHE B 611 52.54 -30.88 77.24
N ALA B 612 53.58 -31.64 76.92
CA ALA B 612 54.34 -32.32 77.96
C ALA B 612 54.97 -31.21 78.79
N GLN B 613 54.96 -31.36 80.11
CA GLN B 613 55.51 -30.32 80.99
C GLN B 613 54.81 -28.96 80.74
N TRP B 614 53.49 -28.98 80.53
CA TRP B 614 52.75 -27.77 80.13
C TRP B 614 52.68 -26.70 81.23
N THR B 615 52.68 -27.14 82.49
CA THR B 615 52.62 -26.20 83.61
C THR B 615 53.85 -25.29 83.72
N THR B 616 54.94 -25.65 83.03
CA THR B 616 56.15 -24.80 83.02
C THR B 616 56.15 -23.78 81.88
N LYS B 617 55.39 -24.06 80.82
CA LYS B 617 55.37 -23.18 79.64
C LYS B 617 54.38 -22.03 79.78
N ILE B 618 53.36 -22.24 80.60
CA ILE B 618 52.44 -21.16 80.98
C ILE B 618 53.17 -20.09 81.80
N ASP B 619 52.69 -18.84 81.71
CA ASP B 619 53.23 -17.73 82.51
C ASP B 619 53.27 -18.05 84.01
N SER B 620 54.29 -17.51 84.69
CA SER B 620 54.52 -17.77 86.10
C SER B 620 53.37 -17.24 86.96
N PHE B 621 52.97 -16.00 86.69
CA PHE B 621 51.85 -15.39 87.39
C PHE B 621 50.65 -16.32 87.26
N VAL B 622 50.11 -16.46 86.05
CA VAL B 622 48.85 -17.18 85.82
C VAL B 622 48.76 -18.51 86.56
N MET B 623 49.83 -19.30 86.50
CA MET B 623 49.85 -20.65 87.06
C MET B 623 49.57 -20.66 88.58
N GLU B 624 50.13 -19.70 89.29
CA GLU B 624 49.98 -19.62 90.75
C GLU B 624 48.53 -19.36 91.19
N GLU B 625 47.83 -18.51 90.44
CA GLU B 625 46.48 -18.07 90.80
C GLU B 625 45.50 -19.20 90.56
N MET B 626 45.68 -19.90 89.44
CA MET B 626 44.80 -21.00 89.11
C MET B 626 45.02 -22.14 90.09
N ASN B 627 46.26 -22.31 90.55
CA ASN B 627 46.55 -23.30 91.60
C ASN B 627 45.75 -23.02 92.90
N ALA B 628 45.55 -21.75 93.22
CA ALA B 628 44.57 -21.38 94.26
C ALA B 628 43.14 -21.45 93.71
N TYR B 648 47.57 -28.63 89.88
CA TYR B 648 47.56 -28.96 88.46
C TYR B 648 48.81 -29.76 88.06
N GLN B 649 48.59 -30.92 87.45
CA GLN B 649 49.68 -31.79 87.03
C GLN B 649 50.00 -31.61 85.52
N ASP B 650 51.05 -32.28 85.06
CA ASP B 650 51.47 -32.24 83.66
C ASP B 650 50.79 -33.29 82.77
N THR B 651 49.55 -33.64 83.08
CA THR B 651 48.76 -34.52 82.21
C THR B 651 47.93 -33.69 81.22
N LEU B 652 47.48 -34.35 80.16
CA LEU B 652 46.62 -33.73 79.15
C LEU B 652 45.24 -33.47 79.74
N GLY B 653 44.71 -34.42 80.49
CA GLY B 653 43.44 -34.25 81.21
C GLY B 653 43.42 -32.98 82.06
N ASP B 654 44.53 -32.72 82.76
CA ASP B 654 44.64 -31.53 83.61
C ASP B 654 44.79 -30.24 82.80
N LEU B 655 45.38 -30.35 81.60
CA LEU B 655 45.47 -29.20 80.71
C LEU B 655 44.08 -28.79 80.23
N LEU B 656 43.26 -29.79 79.87
CA LEU B 656 41.88 -29.54 79.49
C LEU B 656 41.07 -28.94 80.64
N LYS B 657 41.19 -29.55 81.81
CA LYS B 657 40.60 -29.04 83.05
C LYS B 657 41.00 -27.57 83.24
N PHE B 658 42.28 -27.29 83.06
CA PHE B 658 42.80 -25.93 83.18
C PHE B 658 42.12 -24.97 82.19
N ILE B 659 42.01 -25.40 80.93
CA ILE B 659 41.42 -24.56 79.90
C ILE B 659 39.95 -24.26 80.20
N ARG B 660 39.20 -25.27 80.65
CA ARG B 660 37.80 -25.06 81.04
C ARG B 660 37.67 -24.05 82.19
N ASN B 661 38.45 -24.23 83.26
CA ASN B 661 38.39 -23.32 84.42
C ASN B 661 38.75 -21.88 84.06
N LEU B 662 39.86 -21.71 83.35
CA LEU B 662 40.26 -20.40 82.89
C LEU B 662 39.18 -19.80 82.01
N GLY B 663 38.64 -20.62 81.12
CA GLY B 663 37.56 -20.19 80.23
C GLY B 663 36.36 -19.61 80.96
N GLU B 664 35.95 -20.27 82.03
CA GLU B 664 34.74 -19.85 82.77
C GLU B 664 34.96 -18.61 83.64
N HIS B 665 36.18 -18.42 84.12
CA HIS B 665 36.45 -17.40 85.14
C HIS B 665 37.35 -16.24 84.67
N ILE B 666 37.79 -16.27 83.41
CA ILE B 666 38.79 -15.29 82.92
C ILE B 666 38.30 -13.84 82.92
N ASN B 667 37.02 -13.63 82.64
CA ASN B 667 36.47 -12.28 82.48
C ASN B 667 36.01 -11.63 83.81
N GLU B 668 36.11 -12.37 84.91
CA GLU B 668 35.74 -11.84 86.23
C GLU B 668 36.72 -10.76 86.69
N GLN B 669 36.20 -9.83 87.50
CA GLN B 669 36.91 -8.61 87.90
C GLN B 669 38.22 -8.87 88.65
N LYS B 670 38.20 -9.86 89.54
CA LYS B 670 39.41 -10.27 90.28
C LYS B 670 40.59 -10.67 89.39
N ASN B 671 40.30 -11.13 88.17
CA ASN B 671 41.32 -11.67 87.26
C ASN B 671 41.79 -10.70 86.15
N LYS B 672 41.65 -9.40 86.37
CA LYS B 672 42.07 -8.39 85.37
C LYS B 672 43.51 -8.56 84.82
N LYS B 673 44.46 -8.92 85.68
CA LYS B 673 45.85 -9.08 85.25
C LYS B 673 46.03 -10.34 84.40
N MET B 674 45.45 -11.44 84.88
CA MET B 674 45.43 -12.69 84.12
C MET B 674 44.96 -12.43 82.70
N LYS B 675 43.78 -11.81 82.58
CA LYS B 675 43.16 -11.49 81.29
C LYS B 675 44.11 -10.72 80.37
N SER B 676 44.82 -9.74 80.94
CA SER B 676 45.70 -8.88 80.17
C SER B 676 46.96 -9.59 79.67
N ILE B 677 47.45 -10.55 80.44
CA ILE B 677 48.64 -11.34 80.06
C ILE B 677 48.30 -12.33 78.94
N ILE B 678 47.28 -13.14 79.18
CA ILE B 678 46.83 -14.17 78.23
C ILE B 678 46.37 -13.58 76.89
N GLY B 679 45.71 -12.42 76.95
CA GLY B 679 45.07 -11.84 75.76
C GLY B 679 43.83 -12.65 75.42
N GLU B 680 43.60 -12.87 74.13
CA GLU B 680 42.49 -13.71 73.69
C GLU B 680 42.87 -15.19 73.95
N PRO B 681 42.11 -15.89 74.83
CA PRO B 681 42.52 -17.21 75.29
C PRO B 681 42.60 -18.32 74.21
N SER B 682 41.75 -18.27 73.20
CA SER B 682 41.82 -19.29 72.15
C SER B 682 43.14 -19.20 71.41
N GLN B 683 43.52 -17.98 71.04
CA GLN B 683 44.80 -17.73 70.39
C GLN B 683 45.98 -18.05 71.32
N TYR B 684 45.79 -17.89 72.62
CA TYR B 684 46.84 -18.12 73.60
C TYR B 684 47.23 -19.59 73.67
N PHE B 685 46.27 -20.45 73.97
CA PHE B 685 46.54 -21.88 74.08
C PHE B 685 47.01 -22.52 72.77
N GLN B 686 46.49 -22.03 71.64
CA GLN B 686 46.88 -22.56 70.34
C GLN B 686 48.30 -22.21 69.95
N GLU B 687 48.73 -20.99 70.26
CA GLU B 687 50.08 -20.55 69.96
C GLU B 687 51.08 -21.21 70.91
N LYS B 688 50.65 -21.42 72.15
CA LYS B 688 51.47 -22.06 73.17
C LYS B 688 51.57 -23.57 72.96
N PHE B 689 50.46 -24.20 72.55
CA PHE B 689 50.39 -25.66 72.34
C PHE B 689 49.83 -26.01 70.97
N PRO B 690 50.62 -25.80 69.90
CA PRO B 690 50.17 -25.92 68.52
C PRO B 690 49.58 -27.27 68.11
N ASP B 691 49.93 -28.34 68.83
CA ASP B 691 49.49 -29.69 68.48
C ASP B 691 48.29 -30.14 69.29
N LEU B 692 47.80 -29.28 70.16
CA LEU B 692 46.78 -29.68 71.13
C LEU B 692 45.45 -30.00 70.47
N VAL B 693 44.95 -29.10 69.62
CA VAL B 693 43.66 -29.32 68.96
C VAL B 693 43.66 -30.61 68.14
N MET B 694 44.69 -30.80 67.30
CA MET B 694 44.81 -32.03 66.47
C MET B 694 44.94 -33.29 67.32
N TYR B 695 45.68 -33.19 68.41
CA TYR B 695 45.86 -34.33 69.29
C TYR B 695 44.52 -34.79 69.87
N VAL B 696 43.71 -33.85 70.36
CA VAL B 696 42.39 -34.17 70.94
C VAL B 696 41.43 -34.69 69.87
N TYR B 697 41.46 -34.04 68.70
CA TYR B 697 40.64 -34.48 67.59
C TYR B 697 40.91 -35.95 67.23
N THR B 698 42.19 -36.27 67.09
CA THR B 698 42.63 -37.61 66.71
C THR B 698 42.26 -38.67 67.74
N LYS B 699 42.36 -38.34 69.04
CA LYS B 699 42.00 -39.32 70.07
C LYS B 699 40.49 -39.57 70.17
N LEU B 700 39.69 -38.54 69.91
CA LEU B 700 38.25 -38.62 70.15
C LEU B 700 37.47 -38.83 68.86
N GLN B 701 38.19 -38.84 67.74
CA GLN B 701 37.63 -38.82 66.38
C GLN B 701 36.40 -39.69 66.10
N ASN B 702 36.44 -40.97 66.43
CA ASN B 702 35.27 -41.84 66.19
C ASN B 702 34.78 -42.51 67.47
N THR B 703 34.68 -41.71 68.54
CA THR B 703 34.13 -42.15 69.81
C THR B 703 32.84 -41.38 70.06
N GLU B 704 32.19 -41.63 71.19
CA GLU B 704 30.99 -40.87 71.56
C GLU B 704 31.30 -39.39 71.87
N TYR B 705 32.57 -39.11 72.19
CA TYR B 705 33.02 -37.76 72.51
C TYR B 705 33.19 -36.86 71.29
N MET B 706 32.83 -37.36 70.10
CA MET B 706 32.57 -36.53 68.91
C MET B 706 31.59 -35.41 69.19
N LYS B 707 30.67 -35.63 70.12
CA LYS B 707 29.63 -34.66 70.46
C LYS B 707 30.19 -33.29 70.90
N HIS B 708 31.43 -33.27 71.37
CA HIS B 708 32.10 -32.04 71.77
C HIS B 708 32.71 -31.26 70.58
N PHE B 709 32.77 -31.88 69.41
CA PHE B 709 33.23 -31.21 68.20
C PHE B 709 32.15 -30.24 67.76
N PRO B 710 32.54 -29.15 67.08
CA PRO B 710 31.56 -28.15 66.65
C PRO B 710 30.64 -28.67 65.55
N LYS B 711 29.50 -28.02 65.36
CA LYS B 711 28.64 -28.37 64.24
C LYS B 711 29.37 -28.07 62.95
N THR B 712 29.24 -29.00 62.01
CA THR B 712 30.03 -29.00 60.79
C THR B 712 29.11 -29.23 59.59
N HIS B 713 29.64 -28.95 58.40
CA HIS B 713 28.90 -29.14 57.14
C HIS B 713 28.57 -30.63 56.88
N ASN B 714 27.42 -30.88 56.26
CA ASN B 714 27.01 -32.24 55.86
C ASN B 714 25.87 -32.23 54.85
N SER C 7 -53.18 3.97 0.50
CA SER C 7 -52.28 4.03 1.68
C SER C 7 -52.22 2.72 2.47
N LEU C 8 -52.51 1.60 1.82
CA LEU C 8 -52.44 0.27 2.47
C LEU C 8 -51.13 -0.40 2.09
N GLU C 9 -50.87 -0.47 0.79
CA GLU C 9 -49.64 -1.06 0.24
C GLU C 9 -48.47 -0.09 0.35
N GLU C 10 -48.77 1.21 0.50
CA GLU C 10 -47.73 2.23 0.70
C GLU C 10 -47.17 2.17 2.11
N MET C 11 -48.00 1.79 3.08
CA MET C 11 -47.56 1.55 4.46
C MET C 11 -46.70 0.29 4.53
N LEU C 12 -47.10 -0.73 3.77
CA LEU C 12 -46.35 -1.98 3.68
C LEU C 12 -44.94 -1.76 3.14
N THR C 13 -44.83 -0.95 2.09
CA THR C 13 -43.55 -0.70 1.43
C THR C 13 -42.56 -0.03 2.40
N GLN C 14 -43.01 0.99 3.13
CA GLN C 14 -42.16 1.66 4.12
C GLN C 14 -41.81 0.77 5.30
N ALA C 15 -42.75 -0.10 5.67
CA ALA C 15 -42.52 -1.06 6.75
C ALA C 15 -41.42 -2.05 6.39
N VAL C 16 -41.42 -2.51 5.14
CA VAL C 16 -40.38 -3.41 4.65
C VAL C 16 -39.01 -2.72 4.61
N GLN C 17 -38.98 -1.46 4.17
CA GLN C 17 -37.73 -0.68 4.12
C GLN C 17 -37.12 -0.51 5.51
N GLU C 18 -37.94 -0.11 6.47
CA GLU C 18 -37.49 0.12 7.84
C GLU C 18 -37.18 -1.18 8.61
N ALA C 19 -37.42 -2.33 7.96
CA ALA C 19 -37.15 -3.66 8.52
C ALA C 19 -38.07 -4.00 9.70
N ASP C 20 -39.26 -3.40 9.69
CA ASP C 20 -40.24 -3.57 10.77
C ASP C 20 -41.07 -4.82 10.49
N ILE C 21 -40.69 -5.94 11.11
CA ILE C 21 -41.25 -7.25 10.75
C ILE C 21 -42.68 -7.45 11.25
N GLU C 22 -42.96 -7.01 12.48
CA GLU C 22 -44.29 -7.18 13.07
C GLU C 22 -45.35 -6.33 12.36
N GLN C 23 -45.00 -5.09 11.99
CA GLN C 23 -45.91 -4.25 11.22
C GLN C 23 -46.16 -4.82 9.82
N VAL C 24 -45.18 -5.51 9.27
CA VAL C 24 -45.33 -6.20 7.98
C VAL C 24 -46.32 -7.38 8.12
N ARG C 25 -46.19 -8.13 9.22
CA ARG C 25 -47.14 -9.22 9.49
C ARG C 25 -48.57 -8.71 9.61
N GLN C 26 -48.75 -7.65 10.40
CA GLN C 26 -50.08 -7.07 10.62
C GLN C 26 -50.71 -6.57 9.33
N LEU C 27 -49.93 -5.84 8.54
CA LEU C 27 -50.41 -5.28 7.28
C LEU C 27 -50.73 -6.37 6.25
N LEU C 28 -49.94 -7.45 6.26
CA LEU C 28 -50.20 -8.59 5.37
C LEU C 28 -51.50 -9.32 5.75
N GLU C 29 -51.80 -9.37 7.05
CA GLU C 29 -53.01 -10.03 7.55
C GLU C 29 -54.22 -9.08 7.57
N ARG C 30 -53.96 -7.77 7.58
CA ARG C 30 -55.01 -6.78 7.35
C ARG C 30 -55.45 -6.78 5.87
N GLY C 31 -54.69 -7.47 5.02
CA GLY C 31 -55.10 -7.78 3.64
C GLY C 31 -54.40 -6.97 2.55
N ALA C 32 -53.16 -6.56 2.79
CA ALA C 32 -52.39 -5.76 1.83
C ALA C 32 -51.66 -6.65 0.81
N ASP C 33 -51.71 -6.26 -0.45
CA ASP C 33 -51.15 -7.07 -1.54
C ASP C 33 -49.63 -7.18 -1.41
N ALA C 34 -49.14 -8.41 -1.34
CA ALA C 34 -47.69 -8.67 -1.25
C ALA C 34 -47.01 -8.54 -2.61
N ASN C 35 -47.81 -8.50 -3.68
CA ASN C 35 -47.30 -8.35 -5.04
C ASN C 35 -47.45 -6.93 -5.60
N PHE C 36 -47.64 -5.94 -4.72
CA PHE C 36 -47.67 -4.55 -5.16
C PHE C 36 -46.34 -4.14 -5.76
N GLN C 37 -46.38 -3.61 -6.97
CA GLN C 37 -45.19 -3.08 -7.63
C GLN C 37 -45.38 -1.57 -7.82
N GLU C 38 -44.51 -0.78 -7.18
CA GLU C 38 -44.56 0.67 -7.37
C GLU C 38 -44.39 0.99 -8.85
N GLU C 39 -45.08 2.05 -9.28
CA GLU C 39 -45.32 2.31 -10.71
C GLU C 39 -44.04 2.66 -11.49
N GLU C 40 -43.18 3.45 -10.84
CA GLU C 40 -42.02 4.03 -11.50
C GLU C 40 -41.01 2.98 -12.01
N TRP C 41 -40.55 2.10 -11.12
CA TRP C 41 -39.49 1.13 -11.43
C TRP C 41 -39.90 -0.33 -11.22
N GLY C 42 -41.15 -0.56 -10.82
CA GLY C 42 -41.68 -1.91 -10.67
C GLY C 42 -41.13 -2.74 -9.51
N TRP C 43 -40.59 -2.07 -8.50
CA TRP C 43 -40.09 -2.76 -7.31
C TRP C 43 -41.24 -3.30 -6.45
N SER C 44 -41.15 -4.57 -6.07
CA SER C 44 -42.08 -5.18 -5.12
C SER C 44 -41.42 -5.34 -3.75
N PRO C 45 -42.24 -5.55 -2.70
CA PRO C 45 -41.71 -5.80 -1.34
C PRO C 45 -40.72 -6.97 -1.28
N LEU C 46 -40.96 -8.00 -2.09
CA LEU C 46 -40.05 -9.15 -2.16
C LEU C 46 -38.71 -8.75 -2.77
N HIS C 47 -38.74 -8.04 -3.90
CA HIS C 47 -37.51 -7.50 -4.51
C HIS C 47 -36.73 -6.70 -3.48
N SER C 48 -37.44 -5.80 -2.80
CA SER C 48 -36.86 -4.96 -1.77
C SER C 48 -36.27 -5.77 -0.61
N ALA C 49 -36.96 -6.85 -0.25
CA ALA C 49 -36.52 -7.71 0.85
C ALA C 49 -35.21 -8.42 0.50
N VAL C 50 -35.13 -8.94 -0.72
CA VAL C 50 -33.93 -9.61 -1.19
C VAL C 50 -32.78 -8.60 -1.28
N GLN C 51 -33.07 -7.42 -1.81
CA GLN C 51 -32.09 -6.34 -1.96
C GLN C 51 -31.46 -5.90 -0.64
N MET C 52 -32.29 -5.73 0.39
CA MET C 52 -31.80 -5.31 1.70
C MET C 52 -31.19 -6.46 2.51
N ASP C 53 -31.19 -7.67 1.93
CA ASP C 53 -30.56 -8.84 2.55
C ASP C 53 -31.21 -9.17 3.89
N SER C 54 -32.52 -9.38 3.86
CA SER C 54 -33.30 -9.70 5.05
C SER C 54 -34.09 -10.97 4.81
N GLU C 55 -33.60 -12.09 5.37
CA GLU C 55 -34.25 -13.39 5.17
C GLU C 55 -35.62 -13.49 5.86
N ASP C 56 -35.76 -12.86 7.02
CA ASP C 56 -37.01 -12.90 7.77
C ASP C 56 -38.19 -12.29 6.97
N LEU C 57 -37.93 -11.18 6.28
CA LEU C 57 -38.94 -10.59 5.40
C LEU C 57 -39.18 -11.43 4.15
N VAL C 58 -38.13 -12.06 3.63
CA VAL C 58 -38.26 -12.93 2.45
C VAL C 58 -39.16 -14.14 2.74
N ALA C 59 -38.96 -14.76 3.89
CA ALA C 59 -39.76 -15.93 4.30
C ALA C 59 -41.19 -15.52 4.59
N LEU C 60 -41.35 -14.42 5.32
CA LEU C 60 -42.67 -13.90 5.70
C LEU C 60 -43.49 -13.51 4.48
N LEU C 61 -42.86 -12.85 3.51
CA LEU C 61 -43.55 -12.43 2.30
C LEU C 61 -43.96 -13.61 1.43
N LEU C 62 -43.07 -14.59 1.28
CA LEU C 62 -43.40 -15.81 0.53
C LEU C 62 -44.52 -16.61 1.18
N LYS C 63 -44.57 -16.58 2.51
CA LYS C 63 -45.65 -17.23 3.26
C LYS C 63 -47.02 -16.67 2.87
N HIS C 64 -47.11 -15.36 2.69
CA HIS C 64 -48.36 -14.69 2.29
C HIS C 64 -48.50 -14.55 0.76
N GLY C 65 -47.91 -15.48 0.01
CA GLY C 65 -48.18 -15.61 -1.42
C GLY C 65 -47.48 -14.62 -2.33
N ALA C 66 -46.36 -14.06 -1.88
CA ALA C 66 -45.55 -13.21 -2.76
C ALA C 66 -45.02 -14.04 -3.91
N ASP C 67 -45.06 -13.46 -5.10
CA ASP C 67 -44.71 -14.16 -6.34
C ASP C 67 -43.20 -13.96 -6.64
N PRO C 68 -42.41 -15.05 -6.59
CA PRO C 68 -40.98 -14.96 -6.90
C PRO C 68 -40.65 -14.91 -8.40
N CYS C 69 -41.67 -14.95 -9.25
CA CYS C 69 -41.49 -14.79 -10.70
C CYS C 69 -41.76 -13.35 -11.14
N LEU C 70 -42.04 -12.48 -10.18
CA LEU C 70 -42.47 -11.11 -10.48
C LEU C 70 -41.29 -10.29 -11.01
N ARG C 71 -41.49 -9.64 -12.16
CA ARG C 71 -40.43 -8.89 -12.83
C ARG C 71 -40.63 -7.38 -12.64
N LYS C 72 -39.55 -6.66 -12.36
CA LYS C 72 -39.59 -5.21 -12.26
C LYS C 72 -39.27 -4.57 -13.62
N ARG C 73 -39.20 -3.24 -13.71
CA ARG C 73 -39.14 -2.59 -15.02
C ARG C 73 -38.05 -3.15 -15.93
N ASN C 74 -36.86 -3.41 -15.39
CA ASN C 74 -35.78 -3.99 -16.19
C ASN C 74 -35.88 -5.52 -16.33
N GLY C 75 -36.99 -6.11 -15.88
CA GLY C 75 -37.24 -7.54 -16.09
C GLY C 75 -36.57 -8.47 -15.09
N ALA C 76 -35.91 -7.91 -14.09
CA ALA C 76 -35.21 -8.71 -13.09
C ALA C 76 -36.21 -9.25 -12.06
N THR C 77 -36.02 -10.51 -11.67
CA THR C 77 -36.83 -11.15 -10.64
C THR C 77 -36.09 -11.12 -9.30
N PRO C 78 -36.78 -11.45 -8.19
CA PRO C 78 -36.11 -11.51 -6.89
C PRO C 78 -34.92 -12.47 -6.85
N PHE C 79 -34.97 -13.53 -7.65
CA PHE C 79 -33.87 -14.50 -7.77
C PHE C 79 -32.62 -13.88 -8.39
N ILE C 80 -32.80 -13.03 -9.41
CA ILE C 80 -31.68 -12.31 -10.04
C ILE C 80 -31.02 -11.38 -9.01
N ILE C 81 -31.85 -10.66 -8.26
CA ILE C 81 -31.38 -9.71 -7.25
C ILE C 81 -30.61 -10.45 -6.17
N ALA C 82 -31.01 -11.68 -5.87
CA ALA C 82 -30.33 -12.50 -4.86
C ALA C 82 -28.88 -12.82 -5.25
N GLY C 83 -28.63 -12.93 -6.55
CA GLY C 83 -27.26 -13.06 -7.07
C GLY C 83 -26.40 -11.84 -6.72
N ILE C 84 -27.01 -10.66 -6.77
CA ILE C 84 -26.31 -9.42 -6.46
C ILE C 84 -25.90 -9.40 -5.00
N THR C 85 -26.86 -9.66 -4.11
CA THR C 85 -26.60 -9.66 -2.67
C THR C 85 -25.67 -10.80 -2.26
N GLY C 86 -25.71 -11.91 -3.00
CA GLY C 86 -24.76 -13.01 -2.81
C GLY C 86 -24.99 -13.91 -1.61
N ASN C 87 -26.18 -13.83 -1.03
CA ASN C 87 -26.57 -14.64 0.12
C ASN C 87 -27.11 -15.99 -0.36
N VAL C 88 -26.34 -17.05 -0.13
CA VAL C 88 -26.67 -18.40 -0.64
C VAL C 88 -27.99 -18.91 -0.05
N ARG C 89 -28.29 -18.54 1.20
CA ARG C 89 -29.50 -19.02 1.87
C ARG C 89 -30.79 -18.49 1.20
N LEU C 90 -30.75 -17.23 0.77
CA LEU C 90 -31.86 -16.65 0.01
C LEU C 90 -32.02 -17.31 -1.35
N LEU C 91 -30.91 -17.68 -1.97
CA LEU C 91 -30.94 -18.41 -3.24
C LEU C 91 -31.60 -19.79 -3.08
N GLN C 92 -31.19 -20.52 -2.05
CA GLN C 92 -31.75 -21.85 -1.73
C GLN C 92 -33.26 -21.78 -1.51
N LEU C 93 -33.66 -20.79 -0.72
CA LEU C 93 -35.06 -20.57 -0.38
C LEU C 93 -35.96 -20.31 -1.60
N LEU C 94 -35.46 -19.53 -2.55
CA LEU C 94 -36.22 -19.15 -3.74
C LEU C 94 -36.16 -20.16 -4.89
N LEU C 95 -35.14 -21.01 -4.92
CA LEU C 95 -34.88 -21.89 -6.07
C LEU C 95 -36.02 -22.85 -6.46
N PRO C 96 -36.70 -23.47 -5.49
CA PRO C 96 -37.77 -24.43 -5.85
C PRO C 96 -38.89 -23.82 -6.70
N ASN C 97 -39.24 -22.57 -6.39
CA ASN C 97 -40.27 -21.83 -7.14
C ASN C 97 -39.81 -21.33 -8.50
N VAL C 98 -38.50 -21.33 -8.74
CA VAL C 98 -37.93 -20.78 -9.98
C VAL C 98 -37.92 -21.84 -11.09
N GLU C 99 -38.61 -21.53 -12.20
CA GLU C 99 -38.68 -22.43 -13.34
C GLU C 99 -37.28 -22.67 -13.92
N ASP C 100 -36.66 -21.61 -14.42
CA ASP C 100 -35.32 -21.68 -15.01
C ASP C 100 -34.31 -20.89 -14.17
N VAL C 101 -33.21 -21.55 -13.80
CA VAL C 101 -32.15 -20.91 -13.01
C VAL C 101 -31.39 -19.86 -13.82
N ASN C 102 -31.44 -19.99 -15.14
CA ASN C 102 -30.84 -19.03 -16.08
C ASN C 102 -31.84 -18.00 -16.62
N GLU C 103 -32.93 -17.75 -15.90
CA GLU C 103 -33.83 -16.66 -16.24
C GLU C 103 -33.05 -15.33 -16.25
N CYS C 104 -33.36 -14.47 -17.20
CA CYS C 104 -32.60 -13.24 -17.38
C CYS C 104 -33.49 -12.02 -17.42
N ASP C 105 -32.89 -10.86 -17.16
CA ASP C 105 -33.61 -9.58 -17.25
C ASP C 105 -33.56 -9.07 -18.70
N VAL C 106 -34.12 -7.87 -18.95
CA VAL C 106 -34.25 -7.42 -20.35
C VAL C 106 -32.91 -7.12 -21.04
N ASN C 107 -31.86 -6.90 -20.25
CA ASN C 107 -30.51 -6.68 -20.80
C ASN C 107 -29.62 -7.92 -20.77
N GLY C 108 -30.19 -9.05 -20.34
CA GLY C 108 -29.51 -10.35 -20.42
C GLY C 108 -28.92 -10.87 -19.12
N PHE C 109 -29.07 -10.13 -18.03
CA PHE C 109 -28.43 -10.50 -16.78
C PHE C 109 -29.16 -11.63 -16.06
N THR C 110 -28.40 -12.66 -15.69
CA THR C 110 -28.87 -13.74 -14.82
C THR C 110 -28.33 -13.58 -13.39
N ALA C 111 -28.82 -14.41 -12.48
CA ALA C 111 -28.30 -14.48 -11.11
C ALA C 111 -26.80 -14.83 -11.10
N PHE C 112 -26.40 -15.74 -11.98
CA PHE C 112 -25.01 -16.17 -12.04
C PHE C 112 -24.10 -15.01 -12.45
N MET C 113 -24.45 -14.35 -13.55
CA MET C 113 -23.73 -13.17 -14.03
C MET C 113 -23.62 -12.10 -12.94
N GLU C 114 -24.73 -11.83 -12.25
CA GLU C 114 -24.73 -10.84 -11.19
C GLU C 114 -23.77 -11.24 -10.06
N ALA C 115 -23.75 -12.53 -9.71
CA ALA C 115 -22.81 -13.01 -8.70
C ALA C 115 -21.36 -12.76 -9.15
N ALA C 116 -21.10 -12.90 -10.44
CA ALA C 116 -19.76 -12.63 -11.02
C ALA C 116 -19.41 -11.15 -11.00
N VAL C 117 -20.35 -10.30 -11.40
CA VAL C 117 -20.17 -8.86 -11.40
C VAL C 117 -19.87 -8.32 -9.99
N TYR C 118 -20.61 -8.79 -9.01
CA TYR C 118 -20.50 -8.32 -7.63
C TYR C 118 -19.52 -9.12 -6.74
N GLY C 119 -18.82 -10.09 -7.33
CA GLY C 119 -17.73 -10.79 -6.63
C GLY C 119 -18.19 -11.71 -5.53
N ARG C 120 -19.35 -12.33 -5.74
CA ARG C 120 -20.02 -13.13 -4.73
C ARG C 120 -19.71 -14.62 -4.97
N VAL C 121 -18.64 -15.09 -4.33
CA VAL C 121 -18.03 -16.40 -4.63
C VAL C 121 -18.87 -17.60 -4.20
N GLU C 122 -19.40 -17.55 -2.98
CA GLU C 122 -20.26 -18.61 -2.45
C GLU C 122 -21.51 -18.78 -3.34
N ALA C 123 -22.15 -17.65 -3.68
CA ALA C 123 -23.33 -17.67 -4.55
C ALA C 123 -23.01 -18.20 -5.93
N LEU C 124 -21.84 -17.83 -6.46
CA LEU C 124 -21.37 -18.33 -7.75
C LEU C 124 -21.27 -19.86 -7.76
N ARG C 125 -20.69 -20.42 -6.70
CA ARG C 125 -20.55 -21.87 -6.56
C ARG C 125 -21.89 -22.58 -6.47
N PHE C 126 -22.78 -22.05 -5.64
CA PHE C 126 -24.12 -22.61 -5.48
C PHE C 126 -24.90 -22.63 -6.81
N LEU C 127 -24.80 -21.55 -7.57
CA LEU C 127 -25.52 -21.43 -8.82
C LEU C 127 -24.94 -22.36 -9.89
N TYR C 128 -23.63 -22.52 -9.88
CA TYR C 128 -22.95 -23.45 -10.78
C TYR C 128 -23.43 -24.88 -10.54
N GLU C 129 -23.47 -25.29 -9.27
CA GLU C 129 -23.85 -26.63 -8.88
C GLU C 129 -25.32 -26.94 -9.16
N ASN C 130 -26.12 -25.88 -9.26
CA ASN C 130 -27.53 -26.01 -9.58
C ASN C 130 -27.86 -25.67 -11.04
N GLY C 131 -26.89 -25.86 -11.93
CA GLY C 131 -27.14 -25.88 -13.38
C GLY C 131 -27.02 -24.58 -14.17
N ALA C 132 -26.31 -23.58 -13.66
CA ALA C 132 -26.13 -22.31 -14.38
C ALA C 132 -25.27 -22.49 -15.62
N ASP C 133 -25.64 -21.82 -16.72
CA ASP C 133 -24.85 -21.84 -17.93
C ASP C 133 -23.72 -20.83 -17.77
N VAL C 134 -22.51 -21.35 -17.59
CA VAL C 134 -21.35 -20.54 -17.31
C VAL C 134 -20.99 -19.66 -18.51
N ASN C 135 -21.18 -20.20 -19.71
CA ASN C 135 -20.76 -19.52 -20.94
C ASN C 135 -21.89 -18.85 -21.71
N MET C 136 -22.99 -18.57 -21.03
CA MET C 136 -24.10 -17.84 -21.62
C MET C 136 -23.64 -16.43 -22.01
N HIS C 137 -23.97 -16.02 -23.22
CA HIS C 137 -23.81 -14.63 -23.65
C HIS C 137 -25.09 -13.87 -23.34
N ARG C 138 -24.96 -12.63 -22.87
CA ARG C 138 -26.14 -11.80 -22.59
C ARG C 138 -26.94 -11.54 -23.86
N LYS C 139 -28.20 -11.96 -23.83
CA LYS C 139 -29.15 -11.63 -24.89
C LYS C 139 -29.80 -10.31 -24.45
N THR C 140 -29.94 -9.38 -25.38
CA THR C 140 -30.52 -8.07 -25.05
C THR C 140 -31.53 -7.61 -26.11
N LYS C 141 -32.01 -6.37 -25.97
CA LYS C 141 -33.02 -5.83 -26.86
C LYS C 141 -32.45 -5.61 -28.26
N GLN C 142 -33.29 -5.58 -29.21
CA GLN C 142 -32.91 -5.37 -30.53
C GLN C 142 -32.22 -4.01 -30.89
N ASP C 143 -32.63 -2.99 -30.24
CA ASP C 143 -31.93 -1.68 -30.33
C ASP C 143 -30.51 -1.73 -29.78
N GLN C 144 -30.27 -2.58 -28.79
CA GLN C 144 -28.93 -2.76 -28.24
C GLN C 144 -28.10 -3.65 -29.15
N GLU C 145 -28.67 -4.74 -29.64
CA GLU C 145 -27.93 -5.68 -30.50
C GLU C 145 -27.47 -5.03 -31.80
N ARG C 146 -28.30 -4.16 -32.37
CA ARG C 146 -27.97 -3.53 -33.64
C ARG C 146 -26.85 -2.50 -33.58
N ILE C 147 -26.48 -2.06 -32.37
CA ILE C 147 -25.29 -1.23 -32.18
C ILE C 147 -24.15 -2.02 -31.52
N ARG C 148 -24.28 -3.34 -31.57
CA ARG C 148 -23.24 -4.29 -31.11
C ARG C 148 -22.93 -4.20 -29.62
N LYS C 149 -23.96 -3.88 -28.83
CA LYS C 149 -23.88 -4.05 -27.39
C LYS C 149 -24.45 -5.41 -27.02
N GLY C 150 -24.29 -5.80 -25.77
CA GLY C 150 -24.68 -7.14 -25.31
C GLY C 150 -23.64 -8.20 -25.63
N GLY C 151 -23.93 -9.44 -25.21
CA GLY C 151 -23.09 -10.60 -25.54
C GLY C 151 -21.96 -10.89 -24.57
N ALA C 152 -21.84 -10.08 -23.53
CA ALA C 152 -20.81 -10.31 -22.53
C ALA C 152 -21.10 -11.58 -21.72
N THR C 153 -20.05 -12.15 -21.10
CA THR C 153 -20.16 -13.33 -20.25
C THR C 153 -19.79 -13.01 -18.79
N ALA C 154 -19.96 -14.00 -17.90
CA ALA C 154 -19.57 -13.85 -16.50
C ALA C 154 -18.06 -13.62 -16.36
N LEU C 155 -17.27 -14.24 -17.23
CA LEU C 155 -15.81 -14.12 -17.19
C LEU C 155 -15.38 -12.68 -17.47
N MET C 156 -15.97 -12.11 -18.53
CA MET C 156 -15.73 -10.72 -18.91
C MET C 156 -16.06 -9.77 -17.75
N ASP C 157 -17.22 -9.96 -17.12
CA ASP C 157 -17.62 -9.12 -15.98
C ASP C 157 -16.64 -9.19 -14.83
N ALA C 158 -16.30 -10.41 -14.43
CA ALA C 158 -15.35 -10.64 -13.34
C ALA C 158 -13.99 -10.05 -13.65
N ALA C 159 -13.57 -10.15 -14.91
CA ALA C 159 -12.31 -9.57 -15.37
C ALA C 159 -12.36 -8.07 -15.29
N GLU C 160 -13.48 -7.49 -15.72
CA GLU C 160 -13.68 -6.04 -15.69
C GLU C 160 -13.65 -5.47 -14.29
N LYS C 161 -14.32 -6.14 -13.36
CA LYS C 161 -14.48 -5.64 -11.98
C LYS C 161 -13.33 -6.03 -11.05
N GLY C 162 -12.34 -6.75 -11.57
CA GLY C 162 -11.13 -7.07 -10.81
C GLY C 162 -11.29 -8.15 -9.76
N HIS C 163 -12.27 -9.04 -9.95
CA HIS C 163 -12.51 -10.14 -9.03
C HIS C 163 -11.65 -11.35 -9.43
N VAL C 164 -10.44 -11.41 -8.87
CA VAL C 164 -9.44 -12.41 -9.22
C VAL C 164 -9.92 -13.81 -8.85
N GLY C 165 -10.43 -13.97 -7.62
CA GLY C 165 -11.00 -15.22 -7.16
C GLY C 165 -12.03 -15.81 -8.12
N VAL C 166 -13.03 -15.01 -8.46
CA VAL C 166 -14.08 -15.39 -9.42
C VAL C 166 -13.48 -15.82 -10.76
N VAL C 167 -12.51 -15.06 -11.26
CA VAL C 167 -11.86 -15.38 -12.55
C VAL C 167 -11.15 -16.73 -12.48
N THR C 168 -10.38 -16.93 -11.41
CA THR C 168 -9.66 -18.17 -11.17
C THR C 168 -10.62 -19.35 -11.17
N ILE C 169 -11.70 -19.20 -10.39
CA ILE C 169 -12.68 -20.26 -10.22
C ILE C 169 -13.42 -20.53 -11.53
N LEU C 170 -13.76 -19.47 -12.28
CA LEU C 170 -14.45 -19.65 -13.56
C LEU C 170 -13.60 -20.45 -14.56
N LEU C 171 -12.33 -20.10 -14.67
CA LEU C 171 -11.43 -20.77 -15.61
C LEU C 171 -11.09 -22.21 -15.23
N HIS C 172 -10.90 -22.47 -13.93
CA HIS C 172 -10.36 -23.74 -13.46
C HIS C 172 -11.40 -24.75 -12.98
N ALA C 173 -12.42 -24.28 -12.27
CA ALA C 173 -13.44 -25.17 -11.71
C ALA C 173 -14.70 -25.26 -12.55
N MET C 174 -14.98 -24.21 -13.33
CA MET C 174 -16.29 -24.08 -14.01
C MET C 174 -16.22 -24.14 -15.55
N LYS C 175 -15.04 -24.43 -16.10
CA LYS C 175 -14.83 -24.59 -17.55
C LYS C 175 -15.23 -23.37 -18.41
N ALA C 176 -14.88 -22.17 -17.97
CA ALA C 176 -15.24 -20.96 -18.73
C ALA C 176 -14.45 -20.85 -20.02
N GLU C 177 -15.13 -20.45 -21.09
CA GLU C 177 -14.48 -20.23 -22.38
C GLU C 177 -13.61 -18.97 -22.32
N VAL C 178 -12.29 -19.15 -22.38
CA VAL C 178 -11.37 -18.05 -22.22
C VAL C 178 -11.48 -17.00 -23.34
N ASP C 179 -11.77 -17.45 -24.55
CA ASP C 179 -11.73 -16.55 -25.71
C ASP C 179 -13.12 -16.25 -26.29
N ALA C 180 -14.16 -16.39 -25.47
CA ALA C 180 -15.50 -16.03 -25.89
C ALA C 180 -15.58 -14.52 -26.17
N ARG C 181 -16.53 -14.12 -27.01
CA ARG C 181 -16.61 -12.76 -27.47
C ARG C 181 -17.98 -12.16 -27.32
N ASP C 182 -18.02 -10.88 -26.95
CA ASP C 182 -19.28 -10.14 -26.92
C ASP C 182 -19.65 -9.72 -28.34
N ASN C 183 -20.79 -9.04 -28.48
CA ASN C 183 -21.28 -8.63 -29.79
C ASN C 183 -20.37 -7.64 -30.54
N MET C 184 -19.48 -6.93 -29.83
CA MET C 184 -18.51 -6.00 -30.46
C MET C 184 -17.19 -6.70 -30.84
N GLY C 185 -17.01 -7.95 -30.43
CA GLY C 185 -15.79 -8.71 -30.75
C GLY C 185 -14.70 -8.67 -29.68
N ARG C 186 -15.03 -8.09 -28.52
CA ARG C 186 -14.09 -8.05 -27.39
C ARG C 186 -14.09 -9.37 -26.67
N ASN C 187 -12.96 -9.68 -26.00
CA ASN C 187 -12.87 -10.83 -25.10
C ASN C 187 -12.52 -10.40 -23.67
N ALA C 188 -12.38 -11.36 -22.77
CA ALA C 188 -12.11 -11.06 -21.36
C ALA C 188 -10.82 -10.29 -21.14
N LEU C 189 -9.87 -10.46 -22.06
CA LEU C 189 -8.59 -9.77 -22.00
C LEU C 189 -8.74 -8.27 -22.15
N VAL C 190 -9.60 -7.83 -23.08
CA VAL C 190 -9.88 -6.40 -23.26
C VAL C 190 -10.50 -5.82 -21.98
N TYR C 191 -11.49 -6.50 -21.43
CA TYR C 191 -12.15 -6.06 -20.20
C TYR C 191 -11.16 -5.97 -19.04
N ALA C 192 -10.26 -6.94 -18.93
CA ALA C 192 -9.23 -6.95 -17.89
C ALA C 192 -8.35 -5.70 -17.94
N LEU C 193 -8.05 -5.22 -19.13
CA LEU C 193 -7.18 -4.06 -19.28
C LEU C 193 -7.89 -2.72 -19.06
N LEU C 194 -9.21 -2.75 -18.94
CA LEU C 194 -10.00 -1.55 -18.60
C LEU C 194 -10.16 -1.36 -17.08
N ASN C 195 -9.79 -2.38 -16.30
CA ASN C 195 -9.79 -2.32 -14.83
C ASN C 195 -8.66 -1.44 -14.30
N PRO C 196 -8.99 -0.31 -13.64
CA PRO C 196 -7.95 0.64 -13.24
C PRO C 196 -7.00 0.18 -12.11
N ASP C 197 -7.39 -0.83 -11.35
CA ASP C 197 -6.51 -1.41 -10.31
C ASP C 197 -5.40 -2.23 -10.95
N ASP C 198 -4.16 -1.77 -10.78
CA ASP C 198 -3.03 -2.35 -11.50
C ASP C 198 -2.75 -3.80 -11.11
N GLY C 199 -2.76 -4.06 -9.80
CA GLY C 199 -2.48 -5.40 -9.29
C GLY C 199 -3.47 -6.45 -9.77
N LYS C 200 -4.75 -6.14 -9.66
CA LYS C 200 -5.79 -7.05 -10.11
C LYS C 200 -5.78 -7.23 -11.63
N ALA C 201 -5.56 -6.14 -12.35
CA ALA C 201 -5.42 -6.19 -13.81
C ALA C 201 -4.25 -7.10 -14.24
N LYS C 202 -3.15 -7.03 -13.51
CA LYS C 202 -1.96 -7.83 -13.83
C LYS C 202 -2.19 -9.31 -13.56
N ALA C 203 -2.87 -9.62 -12.47
CA ALA C 203 -3.11 -11.01 -12.09
C ALA C 203 -4.07 -11.66 -13.06
N ILE C 204 -5.19 -10.98 -13.32
CA ILE C 204 -6.26 -11.49 -14.18
C ILE C 204 -5.74 -11.67 -15.61
N THR C 205 -4.98 -10.70 -16.07
CA THR C 205 -4.36 -10.77 -17.39
C THR C 205 -3.46 -12.00 -17.52
N ARG C 206 -2.67 -12.30 -16.49
CA ARG C 206 -1.82 -13.49 -16.55
C ARG C 206 -2.66 -14.77 -16.66
N LEU C 207 -3.67 -14.89 -15.79
CA LEU C 207 -4.58 -16.03 -15.82
C LEU C 207 -5.19 -16.23 -17.21
N LEU C 208 -5.70 -15.14 -17.79
CA LEU C 208 -6.32 -15.17 -19.11
C LEU C 208 -5.35 -15.56 -20.21
N LEU C 209 -4.16 -14.95 -20.19
CA LEU C 209 -3.13 -15.28 -21.17
C LEU C 209 -2.69 -16.73 -21.05
N ASP C 210 -2.51 -17.20 -19.82
CA ASP C 210 -2.13 -18.59 -19.57
C ASP C 210 -3.13 -19.58 -20.16
N HIS C 211 -4.43 -19.29 -20.05
CA HIS C 211 -5.46 -20.19 -20.58
C HIS C 211 -5.72 -20.02 -22.07
N GLY C 212 -4.97 -19.13 -22.72
CA GLY C 212 -5.02 -18.99 -24.18
C GLY C 212 -5.96 -17.93 -24.71
N ALA C 213 -6.11 -16.81 -23.99
CA ALA C 213 -6.89 -15.68 -24.50
C ALA C 213 -6.21 -15.11 -25.74
N ASP C 214 -6.99 -14.81 -26.76
CA ASP C 214 -6.44 -14.24 -27.98
C ASP C 214 -5.94 -12.82 -27.72
N VAL C 215 -4.70 -12.57 -28.12
CA VAL C 215 -4.00 -11.35 -27.80
C VAL C 215 -4.24 -10.31 -28.90
N ASN C 216 -4.60 -10.79 -30.10
CA ASN C 216 -4.91 -9.92 -31.24
C ASN C 216 -6.42 -9.72 -31.38
N VAL C 217 -6.95 -8.90 -30.49
CA VAL C 217 -8.35 -8.51 -30.51
C VAL C 217 -8.41 -7.01 -30.47
N ARG C 218 -9.62 -6.47 -30.57
CA ARG C 218 -9.83 -5.04 -30.59
C ARG C 218 -10.88 -4.64 -29.55
N GLY C 219 -10.66 -3.48 -28.94
CA GLY C 219 -11.69 -2.82 -28.13
C GLY C 219 -12.13 -1.51 -28.75
N GLU C 220 -12.53 -0.58 -27.90
CA GLU C 220 -12.93 0.78 -28.31
C GLU C 220 -11.83 1.43 -29.14
N GLY C 221 -12.23 2.22 -30.13
CA GLY C 221 -11.28 2.92 -31.00
C GLY C 221 -10.37 1.97 -31.75
N SER C 222 -10.80 0.72 -31.88
CA SER C 222 -10.01 -0.36 -32.46
C SER C 222 -8.63 -0.50 -31.79
N LYS C 223 -8.56 -0.26 -30.49
CA LYS C 223 -7.33 -0.45 -29.72
C LYS C 223 -7.08 -1.93 -29.41
N THR C 224 -5.83 -2.34 -29.45
CA THR C 224 -5.42 -3.68 -29.07
C THR C 224 -5.12 -3.72 -27.57
N PRO C 225 -5.04 -4.93 -27.00
CA PRO C 225 -4.59 -5.06 -25.62
C PRO C 225 -3.23 -4.42 -25.37
N LEU C 226 -2.33 -4.55 -26.36
CA LEU C 226 -1.01 -3.92 -26.26
C LEU C 226 -1.13 -2.39 -26.15
N ILE C 227 -1.96 -1.79 -27.01
CA ILE C 227 -2.15 -0.34 -26.99
C ILE C 227 -2.80 0.12 -25.69
N LEU C 228 -3.77 -0.64 -25.20
CA LEU C 228 -4.38 -0.35 -23.90
C LEU C 228 -3.34 -0.35 -22.79
N ALA C 229 -2.42 -1.31 -22.84
CA ALA C 229 -1.35 -1.42 -21.84
C ALA C 229 -0.39 -0.23 -21.89
N VAL C 230 -0.08 0.23 -23.11
CA VAL C 230 0.75 1.42 -23.27
C VAL C 230 0.05 2.69 -22.78
N GLU C 231 -1.22 2.88 -23.16
CA GLU C 231 -1.98 4.07 -22.76
C GLU C 231 -2.18 4.19 -21.24
N ARG C 232 -2.14 3.05 -20.57
CA ARG C 232 -2.27 2.97 -19.13
C ARG C 232 -0.89 3.07 -18.46
N LYS C 233 0.15 3.14 -19.28
CA LYS C 233 1.53 3.40 -18.83
C LYS C 233 2.08 2.30 -17.91
N ASN C 234 1.75 1.04 -18.19
CA ASN C 234 2.13 -0.07 -17.34
C ASN C 234 3.16 -0.98 -18.01
N LEU C 235 4.40 -0.85 -17.57
CA LEU C 235 5.49 -1.66 -18.12
C LEU C 235 5.23 -3.17 -17.98
N ASP C 236 4.72 -3.61 -16.83
CA ASP C 236 4.51 -5.03 -16.56
C ASP C 236 3.48 -5.67 -17.47
N LEU C 237 2.38 -4.96 -17.72
CA LEU C 237 1.36 -5.47 -18.64
C LEU C 237 1.91 -5.58 -20.06
N VAL C 238 2.73 -4.62 -20.46
CA VAL C 238 3.40 -4.63 -21.76
C VAL C 238 4.33 -5.85 -21.87
N GLN C 239 5.17 -6.09 -20.86
CA GLN C 239 6.04 -7.27 -20.82
C GLN C 239 5.22 -8.55 -20.98
N MET C 240 4.24 -8.70 -20.10
CA MET C 240 3.31 -9.83 -20.09
C MET C 240 2.77 -10.12 -21.50
N LEU C 241 2.34 -9.07 -22.19
CA LEU C 241 1.71 -9.22 -23.50
C LEU C 241 2.71 -9.51 -24.61
N LEU C 242 3.90 -8.91 -24.51
CA LEU C 242 4.95 -9.13 -25.51
C LEU C 242 5.63 -10.50 -25.40
N GLU C 243 5.39 -11.23 -24.30
CA GLU C 243 5.84 -12.61 -24.17
C GLU C 243 5.16 -13.52 -25.18
N GLN C 244 3.90 -13.22 -25.49
CA GLN C 244 3.17 -13.97 -26.51
C GLN C 244 3.80 -13.67 -27.85
N GLU C 245 4.31 -14.70 -28.55
CA GLU C 245 5.06 -14.48 -29.80
C GLU C 245 4.16 -14.23 -31.02
N GLN C 246 2.87 -14.57 -30.89
CA GLN C 246 1.89 -14.34 -31.95
C GLN C 246 1.38 -12.89 -32.00
N ILE C 247 1.74 -12.08 -31.01
CA ILE C 247 1.27 -10.70 -30.93
C ILE C 247 1.77 -9.85 -32.10
N GLU C 248 0.91 -8.96 -32.59
CA GLU C 248 1.25 -8.08 -33.70
C GLU C 248 1.62 -6.70 -33.16
N VAL C 249 2.91 -6.42 -33.05
CA VAL C 249 3.39 -5.18 -32.42
C VAL C 249 3.15 -3.92 -33.27
N ASN C 250 2.98 -4.09 -34.57
CA ASN C 250 2.83 -2.94 -35.46
C ASN C 250 1.39 -2.66 -35.89
N ASP C 251 0.44 -3.25 -35.18
CA ASP C 251 -0.98 -2.97 -35.42
C ASP C 251 -1.34 -1.53 -34.99
N THR C 252 -2.32 -0.94 -35.68
CA THR C 252 -2.71 0.45 -35.52
C THR C 252 -4.13 0.55 -34.99
N ASP C 253 -4.39 1.57 -34.19
CA ASP C 253 -5.76 1.86 -33.73
C ASP C 253 -6.51 2.59 -34.84
N ARG C 254 -7.75 3.01 -34.58
CA ARG C 254 -8.57 3.66 -35.62
C ARG C 254 -7.93 4.93 -36.19
N GLU C 255 -7.16 5.65 -35.36
CA GLU C 255 -6.47 6.86 -35.80
C GLU C 255 -5.10 6.62 -36.46
N GLY C 256 -4.73 5.34 -36.64
CA GLY C 256 -3.50 4.99 -37.32
C GLY C 256 -2.28 4.99 -36.41
N LYS C 257 -2.50 5.06 -35.10
CA LYS C 257 -1.41 5.08 -34.12
C LYS C 257 -1.02 3.67 -33.69
N THR C 258 0.29 3.46 -33.58
CA THR C 258 0.85 2.19 -33.20
C THR C 258 1.25 2.28 -31.74
N ALA C 259 1.52 1.14 -31.11
CA ALA C 259 1.83 1.12 -29.68
C ALA C 259 3.10 1.91 -29.39
N LEU C 260 4.10 1.74 -30.25
CA LEU C 260 5.36 2.48 -30.16
C LEU C 260 5.13 4.00 -30.19
N LEU C 261 4.31 4.46 -31.14
CA LEU C 261 4.08 5.89 -31.36
C LEU C 261 3.48 6.49 -30.10
N LEU C 262 2.52 5.80 -29.53
CA LEU C 262 1.87 6.23 -28.29
C LEU C 262 2.85 6.26 -27.15
N ALA C 263 3.74 5.28 -27.10
CA ALA C 263 4.72 5.20 -26.03
C ALA C 263 5.65 6.40 -26.05
N VAL C 264 6.10 6.78 -27.23
CA VAL C 264 6.99 7.93 -27.37
C VAL C 264 6.22 9.21 -26.99
N GLU C 265 5.01 9.36 -27.51
CA GLU C 265 4.16 10.52 -27.21
C GLU C 265 3.92 10.73 -25.71
N LEU C 266 3.73 9.63 -24.98
CA LEU C 266 3.45 9.67 -23.55
C LEU C 266 4.71 9.66 -22.66
N ARG C 267 5.90 9.86 -23.25
CA ARG C 267 7.19 9.88 -22.52
C ARG C 267 7.51 8.54 -21.81
N LEU C 268 7.18 7.42 -22.44
CA LEU C 268 7.39 6.10 -21.84
C LEU C 268 8.66 5.45 -22.38
N GLU C 269 9.80 5.89 -21.86
CA GLU C 269 11.11 5.51 -22.39
C GLU C 269 11.31 3.99 -22.42
N GLU C 270 11.17 3.34 -21.26
CA GLU C 270 11.42 1.90 -21.17
C GLU C 270 10.46 1.06 -21.99
N ILE C 271 9.17 1.38 -21.90
CA ILE C 271 8.16 0.72 -22.73
C ILE C 271 8.49 0.85 -24.22
N ALA C 272 8.96 2.03 -24.62
CA ALA C 272 9.31 2.28 -26.02
C ALA C 272 10.53 1.46 -26.46
N LYS C 273 11.58 1.42 -25.64
CA LYS C 273 12.76 0.61 -25.94
C LYS C 273 12.39 -0.86 -26.07
N LEU C 274 11.59 -1.33 -25.12
CA LEU C 274 11.13 -2.72 -25.11
C LEU C 274 10.33 -3.11 -26.36
N LEU C 275 9.51 -2.18 -26.86
CA LEU C 275 8.76 -2.39 -28.09
C LEU C 275 9.67 -2.45 -29.32
N CYS C 276 10.68 -1.58 -29.36
CA CYS C 276 11.68 -1.60 -30.43
C CYS C 276 12.43 -2.92 -30.45
N HIS C 277 12.88 -3.36 -29.29
CA HIS C 277 13.59 -4.64 -29.18
C HIS C 277 12.74 -5.83 -29.64
N ARG C 278 11.42 -5.76 -29.44
CA ARG C 278 10.52 -6.83 -29.87
C ARG C 278 9.96 -6.64 -31.28
N GLY C 279 10.60 -5.76 -32.06
CA GLY C 279 10.32 -5.66 -33.49
C GLY C 279 9.39 -4.56 -33.98
N ALA C 280 9.09 -3.57 -33.15
CA ALA C 280 8.27 -2.42 -33.59
C ALA C 280 9.06 -1.53 -34.55
N SER C 281 8.38 -1.02 -35.58
CA SER C 281 9.03 -0.23 -36.63
C SER C 281 9.06 1.28 -36.34
N THR C 282 10.18 1.92 -36.70
CA THR C 282 10.41 3.38 -36.50
C THR C 282 9.65 4.27 -37.53
N ASN C 283 9.06 3.65 -38.55
CA ASN C 283 8.37 4.38 -39.62
C ASN C 283 6.89 4.69 -39.34
N CYS C 284 6.45 4.42 -38.11
CA CYS C 284 5.07 4.72 -37.70
C CYS C 284 4.82 6.22 -37.52
N GLY C 285 5.88 6.97 -37.28
CA GLY C 285 5.82 8.43 -37.18
C GLY C 285 7.21 9.01 -37.06
N ASP C 286 7.28 10.32 -36.87
CA ASP C 286 8.56 10.99 -36.63
C ASP C 286 8.87 10.92 -35.13
N LEU C 287 9.37 9.77 -34.68
CA LEU C 287 9.56 9.51 -33.25
C LEU C 287 10.66 10.34 -32.62
N VAL C 288 11.72 10.61 -33.38
CA VAL C 288 12.82 11.46 -32.89
C VAL C 288 12.32 12.85 -32.52
N ALA C 289 11.59 13.48 -33.45
CA ALA C 289 11.06 14.82 -33.23
C ALA C 289 10.13 14.86 -32.02
N ILE C 290 9.36 13.81 -31.83
CA ILE C 290 8.43 13.72 -30.71
C ILE C 290 9.19 13.58 -29.40
N ALA C 291 10.16 12.68 -29.37
CA ALA C 291 10.97 12.48 -28.15
C ALA C 291 11.74 13.75 -27.78
N ARG C 292 12.24 14.44 -28.80
CA ARG C 292 12.94 15.72 -28.62
C ARG C 292 12.01 16.77 -28.01
N ARG C 293 10.85 16.93 -28.64
CA ARG C 293 9.78 17.81 -28.17
C ARG C 293 9.42 17.59 -26.71
N ASN C 294 9.41 16.33 -26.28
CA ASN C 294 9.17 15.97 -24.88
C ASN C 294 10.37 16.15 -23.95
N TYR C 295 11.52 16.53 -24.52
CA TYR C 295 12.78 16.63 -23.77
C TYR C 295 13.18 15.28 -23.15
N ASP C 296 12.94 14.21 -23.89
CA ASP C 296 13.38 12.86 -23.51
C ASP C 296 14.71 12.62 -24.19
N SER C 297 15.78 13.13 -23.59
CA SER C 297 17.10 13.12 -24.20
C SER C 297 17.59 11.70 -24.47
N ASP C 298 17.49 10.84 -23.46
CA ASP C 298 17.98 9.46 -23.58
C ASP C 298 17.23 8.69 -24.66
N LEU C 299 15.92 8.94 -24.79
CA LEU C 299 15.12 8.24 -25.78
C LEU C 299 15.48 8.70 -27.18
N VAL C 300 15.79 9.98 -27.32
CA VAL C 300 16.27 10.52 -28.60
C VAL C 300 17.56 9.80 -29.04
N LYS C 301 18.52 9.64 -28.14
CA LYS C 301 19.78 8.96 -28.46
C LYS C 301 19.53 7.52 -28.89
N PHE C 302 18.67 6.83 -28.14
CA PHE C 302 18.32 5.46 -28.46
C PHE C 302 17.66 5.32 -29.83
N LEU C 303 16.77 6.27 -30.15
CA LEU C 303 16.08 6.27 -31.46
C LEU C 303 17.02 6.57 -32.61
N ARG C 304 17.98 7.47 -32.38
CA ARG C 304 18.98 7.79 -33.41
C ARG C 304 19.91 6.62 -33.69
N LEU C 305 20.28 5.87 -32.64
CA LEU C 305 21.12 4.68 -32.82
C LEU C 305 20.40 3.62 -33.63
N HIS C 306 19.16 3.33 -33.25
CA HIS C 306 18.37 2.27 -33.89
C HIS C 306 17.61 2.72 -35.15
N LYS C 307 18.02 3.83 -35.75
CA LYS C 307 17.58 4.26 -37.11
C LYS C 307 16.20 4.95 -37.09
N ASN C 318 -2.92 20.87 -47.61
CA ASN C 318 -4.13 20.78 -48.42
C ASN C 318 -5.40 21.41 -47.80
N TRP C 319 -5.37 21.68 -46.50
CA TRP C 319 -6.55 22.20 -45.78
C TRP C 319 -6.81 23.67 -46.12
N LYS C 320 -8.09 24.00 -46.32
CA LYS C 320 -8.49 25.37 -46.67
C LYS C 320 -9.38 26.02 -45.61
N PRO C 321 -8.98 27.20 -45.11
CA PRO C 321 -9.87 27.94 -44.22
C PRO C 321 -10.97 28.63 -45.02
N GLN C 322 -12.14 28.83 -44.41
CA GLN C 322 -13.20 29.63 -45.02
C GLN C 322 -12.98 31.14 -44.85
N SER C 323 -12.35 31.54 -43.75
CA SER C 323 -12.17 32.96 -43.48
C SER C 323 -11.05 33.61 -44.31
N SER C 324 -11.39 34.71 -44.96
CA SER C 324 -10.42 35.51 -45.69
C SER C 324 -9.52 36.29 -44.73
N ARG C 325 -10.12 37.03 -43.81
CA ARG C 325 -9.35 37.86 -42.86
C ARG C 325 -8.38 37.04 -41.98
N TRP C 326 -8.81 35.85 -41.56
CA TRP C 326 -8.07 35.04 -40.60
C TRP C 326 -7.38 33.82 -41.23
N GLY C 327 -7.53 33.66 -42.54
CA GLY C 327 -7.11 32.44 -43.24
C GLY C 327 -5.64 32.09 -43.08
N GLU C 328 -4.78 33.08 -43.31
CA GLU C 328 -3.33 32.88 -43.22
C GLU C 328 -2.90 32.31 -41.86
N ALA C 329 -3.41 32.89 -40.78
CA ALA C 329 -3.07 32.44 -39.43
C ALA C 329 -3.70 31.08 -39.13
N LEU C 330 -4.91 30.86 -39.61
CA LEU C 330 -5.58 29.57 -39.46
C LEU C 330 -4.77 28.44 -40.10
N LYS C 331 -4.20 28.71 -41.28
CA LYS C 331 -3.35 27.75 -41.99
C LYS C 331 -2.14 27.39 -41.16
N HIS C 332 -1.55 28.40 -40.54
CA HIS C 332 -0.38 28.20 -39.69
C HIS C 332 -0.76 27.38 -38.45
N LEU C 333 -1.90 27.68 -37.84
CA LEU C 333 -2.35 26.92 -36.66
C LEU C 333 -2.63 25.45 -37.00
N HIS C 334 -3.16 25.21 -38.17
CA HIS C 334 -3.43 23.85 -38.64
C HIS C 334 -2.13 23.05 -38.85
N ARG C 335 -1.08 23.76 -39.22
CA ARG C 335 0.19 23.17 -39.61
C ARG C 335 1.03 22.71 -38.41
N ILE C 336 1.05 23.54 -37.35
CA ILE C 336 1.91 23.28 -36.19
C ILE C 336 1.36 22.18 -35.28
N TRP C 337 2.19 21.68 -34.37
CA TRP C 337 1.74 20.69 -33.41
C TRP C 337 1.27 21.39 -32.14
N ARG C 338 0.13 20.95 -31.61
CA ARG C 338 -0.36 21.43 -30.32
C ARG C 338 -0.98 20.28 -29.55
N PRO C 339 -0.86 20.28 -28.22
CA PRO C 339 -1.68 19.34 -27.46
C PRO C 339 -3.15 19.78 -27.54
N MET C 340 -4.07 18.83 -27.41
CA MET C 340 -5.50 19.10 -27.53
C MET C 340 -6.08 19.38 -26.15
N ILE C 341 -7.10 20.23 -26.11
CA ILE C 341 -7.90 20.42 -24.92
C ILE C 341 -9.26 19.90 -25.33
N GLY C 342 -9.51 18.62 -25.05
CA GLY C 342 -10.72 17.96 -25.55
C GLY C 342 -10.75 18.04 -27.05
N LYS C 343 -11.75 18.71 -27.60
CA LYS C 343 -11.89 18.87 -29.05
C LYS C 343 -11.21 20.13 -29.63
N LEU C 344 -10.57 20.92 -28.76
CA LEU C 344 -10.02 22.20 -29.19
C LEU C 344 -8.50 22.16 -29.39
N LYS C 345 -8.06 22.62 -30.56
CA LYS C 345 -6.67 22.93 -30.81
C LYS C 345 -6.50 24.44 -30.78
N ILE C 346 -5.56 24.91 -29.97
CA ILE C 346 -5.33 26.34 -29.77
C ILE C 346 -3.90 26.60 -29.31
N PHE C 347 -3.37 27.77 -29.68
CA PHE C 347 -2.06 28.24 -29.23
C PHE C 347 -2.15 29.71 -28.89
N ILE C 348 -1.84 30.04 -27.64
CA ILE C 348 -1.84 31.42 -27.17
C ILE C 348 -0.59 32.16 -27.61
N ASP C 349 -0.69 32.83 -28.76
CA ASP C 349 0.40 33.62 -29.32
C ASP C 349 -0.24 34.79 -30.06
N GLU C 350 0.49 35.90 -30.17
CA GLU C 350 -0.06 37.12 -30.77
C GLU C 350 -0.49 36.93 -32.23
N GLU C 351 0.11 35.99 -32.93
CA GLU C 351 -0.31 35.71 -34.30
C GLU C 351 -1.75 35.21 -34.38
N TYR C 352 -2.22 34.55 -33.31
CA TYR C 352 -3.54 33.92 -33.33
C TYR C 352 -4.58 34.72 -32.54
N LYS C 353 -4.19 35.90 -32.08
CA LYS C 353 -5.07 36.73 -31.27
C LYS C 353 -6.03 37.57 -32.13
N ILE C 354 -7.32 37.46 -31.84
CA ILE C 354 -8.35 38.24 -32.52
C ILE C 354 -8.57 39.58 -31.82
N ALA C 355 -8.63 39.58 -30.49
CA ALA C 355 -8.95 40.79 -29.73
C ALA C 355 -8.76 40.60 -28.23
N ASP C 356 -8.65 41.71 -27.51
CA ASP C 356 -8.63 41.72 -26.05
C ASP C 356 -10.03 41.54 -25.51
N THR C 357 -10.12 40.97 -24.31
CA THR C 357 -11.38 40.96 -23.57
C THR C 357 -11.13 41.41 -22.12
N ALA C 358 -12.16 41.35 -21.33
CA ALA C 358 -12.08 41.52 -19.89
C ALA C 358 -11.24 40.51 -19.12
N GLU C 359 -11.29 39.27 -19.55
CA GLU C 359 -10.60 38.19 -19.05
C GLU C 359 -9.50 37.67 -19.90
N GLY C 360 -8.79 38.40 -20.66
CA GLY C 360 -7.90 37.81 -21.69
C GLY C 360 -8.21 36.73 -22.77
N GLY C 361 -9.12 37.06 -23.57
CA GLY C 361 -8.99 37.43 -24.98
C GLY C 361 -9.72 36.48 -25.90
N ILE C 362 -9.78 36.86 -27.17
CA ILE C 362 -10.37 36.05 -28.20
C ILE C 362 -9.24 35.56 -29.09
N TYR C 363 -9.10 34.25 -29.22
CA TYR C 363 -8.04 33.66 -30.01
C TYR C 363 -8.65 32.74 -31.07
N LEU C 364 -7.95 32.59 -32.20
CA LEU C 364 -8.33 31.60 -33.19
C LEU C 364 -8.13 30.19 -32.64
N GLY C 365 -8.98 29.28 -33.08
CA GLY C 365 -8.91 27.89 -32.66
C GLY C 365 -9.49 26.97 -33.72
N LEU C 366 -9.24 25.67 -33.54
CA LEU C 366 -9.86 24.62 -34.35
C LEU C 366 -10.60 23.68 -33.43
N TYR C 367 -11.91 23.54 -33.64
CA TYR C 367 -12.77 22.71 -32.78
C TYR C 367 -13.42 21.68 -33.70
N GLU C 368 -13.21 20.39 -33.42
CA GLU C 368 -13.62 19.30 -34.34
C GLU C 368 -13.15 19.62 -35.78
N ASP C 369 -11.93 20.15 -35.88
CA ASP C 369 -11.31 20.60 -37.15
C ASP C 369 -12.03 21.77 -37.87
N GLN C 370 -12.89 22.48 -37.15
CA GLN C 370 -13.59 23.65 -37.68
C GLN C 370 -12.94 24.90 -37.13
N GLU C 371 -12.76 25.90 -37.96
CA GLU C 371 -12.20 27.18 -37.52
C GLU C 371 -13.19 27.86 -36.58
N VAL C 372 -12.69 28.37 -35.45
CA VAL C 372 -13.54 29.03 -34.45
C VAL C 372 -12.82 30.24 -33.82
N ALA C 373 -13.60 31.09 -33.17
CA ALA C 373 -13.07 32.08 -32.29
C ALA C 373 -13.25 31.52 -30.90
N VAL C 374 -12.24 31.67 -30.07
CA VAL C 374 -12.26 31.08 -28.75
C VAL C 374 -12.16 32.21 -27.73
N LYS C 375 -13.20 32.34 -26.92
CA LYS C 375 -13.25 33.32 -25.85
C LYS C 375 -12.87 32.65 -24.56
N ARG C 376 -11.84 33.18 -23.89
CA ARG C 376 -11.25 32.56 -22.72
C ARG C 376 -11.63 33.24 -21.40
N PHE C 377 -12.06 32.43 -20.46
CA PHE C 377 -12.44 32.88 -19.14
C PHE C 377 -11.68 32.08 -18.11
N SER C 378 -11.57 32.63 -16.91
CA SER C 378 -11.24 31.85 -15.72
C SER C 378 -12.34 30.80 -15.52
N GLU C 379 -11.96 29.58 -15.15
CA GLU C 379 -12.96 28.51 -15.02
C GLU C 379 -13.98 28.82 -13.92
N GLY C 380 -13.57 29.64 -12.96
CA GLY C 380 -14.47 30.07 -11.88
C GLY C 380 -15.21 31.37 -12.17
N SER C 381 -14.98 31.97 -13.33
CA SER C 381 -15.62 33.24 -13.67
C SER C 381 -17.15 33.15 -13.74
N THR C 382 -17.80 34.03 -13.02
CA THR C 382 -19.24 34.18 -13.05
C THR C 382 -19.74 34.63 -14.43
N ARG C 383 -19.05 35.55 -15.09
CA ARG C 383 -19.51 35.86 -16.43
C ARG C 383 -19.32 34.70 -17.38
N GLY C 384 -18.20 33.98 -17.25
CA GLY C 384 -18.03 32.83 -18.13
C GLY C 384 -19.19 31.85 -18.01
N GLN C 385 -19.73 31.74 -16.81
CA GLN C 385 -20.90 30.90 -16.58
C GLN C 385 -22.14 31.52 -17.20
N GLN C 386 -22.25 32.85 -17.18
CA GLN C 386 -23.35 33.54 -17.83
C GLN C 386 -23.28 33.33 -19.34
N GLU C 387 -22.10 33.51 -19.93
CA GLU C 387 -21.91 33.38 -21.36
C GLU C 387 -22.29 31.96 -21.80
N VAL C 388 -21.76 30.95 -21.13
CA VAL C 388 -21.98 29.57 -21.56
C VAL C 388 -23.43 29.15 -21.32
N SER C 389 -24.00 29.55 -20.20
CA SER C 389 -25.39 29.27 -19.90
C SER C 389 -26.32 29.78 -21.01
N CYS C 390 -26.12 31.03 -21.42
CA CYS C 390 -26.96 31.63 -22.46
C CYS C 390 -26.76 30.96 -23.84
N LEU C 391 -25.50 30.72 -24.22
CA LEU C 391 -25.21 30.05 -25.48
C LEU C 391 -25.77 28.62 -25.55
N GLN C 392 -25.74 27.90 -24.44
CA GLN C 392 -26.33 26.55 -24.36
C GLN C 392 -27.82 26.52 -24.64
N SER C 393 -28.53 27.61 -24.34
CA SER C 393 -29.97 27.71 -24.62
C SER C 393 -30.32 28.39 -25.94
N SER C 394 -29.33 28.85 -26.71
CA SER C 394 -29.58 29.65 -27.89
C SER C 394 -29.18 29.00 -29.21
N ARG C 395 -28.96 27.69 -29.22
CA ARG C 395 -28.47 27.01 -30.42
C ARG C 395 -29.45 27.07 -31.59
N ALA C 396 -30.75 27.10 -31.31
CA ALA C 396 -31.76 27.21 -32.35
C ALA C 396 -31.92 28.63 -32.87
N ASN C 397 -31.28 29.60 -32.22
CA ASN C 397 -31.41 31.01 -32.60
C ASN C 397 -30.47 31.32 -33.76
N ASP C 398 -31.00 31.36 -34.97
CA ASP C 398 -30.18 31.56 -36.19
C ASP C 398 -29.41 32.88 -36.24
N ASN C 399 -29.87 33.89 -35.51
CA ASN C 399 -29.27 35.21 -35.61
C ASN C 399 -28.34 35.50 -34.45
N VAL C 400 -27.99 34.45 -33.71
CA VAL C 400 -26.97 34.46 -32.66
C VAL C 400 -25.74 33.69 -33.16
N VAL C 401 -24.56 34.18 -32.80
CA VAL C 401 -23.33 33.56 -33.26
C VAL C 401 -23.39 32.08 -32.88
N THR C 402 -23.05 31.23 -33.85
CA THR C 402 -23.19 29.80 -33.70
C THR C 402 -22.20 29.30 -32.65
N PHE C 403 -22.75 28.59 -31.66
CA PHE C 403 -22.02 28.04 -30.56
C PHE C 403 -21.58 26.63 -30.93
N TYR C 404 -20.28 26.38 -30.86
CA TYR C 404 -19.75 25.03 -31.10
C TYR C 404 -19.71 24.23 -29.79
N GLY C 405 -19.19 24.82 -28.73
CA GLY C 405 -19.11 24.13 -27.43
C GLY C 405 -18.09 24.79 -26.54
N SER C 406 -17.84 24.20 -25.38
CA SER C 406 -16.85 24.71 -24.45
C SER C 406 -15.91 23.60 -23.95
N GLU C 407 -14.71 24.01 -23.54
CA GLU C 407 -13.70 23.10 -23.01
C GLU C 407 -12.95 23.75 -21.86
N SER C 408 -12.91 23.07 -20.71
CA SER C 408 -12.04 23.47 -19.61
C SER C 408 -10.72 22.70 -19.64
N ASP C 409 -9.62 23.41 -19.41
CA ASP C 409 -8.38 22.78 -18.98
C ASP C 409 -8.41 22.91 -17.45
N GLY C 410 -7.29 22.80 -16.77
CA GLY C 410 -7.29 22.97 -15.31
C GLY C 410 -7.84 24.29 -14.80
N SER C 411 -7.66 25.35 -15.59
CA SER C 411 -7.81 26.74 -15.12
C SER C 411 -8.75 27.60 -15.97
N CYS C 412 -8.73 27.39 -17.28
CA CYS C 412 -9.40 28.26 -18.26
C CYS C 412 -10.60 27.58 -18.92
N LEU C 413 -11.72 28.32 -18.97
CA LEU C 413 -12.90 27.90 -19.69
C LEU C 413 -12.79 28.49 -21.08
N HIS C 414 -12.74 27.63 -22.09
CA HIS C 414 -12.67 28.08 -23.50
C HIS C 414 -14.06 27.97 -24.10
N VAL C 415 -14.60 29.08 -24.56
CA VAL C 415 -15.91 29.09 -25.21
C VAL C 415 -15.69 29.27 -26.71
N CYS C 416 -16.06 28.26 -27.50
CA CYS C 416 -15.80 28.22 -28.94
C CYS C 416 -17.00 28.64 -29.79
N LEU C 417 -16.79 29.63 -30.63
CA LEU C 417 -17.83 30.25 -31.44
C LEU C 417 -17.48 30.21 -32.92
N ALA C 418 -18.49 30.31 -33.79
CA ALA C 418 -18.27 30.55 -35.20
C ALA C 418 -17.36 31.77 -35.40
N LEU C 419 -16.37 31.64 -36.27
CA LEU C 419 -15.43 32.72 -36.55
C LEU C 419 -16.05 33.68 -37.53
N CYS C 420 -16.21 34.93 -37.12
CA CYS C 420 -16.75 35.97 -37.98
C CYS C 420 -15.64 36.90 -38.49
N GLU C 421 -15.93 37.65 -39.54
CA GLU C 421 -14.92 38.50 -40.18
C GLU C 421 -14.75 39.79 -39.43
N TYR C 422 -15.86 40.52 -39.32
CA TYR C 422 -15.82 41.87 -38.79
C TYR C 422 -16.94 42.14 -37.80
N THR C 423 -16.66 43.12 -36.96
CA THR C 423 -17.64 43.73 -36.08
C THR C 423 -18.54 44.61 -36.95
N LEU C 424 -19.76 44.90 -36.48
CA LEU C 424 -20.66 45.81 -37.21
C LEU C 424 -20.02 47.18 -37.45
N GLN C 425 -19.33 47.69 -36.43
CA GLN C 425 -18.55 48.92 -36.56
C GLN C 425 -17.52 48.89 -37.69
N GLU C 426 -16.71 47.83 -37.73
CA GLU C 426 -15.69 47.66 -38.79
C GLU C 426 -16.34 47.43 -40.15
N HIS C 427 -17.43 46.67 -40.16
CA HIS C 427 -18.12 46.35 -41.40
C HIS C 427 -18.66 47.62 -42.06
N LEU C 428 -19.32 48.45 -41.26
CA LEU C 428 -19.89 49.71 -41.76
C LEU C 428 -18.81 50.63 -42.31
N ALA C 429 -17.65 50.64 -41.65
CA ALA C 429 -16.53 51.46 -42.11
C ALA C 429 -15.94 50.92 -43.42
N ASN C 430 -15.75 49.62 -43.53
CA ASN C 430 -15.27 49.00 -44.79
C ASN C 430 -16.18 49.27 -45.98
N HIS C 431 -17.49 49.36 -45.74
CA HIS C 431 -18.48 49.49 -46.81
C HIS C 431 -19.12 50.88 -46.88
N ARG C 432 -18.54 51.86 -46.18
CA ARG C 432 -19.08 53.23 -46.16
C ARG C 432 -19.21 53.89 -47.53
N GLY C 433 -18.37 53.50 -48.48
CA GLY C 433 -18.38 54.06 -49.83
C GLY C 433 -19.06 53.23 -50.92
N ASP C 434 -19.85 52.24 -50.51
CA ASP C 434 -20.56 51.35 -51.43
C ASP C 434 -21.72 52.05 -52.13
N ALA C 435 -22.42 52.88 -51.38
CA ALA C 435 -23.62 53.53 -51.87
C ALA C 435 -23.38 54.96 -52.38
N VAL C 436 -24.11 55.32 -53.43
CA VAL C 436 -24.13 56.69 -53.96
C VAL C 436 -24.89 57.59 -52.97
N PRO C 437 -24.77 58.93 -53.09
CA PRO C 437 -25.33 59.88 -52.11
C PRO C 437 -26.65 59.49 -51.43
N ASN C 438 -27.75 59.42 -52.20
CA ASN C 438 -29.08 59.19 -51.61
C ASN C 438 -29.67 57.84 -52.03
N GLU C 439 -28.82 56.85 -52.20
CA GLU C 439 -29.25 55.50 -52.52
C GLU C 439 -30.06 54.90 -51.36
N GLU C 440 -31.02 54.05 -51.71
CA GLU C 440 -31.79 53.31 -50.73
C GLU C 440 -30.86 52.37 -49.99
N ASP C 441 -30.95 52.34 -48.66
CA ASP C 441 -30.07 51.51 -47.83
C ASP C 441 -30.76 50.17 -47.52
N GLU C 442 -30.61 49.22 -48.44
CA GLU C 442 -31.19 47.89 -48.25
C GLU C 442 -30.47 47.13 -47.16
N SER C 443 -29.16 47.33 -47.06
CA SER C 443 -28.35 46.57 -46.13
C SER C 443 -28.65 46.93 -44.68
N ALA C 444 -28.93 48.21 -44.41
CA ALA C 444 -29.37 48.64 -43.06
C ALA C 444 -30.61 47.87 -42.61
N ARG C 445 -31.53 47.69 -43.53
CA ARG C 445 -32.77 46.98 -43.28
C ARG C 445 -32.53 45.52 -42.91
N ASN C 446 -31.59 44.87 -43.62
CA ASN C 446 -31.25 43.46 -43.37
C ASN C 446 -30.49 43.27 -42.08
N ILE C 447 -29.47 44.08 -41.86
CA ILE C 447 -28.77 44.09 -40.57
C ILE C 447 -29.77 44.20 -39.40
N LEU C 448 -30.67 45.19 -39.46
CA LEU C 448 -31.57 45.43 -38.33
C LEU C 448 -32.66 44.38 -38.15
N SER C 449 -33.18 43.80 -39.23
CA SER C 449 -34.21 42.78 -39.08
C SER C 449 -33.62 41.49 -38.51
N SER C 450 -32.36 41.21 -38.82
CA SER C 450 -31.68 40.11 -38.15
C SER C 450 -31.57 40.34 -36.66
N LEU C 451 -31.21 41.56 -36.27
CA LEU C 451 -31.07 41.89 -34.85
C LEU C 451 -32.40 41.81 -34.11
N PHE C 452 -33.47 42.30 -34.73
CA PHE C 452 -34.81 42.19 -34.16
C PHE C 452 -35.15 40.72 -33.91
N LYS C 453 -34.85 39.86 -34.89
CA LYS C 453 -35.12 38.43 -34.76
C LYS C 453 -34.23 37.79 -33.70
N ALA C 454 -32.95 38.17 -33.70
CA ALA C 454 -32.01 37.67 -32.67
C ALA C 454 -32.50 37.98 -31.25
N ILE C 455 -32.84 39.23 -31.03
CA ILE C 455 -33.14 39.72 -29.70
C ILE C 455 -34.51 39.18 -29.28
N GLY C 456 -35.45 39.17 -30.22
CA GLY C 456 -36.77 38.61 -30.00
C GLY C 456 -36.74 37.14 -29.58
N GLU C 457 -35.95 36.31 -30.26
CA GLU C 457 -35.86 34.88 -29.88
C GLU C 457 -35.03 34.69 -28.62
N LEU C 458 -34.04 35.55 -28.41
CA LEU C 458 -33.30 35.54 -27.14
C LEU C 458 -34.23 35.74 -25.96
N HIS C 459 -35.13 36.71 -26.06
CA HIS C 459 -36.09 37.00 -24.99
C HIS C 459 -37.03 35.81 -24.80
N ARG C 460 -37.50 35.23 -25.90
CA ARG C 460 -38.38 34.08 -25.85
C ARG C 460 -37.71 32.91 -25.08
N SER C 461 -36.40 32.77 -25.25
CA SER C 461 -35.61 31.77 -24.51
C SER C 461 -35.37 32.14 -23.05
N GLY C 462 -35.83 33.32 -22.63
CA GLY C 462 -35.80 33.71 -21.23
C GLY C 462 -34.57 34.50 -20.83
N TYR C 463 -33.80 34.94 -21.82
CA TYR C 463 -32.57 35.67 -21.57
C TYR C 463 -32.67 37.12 -22.07
N SER C 464 -32.01 38.03 -21.43
CA SER C 464 -31.75 39.34 -21.87
C SER C 464 -30.30 39.55 -21.98
N HIS C 465 -29.91 40.19 -23.02
CA HIS C 465 -28.61 40.64 -23.30
C HIS C 465 -27.85 41.57 -22.35
N GLN C 466 -28.35 42.76 -22.12
CA GLN C 466 -27.72 43.77 -21.34
C GLN C 466 -26.63 44.60 -21.85
N ASP C 467 -26.10 44.45 -23.01
CA ASP C 467 -24.98 45.07 -23.54
C ASP C 467 -25.02 45.23 -25.05
N LEU C 468 -26.15 45.50 -25.58
CA LEU C 468 -26.26 45.60 -27.02
C LEU C 468 -25.55 46.82 -27.56
N GLN C 469 -24.50 46.58 -28.34
CA GLN C 469 -23.74 47.67 -28.93
C GLN C 469 -23.02 47.16 -30.17
N PRO C 470 -22.58 48.08 -31.05
CA PRO C 470 -22.00 47.70 -32.35
C PRO C 470 -20.84 46.69 -32.31
N GLN C 471 -20.03 46.69 -31.26
CA GLN C 471 -18.87 45.77 -31.15
C GLN C 471 -19.21 44.36 -30.64
N ASN C 472 -20.48 44.16 -30.29
CA ASN C 472 -21.03 42.86 -29.93
C ASN C 472 -21.88 42.29 -31.04
N ILE C 473 -21.82 42.89 -32.22
CA ILE C 473 -22.55 42.41 -33.38
C ILE C 473 -21.52 42.05 -34.46
N LEU C 474 -21.61 40.82 -34.97
CA LEU C 474 -20.58 40.28 -35.83
C LEU C 474 -21.12 39.96 -37.20
N ILE C 475 -20.31 40.25 -38.22
CA ILE C 475 -20.67 39.98 -39.60
C ILE C 475 -19.77 38.88 -40.13
N ASP C 476 -20.35 37.86 -40.78
CA ASP C 476 -19.55 36.72 -41.24
C ASP C 476 -19.19 36.84 -42.71
N SER C 477 -18.49 35.83 -43.23
CA SER C 477 -18.08 35.77 -44.65
C SER C 477 -19.23 36.04 -45.61
N LYS C 478 -20.41 35.51 -45.28
CA LYS C 478 -21.59 35.65 -46.14
C LYS C 478 -22.40 36.94 -45.91
N ASN C 479 -21.84 37.92 -45.19
CA ASN C 479 -22.57 39.14 -44.79
C ASN C 479 -23.78 38.89 -43.87
N GLY C 480 -23.82 37.73 -43.24
CA GLY C 480 -24.81 37.47 -42.22
C GLY C 480 -24.45 38.22 -40.95
N THR C 481 -25.45 38.75 -40.25
CA THR C 481 -25.20 39.48 -39.03
C THR C 481 -25.65 38.65 -37.84
N PHE C 482 -24.79 38.57 -36.82
CA PHE C 482 -25.02 37.74 -35.65
C PHE C 482 -24.79 38.52 -34.36
N LEU C 483 -25.59 38.21 -33.34
CA LEU C 483 -25.44 38.76 -32.00
C LEU C 483 -24.44 37.93 -31.20
N ALA C 484 -23.56 38.54 -30.40
CA ALA C 484 -22.38 37.81 -29.89
C ALA C 484 -21.95 37.80 -28.41
N ASP C 485 -22.12 38.84 -27.64
CA ASP C 485 -21.33 38.86 -26.38
C ASP C 485 -22.24 38.77 -25.14
N PHE C 486 -22.30 37.57 -24.56
CA PHE C 486 -23.30 37.22 -23.53
C PHE C 486 -22.76 37.08 -22.12
N ASP C 487 -21.56 37.59 -21.87
CA ASP C 487 -20.97 37.52 -20.53
C ASP C 487 -21.77 38.29 -19.45
N LYS C 488 -22.62 39.22 -19.87
CA LYS C 488 -23.47 39.99 -18.95
C LYS C 488 -24.95 39.69 -19.12
N SER C 489 -25.28 38.63 -19.88
CA SER C 489 -26.67 38.27 -20.06
C SER C 489 -27.28 37.77 -18.74
N ILE C 490 -28.59 37.94 -18.60
CA ILE C 490 -29.31 37.49 -17.42
C ILE C 490 -30.60 36.82 -17.83
N LYS C 491 -31.14 35.97 -16.97
CA LYS C 491 -32.49 35.47 -17.15
C LYS C 491 -33.44 36.58 -16.71
N TRP C 492 -34.28 37.05 -17.61
CA TRP C 492 -35.10 38.24 -17.32
C TRP C 492 -36.31 38.02 -16.42
N ALA C 493 -36.74 36.77 -16.23
CA ALA C 493 -37.85 36.47 -15.29
C ALA C 493 -37.56 37.09 -13.93
N GLU C 494 -36.30 37.03 -13.54
CA GLU C 494 -35.80 37.62 -12.31
C GLU C 494 -36.17 39.11 -12.19
N ASP C 495 -35.92 39.88 -13.25
CA ASP C 495 -36.19 41.33 -13.28
C ASP C 495 -36.69 41.76 -14.67
N PRO C 496 -38.00 41.59 -14.92
CA PRO C 496 -38.59 41.84 -16.27
C PRO C 496 -38.38 43.24 -16.82
N GLN C 497 -38.20 44.21 -15.93
CA GLN C 497 -38.00 45.60 -16.34
C GLN C 497 -36.72 45.77 -17.19
N LYS C 498 -35.73 44.90 -17.00
CA LYS C 498 -34.48 44.98 -17.76
C LYS C 498 -34.60 44.58 -19.24
N ILE C 499 -35.65 43.87 -19.62
CA ILE C 499 -35.93 43.67 -21.06
C ILE C 499 -36.02 45.02 -21.81
N LYS C 500 -36.49 46.07 -21.15
CA LYS C 500 -36.60 47.38 -21.77
C LYS C 500 -35.24 48.00 -22.13
N ARG C 501 -34.20 47.68 -21.36
CA ARG C 501 -32.88 48.18 -21.67
C ARG C 501 -32.36 47.64 -23.00
N ASP C 502 -32.73 46.41 -23.36
CA ASP C 502 -32.40 45.88 -24.68
C ASP C 502 -33.09 46.65 -25.80
N LEU C 503 -34.39 46.90 -25.64
CA LEU C 503 -35.17 47.60 -26.65
C LEU C 503 -34.67 49.01 -26.88
N GLU C 504 -34.21 49.66 -25.81
CA GLU C 504 -33.68 51.03 -25.88
C GLU C 504 -32.40 51.06 -26.69
N ALA C 505 -31.49 50.15 -26.36
CA ALA C 505 -30.22 50.02 -27.07
C ALA C 505 -30.43 49.63 -28.54
N LEU C 506 -31.48 48.86 -28.80
CA LEU C 506 -31.88 48.55 -30.16
C LEU C 506 -32.32 49.81 -30.92
N GLY C 507 -33.04 50.71 -30.24
CA GLY C 507 -33.42 52.01 -30.83
C GLY C 507 -32.18 52.79 -31.21
N LEU C 508 -31.20 52.82 -30.30
CA LEU C 508 -29.91 53.44 -30.61
C LEU C 508 -29.24 52.78 -31.81
N LEU C 509 -29.29 51.44 -31.87
CA LEU C 509 -28.64 50.71 -32.96
C LEU C 509 -29.33 50.97 -34.30
N VAL C 510 -30.63 51.23 -34.28
CA VAL C 510 -31.35 51.58 -35.51
C VAL C 510 -30.78 52.86 -36.10
N LEU C 511 -30.58 53.89 -35.28
CA LEU C 511 -30.01 55.13 -35.78
C LEU C 511 -28.56 54.91 -36.21
N TYR C 512 -27.80 54.22 -35.36
CA TYR C 512 -26.40 53.92 -35.64
C TYR C 512 -26.20 53.33 -37.04
N VAL C 513 -26.99 52.33 -37.37
CA VAL C 513 -26.86 51.66 -38.65
C VAL C 513 -27.35 52.54 -39.79
N VAL C 514 -28.45 53.25 -39.58
CA VAL C 514 -29.01 54.15 -40.59
C VAL C 514 -28.07 55.32 -40.91
N LYS C 515 -27.40 55.84 -39.89
CA LYS C 515 -26.37 56.87 -40.09
C LYS C 515 -25.03 56.26 -40.56
N LYS C 516 -25.03 54.96 -40.85
CA LYS C 516 -23.89 54.24 -41.46
C LYS C 516 -22.60 54.26 -40.64
N GLY C 517 -22.74 54.43 -39.32
CA GLY C 517 -21.59 54.44 -38.42
C GLY C 517 -20.93 55.81 -38.27
N ASP C 518 -21.53 56.84 -38.88
CA ASP C 518 -20.98 58.19 -38.84
C ASP C 518 -21.05 58.82 -37.45
N ILE C 519 -22.16 58.58 -36.73
CA ILE C 519 -22.27 58.99 -35.33
C ILE C 519 -21.90 57.82 -34.43
N SER C 520 -20.91 58.02 -33.56
CA SER C 520 -20.42 56.97 -32.69
C SER C 520 -21.50 56.54 -31.70
N PHE C 521 -21.39 55.32 -31.22
CA PHE C 521 -22.38 54.75 -30.33
C PHE C 521 -22.33 55.42 -28.95
N GLU C 522 -21.14 55.81 -28.52
CA GLU C 522 -20.97 56.56 -27.28
C GLU C 522 -21.70 57.92 -27.32
N THR C 523 -21.62 58.62 -28.45
CA THR C 523 -22.36 59.87 -28.62
C THR C 523 -23.85 59.61 -28.49
N LEU C 524 -24.34 58.60 -29.20
CA LEU C 524 -25.75 58.21 -29.13
C LEU C 524 -26.18 57.81 -27.74
N LYS C 525 -25.30 57.13 -27.00
CA LYS C 525 -25.59 56.75 -25.62
C LYS C 525 -25.74 57.92 -24.66
N ASN C 526 -25.10 59.06 -24.97
CA ASN C 526 -25.19 60.24 -24.11
C ASN C 526 -26.35 61.18 -24.44
N GLN C 527 -27.18 60.80 -25.39
CA GLN C 527 -28.30 61.64 -25.80
C GLN C 527 -29.59 61.20 -25.12
N SER C 528 -30.56 62.11 -25.01
CA SER C 528 -31.88 61.77 -24.54
C SER C 528 -32.70 61.16 -25.68
N PHE C 529 -33.80 60.51 -25.33
CA PHE C 529 -34.76 60.03 -26.32
C PHE C 529 -35.06 61.11 -27.37
N GLU C 530 -35.30 62.34 -26.92
CA GLU C 530 -35.72 63.44 -27.81
C GLU C 530 -34.63 63.73 -28.86
N GLU C 531 -33.39 63.80 -28.40
CA GLU C 531 -32.27 64.14 -29.28
C GLU C 531 -32.01 63.06 -30.32
N VAL C 532 -32.08 61.80 -29.89
CA VAL C 532 -32.00 60.68 -30.81
C VAL C 532 -33.06 60.77 -31.92
N ILE C 533 -34.31 61.00 -31.52
CA ILE C 533 -35.41 61.14 -32.49
C ILE C 533 -35.12 62.30 -33.45
N GLN C 534 -34.64 63.41 -32.92
CA GLN C 534 -34.38 64.60 -33.73
C GLN C 534 -33.23 64.37 -34.72
N GLY C 535 -32.30 63.48 -34.35
CA GLY C 535 -31.15 63.15 -35.18
C GLY C 535 -31.43 62.19 -36.33
N SER C 536 -32.66 61.68 -36.42
CA SER C 536 -33.01 60.71 -37.44
C SER C 536 -33.25 61.42 -38.78
N PRO C 537 -32.84 60.77 -39.88
CA PRO C 537 -32.96 61.42 -41.19
C PRO C 537 -34.31 61.26 -41.90
N ASP C 538 -35.23 60.46 -41.35
CA ASP C 538 -36.53 60.27 -41.99
C ASP C 538 -37.60 59.87 -40.99
N GLU C 539 -38.85 59.93 -41.42
CA GLU C 539 -40.00 59.73 -40.53
C GLU C 539 -40.21 58.26 -40.15
N GLU C 540 -39.87 57.34 -41.05
CA GLU C 540 -40.02 55.90 -40.77
C GLU C 540 -39.11 55.50 -39.60
N THR C 541 -37.87 55.97 -39.65
CA THR C 541 -36.88 55.76 -38.60
C THR C 541 -37.33 56.36 -37.26
N ARG C 542 -37.83 57.58 -37.28
CA ARG C 542 -38.32 58.23 -36.06
C ARG C 542 -39.40 57.43 -35.38
N ASP C 543 -40.40 57.02 -36.16
CA ASP C 543 -41.52 56.29 -35.61
C ASP C 543 -41.06 54.95 -35.03
N LEU C 544 -40.14 54.27 -35.71
CA LEU C 544 -39.64 52.98 -35.26
C LEU C 544 -38.88 53.12 -33.96
N ILE C 545 -37.98 54.10 -33.90
CA ILE C 545 -37.21 54.33 -32.68
C ILE C 545 -38.14 54.68 -31.54
N HIS C 546 -39.20 55.43 -31.83
CA HIS C 546 -40.21 55.74 -30.81
C HIS C 546 -40.83 54.48 -30.18
N HIS C 547 -41.20 53.52 -31.02
CA HIS C 547 -41.79 52.29 -30.51
C HIS C 547 -40.82 51.39 -29.75
N LEU C 548 -39.52 51.56 -29.95
CA LEU C 548 -38.53 50.79 -29.21
C LEU C 548 -38.22 51.44 -27.86
N PHE C 549 -38.29 52.77 -27.79
CA PHE C 549 -38.16 53.46 -26.52
C PHE C 549 -39.42 53.38 -25.67
N HIS C 550 -40.58 53.21 -26.30
CA HIS C 550 -41.85 53.07 -25.56
C HIS C 550 -42.59 51.81 -25.97
N PRO C 551 -42.18 50.67 -25.39
CA PRO C 551 -42.89 49.42 -25.43
C PRO C 551 -43.63 49.25 -24.08
N GLU C 556 -44.20 40.79 -25.79
CA GLU C 556 -43.13 39.83 -26.07
C GLU C 556 -42.91 39.53 -27.57
N ASP C 557 -43.88 39.93 -28.39
CA ASP C 557 -43.77 39.85 -29.85
C ASP C 557 -43.83 41.26 -30.44
N ARG C 558 -43.47 42.24 -29.60
CA ARG C 558 -43.34 43.61 -30.07
C ARG C 558 -42.33 43.66 -31.21
N LEU C 559 -41.26 42.89 -31.10
CA LEU C 559 -40.17 42.95 -32.06
C LEU C 559 -40.57 42.30 -33.38
N SER C 560 -41.31 41.21 -33.32
CA SER C 560 -41.70 40.53 -34.56
C SER C 560 -42.79 41.31 -35.28
N SER C 561 -43.63 42.01 -34.53
CA SER C 561 -44.66 42.87 -35.13
C SER C 561 -44.08 44.11 -35.80
N LEU C 562 -42.97 44.60 -35.27
CA LEU C 562 -42.34 45.78 -35.85
C LEU C 562 -41.62 45.48 -37.16
N LEU C 563 -41.45 44.21 -37.51
CA LEU C 563 -40.91 43.87 -38.83
C LEU C 563 -41.88 44.28 -39.95
N ALA C 564 -43.15 44.48 -39.61
CA ALA C 564 -44.19 44.95 -40.55
C ALA C 564 -44.24 46.47 -40.70
N HIS C 565 -43.45 47.15 -39.88
CA HIS C 565 -43.38 48.61 -39.88
C HIS C 565 -42.77 49.12 -41.19
N PRO C 566 -43.23 50.28 -41.70
CA PRO C 566 -42.74 50.74 -43.00
C PRO C 566 -41.23 51.04 -43.10
N PHE C 567 -40.53 51.12 -41.97
CA PHE C 567 -39.10 51.22 -42.01
C PHE C 567 -38.54 50.09 -42.84
N PHE C 568 -39.16 48.92 -42.76
CA PHE C 568 -38.68 47.72 -43.47
C PHE C 568 -39.30 47.52 -44.85
N TRP C 569 -40.15 48.44 -45.27
CA TRP C 569 -40.70 48.40 -46.64
C TRP C 569 -39.71 49.04 -47.60
N SER C 570 -39.47 48.39 -48.72
CA SER C 570 -38.60 48.95 -49.76
C SER C 570 -39.27 50.17 -50.38
N TRP C 571 -38.48 51.04 -50.99
CA TRP C 571 -39.03 52.22 -51.68
C TRP C 571 -40.01 51.86 -52.77
N GLU C 572 -39.74 50.79 -53.51
CA GLU C 572 -40.71 50.28 -54.50
C GLU C 572 -42.01 49.82 -53.85
N SER C 573 -41.91 49.17 -52.69
CA SER C 573 -43.12 48.73 -51.96
C SER C 573 -43.95 49.92 -51.41
N ARG C 574 -43.26 50.95 -50.94
CA ARG C 574 -43.94 52.16 -50.44
C ARG C 574 -44.69 52.84 -51.58
N TYR C 575 -44.03 52.93 -52.73
CA TYR C 575 -44.56 53.59 -53.92
C TYR C 575 -45.72 52.79 -54.48
N ARG C 576 -45.56 51.48 -54.45
CA ARG C 576 -46.60 50.53 -54.87
C ARG C 576 -47.87 50.67 -54.01
N THR C 577 -47.68 50.84 -52.70
CA THR C 577 -48.79 50.95 -51.77
C THR C 577 -49.54 52.28 -52.00
N LEU C 578 -48.81 53.37 -52.21
CA LEU C 578 -49.44 54.66 -52.47
C LEU C 578 -50.28 54.60 -53.75
N ARG C 579 -49.70 54.02 -54.79
CA ARG C 579 -50.42 53.85 -56.08
C ARG C 579 -51.66 52.99 -55.91
N ASP C 580 -51.53 51.89 -55.18
CA ASP C 580 -52.67 51.01 -54.98
C ASP C 580 -53.81 51.69 -54.23
N VAL C 581 -53.48 52.58 -53.29
CA VAL C 581 -54.50 53.31 -52.56
C VAL C 581 -55.14 54.33 -53.51
N GLY C 582 -54.31 55.04 -54.27
CA GLY C 582 -54.79 55.99 -55.28
C GLY C 582 -55.59 55.40 -56.43
N ASN C 583 -55.76 54.09 -56.45
CA ASN C 583 -56.57 53.40 -57.47
C ASN C 583 -57.93 52.96 -56.96
N GLU C 584 -58.17 53.12 -55.66
CA GLU C 584 -59.49 52.90 -55.10
C GLU C 584 -60.53 53.75 -55.84
N SER C 585 -61.65 53.14 -56.21
CA SER C 585 -62.64 53.81 -57.05
C SER C 585 -63.17 55.11 -56.41
N ASP C 586 -63.34 55.07 -55.08
CA ASP C 586 -63.81 56.23 -54.33
C ASP C 586 -62.80 57.39 -54.29
N ILE C 587 -61.51 57.08 -54.39
CA ILE C 587 -60.49 58.13 -54.54
C ILE C 587 -60.59 58.77 -55.93
N LYS C 588 -60.80 57.97 -56.97
CA LYS C 588 -60.81 58.47 -58.35
C LYS C 588 -62.08 59.27 -58.68
N THR C 589 -63.23 58.84 -58.15
CA THR C 589 -64.49 59.60 -58.27
C THR C 589 -64.59 60.75 -57.26
N ARG C 590 -63.60 60.86 -56.37
CA ARG C 590 -63.59 61.87 -55.31
C ARG C 590 -64.88 61.85 -54.47
N ASN C 591 -65.38 60.65 -54.19
CA ASN C 591 -66.57 60.46 -53.38
C ASN C 591 -66.25 60.75 -51.92
N GLN C 592 -66.54 61.97 -51.49
CA GLN C 592 -66.14 62.47 -50.16
C GLN C 592 -66.76 61.71 -48.97
N ASN C 593 -67.89 61.04 -49.18
CA ASN C 593 -68.57 60.29 -48.12
C ASN C 593 -68.22 58.80 -48.09
N SER C 594 -67.24 58.40 -48.91
CA SER C 594 -66.75 57.03 -48.92
C SER C 594 -65.98 56.71 -47.64
N ARG C 595 -65.96 55.43 -47.27
CA ARG C 595 -65.23 55.00 -46.08
C ARG C 595 -63.74 55.34 -46.19
N ILE C 596 -63.16 55.11 -47.36
CA ILE C 596 -61.74 55.33 -47.59
C ILE C 596 -61.37 56.81 -47.39
N LEU C 597 -62.12 57.72 -47.99
CA LEU C 597 -61.83 59.15 -47.86
C LEU C 597 -62.16 59.68 -46.46
N GLN C 598 -63.08 59.04 -45.76
CA GLN C 598 -63.34 59.36 -44.35
C GLN C 598 -62.17 58.98 -43.44
N LEU C 599 -61.49 57.88 -43.78
CA LEU C 599 -60.26 57.49 -43.08
C LEU C 599 -59.10 58.45 -43.33
N LEU C 600 -58.90 58.84 -44.59
CA LEU C 600 -57.76 59.69 -44.97
C LEU C 600 -57.91 61.21 -44.73
N GLN C 601 -59.12 61.76 -44.80
CA GLN C 601 -59.27 63.23 -44.72
C GLN C 601 -60.57 63.70 -44.06
N PRO C 602 -60.85 63.24 -42.83
CA PRO C 602 -61.88 63.98 -42.07
C PRO C 602 -61.49 65.45 -41.83
N GLY C 603 -62.37 66.37 -42.26
CA GLY C 603 -62.04 67.79 -42.45
C GLY C 603 -61.53 68.53 -41.22
N THR C 604 -60.90 69.68 -41.46
CA THR C 604 -60.31 70.51 -40.41
C THR C 604 -61.27 70.75 -39.23
N LEU C 607 -54.09 72.07 -42.08
CA LEU C 607 -53.19 70.92 -41.88
C LEU C 607 -51.71 71.34 -41.95
N SER C 608 -50.89 70.77 -41.07
CA SER C 608 -49.46 71.07 -40.99
C SER C 608 -48.57 69.96 -41.58
N THR C 609 -49.17 69.04 -42.32
CA THR C 609 -48.40 68.01 -43.03
C THR C 609 -47.65 68.68 -44.17
N SER C 610 -46.66 67.99 -44.73
CA SER C 610 -45.86 68.52 -45.83
C SER C 610 -46.61 68.52 -47.15
N PHE C 611 -47.69 67.73 -47.24
CA PHE C 611 -48.52 67.66 -48.45
C PHE C 611 -49.79 68.50 -48.40
N ALA C 612 -49.93 69.34 -47.37
CA ALA C 612 -50.89 70.43 -47.44
C ALA C 612 -50.38 71.35 -48.54
N GLN C 613 -51.28 71.84 -49.38
CA GLN C 613 -50.89 72.69 -50.51
C GLN C 613 -49.89 71.97 -51.43
N TRP C 614 -50.09 70.67 -51.65
CA TRP C 614 -49.12 69.84 -52.37
C TRP C 614 -48.98 70.20 -53.85
N THR C 615 -50.05 70.68 -54.46
CA THR C 615 -50.03 71.07 -55.87
C THR C 615 -49.08 72.25 -56.16
N THR C 616 -48.67 73.00 -55.13
CA THR C 616 -47.72 74.10 -55.30
C THR C 616 -46.26 73.66 -55.15
N LYS C 617 -46.03 72.55 -54.46
CA LYS C 617 -44.66 72.07 -54.20
C LYS C 617 -44.12 71.21 -55.34
N ILE C 618 -45.02 70.59 -56.08
CA ILE C 618 -44.66 69.89 -57.31
C ILE C 618 -44.14 70.88 -58.36
N ASP C 619 -43.26 70.41 -59.24
CA ASP C 619 -42.74 71.21 -60.36
C ASP C 619 -43.86 71.83 -61.19
N SER C 620 -43.60 73.04 -61.71
CA SER C 620 -44.58 73.81 -62.47
C SER C 620 -44.96 73.10 -63.75
N PHE C 621 -43.96 72.62 -64.48
CA PHE C 621 -44.19 71.86 -65.71
C PHE C 621 -45.13 70.71 -65.38
N VAL C 622 -44.66 69.73 -64.60
CA VAL C 622 -45.39 68.46 -64.36
C VAL C 622 -46.87 68.67 -64.04
N MET C 623 -47.16 69.63 -63.17
CA MET C 623 -48.52 69.87 -62.70
C MET C 623 -49.50 70.20 -63.84
N GLU C 624 -49.05 71.01 -64.80
CA GLU C 624 -49.90 71.44 -65.93
C GLU C 624 -50.32 70.28 -66.84
N GLU C 625 -49.40 69.35 -67.07
CA GLU C 625 -49.61 68.24 -68.01
C GLU C 625 -50.58 67.24 -67.42
N MET C 626 -50.41 66.97 -66.12
CA MET C 626 -51.27 66.02 -65.44
C MET C 626 -52.68 66.61 -65.34
N ASN C 627 -52.77 67.94 -65.19
CA ASN C 627 -54.07 68.60 -65.20
C ASN C 627 -54.82 68.39 -66.53
N ALA C 628 -54.10 68.34 -67.65
CA ALA C 628 -54.66 67.85 -68.91
C ALA C 628 -54.74 66.32 -68.91
N TYR C 648 -56.92 68.85 -60.22
CA TYR C 648 -56.28 68.31 -59.02
C TYR C 648 -56.32 69.31 -57.86
N GLN C 649 -56.90 68.87 -56.73
CA GLN C 649 -57.03 69.71 -55.56
C GLN C 649 -55.93 69.41 -54.53
N ASP C 650 -55.91 70.20 -53.45
CA ASP C 650 -54.93 70.03 -52.36
C ASP C 650 -55.38 69.06 -51.27
N THR C 651 -56.15 68.04 -51.62
CA THR C 651 -56.49 66.98 -50.69
C THR C 651 -55.47 65.83 -50.76
N LEU C 652 -55.45 65.01 -49.72
CA LEU C 652 -54.59 63.83 -49.68
C LEU C 652 -55.08 62.78 -50.68
N GLY C 653 -56.40 62.60 -50.75
CA GLY C 653 -57.01 61.70 -51.74
C GLY C 653 -56.56 62.02 -53.17
N ASP C 654 -56.50 63.31 -53.51
CA ASP C 654 -56.08 63.73 -54.84
C ASP C 654 -54.57 63.55 -55.04
N LEU C 655 -53.80 63.62 -53.96
CA LEU C 655 -52.36 63.36 -54.04
C LEU C 655 -52.13 61.89 -54.39
N LEU C 656 -52.86 61.00 -53.75
CA LEU C 656 -52.79 59.57 -54.05
C LEU C 656 -53.23 59.30 -55.49
N LYS C 657 -54.38 59.87 -55.88
CA LYS C 657 -54.87 59.80 -57.25
C LYS C 657 -53.77 60.26 -58.23
N PHE C 658 -53.12 61.36 -57.90
CA PHE C 658 -52.02 61.88 -58.69
C PHE C 658 -50.86 60.86 -58.81
N ILE C 659 -50.46 60.28 -57.68
CA ILE C 659 -49.36 59.32 -57.67
C ILE C 659 -49.70 58.07 -58.51
N ARG C 660 -50.94 57.58 -58.43
CA ARG C 660 -51.36 56.44 -59.25
C ARG C 660 -51.29 56.77 -60.75
N ASN C 661 -51.87 57.91 -61.15
CA ASN C 661 -51.88 58.32 -62.56
C ASN C 661 -50.47 58.52 -63.13
N LEU C 662 -49.64 59.25 -62.41
CA LEU C 662 -48.26 59.43 -62.82
C LEU C 662 -47.57 58.07 -62.91
N GLY C 663 -47.80 57.22 -61.92
CA GLY C 663 -47.20 55.89 -61.89
C GLY C 663 -47.49 55.08 -63.13
N GLU C 664 -48.74 55.12 -63.59
CA GLU C 664 -49.16 54.30 -64.74
C GLU C 664 -48.69 54.86 -66.08
N HIS C 665 -48.53 56.18 -66.18
CA HIS C 665 -48.28 56.84 -67.46
C HIS C 665 -46.90 57.49 -67.59
N ILE C 666 -46.06 57.41 -66.56
CA ILE C 666 -44.76 58.11 -66.55
C ILE C 666 -43.77 57.66 -67.63
N ASN C 667 -43.78 56.37 -67.97
CA ASN C 667 -42.79 55.82 -68.91
C ASN C 667 -43.19 55.92 -70.38
N GLU C 668 -44.39 56.44 -70.65
CA GLU C 668 -44.86 56.63 -72.02
C GLU C 668 -44.05 57.70 -72.76
N GLN C 669 -43.94 57.54 -74.07
CA GLN C 669 -43.07 58.37 -74.92
C GLN C 669 -43.39 59.86 -74.88
N LYS C 670 -44.68 60.19 -74.87
CA LYS C 670 -45.12 61.59 -74.77
C LYS C 670 -44.61 62.33 -73.52
N ASN C 671 -44.30 61.57 -72.46
CA ASN C 671 -43.92 62.16 -71.17
C ASN C 671 -42.40 62.17 -70.88
N LYS C 672 -41.58 62.13 -71.92
CA LYS C 672 -40.11 62.12 -71.75
C LYS C 672 -39.55 63.21 -70.81
N LYS C 673 -40.10 64.42 -70.89
CA LYS C 673 -39.62 65.54 -70.06
C LYS C 673 -40.03 65.36 -68.60
N MET C 674 -41.29 65.00 -68.40
CA MET C 674 -41.81 64.67 -67.07
C MET C 674 -40.89 63.68 -66.36
N LYS C 675 -40.65 62.56 -67.04
CA LYS C 675 -39.79 61.49 -66.54
C LYS C 675 -38.42 62.01 -66.10
N SER C 676 -37.84 62.90 -66.90
CA SER C 676 -36.48 63.40 -66.65
C SER C 676 -36.42 64.34 -65.45
N ILE C 677 -37.49 65.09 -65.22
CA ILE C 677 -37.56 66.03 -64.10
C ILE C 677 -37.74 65.30 -62.78
N ILE C 678 -38.77 64.45 -62.73
CA ILE C 678 -39.09 63.66 -61.53
C ILE C 678 -37.97 62.71 -61.11
N GLY C 679 -37.28 62.12 -62.10
CA GLY C 679 -36.29 61.09 -61.83
C GLY C 679 -37.02 59.81 -61.44
N GLU C 680 -36.48 59.08 -60.46
CA GLU C 680 -37.14 57.88 -59.94
C GLU C 680 -38.33 58.32 -59.05
N PRO C 681 -39.57 57.96 -59.45
CA PRO C 681 -40.76 58.52 -58.80
C PRO C 681 -40.94 58.16 -57.32
N SER C 682 -40.53 56.98 -56.88
CA SER C 682 -40.66 56.63 -55.47
C SER C 682 -39.82 57.56 -54.60
N GLN C 683 -38.57 57.76 -55.00
CA GLN C 683 -37.68 58.69 -54.32
C GLN C 683 -38.18 60.14 -54.41
N TYR C 684 -38.88 60.47 -55.50
CA TYR C 684 -39.35 61.83 -55.72
C TYR C 684 -40.41 62.21 -54.70
N PHE C 685 -41.49 61.44 -54.65
CA PHE C 685 -42.59 61.73 -53.74
C PHE C 685 -42.18 61.65 -52.27
N GLN C 686 -41.26 60.74 -51.95
CA GLN C 686 -40.80 60.57 -50.55
C GLN C 686 -39.95 61.74 -50.09
N GLU C 687 -39.10 62.25 -50.97
CA GLU C 687 -38.22 63.38 -50.62
C GLU C 687 -39.05 64.67 -50.56
N LYS C 688 -40.05 64.75 -51.43
CA LYS C 688 -40.93 65.91 -51.50
C LYS C 688 -41.93 65.91 -50.34
N PHE C 689 -42.45 64.73 -49.99
CA PHE C 689 -43.43 64.59 -48.92
C PHE C 689 -43.02 63.52 -47.90
N PRO C 690 -42.03 63.85 -47.04
CA PRO C 690 -41.40 62.89 -46.11
C PRO C 690 -42.33 62.19 -45.13
N ASP C 691 -43.49 62.78 -44.86
CA ASP C 691 -44.41 62.23 -43.87
C ASP C 691 -45.56 61.46 -44.50
N LEU C 692 -45.56 61.38 -45.83
CA LEU C 692 -46.68 60.80 -46.56
C LEU C 692 -46.87 59.31 -46.28
N VAL C 693 -45.80 58.53 -46.38
CA VAL C 693 -45.90 57.07 -46.17
C VAL C 693 -46.40 56.75 -44.77
N MET C 694 -45.78 57.33 -43.74
CA MET C 694 -46.20 57.14 -42.35
C MET C 694 -47.64 57.59 -42.11
N TYR C 695 -48.04 58.70 -42.74
CA TYR C 695 -49.38 59.22 -42.57
C TYR C 695 -50.42 58.23 -43.09
N VAL C 696 -50.20 57.69 -44.29
CA VAL C 696 -51.13 56.71 -44.87
C VAL C 696 -51.12 55.41 -44.06
N TYR C 697 -49.93 54.97 -43.63
CA TYR C 697 -49.80 53.77 -42.83
C TYR C 697 -50.65 53.90 -41.58
N THR C 698 -50.49 55.03 -40.89
CA THR C 698 -51.19 55.28 -39.65
C THR C 698 -52.71 55.35 -39.81
N LYS C 699 -53.21 55.95 -40.89
CA LYS C 699 -54.66 56.04 -41.10
C LYS C 699 -55.30 54.69 -41.47
N LEU C 700 -54.56 53.84 -42.19
CA LEU C 700 -55.13 52.62 -42.73
C LEU C 700 -54.71 51.40 -41.93
N GLN C 701 -53.88 51.61 -40.91
CA GLN C 701 -53.21 50.57 -40.14
C GLN C 701 -54.04 49.33 -39.76
N ASN C 702 -55.21 49.51 -39.15
CA ASN C 702 -56.03 48.34 -38.78
C ASN C 702 -57.41 48.37 -39.39
N THR C 703 -57.45 48.69 -40.67
CA THR C 703 -58.68 48.72 -41.45
C THR C 703 -58.58 47.64 -42.52
N GLU C 704 -59.61 47.50 -43.36
CA GLU C 704 -59.56 46.52 -44.45
C GLU C 704 -58.57 46.93 -45.55
N TYR C 705 -58.21 48.22 -45.57
CA TYR C 705 -57.23 48.76 -46.51
C TYR C 705 -55.76 48.43 -46.17
N MET C 706 -55.53 47.62 -45.13
CA MET C 706 -54.26 46.92 -44.89
C MET C 706 -53.80 46.14 -46.13
N LYS C 707 -54.77 45.67 -46.92
CA LYS C 707 -54.49 44.82 -48.08
C LYS C 707 -53.56 45.49 -49.09
N HIS C 708 -53.52 46.83 -49.06
CA HIS C 708 -52.62 47.59 -49.91
C HIS C 708 -51.18 47.67 -49.41
N PHE C 709 -50.95 47.27 -48.16
CA PHE C 709 -49.60 47.23 -47.61
C PHE C 709 -48.86 46.05 -48.26
N PRO C 710 -47.53 46.13 -48.34
CA PRO C 710 -46.76 45.04 -48.95
C PRO C 710 -46.76 43.76 -48.11
N LYS C 711 -46.45 42.64 -48.74
CA LYS C 711 -46.26 41.40 -48.00
C LYS C 711 -45.05 41.56 -47.08
N THR C 712 -45.20 41.06 -45.86
CA THR C 712 -44.24 41.30 -44.80
C THR C 712 -43.90 39.97 -44.09
N HIS C 713 -42.82 39.97 -43.32
CA HIS C 713 -42.38 38.79 -42.56
C HIS C 713 -43.41 38.37 -41.49
N ASN C 714 -43.52 37.07 -41.24
CA ASN C 714 -44.38 36.52 -40.17
C ASN C 714 -44.06 35.09 -39.77
N SER D 7 21.80 27.67 -47.24
CA SER D 7 22.25 26.26 -46.96
C SER D 7 23.59 26.20 -46.21
N LEU D 8 23.93 27.26 -45.47
CA LEU D 8 25.17 27.29 -44.68
C LEU D 8 24.85 27.00 -43.22
N GLU D 9 23.87 27.74 -42.69
CA GLU D 9 23.41 27.57 -41.31
C GLU D 9 22.44 26.38 -41.19
N GLU D 10 21.86 25.97 -42.31
CA GLU D 10 20.99 24.80 -42.36
C GLU D 10 21.81 23.50 -42.26
N MET D 11 23.02 23.52 -42.81
CA MET D 11 23.96 22.41 -42.67
C MET D 11 24.47 22.31 -41.23
N LEU D 12 24.70 23.46 -40.62
CA LEU D 12 25.14 23.54 -39.23
C LEU D 12 24.11 22.94 -38.29
N THR D 13 22.85 23.27 -38.52
CA THR D 13 21.77 22.82 -37.65
C THR D 13 21.67 21.29 -37.64
N GLN D 14 21.69 20.68 -38.83
CA GLN D 14 21.63 19.21 -38.94
C GLN D 14 22.88 18.54 -38.37
N ALA D 15 24.02 19.21 -38.52
CA ALA D 15 25.29 18.71 -37.97
C ALA D 15 25.24 18.66 -36.44
N VAL D 16 24.65 19.68 -35.83
CA VAL D 16 24.48 19.72 -34.38
C VAL D 16 23.52 18.63 -33.90
N GLN D 17 22.43 18.42 -34.63
CA GLN D 17 21.45 17.38 -34.29
C GLN D 17 22.07 15.98 -34.32
N GLU D 18 22.80 15.69 -35.39
CA GLU D 18 23.44 14.37 -35.57
C GLU D 18 24.66 14.17 -34.66
N ALA D 19 25.00 15.20 -33.88
CA ALA D 19 26.11 15.17 -32.91
C ALA D 19 27.49 15.07 -33.60
N ASP D 20 27.56 15.59 -34.83
CA ASP D 20 28.77 15.53 -35.64
C ASP D 20 29.66 16.73 -35.30
N ILE D 21 30.64 16.50 -34.43
CA ILE D 21 31.40 17.60 -33.83
C ILE D 21 32.42 18.22 -34.79
N GLU D 22 33.10 17.39 -35.58
CA GLU D 22 34.11 17.89 -36.53
C GLU D 22 33.48 18.70 -37.67
N GLN D 23 32.33 18.26 -38.17
CA GLN D 23 31.62 19.02 -39.21
C GLN D 23 31.09 20.35 -38.65
N VAL D 24 30.77 20.38 -37.36
CA VAL D 24 30.37 21.62 -36.68
C VAL D 24 31.55 22.58 -36.60
N ARG D 25 32.73 22.07 -36.27
CA ARG D 25 33.95 22.89 -36.23
C ARG D 25 34.24 23.50 -37.60
N GLN D 26 34.21 22.67 -38.65
CA GLN D 26 34.49 23.12 -40.00
C GLN D 26 33.52 24.20 -40.47
N LEU D 27 32.23 23.97 -40.24
CA LEU D 27 31.19 24.92 -40.64
C LEU D 27 31.26 26.22 -39.87
N LEU D 28 31.65 26.15 -38.59
CA LEU D 28 31.84 27.35 -37.78
C LEU D 28 33.04 28.19 -38.27
N GLU D 29 34.08 27.51 -38.75
CA GLU D 29 35.28 28.18 -39.25
C GLU D 29 35.16 28.54 -40.73
N ARG D 30 34.25 27.89 -41.45
CA ARG D 30 33.87 28.33 -42.79
C ARG D 30 33.04 29.62 -42.72
N GLY D 31 32.57 29.98 -41.51
CA GLY D 31 31.95 31.29 -41.26
C GLY D 31 30.44 31.28 -41.07
N ALA D 32 29.89 30.17 -40.55
CA ALA D 32 28.44 30.04 -40.35
C ALA D 32 28.01 30.60 -39.01
N ASP D 33 26.90 31.34 -39.00
CA ASP D 33 26.42 32.05 -37.81
C ASP D 33 26.02 31.06 -36.72
N ALA D 34 26.66 31.18 -35.55
CA ALA D 34 26.35 30.33 -34.41
C ALA D 34 25.06 30.77 -33.69
N ASN D 35 24.59 31.97 -34.01
CA ASN D 35 23.36 32.52 -33.44
C ASN D 35 22.15 32.41 -34.37
N PHE D 36 22.21 31.56 -35.39
CA PHE D 36 21.06 31.35 -36.26
C PHE D 36 19.90 30.77 -35.48
N GLN D 37 18.73 31.40 -35.58
CA GLN D 37 17.52 30.89 -34.95
C GLN D 37 16.53 30.53 -36.06
N GLU D 38 16.16 29.25 -36.14
CA GLU D 38 15.15 28.82 -37.11
C GLU D 38 13.86 29.58 -36.87
N GLU D 39 13.16 29.89 -37.96
CA GLU D 39 12.09 30.90 -37.95
C GLU D 39 10.88 30.50 -37.11
N GLU D 40 10.51 29.22 -37.19
CA GLU D 40 9.27 28.71 -36.62
C GLU D 40 9.19 28.83 -35.10
N TRP D 41 10.19 28.30 -34.41
CA TRP D 41 10.19 28.26 -32.94
C TRP D 41 11.39 28.93 -32.28
N GLY D 42 12.27 29.53 -33.10
CA GLY D 42 13.39 30.30 -32.59
C GLY D 42 14.51 29.51 -31.91
N TRP D 43 14.62 28.22 -32.23
CA TRP D 43 15.68 27.37 -31.69
C TRP D 43 17.03 27.72 -32.34
N SER D 44 18.04 27.91 -31.50
CA SER D 44 19.42 28.10 -31.97
C SER D 44 20.24 26.80 -31.75
N PRO D 45 21.38 26.65 -32.45
CA PRO D 45 22.29 25.54 -32.22
C PRO D 45 22.68 25.35 -30.75
N LEU D 46 22.85 26.44 -30.02
CA LEU D 46 23.19 26.37 -28.60
C LEU D 46 22.03 25.80 -27.80
N HIS D 47 20.82 26.31 -28.03
CA HIS D 47 19.62 25.76 -27.40
C HIS D 47 19.57 24.25 -27.66
N SER D 48 19.74 23.88 -28.92
CA SER D 48 19.69 22.48 -29.34
C SER D 48 20.78 21.65 -28.66
N ALA D 49 21.95 22.24 -28.48
CA ALA D 49 23.09 21.56 -27.85
C ALA D 49 22.80 21.27 -26.39
N VAL D 50 22.25 22.26 -25.69
CA VAL D 50 21.91 22.09 -24.28
C VAL D 50 20.79 21.06 -24.14
N GLN D 51 19.80 21.13 -25.02
CA GLN D 51 18.67 20.20 -25.03
C GLN D 51 19.09 18.73 -25.22
N MET D 52 19.98 18.49 -26.17
CA MET D 52 20.45 17.12 -26.43
C MET D 52 21.49 16.63 -25.40
N ASP D 53 21.85 17.49 -24.45
CA ASP D 53 22.79 17.14 -23.37
C ASP D 53 24.15 16.77 -23.92
N SER D 54 24.74 17.69 -24.67
CA SER D 54 26.05 17.49 -25.28
C SER D 54 26.99 18.64 -24.91
N GLU D 55 27.88 18.41 -23.95
CA GLU D 55 28.78 19.44 -23.47
C GLU D 55 29.82 19.87 -24.50
N ASP D 56 30.28 18.92 -25.31
CA ASP D 56 31.30 19.20 -26.33
C ASP D 56 30.79 20.23 -27.36
N LEU D 57 29.53 20.11 -27.78
CA LEU D 57 28.93 21.10 -28.67
C LEU D 57 28.67 22.44 -27.96
N VAL D 58 28.32 22.38 -26.68
CA VAL D 58 28.08 23.61 -25.91
C VAL D 58 29.36 24.44 -25.77
N ALA D 59 30.48 23.78 -25.48
CA ALA D 59 31.77 24.46 -25.33
C ALA D 59 32.25 24.99 -26.67
N LEU D 60 32.14 24.16 -27.70
CA LEU D 60 32.55 24.52 -29.05
C LEU D 60 31.77 25.71 -29.60
N LEU D 61 30.46 25.72 -29.37
CA LEU D 61 29.60 26.81 -29.84
C LEU D 61 29.88 28.12 -29.11
N LEU D 62 30.06 28.06 -27.80
CA LEU D 62 30.41 29.25 -27.02
C LEU D 62 31.78 29.81 -27.39
N LYS D 63 32.71 28.93 -27.76
CA LYS D 63 34.02 29.35 -28.25
C LYS D 63 33.90 30.25 -29.48
N HIS D 64 32.99 29.91 -30.40
CA HIS D 64 32.77 30.70 -31.61
C HIS D 64 31.67 31.77 -31.45
N GLY D 65 31.51 32.28 -30.23
CA GLY D 65 30.70 33.46 -29.97
C GLY D 65 29.19 33.26 -29.96
N ALA D 66 28.74 32.05 -29.66
CA ALA D 66 27.31 31.79 -29.48
C ALA D 66 26.83 32.57 -28.27
N ASP D 67 25.65 33.18 -28.41
CA ASP D 67 25.10 34.07 -27.39
C ASP D 67 24.23 33.26 -26.42
N PRO D 68 24.65 33.16 -25.14
CA PRO D 68 23.84 32.45 -24.13
C PRO D 68 22.64 33.24 -23.57
N CYS D 69 22.44 34.47 -24.05
CA CYS D 69 21.28 35.27 -23.68
C CYS D 69 20.17 35.19 -24.75
N LEU D 70 20.40 34.37 -25.76
CA LEU D 70 19.51 34.31 -26.92
C LEU D 70 18.20 33.61 -26.54
N ARG D 71 17.07 34.26 -26.84
CA ARG D 71 15.75 33.76 -26.46
C ARG D 71 15.01 33.18 -27.65
N LYS D 72 14.37 32.04 -27.46
CA LYS D 72 13.55 31.41 -28.50
C LYS D 72 12.09 31.88 -28.38
N ARG D 73 11.18 31.38 -29.21
CA ARG D 73 9.83 31.96 -29.31
C ARG D 73 9.14 32.12 -27.95
N ASN D 74 9.24 31.12 -27.08
CA ASN D 74 8.67 31.23 -25.74
C ASN D 74 9.55 32.00 -24.73
N GLY D 75 10.63 32.62 -25.22
CA GLY D 75 11.48 33.46 -24.36
C GLY D 75 12.50 32.72 -23.50
N ALA D 76 12.62 31.41 -23.66
CA ALA D 76 13.56 30.62 -22.89
C ALA D 76 14.97 30.76 -23.46
N THR D 77 15.95 30.87 -22.57
CA THR D 77 17.37 30.93 -22.95
C THR D 77 18.00 29.55 -22.78
N PRO D 78 19.23 29.35 -23.31
CA PRO D 78 19.93 28.07 -23.12
C PRO D 78 20.12 27.68 -21.65
N PHE D 79 20.24 28.67 -20.77
CA PHE D 79 20.37 28.44 -19.34
C PHE D 79 19.09 27.84 -18.73
N ILE D 80 17.93 28.31 -19.20
CA ILE D 80 16.65 27.76 -18.76
C ILE D 80 16.53 26.30 -19.19
N ILE D 81 16.89 26.03 -20.43
CA ILE D 81 16.84 24.68 -20.99
C ILE D 81 17.78 23.74 -20.22
N ALA D 82 18.89 24.28 -19.73
CA ALA D 82 19.85 23.49 -18.96
C ALA D 82 19.24 22.97 -17.65
N GLY D 83 18.31 23.73 -17.08
CA GLY D 83 17.55 23.28 -15.92
C GLY D 83 16.71 22.04 -16.25
N ILE D 84 16.19 21.99 -17.47
CA ILE D 84 15.36 20.87 -17.92
C ILE D 84 16.21 19.61 -18.01
N THR D 85 17.35 19.71 -18.70
CA THR D 85 18.25 18.57 -18.88
C THR D 85 18.89 18.14 -17.56
N GLY D 86 19.08 19.09 -16.64
CA GLY D 86 19.56 18.81 -15.28
C GLY D 86 21.04 18.50 -15.12
N ASN D 87 21.83 18.81 -16.14
CA ASN D 87 23.27 18.59 -16.12
C ASN D 87 23.97 19.78 -15.46
N VAL D 88 24.52 19.56 -14.27
CA VAL D 88 25.12 20.63 -13.46
C VAL D 88 26.35 21.25 -14.15
N ARG D 89 27.07 20.46 -14.92
CA ARG D 89 28.28 20.95 -15.59
C ARG D 89 27.94 21.99 -16.66
N LEU D 90 26.85 21.77 -17.40
CA LEU D 90 26.37 22.76 -18.37
C LEU D 90 25.89 24.04 -17.70
N LEU D 91 25.28 23.91 -16.52
CA LEU D 91 24.87 25.07 -15.75
C LEU D 91 26.07 25.91 -15.29
N GLN D 92 27.10 25.25 -14.75
CA GLN D 92 28.35 25.89 -14.33
C GLN D 92 29.00 26.66 -15.48
N LEU D 93 29.09 26.00 -16.63
CA LEU D 93 29.69 26.54 -17.82
C LEU D 93 29.01 27.83 -18.31
N LEU D 94 27.67 27.86 -18.25
CA LEU D 94 26.88 28.99 -18.75
C LEU D 94 26.69 30.13 -17.74
N LEU D 95 26.84 29.84 -16.46
CA LEU D 95 26.50 30.80 -15.40
C LEU D 95 27.24 32.15 -15.44
N PRO D 96 28.55 32.15 -15.71
CA PRO D 96 29.28 33.44 -15.72
C PRO D 96 28.71 34.47 -16.70
N ASN D 97 28.28 34.00 -17.88
CA ASN D 97 27.69 34.86 -18.91
C ASN D 97 26.25 35.31 -18.60
N VAL D 98 25.61 34.65 -17.64
CA VAL D 98 24.22 34.93 -17.28
C VAL D 98 24.12 36.08 -16.28
N GLU D 99 23.43 37.15 -16.68
CA GLU D 99 23.22 38.30 -15.81
C GLU D 99 22.44 37.90 -14.55
N ASP D 100 21.21 37.44 -14.74
CA ASP D 100 20.34 37.03 -13.63
C ASP D 100 20.06 35.53 -13.68
N VAL D 101 20.32 34.84 -12.57
CA VAL D 101 20.10 33.39 -12.47
C VAL D 101 18.60 33.07 -12.47
N ASN D 102 17.79 34.05 -12.08
CA ASN D 102 16.33 33.93 -12.10
C ASN D 102 15.66 34.52 -13.35
N GLU D 103 16.40 34.62 -14.46
CA GLU D 103 15.81 35.00 -15.74
C GLU D 103 14.72 34.00 -16.09
N CYS D 104 13.62 34.50 -16.66
CA CYS D 104 12.46 33.66 -16.93
C CYS D 104 12.00 33.76 -18.38
N ASP D 105 11.23 32.76 -18.82
CA ASP D 105 10.63 32.78 -20.15
C ASP D 105 9.28 33.52 -20.12
N VAL D 106 8.57 33.59 -21.24
CA VAL D 106 7.36 34.43 -21.30
C VAL D 106 6.22 33.95 -20.40
N ASN D 107 6.24 32.67 -20.02
CA ASN D 107 5.24 32.12 -19.10
C ASN D 107 5.72 32.03 -17.65
N GLY D 108 6.93 32.53 -17.38
CA GLY D 108 7.44 32.66 -16.01
C GLY D 108 8.44 31.62 -15.57
N PHE D 109 8.80 30.70 -16.46
CA PHE D 109 9.67 29.59 -16.09
C PHE D 109 11.14 29.99 -15.99
N THR D 110 11.75 29.67 -14.85
CA THR D 110 13.20 29.80 -14.65
C THR D 110 13.89 28.44 -14.73
N ALA D 111 15.22 28.47 -14.73
CA ALA D 111 16.01 27.23 -14.68
C ALA D 111 15.69 26.42 -13.41
N PHE D 112 15.51 27.10 -12.30
CA PHE D 112 15.21 26.44 -11.04
C PHE D 112 13.89 25.69 -11.11
N MET D 113 12.84 26.39 -11.53
CA MET D 113 11.53 25.79 -11.71
C MET D 113 11.58 24.60 -12.63
N GLU D 114 12.29 24.72 -13.74
CA GLU D 114 12.40 23.61 -14.68
C GLU D 114 13.07 22.41 -14.03
N ALA D 115 14.10 22.65 -13.22
CA ALA D 115 14.77 21.57 -12.50
C ALA D 115 13.79 20.87 -11.57
N ALA D 116 12.88 21.64 -10.97
CA ALA D 116 11.84 21.08 -10.13
C ALA D 116 10.83 20.25 -10.91
N VAL D 117 10.37 20.79 -12.04
CA VAL D 117 9.37 20.13 -12.89
C VAL D 117 9.89 18.78 -13.40
N TYR D 118 11.14 18.77 -13.85
CA TYR D 118 11.74 17.58 -14.44
C TYR D 118 12.48 16.68 -13.44
N GLY D 119 12.42 17.00 -12.14
CA GLY D 119 12.96 16.13 -11.10
C GLY D 119 14.47 16.02 -11.05
N ARG D 120 15.14 17.14 -11.37
CA ARG D 120 16.59 17.19 -11.52
C ARG D 120 17.23 17.72 -10.24
N VAL D 121 17.61 16.79 -9.35
CA VAL D 121 17.97 17.12 -7.95
C VAL D 121 19.31 17.83 -7.83
N GLU D 122 20.31 17.33 -8.54
CA GLU D 122 21.66 17.92 -8.52
C GLU D 122 21.62 19.36 -9.03
N ALA D 123 20.93 19.56 -10.15
CA ALA D 123 20.74 20.89 -10.73
C ALA D 123 19.99 21.83 -9.80
N LEU D 124 18.97 21.31 -9.13
CA LEU D 124 18.22 22.08 -8.15
C LEU D 124 19.13 22.62 -7.05
N ARG D 125 20.00 21.75 -6.52
CA ARG D 125 20.93 22.12 -5.44
C ARG D 125 21.92 23.19 -5.90
N PHE D 126 22.50 22.99 -7.08
CA PHE D 126 23.44 23.94 -7.64
C PHE D 126 22.82 25.33 -7.83
N LEU D 127 21.58 25.36 -8.31
CA LEU D 127 20.90 26.62 -8.59
C LEU D 127 20.53 27.33 -7.29
N TYR D 128 20.17 26.54 -6.28
CA TYR D 128 19.87 27.10 -4.95
C TYR D 128 21.09 27.79 -4.36
N GLU D 129 22.23 27.11 -4.42
CA GLU D 129 23.49 27.61 -3.86
C GLU D 129 24.01 28.83 -4.60
N ASN D 130 23.57 29.01 -5.84
CA ASN D 130 23.95 30.17 -6.64
C ASN D 130 22.86 31.24 -6.74
N GLY D 131 22.00 31.30 -5.72
CA GLY D 131 21.09 32.43 -5.52
C GLY D 131 19.70 32.39 -6.13
N ALA D 132 19.18 31.19 -6.46
CA ALA D 132 17.83 31.08 -7.02
C ALA D 132 16.77 31.45 -5.99
N ASP D 133 15.74 32.17 -6.43
CA ASP D 133 14.62 32.49 -5.56
C ASP D 133 13.69 31.27 -5.51
N VAL D 134 13.71 30.59 -4.37
CA VAL D 134 12.97 29.34 -4.20
C VAL D 134 11.46 29.58 -4.21
N ASN D 135 11.04 30.72 -3.67
CA ASN D 135 9.61 31.04 -3.55
C ASN D 135 9.08 32.02 -4.61
N MET D 136 9.78 32.14 -5.74
CA MET D 136 9.30 32.95 -6.85
C MET D 136 8.00 32.38 -7.41
N HIS D 137 7.01 33.24 -7.61
CA HIS D 137 5.80 32.89 -8.34
C HIS D 137 6.00 33.21 -9.81
N ARG D 138 5.52 32.33 -10.69
CA ARG D 138 5.62 32.57 -12.14
C ARG D 138 4.88 33.83 -12.55
N LYS D 139 5.61 34.77 -13.12
CA LYS D 139 5.02 35.95 -13.76
C LYS D 139 4.75 35.56 -15.21
N THR D 140 3.57 35.91 -15.71
CA THR D 140 3.20 35.54 -17.08
C THR D 140 2.55 36.71 -17.82
N LYS D 141 2.04 36.44 -19.02
CA LYS D 141 1.44 37.46 -19.86
C LYS D 141 0.12 37.96 -19.26
N GLN D 142 -0.31 39.15 -19.60
CA GLN D 142 -1.51 39.75 -19.14
C GLN D 142 -2.74 38.97 -19.43
N ASP D 143 -2.81 38.42 -20.64
CA ASP D 143 -3.94 37.54 -21.00
C ASP D 143 -4.04 36.31 -20.12
N GLN D 144 -2.91 35.81 -19.63
CA GLN D 144 -2.89 34.66 -18.74
C GLN D 144 -3.26 35.07 -17.32
N GLU D 145 -2.70 36.19 -16.86
CA GLU D 145 -2.98 36.67 -15.51
C GLU D 145 -4.46 37.01 -15.30
N ARG D 146 -5.09 37.58 -16.31
CA ARG D 146 -6.49 38.01 -16.18
C ARG D 146 -7.50 36.86 -16.12
N ILE D 147 -7.08 35.65 -16.48
CA ILE D 147 -7.90 34.46 -16.27
C ILE D 147 -7.35 33.62 -15.12
N ARG D 148 -6.49 34.23 -14.29
CA ARG D 148 -5.97 33.64 -13.06
C ARG D 148 -5.10 32.40 -13.28
N LYS D 149 -4.40 32.37 -14.40
CA LYS D 149 -3.34 31.40 -14.62
C LYS D 149 -2.01 32.04 -14.17
N GLY D 150 -0.96 31.24 -14.10
CA GLY D 150 0.32 31.70 -13.60
C GLY D 150 0.38 31.67 -12.09
N GLY D 151 1.54 32.05 -11.55
CA GLY D 151 1.75 32.18 -10.11
C GLY D 151 2.21 30.93 -9.38
N ALA D 152 2.37 29.83 -10.11
CA ALA D 152 2.82 28.58 -9.49
C ALA D 152 4.27 28.70 -9.04
N THR D 153 4.65 27.84 -8.08
CA THR D 153 6.02 27.80 -7.55
C THR D 153 6.71 26.48 -7.90
N ALA D 154 7.99 26.37 -7.54
CA ALA D 154 8.73 25.11 -7.75
C ALA D 154 8.14 23.96 -6.93
N LEU D 155 7.64 24.29 -5.75
CA LEU D 155 7.05 23.31 -4.83
C LEU D 155 5.82 22.68 -5.46
N MET D 156 4.95 23.54 -6.00
CA MET D 156 3.73 23.12 -6.68
C MET D 156 4.06 22.17 -7.84
N ASP D 157 5.01 22.56 -8.66
CA ASP D 157 5.42 21.73 -9.81
C ASP D 157 5.92 20.35 -9.38
N ALA D 158 6.82 20.34 -8.41
CA ALA D 158 7.38 19.09 -7.89
C ALA D 158 6.31 18.21 -7.28
N ALA D 159 5.35 18.83 -6.60
CA ALA D 159 4.21 18.12 -6.04
C ALA D 159 3.37 17.52 -7.14
N GLU D 160 3.12 18.29 -8.19
CA GLU D 160 2.27 17.86 -9.30
C GLU D 160 2.88 16.69 -10.05
N LYS D 161 4.18 16.74 -10.28
CA LYS D 161 4.87 15.72 -11.08
C LYS D 161 5.32 14.51 -10.27
N GLY D 162 5.06 14.52 -8.96
CA GLY D 162 5.34 13.37 -8.12
C GLY D 162 6.81 13.17 -7.76
N HIS D 163 7.59 14.25 -7.77
CA HIS D 163 9.01 14.20 -7.41
C HIS D 163 9.19 14.36 -5.91
N VAL D 164 9.19 13.24 -5.20
CA VAL D 164 9.20 13.23 -3.73
C VAL D 164 10.51 13.81 -3.19
N GLY D 165 11.64 13.37 -3.74
CA GLY D 165 12.95 13.90 -3.39
C GLY D 165 13.01 15.42 -3.43
N VAL D 166 12.61 15.99 -4.57
CA VAL D 166 12.58 17.45 -4.76
C VAL D 166 11.71 18.12 -3.72
N VAL D 167 10.53 17.56 -3.45
CA VAL D 167 9.62 18.14 -2.46
C VAL D 167 10.25 18.14 -1.08
N THR D 168 10.83 17.00 -0.70
CA THR D 168 11.53 16.86 0.58
C THR D 168 12.62 17.92 0.74
N ILE D 169 13.45 18.03 -0.29
CA ILE D 169 14.57 18.96 -0.27
C ILE D 169 14.10 20.42 -0.25
N LEU D 170 13.06 20.73 -1.02
CA LEU D 170 12.53 22.10 -1.05
C LEU D 170 12.03 22.53 0.33
N LEU D 171 11.29 21.65 0.99
CA LEU D 171 10.72 21.98 2.29
C LEU D 171 11.75 22.05 3.42
N HIS D 172 12.73 21.15 3.39
CA HIS D 172 13.66 20.97 4.52
C HIS D 172 14.99 21.72 4.38
N ALA D 173 15.56 21.71 3.18
CA ALA D 173 16.86 22.32 2.95
C ALA D 173 16.77 23.74 2.37
N MET D 174 15.70 24.04 1.64
CA MET D 174 15.61 25.28 0.84
C MET D 174 14.56 26.28 1.32
N LYS D 175 13.93 26.00 2.46
CA LYS D 175 12.95 26.91 3.09
C LYS D 175 11.75 27.29 2.20
N ALA D 176 11.18 26.31 1.49
CA ALA D 176 10.05 26.58 0.61
C ALA D 176 8.79 26.90 1.41
N GLU D 177 8.04 27.91 0.95
CA GLU D 177 6.77 28.29 1.59
C GLU D 177 5.72 27.23 1.30
N VAL D 178 5.32 26.50 2.33
CA VAL D 178 4.41 25.37 2.17
C VAL D 178 3.03 25.79 1.69
N ASP D 179 2.56 26.96 2.12
CA ASP D 179 1.20 27.39 1.82
C ASP D 179 1.12 28.56 0.81
N ALA D 180 2.15 28.72 -0.02
CA ALA D 180 2.12 29.71 -1.10
C ALA D 180 1.01 29.36 -2.10
N ARG D 181 0.52 30.37 -2.81
CA ARG D 181 -0.62 30.21 -3.67
C ARG D 181 -0.37 30.75 -5.06
N ASP D 182 -0.88 30.03 -6.06
CA ASP D 182 -0.88 30.53 -7.44
C ASP D 182 -2.01 31.54 -7.63
N ASN D 183 -2.12 32.08 -8.83
CA ASN D 183 -3.09 33.14 -9.10
C ASN D 183 -4.56 32.70 -8.97
N MET D 184 -4.83 31.39 -9.03
CA MET D 184 -6.19 30.86 -8.82
C MET D 184 -6.50 30.54 -7.35
N GLY D 185 -5.51 30.64 -6.48
CA GLY D 185 -5.70 30.38 -5.05
C GLY D 185 -5.40 28.94 -4.60
N ARG D 186 -4.84 28.15 -5.50
CA ARG D 186 -4.43 26.79 -5.18
C ARG D 186 -3.09 26.80 -4.45
N ASN D 187 -2.84 25.76 -3.65
CA ASN D 187 -1.52 25.53 -3.03
C ASN D 187 -0.93 24.19 -3.47
N ALA D 188 0.24 23.85 -2.95
CA ALA D 188 0.94 22.61 -3.33
C ALA D 188 0.14 21.34 -3.02
N LEU D 189 -0.73 21.42 -2.02
CA LEU D 189 -1.59 20.31 -1.63
C LEU D 189 -2.60 19.94 -2.73
N VAL D 190 -3.20 20.94 -3.36
CA VAL D 190 -4.11 20.71 -4.49
C VAL D 190 -3.38 20.02 -5.64
N TYR D 191 -2.22 20.54 -6.00
CA TYR D 191 -1.41 19.95 -7.07
C TYR D 191 -1.03 18.50 -6.77
N ALA D 192 -0.67 18.23 -5.52
CA ALA D 192 -0.30 16.88 -5.08
C ALA D 192 -1.43 15.88 -5.30
N LEU D 193 -2.67 16.31 -5.09
CA LEU D 193 -3.82 15.43 -5.25
C LEU D 193 -4.28 15.24 -6.70
N LEU D 194 -3.68 15.99 -7.63
CA LEU D 194 -3.91 15.79 -9.06
C LEU D 194 -2.94 14.79 -9.69
N ASN D 195 -1.90 14.42 -8.95
CA ASN D 195 -0.91 13.42 -9.39
C ASN D 195 -1.50 12.01 -9.36
N PRO D 196 -1.63 11.35 -10.52
CA PRO D 196 -2.35 10.06 -10.56
C PRO D 196 -1.64 8.88 -9.89
N ASP D 197 -0.33 8.99 -9.65
CA ASP D 197 0.43 7.96 -8.93
C ASP D 197 0.09 8.01 -7.45
N ASP D 198 -0.53 6.95 -6.96
CA ASP D 198 -1.04 6.92 -5.59
C ASP D 198 0.05 7.03 -4.53
N GLY D 199 1.11 6.25 -4.70
CA GLY D 199 2.22 6.24 -3.75
C GLY D 199 2.89 7.58 -3.58
N LYS D 200 3.22 8.21 -4.71
CA LYS D 200 3.88 9.52 -4.67
C LYS D 200 2.94 10.61 -4.15
N ALA D 201 1.67 10.53 -4.54
CA ALA D 201 0.65 11.44 -4.03
C ALA D 201 0.50 11.33 -2.52
N LYS D 202 0.57 10.11 -1.99
CA LYS D 202 0.44 9.88 -0.54
C LYS D 202 1.64 10.41 0.24
N ALA D 203 2.84 10.22 -0.31
CA ALA D 203 4.07 10.65 0.36
C ALA D 203 4.16 12.17 0.40
N ILE D 204 3.97 12.78 -0.76
CA ILE D 204 4.05 14.23 -0.91
C ILE D 204 2.98 14.93 -0.07
N THR D 205 1.77 14.40 -0.09
CA THR D 205 0.68 14.92 0.74
C THR D 205 1.06 14.89 2.23
N ARG D 206 1.77 13.82 2.57
CA ARG D 206 2.29 13.48 3.92
C ARG D 206 3.74 13.88 4.26
N LEU D 207 4.14 14.95 3.62
CA LEU D 207 5.15 16.00 3.77
C LEU D 207 4.53 17.39 3.85
N LEU D 208 3.63 17.69 2.91
CA LEU D 208 2.96 18.99 2.85
C LEU D 208 2.11 19.25 4.08
N LEU D 209 1.32 18.27 4.47
CA LEU D 209 0.47 18.41 5.65
C LEU D 209 1.29 18.59 6.91
N ASP D 210 2.39 17.83 7.02
CA ASP D 210 3.27 17.93 8.17
C ASP D 210 3.85 19.35 8.32
N HIS D 211 4.20 19.98 7.21
CA HIS D 211 4.76 21.34 7.25
C HIS D 211 3.72 22.45 7.34
N GLY D 212 2.44 22.07 7.41
CA GLY D 212 1.36 23.03 7.67
C GLY D 212 0.66 23.58 6.44
N ALA D 213 0.53 22.77 5.39
CA ALA D 213 -0.25 23.17 4.21
C ALA D 213 -1.70 23.37 4.61
N ASP D 214 -2.33 24.43 4.12
CA ASP D 214 -3.72 24.71 4.43
C ASP D 214 -4.59 23.67 3.74
N VAL D 215 -5.48 23.08 4.51
CA VAL D 215 -6.27 21.96 4.08
C VAL D 215 -7.62 22.46 3.51
N ASN D 216 -8.02 23.67 3.90
CA ASN D 216 -9.22 24.31 3.37
C ASN D 216 -8.88 25.28 2.24
N VAL D 217 -8.60 24.70 1.08
CA VAL D 217 -8.37 25.44 -0.14
C VAL D 217 -9.26 24.87 -1.22
N ARG D 218 -9.23 25.49 -2.39
CA ARG D 218 -10.07 25.09 -3.50
C ARG D 218 -9.25 24.92 -4.75
N GLY D 219 -9.62 23.92 -5.57
CA GLY D 219 -9.08 23.76 -6.91
C GLY D 219 -10.16 23.95 -7.95
N GLU D 220 -10.01 23.27 -9.09
CA GLU D 220 -11.01 23.26 -10.16
C GLU D 220 -12.38 22.85 -9.65
N GLY D 221 -13.43 23.46 -10.20
CA GLY D 221 -14.79 23.16 -9.79
C GLY D 221 -15.06 23.45 -8.33
N SER D 222 -14.23 24.32 -7.76
CA SER D 222 -14.25 24.63 -6.33
C SER D 222 -14.17 23.37 -5.43
N LYS D 223 -13.43 22.36 -5.88
CA LYS D 223 -13.24 21.13 -5.11
C LYS D 223 -12.20 21.36 -4.02
N THR D 224 -12.43 20.75 -2.86
CA THR D 224 -11.47 20.77 -1.76
C THR D 224 -10.51 19.58 -1.91
N PRO D 225 -9.37 19.61 -1.19
CA PRO D 225 -8.50 18.44 -1.14
C PRO D 225 -9.22 17.16 -0.70
N LEU D 226 -10.15 17.30 0.25
CA LEU D 226 -10.93 16.17 0.72
C LEU D 226 -11.79 15.59 -0.40
N ILE D 227 -12.46 16.44 -1.16
CA ILE D 227 -13.28 16.01 -2.28
C ILE D 227 -12.43 15.35 -3.38
N LEU D 228 -11.28 15.93 -3.67
CA LEU D 228 -10.35 15.33 -4.63
C LEU D 228 -9.95 13.92 -4.20
N ALA D 229 -9.70 13.76 -2.90
CA ALA D 229 -9.33 12.46 -2.36
C ALA D 229 -10.46 11.43 -2.48
N VAL D 230 -11.69 11.86 -2.27
CA VAL D 230 -12.85 10.98 -2.42
C VAL D 230 -13.05 10.59 -3.89
N GLU D 231 -12.98 11.57 -4.79
CA GLU D 231 -13.21 11.31 -6.23
C GLU D 231 -12.16 10.38 -6.83
N ARG D 232 -11.00 10.34 -6.22
CA ARG D 232 -9.90 9.48 -6.63
C ARG D 232 -9.99 8.13 -5.91
N LYS D 233 -10.98 7.99 -5.02
CA LYS D 233 -11.31 6.73 -4.34
C LYS D 233 -10.17 6.19 -3.46
N ASN D 234 -9.47 7.10 -2.79
CA ASN D 234 -8.30 6.71 -1.98
C ASN D 234 -8.55 6.87 -0.49
N LEU D 235 -8.77 5.74 0.19
CA LEU D 235 -9.01 5.72 1.63
C LEU D 235 -7.88 6.38 2.42
N ASP D 236 -6.64 6.06 2.06
CA ASP D 236 -5.46 6.58 2.79
C ASP D 236 -5.34 8.11 2.75
N LEU D 237 -5.58 8.69 1.57
CA LEU D 237 -5.54 10.15 1.43
C LEU D 237 -6.64 10.81 2.25
N VAL D 238 -7.81 10.18 2.28
CA VAL D 238 -8.92 10.65 3.11
C VAL D 238 -8.55 10.62 4.59
N GLN D 239 -8.00 9.51 5.07
CA GLN D 239 -7.55 9.39 6.47
C GLN D 239 -6.57 10.51 6.80
N MET D 240 -5.52 10.58 6.00
CA MET D 240 -4.47 11.60 6.10
C MET D 240 -5.06 13.00 6.29
N LEU D 241 -6.05 13.35 5.46
CA LEU D 241 -6.66 14.66 5.47
C LEU D 241 -7.60 14.89 6.66
N LEU D 242 -8.31 13.85 7.05
CA LEU D 242 -9.25 13.95 8.17
C LEU D 242 -8.55 14.00 9.55
N GLU D 243 -7.26 13.70 9.59
CA GLU D 243 -6.46 13.84 10.81
C GLU D 243 -6.35 15.31 11.21
N GLN D 244 -6.30 16.19 10.22
CA GLN D 244 -6.28 17.64 10.47
C GLN D 244 -7.63 18.03 11.05
N GLU D 245 -7.64 18.57 12.26
CA GLU D 245 -8.91 18.86 12.96
C GLU D 245 -9.59 20.16 12.49
N GLN D 246 -8.83 21.00 11.80
CA GLN D 246 -9.37 22.24 11.23
C GLN D 246 -10.15 22.03 9.93
N ILE D 247 -10.10 20.82 9.37
CA ILE D 247 -10.73 20.54 8.08
C ILE D 247 -12.25 20.69 8.15
N GLU D 248 -12.83 21.21 7.08
CA GLU D 248 -14.28 21.42 6.99
C GLU D 248 -14.91 20.28 6.17
N VAL D 249 -15.47 19.29 6.86
CA VAL D 249 -15.99 18.08 6.21
C VAL D 249 -17.27 18.30 5.40
N ASN D 250 -18.00 19.35 5.72
CA ASN D 250 -19.29 19.60 5.07
C ASN D 250 -19.25 20.68 3.99
N ASP D 251 -18.06 21.04 3.54
CA ASP D 251 -17.90 21.98 2.43
C ASP D 251 -18.39 21.36 1.11
N THR D 252 -18.88 22.21 0.21
CA THR D 252 -19.48 21.79 -1.04
C THR D 252 -18.67 22.28 -2.23
N ASP D 253 -18.65 21.51 -3.31
CA ASP D 253 -18.03 21.95 -4.56
C ASP D 253 -19.00 22.88 -5.31
N ARG D 254 -18.64 23.30 -6.52
CA ARG D 254 -19.47 24.25 -7.26
C ARG D 254 -20.88 23.74 -7.53
N GLU D 255 -21.03 22.42 -7.68
CA GLU D 255 -22.34 21.80 -7.92
C GLU D 255 -23.13 21.51 -6.63
N GLY D 256 -22.60 21.90 -5.48
CA GLY D 256 -23.30 21.72 -4.21
C GLY D 256 -23.09 20.34 -3.59
N LYS D 257 -22.15 19.57 -4.12
CA LYS D 257 -21.88 18.23 -3.61
C LYS D 257 -20.83 18.24 -2.50
N THR D 258 -21.09 17.43 -1.48
CA THR D 258 -20.24 17.32 -0.32
C THR D 258 -19.41 16.05 -0.49
N ALA D 259 -18.35 15.90 0.29
CA ALA D 259 -17.45 14.75 0.17
C ALA D 259 -18.19 13.42 0.46
N LEU D 260 -19.04 13.45 1.49
CA LEU D 260 -19.88 12.32 1.84
C LEU D 260 -20.78 11.89 0.67
N LEU D 261 -21.44 12.86 0.05
CA LEU D 261 -22.41 12.59 -1.03
C LEU D 261 -21.72 11.87 -2.16
N LEU D 262 -20.54 12.37 -2.53
CA LEU D 262 -19.73 11.77 -3.59
C LEU D 262 -19.29 10.37 -3.20
N ALA D 263 -18.95 10.19 -1.93
CA ALA D 263 -18.51 8.88 -1.45
C ALA D 263 -19.61 7.83 -1.61
N VAL D 264 -20.84 8.19 -1.25
CA VAL D 264 -21.95 7.26 -1.35
C VAL D 264 -22.23 6.98 -2.83
N GLU D 265 -22.27 8.04 -3.65
CA GLU D 265 -22.48 7.92 -5.10
C GLU D 265 -21.50 6.98 -5.80
N LEU D 266 -20.24 7.02 -5.38
CA LEU D 266 -19.17 6.22 -5.96
C LEU D 266 -18.97 4.84 -5.29
N ARG D 267 -19.92 4.41 -4.44
CA ARG D 267 -19.88 3.12 -3.74
C ARG D 267 -18.66 2.97 -2.82
N LEU D 268 -18.28 4.05 -2.15
CA LEU D 268 -17.12 4.01 -1.26
C LEU D 268 -17.55 3.85 0.21
N GLU D 269 -17.89 2.61 0.57
CA GLU D 269 -18.46 2.31 1.89
C GLU D 269 -17.59 2.82 3.05
N GLU D 270 -16.33 2.38 3.08
CA GLU D 270 -15.45 2.70 4.20
C GLU D 270 -15.17 4.19 4.29
N ILE D 271 -14.87 4.80 3.16
CA ILE D 271 -14.64 6.25 3.10
C ILE D 271 -15.86 6.99 3.62
N ALA D 272 -17.05 6.51 3.27
CA ALA D 272 -18.28 7.15 3.71
C ALA D 272 -18.50 7.02 5.21
N LYS D 273 -18.28 5.82 5.76
CA LYS D 273 -18.41 5.61 7.21
C LYS D 273 -17.44 6.50 7.97
N LEU D 274 -16.21 6.55 7.49
CA LEU D 274 -15.16 7.35 8.10
C LEU D 274 -15.52 8.85 8.11
N LEU D 275 -16.17 9.33 7.05
CA LEU D 275 -16.61 10.72 6.97
C LEU D 275 -17.75 11.01 7.95
N CYS D 276 -18.68 10.06 8.08
CA CYS D 276 -19.75 10.18 9.07
C CYS D 276 -19.20 10.24 10.49
N HIS D 277 -18.27 9.36 10.81
CA HIS D 277 -17.65 9.33 12.14
C HIS D 277 -16.93 10.64 12.45
N ARG D 278 -16.37 11.28 11.42
CA ARG D 278 -15.67 12.57 11.61
C ARG D 278 -16.58 13.78 11.44
N GLY D 279 -17.90 13.58 11.50
CA GLY D 279 -18.86 14.67 11.62
C GLY D 279 -19.58 15.14 10.36
N ALA D 280 -19.52 14.37 9.28
CA ALA D 280 -20.25 14.75 8.05
C ALA D 280 -21.74 14.56 8.24
N SER D 281 -22.54 15.47 7.68
CA SER D 281 -23.99 15.47 7.86
C SER D 281 -24.75 14.67 6.78
N THR D 282 -25.80 13.96 7.21
CA THR D 282 -26.65 13.12 6.36
C THR D 282 -27.64 13.93 5.49
N ASN D 283 -27.75 15.23 5.74
CA ASN D 283 -28.72 16.11 5.05
C ASN D 283 -28.18 16.70 3.74
N CYS D 284 -27.02 16.25 3.29
CA CYS D 284 -26.42 16.72 2.04
C CYS D 284 -27.16 16.17 0.81
N GLY D 285 -27.83 15.04 0.99
CA GLY D 285 -28.66 14.44 -0.06
C GLY D 285 -29.43 13.27 0.49
N ASP D 286 -30.15 12.56 -0.39
CA ASP D 286 -30.85 11.34 -0.01
C ASP D 286 -29.89 10.16 -0.11
N LEU D 287 -29.03 10.02 0.89
CA LEU D 287 -27.94 9.04 0.86
C LEU D 287 -28.42 7.60 0.91
N VAL D 288 -29.50 7.35 1.65
CA VAL D 288 -30.08 6.01 1.74
C VAL D 288 -30.51 5.52 0.38
N ALA D 289 -31.29 6.33 -0.32
CA ALA D 289 -31.79 5.97 -1.64
C ALA D 289 -30.64 5.70 -2.62
N ILE D 290 -29.57 6.48 -2.49
CA ILE D 290 -28.41 6.33 -3.35
C ILE D 290 -27.68 5.03 -3.07
N ALA D 291 -27.43 4.75 -1.79
CA ALA D 291 -26.76 3.52 -1.39
C ALA D 291 -27.58 2.29 -1.80
N ARG D 292 -28.90 2.38 -1.65
CA ARG D 292 -29.82 1.33 -2.05
C ARG D 292 -29.69 1.07 -3.56
N ARG D 293 -29.83 2.16 -4.32
CA ARG D 293 -29.69 2.15 -5.78
C ARG D 293 -28.40 1.45 -6.24
N ASN D 294 -27.32 1.68 -5.51
CA ASN D 294 -26.03 1.05 -5.79
C ASN D 294 -25.92 -0.39 -5.30
N TYR D 295 -26.96 -0.87 -4.61
CA TYR D 295 -26.97 -2.20 -3.99
C TYR D 295 -25.84 -2.35 -2.98
N ASP D 296 -25.58 -1.26 -2.25
CA ASP D 296 -24.65 -1.28 -1.12
C ASP D 296 -25.45 -1.54 0.13
N SER D 297 -25.73 -2.81 0.39
CA SER D 297 -26.63 -3.20 1.48
C SER D 297 -26.10 -2.77 2.85
N ASP D 298 -24.82 -3.06 3.11
CA ASP D 298 -24.22 -2.72 4.41
C ASP D 298 -24.20 -1.22 4.66
N LEU D 299 -23.97 -0.42 3.62
CA LEU D 299 -23.93 1.03 3.77
C LEU D 299 -25.34 1.56 4.07
N VAL D 300 -26.35 0.94 3.46
CA VAL D 300 -27.74 1.31 3.74
C VAL D 300 -28.08 1.11 5.22
N LYS D 301 -27.71 -0.04 5.77
CA LYS D 301 -27.94 -0.32 7.20
C LYS D 301 -27.23 0.70 8.08
N PHE D 302 -25.97 0.99 7.77
CA PHE D 302 -25.20 1.96 8.53
C PHE D 302 -25.82 3.36 8.48
N LEU D 303 -26.30 3.77 7.31
CA LEU D 303 -26.95 5.08 7.14
C LEU D 303 -28.27 5.16 7.89
N ARG D 304 -29.04 4.07 7.91
CA ARG D 304 -30.29 4.03 8.64
C ARG D 304 -30.08 4.12 10.15
N LEU D 305 -29.03 3.48 10.67
CA LEU D 305 -28.71 3.56 12.10
C LEU D 305 -28.30 4.98 12.49
N HIS D 306 -27.39 5.56 11.73
CA HIS D 306 -26.86 6.87 12.04
C HIS D 306 -27.81 7.86 11.41
N LYS D 307 -27.96 9.04 12.00
CA LYS D 307 -28.88 10.05 11.49
C LYS D 307 -30.23 9.42 11.17
N ASN D 318 -40.08 22.09 -11.57
CA ASN D 318 -40.19 23.43 -12.17
C ASN D 318 -39.81 23.51 -13.67
N TRP D 319 -39.12 22.50 -14.19
CA TRP D 319 -38.55 22.55 -15.54
C TRP D 319 -39.62 22.37 -16.63
N LYS D 320 -39.52 23.17 -17.70
CA LYS D 320 -40.48 23.13 -18.80
C LYS D 320 -39.84 22.73 -20.14
N PRO D 321 -40.39 21.70 -20.79
CA PRO D 321 -39.92 21.37 -22.13
C PRO D 321 -40.53 22.31 -23.15
N GLN D 322 -39.82 22.54 -24.25
CA GLN D 322 -40.37 23.31 -25.36
C GLN D 322 -41.26 22.47 -26.29
N SER D 323 -40.98 21.18 -26.40
CA SER D 323 -41.74 20.32 -27.32
C SER D 323 -43.11 19.94 -26.78
N SER D 324 -44.12 20.12 -27.62
CA SER D 324 -45.48 19.70 -27.30
C SER D 324 -45.60 18.18 -27.41
N ARG D 325 -45.24 17.64 -28.57
CA ARG D 325 -45.35 16.20 -28.81
C ARG D 325 -44.58 15.34 -27.81
N TRP D 326 -43.39 15.80 -27.40
CA TRP D 326 -42.48 15.01 -26.56
C TRP D 326 -42.40 15.50 -25.12
N GLY D 327 -43.16 16.54 -24.79
CA GLY D 327 -43.03 17.21 -23.50
C GLY D 327 -43.23 16.34 -22.27
N GLU D 328 -44.31 15.57 -22.27
CA GLU D 328 -44.63 14.68 -21.16
C GLU D 328 -43.46 13.71 -20.82
N ALA D 329 -42.90 13.06 -21.84
CA ALA D 329 -41.81 12.11 -21.64
C ALA D 329 -40.53 12.84 -21.23
N LEU D 330 -40.30 14.02 -21.81
CA LEU D 330 -39.13 14.84 -21.45
C LEU D 330 -39.15 15.21 -19.96
N LYS D 331 -40.34 15.55 -19.46
CA LYS D 331 -40.53 15.87 -18.03
C LYS D 331 -40.16 14.68 -17.16
N HIS D 332 -40.59 13.50 -17.57
CA HIS D 332 -40.29 12.28 -16.83
C HIS D 332 -38.76 12.00 -16.86
N LEU D 333 -38.13 12.19 -18.02
CA LEU D 333 -36.68 11.96 -18.12
C LEU D 333 -35.89 12.94 -17.26
N HIS D 334 -36.37 14.17 -17.16
CA HIS D 334 -35.75 15.17 -16.31
C HIS D 334 -35.85 14.81 -14.83
N ARG D 335 -36.94 14.13 -14.48
CA ARG D 335 -37.30 13.82 -13.09
C ARG D 335 -36.47 12.66 -12.51
N ILE D 336 -36.26 11.62 -13.31
CA ILE D 336 -35.60 10.40 -12.85
C ILE D 336 -34.09 10.57 -12.70
N TRP D 337 -33.45 9.63 -12.02
CA TRP D 337 -31.99 9.64 -11.92
C TRP D 337 -31.37 8.80 -13.03
N ARG D 338 -30.33 9.32 -13.67
CA ARG D 338 -29.57 8.58 -14.67
C ARG D 338 -28.10 8.90 -14.51
N PRO D 339 -27.21 7.92 -14.77
CA PRO D 339 -25.81 8.30 -14.90
C PRO D 339 -25.62 9.09 -16.18
N MET D 340 -24.62 9.96 -16.21
CA MET D 340 -24.35 10.81 -17.35
C MET D 340 -23.35 10.15 -18.29
N ILE D 341 -23.49 10.42 -19.58
CA ILE D 341 -22.50 10.05 -20.56
C ILE D 341 -21.95 11.38 -21.06
N GLY D 342 -20.88 11.85 -20.44
CA GLY D 342 -20.40 13.21 -20.69
C GLY D 342 -21.50 14.20 -20.39
N LYS D 343 -21.96 14.93 -21.42
CA LYS D 343 -23.01 15.94 -21.24
C LYS D 343 -24.41 15.42 -21.48
N LEU D 344 -24.54 14.13 -21.80
CA LEU D 344 -25.83 13.56 -22.17
C LEU D 344 -26.48 12.75 -21.05
N LYS D 345 -27.73 13.09 -20.76
CA LYS D 345 -28.61 12.27 -19.93
C LYS D 345 -29.61 11.55 -20.82
N ILE D 346 -29.69 10.23 -20.67
CA ILE D 346 -30.49 9.40 -21.54
C ILE D 346 -30.85 8.08 -20.86
N PHE D 347 -32.03 7.55 -21.18
CA PHE D 347 -32.48 6.25 -20.71
C PHE D 347 -33.12 5.49 -21.87
N ILE D 348 -32.57 4.32 -22.17
CA ILE D 348 -33.10 3.47 -23.21
C ILE D 348 -34.33 2.69 -22.73
N ASP D 349 -35.51 3.25 -22.97
CA ASP D 349 -36.78 2.65 -22.60
C ASP D 349 -37.79 3.10 -23.66
N GLU D 350 -38.82 2.28 -23.88
CA GLU D 350 -39.82 2.55 -24.91
C GLU D 350 -40.53 3.88 -24.71
N GLU D 351 -40.61 4.35 -23.47
CA GLU D 351 -41.25 5.64 -23.20
C GLU D 351 -40.49 6.80 -23.84
N TYR D 352 -39.18 6.64 -24.01
CA TYR D 352 -38.34 7.72 -24.51
C TYR D 352 -37.93 7.52 -25.96
N LYS D 353 -38.49 6.51 -26.59
CA LYS D 353 -38.14 6.19 -27.97
C LYS D 353 -38.90 7.05 -28.96
N ILE D 354 -38.17 7.69 -29.86
CA ILE D 354 -38.77 8.46 -30.95
C ILE D 354 -39.05 7.60 -32.19
N ALA D 355 -38.10 6.74 -32.56
CA ALA D 355 -38.21 5.96 -33.79
C ALA D 355 -37.13 4.90 -33.91
N ASP D 356 -37.37 3.90 -34.77
CA ASP D 356 -36.36 2.89 -35.12
C ASP D 356 -35.37 3.47 -36.11
N THR D 357 -34.14 2.95 -36.09
CA THR D 357 -33.16 3.23 -37.13
C THR D 357 -32.51 1.93 -37.59
N ALA D 358 -31.56 2.08 -38.43
CA ALA D 358 -30.73 1.04 -38.82
C ALA D 358 -29.95 0.49 -37.71
N GLU D 359 -29.57 1.28 -36.76
CA GLU D 359 -28.72 0.91 -35.76
C GLU D 359 -29.28 1.18 -34.43
N GLY D 360 -30.43 0.74 -34.19
CA GLY D 360 -31.07 0.99 -32.88
C GLY D 360 -31.20 2.40 -32.15
N GLY D 361 -31.54 3.35 -32.94
CA GLY D 361 -32.80 4.08 -32.75
C GLY D 361 -32.59 5.54 -32.41
N ILE D 362 -33.68 6.28 -32.39
CA ILE D 362 -33.67 7.67 -31.98
C ILE D 362 -34.39 7.75 -30.64
N TYR D 363 -33.70 8.26 -29.63
CA TYR D 363 -34.26 8.38 -28.29
C TYR D 363 -34.21 9.81 -27.83
N LEU D 364 -35.14 10.20 -26.95
CA LEU D 364 -35.08 11.51 -26.31
C LEU D 364 -33.89 11.57 -25.37
N GLY D 365 -33.32 12.76 -25.24
CA GLY D 365 -32.19 12.98 -24.34
C GLY D 365 -32.14 14.42 -23.86
N LEU D 366 -31.28 14.65 -22.86
CA LEU D 366 -30.98 16.00 -22.39
C LEU D 366 -29.47 16.21 -22.51
N TYR D 367 -29.08 17.22 -23.28
CA TYR D 367 -27.67 17.50 -23.53
C TYR D 367 -27.42 18.92 -23.06
N GLU D 368 -26.52 19.12 -22.11
CA GLU D 368 -26.33 20.42 -21.45
C GLU D 368 -27.69 20.98 -21.00
N ASP D 369 -28.53 20.08 -20.47
CA ASP D 369 -29.90 20.39 -20.02
C ASP D 369 -30.87 20.89 -21.10
N GLN D 370 -30.50 20.67 -22.37
CA GLN D 370 -31.36 20.97 -23.50
C GLN D 370 -31.99 19.69 -23.99
N GLU D 371 -33.28 19.74 -24.34
CA GLU D 371 -33.95 18.59 -24.93
C GLU D 371 -33.36 18.31 -26.30
N VAL D 372 -33.08 17.03 -26.60
CA VAL D 372 -32.51 16.62 -27.89
C VAL D 372 -33.07 15.28 -28.37
N ALA D 373 -32.89 15.01 -29.65
CA ALA D 373 -33.09 13.68 -30.17
C ALA D 373 -31.70 13.06 -30.28
N VAL D 374 -31.58 11.80 -29.90
CA VAL D 374 -30.28 11.15 -29.81
C VAL D 374 -30.30 9.97 -30.74
N LYS D 375 -29.46 10.03 -31.77
CA LYS D 375 -29.31 8.95 -32.73
C LYS D 375 -28.10 8.09 -32.35
N ARG D 376 -28.34 6.81 -32.17
CA ARG D 376 -27.34 5.90 -31.62
C ARG D 376 -26.72 5.00 -32.68
N PHE D 377 -25.39 4.95 -32.67
CA PHE D 377 -24.63 4.10 -33.57
C PHE D 377 -23.66 3.27 -32.75
N SER D 378 -23.21 2.17 -33.34
CA SER D 378 -22.02 1.46 -32.88
C SER D 378 -20.84 2.44 -32.98
N GLU D 379 -19.95 2.44 -32.00
CA GLU D 379 -18.84 3.39 -32.03
C GLU D 379 -17.90 3.14 -33.21
N GLY D 380 -17.89 1.92 -33.71
CA GLY D 380 -17.10 1.57 -34.89
C GLY D 380 -17.85 1.70 -36.21
N SER D 381 -19.12 2.10 -36.16
CA SER D 381 -19.93 2.23 -37.36
C SER D 381 -19.39 3.27 -38.34
N THR D 382 -19.20 2.83 -39.57
CA THR D 382 -18.81 3.70 -40.66
C THR D 382 -19.88 4.76 -40.97
N ARG D 383 -21.15 4.35 -40.89
CA ARG D 383 -22.30 5.20 -41.14
C ARG D 383 -22.37 6.31 -40.01
N GLY D 384 -22.05 5.95 -38.77
CA GLY D 384 -21.95 6.91 -37.66
C GLY D 384 -20.83 7.94 -37.82
N GLN D 385 -19.72 7.52 -38.42
CA GLN D 385 -18.63 8.44 -38.72
C GLN D 385 -19.03 9.39 -39.86
N GLN D 386 -19.81 8.91 -40.83
CA GLN D 386 -20.30 9.76 -41.91
C GLN D 386 -21.26 10.82 -41.34
N GLU D 387 -22.16 10.40 -40.48
CA GLU D 387 -23.16 11.30 -39.89
C GLU D 387 -22.47 12.40 -39.09
N VAL D 388 -21.56 12.03 -38.21
CA VAL D 388 -20.91 12.99 -37.34
C VAL D 388 -19.99 13.91 -38.15
N SER D 389 -19.25 13.35 -39.11
CA SER D 389 -18.37 14.14 -39.95
C SER D 389 -19.13 15.27 -40.66
N CYS D 390 -20.26 14.92 -41.25
CA CYS D 390 -21.07 15.89 -41.99
C CYS D 390 -21.69 16.96 -41.08
N LEU D 391 -22.24 16.53 -39.96
CA LEU D 391 -22.80 17.46 -38.98
C LEU D 391 -21.75 18.43 -38.44
N GLN D 392 -20.54 17.95 -38.18
CA GLN D 392 -19.45 18.81 -37.68
C GLN D 392 -19.09 19.95 -38.63
N SER D 393 -19.31 19.76 -39.93
CA SER D 393 -19.08 20.79 -40.94
C SER D 393 -20.29 21.64 -41.31
N SER D 394 -21.44 21.37 -40.72
CA SER D 394 -22.70 21.99 -41.16
C SER D 394 -23.35 22.89 -40.12
N ARG D 395 -22.62 23.26 -39.09
CA ARG D 395 -23.21 24.04 -37.98
C ARG D 395 -23.71 25.42 -38.41
N ALA D 396 -23.08 26.02 -39.42
CA ALA D 396 -23.53 27.30 -39.98
C ALA D 396 -24.73 27.16 -40.93
N ASN D 397 -25.10 25.93 -41.29
CA ASN D 397 -26.19 25.72 -42.24
C ASN D 397 -27.54 25.78 -41.49
N ASP D 398 -28.22 26.90 -41.60
CA ASP D 398 -29.46 27.15 -40.84
C ASP D 398 -30.59 26.16 -41.14
N ASN D 399 -30.57 25.55 -42.32
CA ASN D 399 -31.67 24.69 -42.74
C ASN D 399 -31.38 23.22 -42.56
N VAL D 400 -30.31 22.93 -41.81
CA VAL D 400 -29.96 21.61 -41.37
C VAL D 400 -30.28 21.50 -39.87
N VAL D 401 -30.73 20.33 -39.45
CA VAL D 401 -31.09 20.12 -38.07
C VAL D 401 -29.88 20.49 -37.22
N THR D 402 -30.13 21.28 -36.20
CA THR D 402 -29.06 21.82 -35.37
C THR D 402 -28.37 20.69 -34.59
N PHE D 403 -27.05 20.66 -34.73
CA PHE D 403 -26.20 19.68 -34.11
C PHE D 403 -25.72 20.23 -32.77
N TYR D 404 -25.97 19.47 -31.70
CA TYR D 404 -25.49 19.83 -30.38
C TYR D 404 -24.08 19.26 -30.14
N GLY D 405 -23.89 17.98 -30.43
CA GLY D 405 -22.61 17.33 -30.22
C GLY D 405 -22.76 15.83 -30.16
N SER D 406 -21.67 15.12 -29.89
CA SER D 406 -21.68 13.67 -29.78
C SER D 406 -20.98 13.19 -28.51
N GLU D 407 -21.36 12.01 -28.05
CA GLU D 407 -20.78 11.37 -26.87
C GLU D 407 -20.64 9.87 -27.07
N SER D 408 -19.43 9.34 -26.89
CA SER D 408 -19.21 7.89 -26.82
C SER D 408 -19.21 7.38 -25.38
N ASP D 409 -19.90 6.26 -25.15
CA ASP D 409 -19.65 5.44 -23.97
C ASP D 409 -18.68 4.38 -24.47
N GLY D 410 -18.54 3.25 -23.79
CA GLY D 410 -17.60 2.22 -24.27
C GLY D 410 -17.88 1.70 -25.68
N SER D 411 -19.16 1.71 -26.07
CA SER D 411 -19.62 0.94 -27.22
C SER D 411 -20.42 1.76 -28.24
N CYS D 412 -21.21 2.71 -27.75
CA CYS D 412 -22.19 3.43 -28.56
C CYS D 412 -21.82 4.90 -28.77
N LEU D 413 -21.93 5.34 -30.01
CA LEU D 413 -21.74 6.75 -30.37
C LEU D 413 -23.11 7.39 -30.36
N HIS D 414 -23.30 8.38 -29.49
CA HIS D 414 -24.57 9.10 -29.38
C HIS D 414 -24.46 10.41 -30.11
N VAL D 415 -25.28 10.62 -31.13
CA VAL D 415 -25.27 11.87 -31.88
C VAL D 415 -26.50 12.66 -31.46
N CYS D 416 -26.29 13.83 -30.87
CA CYS D 416 -27.37 14.65 -30.30
C CYS D 416 -27.79 15.80 -31.20
N LEU D 417 -29.10 15.86 -31.50
CA LEU D 417 -29.67 16.79 -32.47
C LEU D 417 -30.80 17.59 -31.84
N ALA D 418 -31.10 18.74 -32.39
CA ALA D 418 -32.30 19.48 -32.03
C ALA D 418 -33.53 18.56 -32.14
N LEU D 419 -34.38 18.58 -31.13
CA LEU D 419 -35.59 17.78 -31.14
C LEU D 419 -36.67 18.45 -31.98
N CYS D 420 -37.11 17.78 -33.04
CA CYS D 420 -38.19 18.26 -33.90
C CYS D 420 -39.51 17.55 -33.61
N GLU D 421 -40.62 18.11 -34.08
CA GLU D 421 -41.94 17.55 -33.80
C GLU D 421 -42.27 16.41 -34.72
N TYR D 422 -42.25 16.71 -36.01
CA TYR D 422 -42.74 15.79 -37.01
C TYR D 422 -41.83 15.71 -38.22
N THR D 423 -41.92 14.58 -38.88
CA THR D 423 -41.37 14.34 -40.20
C THR D 423 -42.21 15.13 -41.21
N LEU D 424 -41.64 15.44 -42.37
CA LEU D 424 -42.40 16.11 -43.44
C LEU D 424 -43.63 15.30 -43.85
N GLN D 425 -43.47 13.99 -43.96
CA GLN D 425 -44.59 13.08 -44.22
C GLN D 425 -45.71 13.21 -43.17
N GLU D 426 -45.36 13.18 -41.89
CA GLU D 426 -46.35 13.33 -40.81
C GLU D 426 -46.96 14.73 -40.78
N HIS D 427 -46.14 15.72 -41.05
CA HIS D 427 -46.57 17.10 -41.01
C HIS D 427 -47.62 17.37 -42.10
N LEU D 428 -47.32 16.90 -43.31
CA LEU D 428 -48.27 17.04 -44.42
C LEU D 428 -49.58 16.33 -44.15
N ALA D 429 -49.53 15.17 -43.50
CA ALA D 429 -50.73 14.42 -43.13
C ALA D 429 -51.55 15.13 -42.04
N ASN D 430 -50.89 15.64 -41.00
CA ASN D 430 -51.56 16.44 -39.98
C ASN D 430 -52.32 17.66 -40.53
N HIS D 431 -51.77 18.28 -41.57
CA HIS D 431 -52.30 19.55 -42.10
C HIS D 431 -53.01 19.41 -43.45
N ARG D 432 -53.28 18.17 -43.87
CA ARG D 432 -53.87 17.91 -45.19
C ARG D 432 -55.23 18.56 -45.41
N GLY D 433 -55.98 18.79 -44.32
CA GLY D 433 -57.29 19.42 -44.39
C GLY D 433 -57.35 20.91 -44.08
N ASP D 434 -56.20 21.58 -44.10
CA ASP D 434 -56.13 23.01 -43.79
C ASP D 434 -56.68 23.86 -44.95
N ALA D 435 -56.37 23.47 -46.18
CA ALA D 435 -56.65 24.31 -47.36
C ALA D 435 -57.93 23.92 -48.11
N VAL D 436 -58.62 24.94 -48.62
CA VAL D 436 -59.81 24.75 -49.45
C VAL D 436 -59.35 24.22 -50.84
N PRO D 437 -60.28 23.69 -51.65
CA PRO D 437 -59.95 23.03 -52.94
C PRO D 437 -58.77 23.58 -53.73
N ASN D 438 -58.88 24.80 -54.25
CA ASN D 438 -57.84 25.36 -55.13
C ASN D 438 -57.12 26.55 -54.51
N GLU D 439 -56.93 26.50 -53.19
CA GLU D 439 -56.19 27.52 -52.47
C GLU D 439 -54.73 27.52 -52.90
N GLU D 440 -54.13 28.71 -52.92
CA GLU D 440 -52.71 28.86 -53.18
C GLU D 440 -51.95 28.15 -52.05
N ASP D 441 -50.96 27.34 -52.40
CA ASP D 441 -50.14 26.62 -51.41
C ASP D 441 -48.86 27.41 -51.09
N GLU D 442 -48.98 28.32 -50.12
CA GLU D 442 -47.83 29.10 -49.66
C GLU D 442 -46.84 28.24 -48.89
N SER D 443 -47.35 27.26 -48.15
CA SER D 443 -46.52 26.47 -47.27
C SER D 443 -45.61 25.52 -48.04
N ALA D 444 -46.10 24.98 -49.16
CA ALA D 444 -45.25 24.21 -50.06
C ALA D 444 -44.02 25.01 -50.50
N ARG D 445 -44.24 26.27 -50.79
CA ARG D 445 -43.18 27.16 -51.25
C ARG D 445 -42.11 27.35 -50.19
N ASN D 446 -42.54 27.51 -48.94
CA ASN D 446 -41.63 27.74 -47.82
C ASN D 446 -40.84 26.49 -47.45
N ILE D 447 -41.53 25.38 -47.34
CA ILE D 447 -40.88 24.08 -47.17
C ILE D 447 -39.77 23.91 -48.22
N LEU D 448 -40.11 24.09 -49.49
CA LEU D 448 -39.15 23.77 -50.56
C LEU D 448 -37.99 24.74 -50.66
N SER D 449 -38.21 26.02 -50.38
CA SER D 449 -37.10 26.98 -50.43
C SER D 449 -36.12 26.78 -49.30
N SER D 450 -36.60 26.34 -48.15
CA SER D 450 -35.68 25.90 -47.10
C SER D 450 -34.81 24.71 -47.55
N LEU D 451 -35.42 23.74 -48.24
CA LEU D 451 -34.69 22.56 -48.70
C LEU D 451 -33.68 22.90 -49.76
N PHE D 452 -34.04 23.79 -50.68
CA PHE D 452 -33.08 24.30 -51.65
C PHE D 452 -31.88 24.94 -50.97
N LYS D 453 -32.13 25.75 -49.95
CA LYS D 453 -31.06 26.42 -49.21
C LYS D 453 -30.23 25.42 -48.44
N ALA D 454 -30.89 24.46 -47.79
CA ALA D 454 -30.20 23.41 -47.06
C ALA D 454 -29.23 22.64 -47.94
N ILE D 455 -29.73 22.18 -49.08
CA ILE D 455 -29.00 21.28 -49.94
C ILE D 455 -27.90 22.06 -50.63
N GLY D 456 -28.23 23.27 -51.07
CA GLY D 456 -27.26 24.18 -51.67
C GLY D 456 -26.06 24.46 -50.78
N GLU D 457 -26.30 24.78 -49.51
CA GLU D 457 -25.20 25.04 -48.60
C GLU D 457 -24.46 23.76 -48.22
N LEU D 458 -25.18 22.65 -48.16
CA LEU D 458 -24.55 21.36 -47.92
C LEU D 458 -23.51 21.04 -48.99
N HIS D 459 -23.88 21.28 -50.25
CA HIS D 459 -22.97 21.05 -51.37
C HIS D 459 -21.78 21.99 -51.34
N ARG D 460 -22.05 23.24 -51.01
CA ARG D 460 -21.02 24.23 -50.82
C ARG D 460 -19.97 23.77 -49.82
N SER D 461 -20.43 23.15 -48.74
CA SER D 461 -19.56 22.59 -47.69
C SER D 461 -18.83 21.30 -48.11
N GLY D 462 -19.11 20.80 -49.32
CA GLY D 462 -18.38 19.69 -49.91
C GLY D 462 -19.04 18.34 -49.70
N TYR D 463 -20.28 18.35 -49.19
CA TYR D 463 -21.00 17.13 -48.85
C TYR D 463 -22.20 16.92 -49.75
N SER D 464 -22.51 15.76 -50.02
CA SER D 464 -23.74 15.37 -50.56
C SER D 464 -24.48 14.35 -49.76
N HIS D 465 -25.76 14.51 -49.70
CA HIS D 465 -26.66 13.75 -48.94
C HIS D 465 -26.91 12.27 -49.25
N GLN D 466 -27.20 12.05 -50.48
CA GLN D 466 -27.53 10.78 -50.96
C GLN D 466 -28.78 10.08 -50.62
N ASP D 467 -29.63 10.57 -49.81
CA ASP D 467 -30.80 9.94 -49.33
C ASP D 467 -31.97 10.92 -49.10
N LEU D 468 -32.12 11.85 -49.90
CA LEU D 468 -33.15 12.84 -49.69
C LEU D 468 -34.52 12.23 -49.87
N GLN D 469 -35.29 12.20 -48.79
CA GLN D 469 -36.65 11.69 -48.84
C GLN D 469 -37.47 12.29 -47.69
N PRO D 470 -38.81 12.20 -47.77
CA PRO D 470 -39.68 12.90 -46.81
C PRO D 470 -39.45 12.57 -45.34
N GLN D 471 -38.99 11.35 -45.03
CA GLN D 471 -38.75 10.96 -43.63
C GLN D 471 -37.40 11.45 -43.06
N ASN D 472 -36.61 12.07 -43.92
CA ASN D 472 -35.34 12.69 -43.52
C ASN D 472 -35.45 14.20 -43.44
N ILE D 473 -36.68 14.70 -43.51
CA ILE D 473 -36.95 16.11 -43.42
C ILE D 473 -37.84 16.35 -42.20
N LEU D 474 -37.39 17.25 -41.32
CA LEU D 474 -38.02 17.41 -40.02
C LEU D 474 -38.59 18.80 -39.84
N ILE D 475 -39.77 18.87 -39.21
CA ILE D 475 -40.46 20.12 -38.96
C ILE D 475 -40.47 20.37 -37.47
N ASP D 476 -40.09 21.58 -37.05
CA ASP D 476 -39.99 21.86 -35.61
C ASP D 476 -41.23 22.58 -35.08
N SER D 477 -41.22 22.91 -33.79
CA SER D 477 -42.33 23.62 -33.13
C SER D 477 -42.79 24.86 -33.90
N LYS D 478 -41.83 25.58 -34.46
CA LYS D 478 -42.12 26.84 -35.19
C LYS D 478 -42.47 26.66 -36.68
N ASN D 479 -42.76 25.43 -37.10
CA ASN D 479 -42.95 25.10 -38.52
C ASN D 479 -41.71 25.33 -39.42
N GLY D 480 -40.52 25.43 -38.82
CA GLY D 480 -39.28 25.47 -39.57
C GLY D 480 -38.97 24.07 -40.11
N THR D 481 -38.47 24.01 -41.35
CA THR D 481 -38.16 22.72 -41.98
C THR D 481 -36.65 22.52 -42.03
N PHE D 482 -36.20 21.35 -41.58
CA PHE D 482 -34.78 21.06 -41.47
C PHE D 482 -34.43 19.75 -42.15
N LEU D 483 -33.25 19.69 -42.74
CA LEU D 483 -32.71 18.46 -43.34
C LEU D 483 -31.97 17.65 -42.26
N ALA D 484 -32.09 16.31 -42.26
CA ALA D 484 -31.70 15.54 -41.06
C ALA D 484 -30.81 14.29 -41.11
N ASP D 485 -30.85 13.46 -42.15
CA ASP D 485 -30.26 12.11 -41.94
C ASP D 485 -29.01 11.91 -42.81
N PHE D 486 -27.83 12.04 -42.19
CA PHE D 486 -26.56 12.09 -42.90
C PHE D 486 -25.68 10.84 -42.80
N ASP D 487 -26.27 9.71 -42.40
CA ASP D 487 -25.48 8.47 -42.23
C ASP D 487 -24.95 7.93 -43.57
N LYS D 488 -25.53 8.39 -44.69
CA LYS D 488 -25.08 7.99 -46.02
C LYS D 488 -24.47 9.15 -46.81
N SER D 489 -24.18 10.26 -46.15
CA SER D 489 -23.60 11.40 -46.82
C SER D 489 -22.16 11.10 -47.22
N ILE D 490 -21.70 11.75 -48.28
CA ILE D 490 -20.35 11.56 -48.77
C ILE D 490 -19.77 12.91 -49.13
N LYS D 491 -18.45 13.01 -49.15
CA LYS D 491 -17.80 14.17 -49.71
C LYS D 491 -17.86 13.99 -51.22
N TRP D 492 -18.47 14.94 -51.93
CA TRP D 492 -18.72 14.76 -53.36
C TRP D 492 -17.50 14.95 -54.27
N ALA D 493 -16.42 15.56 -53.78
CA ALA D 493 -15.18 15.70 -54.57
C ALA D 493 -14.76 14.34 -55.12
N GLU D 494 -14.95 13.33 -54.28
CA GLU D 494 -14.67 11.94 -54.61
C GLU D 494 -15.36 11.51 -55.91
N ASP D 495 -16.66 11.78 -56.00
CA ASP D 495 -17.45 11.42 -57.17
C ASP D 495 -18.50 12.49 -57.47
N PRO D 496 -18.11 13.56 -58.21
CA PRO D 496 -18.97 14.72 -58.46
C PRO D 496 -20.31 14.39 -59.11
N GLN D 497 -20.37 13.31 -59.86
CA GLN D 497 -21.59 12.91 -60.56
C GLN D 497 -22.74 12.61 -59.58
N LYS D 498 -22.40 12.24 -58.34
CA LYS D 498 -23.42 11.94 -57.33
C LYS D 498 -24.17 13.17 -56.79
N ILE D 499 -23.64 14.37 -56.96
CA ILE D 499 -24.40 15.59 -56.68
C ILE D 499 -25.72 15.61 -57.45
N LYS D 500 -25.74 15.04 -58.65
CA LYS D 500 -26.96 14.98 -59.46
C LYS D 500 -28.06 14.12 -58.86
N ARG D 501 -27.69 13.09 -58.10
CA ARG D 501 -28.70 12.28 -57.41
C ARG D 501 -29.49 13.08 -56.38
N ASP D 502 -28.84 14.04 -55.71
CA ASP D 502 -29.54 14.95 -54.79
C ASP D 502 -30.56 15.80 -55.51
N LEU D 503 -30.13 16.40 -56.61
CA LEU D 503 -30.99 17.27 -57.38
C LEU D 503 -32.21 16.52 -57.95
N GLU D 504 -32.01 15.25 -58.33
CA GLU D 504 -33.10 14.40 -58.85
C GLU D 504 -34.13 14.13 -57.78
N ALA D 505 -33.67 13.72 -56.61
CA ALA D 505 -34.54 13.49 -55.47
C ALA D 505 -35.26 14.77 -55.06
N LEU D 506 -34.59 15.91 -55.22
CA LEU D 506 -35.20 17.20 -54.90
C LEU D 506 -36.35 17.47 -55.86
N GLY D 507 -36.18 17.10 -57.13
CA GLY D 507 -37.26 17.16 -58.13
C GLY D 507 -38.44 16.34 -57.67
N LEU D 508 -38.17 15.12 -57.21
CA LEU D 508 -39.23 14.28 -56.67
C LEU D 508 -39.91 14.94 -55.46
N LEU D 509 -39.10 15.54 -54.58
CA LEU D 509 -39.64 16.18 -53.38
C LEU D 509 -40.50 17.40 -53.70
N VAL D 510 -40.19 18.07 -54.79
CA VAL D 510 -41.00 19.18 -55.24
C VAL D 510 -42.41 18.70 -55.55
N LEU D 511 -42.54 17.62 -56.31
CA LEU D 511 -43.86 17.07 -56.62
C LEU D 511 -44.53 16.55 -55.36
N TYR D 512 -43.79 15.80 -54.57
CA TYR D 512 -44.29 15.25 -53.33
C TYR D 512 -44.98 16.32 -52.46
N VAL D 513 -44.30 17.44 -52.24
CA VAL D 513 -44.83 18.49 -51.38
C VAL D 513 -46.01 19.20 -52.04
N VAL D 514 -45.91 19.45 -53.35
CA VAL D 514 -46.98 20.08 -54.12
C VAL D 514 -48.25 19.22 -54.16
N LYS D 515 -48.09 17.90 -54.26
CA LYS D 515 -49.23 16.99 -54.18
C LYS D 515 -49.65 16.74 -52.72
N LYS D 516 -49.05 17.46 -51.79
CA LYS D 516 -49.43 17.45 -50.36
C LYS D 516 -49.31 16.10 -49.67
N GLY D 517 -48.45 15.23 -50.19
CA GLY D 517 -48.23 13.92 -49.60
C GLY D 517 -49.19 12.86 -50.08
N ASP D 518 -50.03 13.20 -51.06
CA ASP D 518 -51.03 12.27 -51.55
C ASP D 518 -50.40 11.13 -52.33
N ILE D 519 -49.39 11.44 -53.15
CA ILE D 519 -48.65 10.41 -53.86
C ILE D 519 -47.42 10.06 -53.04
N SER D 520 -47.28 8.79 -52.68
CA SER D 520 -46.19 8.33 -51.84
C SER D 520 -44.87 8.52 -52.55
N PHE D 521 -43.82 8.65 -51.77
CA PHE D 521 -42.48 8.88 -52.32
C PHE D 521 -41.96 7.65 -53.07
N GLU D 522 -42.33 6.46 -52.61
CA GLU D 522 -41.96 5.20 -53.27
C GLU D 522 -42.57 5.12 -54.69
N THR D 523 -43.83 5.56 -54.82
CA THR D 523 -44.48 5.63 -56.14
C THR D 523 -43.71 6.55 -57.04
N LEU D 524 -43.39 7.74 -56.53
CA LEU D 524 -42.62 8.74 -57.29
C LEU D 524 -41.26 8.22 -57.68
N LYS D 525 -40.63 7.45 -56.79
CA LYS D 525 -39.31 6.88 -57.06
C LYS D 525 -39.33 5.87 -58.21
N ASN D 526 -40.47 5.21 -58.44
CA ASN D 526 -40.58 4.20 -59.49
C ASN D 526 -41.02 4.74 -60.84
N GLN D 527 -41.14 6.06 -60.95
CA GLN D 527 -41.55 6.69 -62.20
C GLN D 527 -40.35 7.20 -62.98
N SER D 528 -40.50 7.34 -64.29
CA SER D 528 -39.48 7.96 -65.12
C SER D 528 -39.63 9.47 -65.03
N PHE D 529 -38.59 10.18 -65.47
CA PHE D 529 -38.67 11.61 -65.57
C PHE D 529 -39.97 12.06 -66.21
N GLU D 530 -40.31 11.42 -67.32
CA GLU D 530 -41.43 11.85 -68.16
C GLU D 530 -42.74 11.75 -67.37
N GLU D 531 -42.91 10.66 -66.66
CA GLU D 531 -44.12 10.42 -65.85
C GLU D 531 -44.26 11.43 -64.71
N VAL D 532 -43.15 11.70 -64.02
CA VAL D 532 -43.12 12.71 -62.97
C VAL D 532 -43.58 14.06 -63.51
N ILE D 533 -43.01 14.47 -64.63
CA ILE D 533 -43.37 15.74 -65.26
C ILE D 533 -44.85 15.74 -65.62
N GLN D 534 -45.35 14.64 -66.16
CA GLN D 534 -46.75 14.54 -66.57
C GLN D 534 -47.70 14.57 -65.37
N GLY D 535 -47.23 14.09 -64.22
CA GLY D 535 -48.03 14.10 -62.98
C GLY D 535 -48.10 15.42 -62.24
N SER D 536 -47.40 16.44 -62.74
CA SER D 536 -47.38 17.75 -62.09
C SER D 536 -48.67 18.50 -62.41
N PRO D 537 -49.20 19.24 -61.43
CA PRO D 537 -50.47 19.92 -61.65
C PRO D 537 -50.39 21.29 -62.35
N ASP D 538 -49.19 21.82 -62.59
CA ASP D 538 -49.05 23.13 -63.22
C ASP D 538 -47.70 23.28 -63.91
N GLU D 539 -47.57 24.33 -64.70
CA GLU D 539 -46.38 24.50 -65.56
C GLU D 539 -45.16 24.97 -64.80
N GLU D 540 -45.35 25.77 -63.74
CA GLU D 540 -44.23 26.24 -62.93
C GLU D 540 -43.50 25.05 -62.34
N THR D 541 -44.28 24.12 -61.78
CA THR D 541 -43.77 22.92 -61.17
C THR D 541 -43.02 22.06 -62.21
N ARG D 542 -43.62 21.88 -63.38
CA ARG D 542 -42.99 21.12 -64.47
C ARG D 542 -41.64 21.66 -64.82
N ASP D 543 -41.58 22.97 -65.04
CA ASP D 543 -40.33 23.59 -65.48
C ASP D 543 -39.25 23.48 -64.40
N LEU D 544 -39.65 23.67 -63.14
CA LEU D 544 -38.72 23.59 -62.04
C LEU D 544 -38.16 22.17 -61.92
N ILE D 545 -39.04 21.18 -61.95
CA ILE D 545 -38.61 19.79 -61.86
C ILE D 545 -37.66 19.48 -63.04
N HIS D 546 -37.97 20.02 -64.21
CA HIS D 546 -37.12 19.83 -65.37
C HIS D 546 -35.70 20.31 -65.08
N HIS D 547 -35.56 21.49 -64.48
CA HIS D 547 -34.22 22.03 -64.23
C HIS D 547 -33.47 21.30 -63.14
N LEU D 548 -34.18 20.56 -62.29
CA LEU D 548 -33.53 19.77 -61.27
C LEU D 548 -33.08 18.41 -61.85
N PHE D 549 -33.83 17.87 -62.79
CA PHE D 549 -33.42 16.65 -63.48
C PHE D 549 -32.35 16.92 -64.54
N HIS D 550 -32.31 18.13 -65.08
CA HIS D 550 -31.26 18.50 -66.04
C HIS D 550 -30.55 19.77 -65.60
N PRO D 551 -29.61 19.64 -64.66
CA PRO D 551 -29.01 20.85 -64.06
C PRO D 551 -27.92 21.68 -64.77
N GLY D 552 -27.91 22.98 -64.46
CA GLY D 552 -26.86 23.89 -64.94
C GLY D 552 -25.50 23.50 -64.38
N ARG D 558 -26.77 26.62 -58.74
CA ARG D 558 -27.96 26.27 -59.51
C ARG D 558 -29.18 26.37 -58.59
N LEU D 559 -29.01 25.93 -57.34
CA LEU D 559 -30.12 25.88 -56.40
C LEU D 559 -30.51 27.27 -55.90
N SER D 560 -29.53 28.13 -55.63
CA SER D 560 -29.86 29.47 -55.15
C SER D 560 -30.46 30.32 -56.29
N SER D 561 -30.06 30.08 -57.53
CA SER D 561 -30.64 30.78 -58.68
C SER D 561 -32.06 30.36 -58.96
N LEU D 562 -32.39 29.11 -58.67
CA LEU D 562 -33.74 28.62 -58.89
C LEU D 562 -34.74 29.16 -57.88
N LEU D 563 -34.27 29.80 -56.81
CA LEU D 563 -35.19 30.49 -55.89
C LEU D 563 -35.88 31.68 -56.55
N ALA D 564 -35.30 32.16 -57.65
CA ALA D 564 -35.88 33.23 -58.45
C ALA D 564 -36.90 32.71 -59.46
N HIS D 565 -37.04 31.39 -59.55
CA HIS D 565 -37.95 30.74 -60.50
C HIS D 565 -39.38 31.01 -60.11
N PRO D 566 -40.27 31.12 -61.10
CA PRO D 566 -41.64 31.54 -60.78
C PRO D 566 -42.45 30.57 -59.92
N PHE D 567 -41.94 29.36 -59.73
CA PHE D 567 -42.59 28.45 -58.82
C PHE D 567 -42.69 29.11 -57.45
N PHE D 568 -41.68 29.93 -57.12
CA PHE D 568 -41.62 30.60 -55.83
C PHE D 568 -42.27 31.99 -55.81
N TRP D 569 -42.81 32.43 -56.93
CA TRP D 569 -43.55 33.68 -56.97
C TRP D 569 -44.99 33.46 -56.52
N SER D 570 -45.49 34.33 -55.65
CA SER D 570 -46.88 34.24 -55.20
C SER D 570 -47.82 34.59 -56.37
N TRP D 571 -49.07 34.15 -56.27
CA TRP D 571 -50.05 34.44 -57.33
C TRP D 571 -50.24 35.92 -57.54
N GLU D 572 -50.22 36.71 -56.47
CA GLU D 572 -50.25 38.16 -56.59
C GLU D 572 -49.02 38.70 -57.36
N SER D 573 -47.85 38.14 -57.08
CA SER D 573 -46.61 38.57 -57.76
C SER D 573 -46.63 38.22 -59.25
N ARG D 574 -47.19 37.05 -59.58
CA ARG D 574 -47.28 36.63 -60.98
C ARG D 574 -48.21 37.55 -61.75
N TYR D 575 -49.33 37.86 -61.12
CA TYR D 575 -50.35 38.72 -61.68
C TYR D 575 -49.80 40.14 -61.84
N ARG D 576 -49.06 40.59 -60.83
CA ARG D 576 -48.40 41.91 -60.82
C ARG D 576 -47.39 42.06 -61.95
N THR D 577 -46.63 41.00 -62.21
CA THR D 577 -45.64 40.98 -63.27
C THR D 577 -46.30 41.04 -64.66
N LEU D 578 -47.36 40.26 -64.86
CA LEU D 578 -48.08 40.30 -66.14
C LEU D 578 -48.63 41.69 -66.41
N ARG D 579 -49.25 42.29 -65.38
CA ARG D 579 -49.80 43.65 -65.50
C ARG D 579 -48.70 44.65 -65.80
N ASP D 580 -47.57 44.52 -65.12
CA ASP D 580 -46.45 45.45 -65.32
C ASP D 580 -45.88 45.36 -66.73
N VAL D 581 -45.86 44.16 -67.31
CA VAL D 581 -45.42 43.99 -68.70
C VAL D 581 -46.46 44.58 -69.66
N GLY D 582 -47.73 44.29 -69.41
CA GLY D 582 -48.84 44.89 -70.17
C GLY D 582 -48.99 46.41 -70.09
N ASN D 583 -48.16 47.07 -69.28
CA ASN D 583 -48.18 48.52 -69.16
C ASN D 583 -47.04 49.20 -69.90
N GLU D 584 -46.12 48.40 -70.45
CA GLU D 584 -45.09 48.93 -71.34
C GLU D 584 -45.73 49.70 -72.50
N SER D 585 -45.20 50.88 -72.79
CA SER D 585 -45.83 51.79 -73.77
C SER D 585 -45.95 51.14 -75.15
N ASP D 586 -44.92 50.37 -75.52
CA ASP D 586 -44.90 49.67 -76.80
C ASP D 586 -45.94 48.53 -76.92
N ILE D 587 -46.32 47.94 -75.79
CA ILE D 587 -47.44 46.99 -75.77
C ILE D 587 -48.77 47.71 -75.99
N LYS D 588 -48.96 48.88 -75.36
CA LYS D 588 -50.22 49.61 -75.43
C LYS D 588 -50.45 50.28 -76.80
N THR D 589 -49.39 50.81 -77.40
CA THR D 589 -49.45 51.34 -78.76
C THR D 589 -49.37 50.24 -79.85
N ARG D 590 -49.19 48.99 -79.43
CA ARG D 590 -49.04 47.84 -80.33
C ARG D 590 -47.95 48.08 -81.39
N ASN D 591 -46.84 48.70 -80.97
CA ASN D 591 -45.70 48.96 -81.84
C ASN D 591 -44.94 47.65 -82.11
N GLN D 592 -45.26 47.05 -83.25
CA GLN D 592 -44.76 45.71 -83.59
C GLN D 592 -43.23 45.58 -83.75
N ASN D 593 -42.56 46.71 -84.02
CA ASN D 593 -41.10 46.72 -84.20
C ASN D 593 -40.33 47.09 -82.93
N SER D 594 -41.05 47.20 -81.81
CA SER D 594 -40.42 47.48 -80.52
C SER D 594 -39.61 46.29 -80.02
N ARG D 595 -38.61 46.56 -79.21
CA ARG D 595 -37.78 45.49 -78.65
C ARG D 595 -38.62 44.51 -77.83
N ILE D 596 -39.53 45.04 -77.03
CA ILE D 596 -40.37 44.23 -76.14
C ILE D 596 -41.26 43.26 -76.93
N LEU D 597 -41.94 43.75 -77.96
CA LEU D 597 -42.80 42.88 -78.77
C LEU D 597 -42.00 41.92 -79.65
N GLN D 598 -40.75 42.27 -79.99
CA GLN D 598 -39.84 41.35 -80.69
C GLN D 598 -39.41 40.18 -79.80
N LEU D 599 -39.27 40.45 -78.50
CA LEU D 599 -38.99 39.39 -77.51
C LEU D 599 -40.18 38.46 -77.29
N LEU D 600 -41.37 39.01 -77.15
CA LEU D 600 -42.56 38.21 -76.88
C LEU D 600 -43.01 37.36 -78.06
N GLN D 601 -42.13 37.41 -79.07
CA GLN D 601 -42.34 37.18 -80.53
C GLN D 601 -43.10 35.95 -81.01
N PRO D 602 -42.61 34.75 -80.68
CA PRO D 602 -43.21 33.61 -81.35
C PRO D 602 -44.66 33.42 -80.91
N THR D 609 -49.40 27.25 -77.82
CA THR D 609 -49.71 27.74 -76.48
C THR D 609 -51.21 27.77 -76.19
N SER D 610 -51.57 27.83 -74.90
CA SER D 610 -52.98 27.86 -74.49
C SER D 610 -53.64 29.22 -74.76
N PHE D 611 -52.84 30.26 -74.97
CA PHE D 611 -53.34 31.62 -75.23
C PHE D 611 -53.32 32.01 -76.71
N ALA D 612 -53.02 31.06 -77.59
CA ALA D 612 -53.35 31.22 -78.99
C ALA D 612 -54.89 31.26 -79.02
N GLN D 613 -55.44 32.16 -79.82
CA GLN D 613 -56.90 32.33 -79.89
C GLN D 613 -57.49 32.62 -78.49
N TRP D 614 -56.79 33.44 -77.70
CA TRP D 614 -57.19 33.69 -76.32
C TRP D 614 -58.51 34.44 -76.17
N THR D 615 -58.83 35.31 -77.13
CA THR D 615 -60.08 36.08 -77.08
C THR D 615 -61.34 35.21 -77.16
N THR D 616 -61.20 33.96 -77.59
CA THR D 616 -62.33 33.04 -77.65
C THR D 616 -62.51 32.23 -76.36
N LYS D 617 -61.43 32.08 -75.58
CA LYS D 617 -61.48 31.27 -74.36
C LYS D 617 -61.98 32.06 -73.16
N ILE D 618 -61.81 33.38 -73.21
CA ILE D 618 -62.40 34.28 -72.22
C ILE D 618 -63.93 34.24 -72.33
N ASP D 619 -64.61 34.49 -71.20
CA ASP D 619 -66.08 34.59 -71.16
C ASP D 619 -66.62 35.58 -72.20
N SER D 620 -67.81 35.26 -72.72
CA SER D 620 -68.44 36.05 -73.79
C SER D 620 -68.78 37.46 -73.30
N PHE D 621 -69.40 37.53 -72.12
CA PHE D 621 -69.72 38.81 -71.50
C PHE D 621 -68.46 39.65 -71.43
N VAL D 622 -67.49 39.23 -70.59
CA VAL D 622 -66.29 40.05 -70.29
C VAL D 622 -65.63 40.65 -71.53
N MET D 623 -65.47 39.84 -72.57
CA MET D 623 -64.76 40.26 -73.79
C MET D 623 -65.42 41.48 -74.45
N GLU D 624 -66.75 41.51 -74.50
CA GLU D 624 -67.48 42.61 -75.16
C GLU D 624 -67.27 43.96 -74.46
N GLU D 625 -67.23 43.94 -73.14
CA GLU D 625 -67.15 45.17 -72.33
C GLU D 625 -65.77 45.77 -72.44
N MET D 626 -64.75 44.91 -72.40
CA MET D 626 -63.38 45.38 -72.51
C MET D 626 -63.13 45.92 -73.90
N ASN D 627 -63.78 45.32 -74.90
CA ASN D 627 -63.71 45.85 -76.28
C ASN D 627 -64.24 47.29 -76.39
N ALA D 628 -65.26 47.61 -75.61
CA ALA D 628 -65.66 49.01 -75.40
C ALA D 628 -64.70 49.68 -74.40
N TYR D 648 -59.28 44.15 -79.44
CA TYR D 648 -58.31 43.19 -78.90
C TYR D 648 -58.06 42.03 -79.86
N GLN D 649 -56.78 41.80 -80.19
CA GLN D 649 -56.38 40.74 -81.09
C GLN D 649 -55.90 39.49 -80.34
N ASP D 650 -55.61 38.43 -81.09
CA ASP D 650 -55.11 37.17 -80.52
C ASP D 650 -53.58 37.12 -80.39
N THR D 651 -52.94 38.25 -80.15
CA THR D 651 -51.51 38.26 -79.85
C THR D 651 -51.26 38.19 -78.34
N LEU D 652 -50.03 37.82 -77.98
CA LEU D 652 -49.62 37.76 -76.57
C LEU D 652 -49.52 39.17 -76.00
N GLY D 653 -48.96 40.09 -76.77
CA GLY D 653 -48.92 41.51 -76.38
C GLY D 653 -50.29 42.06 -76.00
N ASP D 654 -51.31 41.70 -76.76
CA ASP D 654 -52.67 42.16 -76.47
C ASP D 654 -53.27 41.46 -75.27
N LEU D 655 -52.84 40.24 -74.99
CA LEU D 655 -53.28 39.52 -73.79
C LEU D 655 -52.75 40.23 -72.56
N LEU D 656 -51.48 40.61 -72.60
CA LEU D 656 -50.87 41.38 -71.51
C LEU D 656 -51.56 42.72 -71.31
N LYS D 657 -51.74 43.45 -72.42
CA LYS D 657 -52.51 44.70 -72.44
C LYS D 657 -53.89 44.49 -71.78
N PHE D 658 -54.55 43.41 -72.16
CA PHE D 658 -55.84 43.05 -71.57
C PHE D 658 -55.76 42.84 -70.05
N ILE D 659 -54.77 42.08 -69.61
CA ILE D 659 -54.60 41.82 -68.18
C ILE D 659 -54.34 43.10 -67.38
N ARG D 660 -53.50 43.99 -67.91
CA ARG D 660 -53.24 45.28 -67.25
C ARG D 660 -54.53 46.11 -67.12
N ASN D 661 -55.29 46.27 -68.21
CA ASN D 661 -56.54 47.06 -68.20
C ASN D 661 -57.57 46.50 -67.24
N LEU D 662 -57.81 45.19 -67.32
CA LEU D 662 -58.74 44.54 -66.40
C LEU D 662 -58.27 44.74 -64.97
N GLY D 663 -56.96 44.56 -64.77
CA GLY D 663 -56.37 44.75 -63.44
C GLY D 663 -56.67 46.10 -62.81
N GLU D 664 -56.54 47.16 -63.61
CA GLU D 664 -56.71 48.53 -63.10
C GLU D 664 -58.17 48.92 -62.88
N HIS D 665 -59.09 48.34 -63.65
CA HIS D 665 -60.49 48.77 -63.65
C HIS D 665 -61.50 47.74 -63.11
N ILE D 666 -61.02 46.57 -62.68
CA ILE D 666 -61.93 45.47 -62.27
C ILE D 666 -62.82 45.77 -61.05
N ASN D 667 -62.29 46.53 -60.09
CA ASN D 667 -63.01 46.78 -58.84
C ASN D 667 -63.97 47.98 -58.89
N GLU D 668 -64.01 48.68 -60.02
CA GLU D 668 -64.92 49.82 -60.19
C GLU D 668 -66.38 49.36 -60.22
N GLN D 669 -67.27 50.25 -59.76
CA GLN D 669 -68.70 49.93 -59.55
C GLN D 669 -69.43 49.47 -60.81
N LYS D 670 -69.14 50.13 -61.94
CA LYS D 670 -69.72 49.75 -63.23
C LYS D 670 -69.47 48.29 -63.63
N ASN D 671 -68.37 47.70 -63.12
CA ASN D 671 -67.94 46.35 -63.53
C ASN D 671 -68.31 45.23 -62.54
N LYS D 672 -69.34 45.42 -61.72
CA LYS D 672 -69.76 44.42 -60.72
C LYS D 672 -69.95 42.99 -61.28
N LYS D 673 -70.52 42.88 -62.48
CA LYS D 673 -70.79 41.57 -63.08
C LYS D 673 -69.49 40.92 -63.54
N MET D 674 -68.65 41.70 -64.22
CA MET D 674 -67.32 41.26 -64.64
C MET D 674 -66.58 40.64 -63.46
N LYS D 675 -66.48 41.41 -62.37
CA LYS D 675 -65.81 41.00 -61.15
C LYS D 675 -66.33 39.64 -60.63
N SER D 676 -67.64 39.46 -60.67
CA SER D 676 -68.28 38.27 -60.13
C SER D 676 -68.02 37.02 -60.99
N ILE D 677 -67.90 37.21 -62.30
CA ILE D 677 -67.62 36.11 -63.22
C ILE D 677 -66.17 35.63 -63.10
N ILE D 678 -65.25 36.58 -63.25
CA ILE D 678 -63.81 36.32 -63.17
C ILE D 678 -63.38 35.74 -61.83
N GLY D 679 -63.98 36.22 -60.75
CA GLY D 679 -63.54 35.87 -59.39
C GLY D 679 -62.24 36.58 -59.11
N GLU D 680 -61.31 35.91 -58.45
CA GLU D 680 -59.99 36.47 -58.19
C GLU D 680 -59.17 36.42 -59.49
N PRO D 681 -58.78 37.60 -60.03
CA PRO D 681 -58.18 37.66 -61.36
C PRO D 681 -56.85 36.93 -61.57
N SER D 682 -55.99 36.89 -60.55
CA SER D 682 -54.75 36.15 -60.70
C SER D 682 -55.02 34.67 -60.94
N GLN D 683 -55.90 34.09 -60.13
CA GLN D 683 -56.30 32.69 -60.27
C GLN D 683 -57.04 32.45 -61.58
N TYR D 684 -57.73 33.48 -62.07
CA TYR D 684 -58.50 33.36 -63.31
C TYR D 684 -57.62 33.17 -64.52
N PHE D 685 -56.73 34.12 -64.76
CA PHE D 685 -55.82 34.03 -65.92
C PHE D 685 -54.89 32.82 -65.87
N GLN D 686 -54.47 32.43 -64.66
CA GLN D 686 -53.55 31.28 -64.52
C GLN D 686 -54.24 29.96 -64.82
N GLU D 687 -55.49 29.83 -64.39
CA GLU D 687 -56.25 28.60 -64.64
C GLU D 687 -56.67 28.53 -66.12
N LYS D 688 -56.95 29.68 -66.70
CA LYS D 688 -57.35 29.79 -68.09
C LYS D 688 -56.15 29.63 -69.04
N PHE D 689 -55.00 30.19 -68.65
CA PHE D 689 -53.79 30.14 -69.47
C PHE D 689 -52.60 29.64 -68.67
N PRO D 690 -52.57 28.33 -68.37
CA PRO D 690 -51.56 27.72 -67.47
C PRO D 690 -50.09 27.93 -67.85
N ASP D 691 -49.81 28.20 -69.12
CA ASP D 691 -48.43 28.32 -69.59
C ASP D 691 -47.98 29.77 -69.72
N LEU D 692 -48.86 30.70 -69.37
CA LEU D 692 -48.61 32.10 -69.64
C LEU D 692 -47.46 32.66 -68.81
N VAL D 693 -47.49 32.44 -67.50
CA VAL D 693 -46.44 32.96 -66.62
C VAL D 693 -45.04 32.44 -67.02
N MET D 694 -44.92 31.13 -67.22
CA MET D 694 -43.65 30.51 -67.69
C MET D 694 -43.19 31.01 -69.05
N TYR D 695 -44.14 31.22 -69.95
CA TYR D 695 -43.83 31.70 -71.29
C TYR D 695 -43.20 33.09 -71.21
N VAL D 696 -43.80 34.00 -70.42
CA VAL D 696 -43.29 35.37 -70.28
C VAL D 696 -41.94 35.36 -69.56
N TYR D 697 -41.84 34.53 -68.53
CA TYR D 697 -40.59 34.42 -67.78
C TYR D 697 -39.44 34.02 -68.72
N THR D 698 -39.69 32.99 -69.51
CA THR D 698 -38.69 32.47 -70.43
C THR D 698 -38.27 33.47 -71.50
N LYS D 699 -39.20 34.25 -72.04
CA LYS D 699 -38.86 35.25 -73.07
C LYS D 699 -38.09 36.44 -72.50
N LEU D 700 -38.37 36.82 -71.26
CA LEU D 700 -37.79 38.04 -70.69
C LEU D 700 -36.65 37.76 -69.74
N GLN D 701 -36.38 36.48 -69.52
CA GLN D 701 -35.46 35.99 -68.48
C GLN D 701 -34.14 36.74 -68.27
N ASN D 702 -33.37 36.97 -69.33
CA ASN D 702 -32.10 37.69 -69.18
C ASN D 702 -32.04 38.95 -70.05
N THR D 703 -33.13 39.70 -70.03
CA THR D 703 -33.23 40.97 -70.74
C THR D 703 -33.38 42.07 -69.69
N GLU D 704 -33.50 43.32 -70.14
CA GLU D 704 -33.71 44.44 -69.21
C GLU D 704 -35.10 44.38 -68.55
N TYR D 705 -36.01 43.64 -69.19
CA TYR D 705 -37.38 43.48 -68.70
C TYR D 705 -37.50 42.48 -67.53
N MET D 706 -36.37 41.97 -67.04
CA MET D 706 -36.26 41.35 -65.71
C MET D 706 -36.82 42.23 -64.59
N LYS D 707 -36.72 43.54 -64.77
CA LYS D 707 -37.17 44.50 -63.76
C LYS D 707 -38.65 44.36 -63.38
N HIS D 708 -39.44 43.75 -64.25
CA HIS D 708 -40.86 43.48 -63.99
C HIS D 708 -41.09 42.23 -63.15
N PHE D 709 -40.06 41.40 -62.97
CA PHE D 709 -40.15 40.23 -62.11
C PHE D 709 -40.18 40.71 -60.67
N PRO D 710 -40.83 39.93 -59.78
CA PRO D 710 -40.93 40.34 -58.37
C PRO D 710 -39.57 40.31 -57.66
N LYS D 711 -39.47 41.00 -56.53
CA LYS D 711 -38.29 40.91 -55.72
C LYS D 711 -38.15 39.49 -55.19
N THR D 712 -36.92 38.99 -55.24
CA THR D 712 -36.64 37.58 -55.00
C THR D 712 -35.46 37.46 -54.04
N HIS D 713 -35.29 36.28 -53.46
CA HIS D 713 -34.18 35.98 -52.53
C HIS D 713 -32.80 36.10 -53.23
N ASN D 714 -31.80 36.53 -52.47
CA ASN D 714 -30.41 36.60 -52.96
C ASN D 714 -29.41 36.78 -51.81
#